data_6SOE
#
_entry.id   6SOE
#
_entity_poly.entity_id   1
_entity_poly.type   'polypeptide(L)'
_entity_poly.pdbx_seq_one_letter_code
;GAMAQRKGAGRVVHICNLPEGSCTENDVINLGLPFGKVTNYILMKSTNQAFLEMAYTEAAQAMVQYYQEKPAIINGEKLL
IRMSTRYKELQLKKPGKNVAAIIQDIHSQRER
;
_entity_poly.pdbx_strand_id   A
#
# COMPACT_ATOMS: atom_id res chain seq x y z
N GLY A 1 11.80 10.71 -5.93
CA GLY A 1 10.51 11.44 -5.96
C GLY A 1 9.93 11.51 -7.36
N ALA A 2 8.98 12.43 -7.56
CA ALA A 2 8.32 12.63 -8.85
C ALA A 2 7.62 11.34 -9.31
N MET A 3 7.10 10.59 -8.35
CA MET A 3 6.43 9.33 -8.65
C MET A 3 5.34 9.06 -7.61
N ALA A 4 4.44 8.14 -7.95
CA ALA A 4 3.35 7.73 -7.06
C ALA A 4 2.42 8.89 -6.73
N GLN A 5 1.47 8.62 -5.83
CA GLN A 5 0.47 9.62 -5.43
C GLN A 5 -0.14 10.28 -6.66
N ARG A 6 -0.89 9.48 -7.40
CA ARG A 6 -1.45 9.92 -8.67
C ARG A 6 -2.50 11.00 -8.44
N LYS A 7 -3.24 10.85 -7.36
CA LYS A 7 -4.15 11.90 -6.91
C LYS A 7 -3.58 12.55 -5.65
N GLY A 8 -3.83 13.84 -5.49
CA GLY A 8 -3.24 14.60 -4.41
C GLY A 8 -3.87 14.33 -3.06
N ALA A 9 -3.64 13.13 -2.54
CA ALA A 9 -4.15 12.74 -1.24
C ALA A 9 -3.22 11.71 -0.61
N GLY A 10 -3.35 10.46 -1.04
CA GLY A 10 -2.49 9.41 -0.52
C GLY A 10 -3.00 8.84 0.80
N ARG A 11 -2.85 7.53 0.96
CA ARG A 11 -3.19 6.85 2.21
C ARG A 11 -2.38 5.57 2.33
N VAL A 12 -1.96 5.28 3.55
CA VAL A 12 -1.23 4.06 3.81
C VAL A 12 -2.12 3.03 4.48
N VAL A 13 -2.04 1.82 4.01
CA VAL A 13 -2.70 0.69 4.63
C VAL A 13 -1.68 -0.14 5.39
N HIS A 14 -1.99 -0.48 6.63
CA HIS A 14 -1.07 -1.30 7.41
C HIS A 14 -1.62 -2.71 7.52
N ILE A 15 -0.77 -3.69 7.26
CA ILE A 15 -1.16 -5.07 7.27
C ILE A 15 -0.48 -5.81 8.42
N CYS A 16 -1.27 -6.53 9.19
CA CYS A 16 -0.77 -7.23 10.36
C CYS A 16 -1.01 -8.74 10.23
N ASN A 17 -0.52 -9.50 11.20
CA ASN A 17 -0.67 -10.96 11.23
C ASN A 17 0.18 -11.60 10.14
N LEU A 18 1.25 -10.92 9.76
CA LEU A 18 2.12 -11.39 8.71
C LEU A 18 3.19 -12.31 9.26
N PRO A 19 3.25 -13.57 8.79
CA PRO A 19 4.34 -14.47 9.13
C PRO A 19 5.64 -14.06 8.44
N GLU A 20 6.71 -13.97 9.22
CA GLU A 20 8.03 -13.68 8.67
C GLU A 20 8.55 -14.85 7.86
N GLY A 21 8.97 -14.57 6.64
CA GLY A 21 9.54 -15.61 5.79
C GLY A 21 8.51 -16.30 4.93
N SER A 22 7.24 -16.20 5.28
CA SER A 22 6.20 -16.88 4.54
C SER A 22 5.57 -15.93 3.51
N CYS A 23 5.42 -14.68 3.89
CA CYS A 23 4.92 -13.67 2.98
C CYS A 23 6.06 -13.06 2.19
N THR A 24 5.82 -12.76 0.92
CA THR A 24 6.81 -12.06 0.13
C THR A 24 6.38 -10.61 -0.06
N GLU A 25 7.25 -9.77 -0.57
CA GLU A 25 6.89 -8.39 -0.84
C GLU A 25 5.69 -8.33 -1.78
N ASN A 26 5.68 -9.25 -2.74
CA ASN A 26 4.64 -9.29 -3.75
C ASN A 26 3.27 -9.59 -3.15
N ASP A 27 3.22 -10.54 -2.22
CA ASP A 27 1.94 -10.97 -1.64
C ASP A 27 1.22 -9.81 -0.98
N VAL A 28 1.97 -9.03 -0.20
CA VAL A 28 1.41 -7.90 0.53
C VAL A 28 0.85 -6.87 -0.44
N ILE A 29 1.62 -6.58 -1.47
CA ILE A 29 1.21 -5.62 -2.49
C ILE A 29 0.03 -6.16 -3.31
N ASN A 30 0.14 -7.43 -3.70
CA ASN A 30 -0.87 -8.07 -4.54
C ASN A 30 -2.20 -8.20 -3.83
N LEU A 31 -2.18 -8.28 -2.50
CA LEU A 31 -3.41 -8.35 -1.72
C LEU A 31 -4.11 -7.00 -1.67
N GLY A 32 -3.36 -5.92 -1.71
CA GLY A 32 -3.97 -4.59 -1.67
C GLY A 32 -4.53 -4.18 -3.03
N LEU A 33 -3.78 -4.50 -4.07
CA LEU A 33 -4.11 -4.11 -5.45
C LEU A 33 -5.57 -4.37 -5.87
N PRO A 34 -6.16 -5.56 -5.58
CA PRO A 34 -7.49 -5.93 -6.11
C PRO A 34 -8.58 -4.88 -5.92
N PHE A 35 -8.55 -4.14 -4.82
CA PHE A 35 -9.54 -3.10 -4.61
C PHE A 35 -8.96 -1.70 -4.68
N GLY A 36 -7.65 -1.59 -4.57
CA GLY A 36 -6.98 -0.32 -4.73
C GLY A 36 -5.54 -0.45 -5.21
N LYS A 37 -5.12 0.46 -6.09
CA LYS A 37 -3.77 0.42 -6.66
C LYS A 37 -2.72 0.82 -5.64
N VAL A 38 -1.59 0.12 -5.67
CA VAL A 38 -0.47 0.36 -4.79
C VAL A 38 0.64 1.06 -5.56
N THR A 39 1.25 2.07 -4.96
CA THR A 39 2.36 2.75 -5.60
C THR A 39 3.68 2.40 -4.94
N ASN A 40 3.65 2.27 -3.62
CA ASN A 40 4.87 2.09 -2.83
C ASN A 40 4.59 1.23 -1.62
N TYR A 41 5.64 0.74 -0.96
CA TYR A 41 5.47 -0.09 0.21
C TYR A 41 6.66 0.08 1.17
N ILE A 42 6.39 -0.12 2.46
CA ILE A 42 7.43 -0.13 3.48
C ILE A 42 7.25 -1.36 4.36
N LEU A 43 8.28 -2.16 4.47
CA LEU A 43 8.21 -3.42 5.20
C LEU A 43 9.03 -3.37 6.47
N MET A 44 8.35 -3.40 7.60
CA MET A 44 9.02 -3.46 8.88
C MET A 44 8.85 -4.83 9.51
N LYS A 45 9.74 -5.73 9.14
CA LYS A 45 9.71 -7.10 9.61
C LYS A 45 10.01 -7.16 11.10
N SER A 46 10.81 -6.20 11.56
CA SER A 46 11.17 -6.09 12.97
C SER A 46 9.95 -5.94 13.86
N THR A 47 8.95 -5.22 13.37
CA THR A 47 7.72 -5.03 14.14
C THR A 47 6.63 -5.98 13.64
N ASN A 48 6.98 -6.87 12.71
CA ASN A 48 6.04 -7.80 12.10
C ASN A 48 4.88 -7.06 11.45
N GLN A 49 5.19 -5.97 10.76
CA GLN A 49 4.16 -5.12 10.20
C GLN A 49 4.54 -4.67 8.79
N ALA A 50 3.53 -4.42 7.96
CA ALA A 50 3.76 -3.96 6.61
C ALA A 50 2.91 -2.73 6.32
N PHE A 51 3.46 -1.81 5.55
CA PHE A 51 2.76 -0.61 5.18
C PHE A 51 2.68 -0.50 3.67
N LEU A 52 1.50 -0.21 3.16
CA LEU A 52 1.26 -0.23 1.73
C LEU A 52 0.65 1.10 1.28
N GLU A 53 1.19 1.66 0.19
CA GLU A 53 0.78 2.97 -0.31
C GLU A 53 -0.17 2.84 -1.50
N MET A 54 -1.20 3.67 -1.53
CA MET A 54 -2.19 3.60 -2.60
C MET A 54 -2.15 4.85 -3.46
N ALA A 55 -2.30 4.63 -4.77
CA ALA A 55 -2.24 5.69 -5.77
C ALA A 55 -3.38 6.68 -5.58
N TYR A 56 -4.50 6.18 -5.08
CA TYR A 56 -5.68 6.99 -4.90
C TYR A 56 -6.20 6.77 -3.50
N THR A 57 -6.68 7.83 -2.87
CA THR A 57 -7.19 7.73 -1.52
C THR A 57 -8.45 6.86 -1.50
N GLU A 58 -9.22 6.88 -2.59
CA GLU A 58 -10.39 6.00 -2.71
C GLU A 58 -9.96 4.55 -2.79
N ALA A 59 -8.81 4.31 -3.41
CA ALA A 59 -8.30 2.97 -3.57
C ALA A 59 -8.00 2.34 -2.21
N ALA A 60 -7.37 3.13 -1.35
CA ALA A 60 -7.03 2.67 -0.01
C ALA A 60 -8.28 2.46 0.84
N GLN A 61 -9.19 3.42 0.78
CA GLN A 61 -10.43 3.34 1.57
C GLN A 61 -11.28 2.16 1.13
N ALA A 62 -11.46 2.04 -0.19
CA ALA A 62 -12.33 1.02 -0.76
C ALA A 62 -11.84 -0.39 -0.43
N MET A 63 -10.53 -0.60 -0.56
CA MET A 63 -9.97 -1.91 -0.34
C MET A 63 -10.11 -2.32 1.12
N VAL A 64 -9.81 -1.40 2.03
CA VAL A 64 -9.82 -1.69 3.44
C VAL A 64 -11.22 -1.99 3.95
N GLN A 65 -12.21 -1.26 3.44
CA GLN A 65 -13.58 -1.50 3.84
C GLN A 65 -13.97 -2.94 3.46
N TYR A 66 -13.46 -3.39 2.33
CA TYR A 66 -13.63 -4.78 1.93
C TYR A 66 -12.83 -5.71 2.85
N TYR A 67 -11.56 -5.41 3.07
CA TYR A 67 -10.67 -6.31 3.79
C TYR A 67 -10.93 -6.34 5.29
N GLN A 68 -11.63 -5.35 5.80
CA GLN A 68 -12.04 -5.38 7.19
C GLN A 68 -13.25 -6.28 7.37
N GLU A 69 -14.03 -6.44 6.31
CA GLU A 69 -15.19 -7.32 6.32
C GLU A 69 -14.85 -8.69 5.76
N LYS A 70 -14.03 -8.71 4.72
CA LYS A 70 -13.51 -9.95 4.14
C LYS A 70 -12.00 -9.82 3.96
N PRO A 71 -11.24 -10.08 5.03
CA PRO A 71 -9.78 -9.92 5.04
C PRO A 71 -9.08 -10.97 4.20
N ALA A 72 -7.85 -10.68 3.80
CA ALA A 72 -7.10 -11.56 2.89
C ALA A 72 -6.25 -12.54 3.69
N ILE A 73 -6.05 -13.72 3.14
CA ILE A 73 -5.39 -14.80 3.87
C ILE A 73 -4.15 -15.29 3.12
N ILE A 74 -3.05 -15.42 3.87
CA ILE A 74 -1.84 -16.03 3.33
C ILE A 74 -1.44 -17.25 4.15
N ASN A 75 -1.45 -18.42 3.51
CA ASN A 75 -1.03 -19.67 4.14
C ASN A 75 -1.85 -19.98 5.38
N GLY A 76 -3.14 -19.69 5.31
CA GLY A 76 -4.03 -19.97 6.42
C GLY A 76 -4.02 -18.87 7.47
N GLU A 77 -3.22 -17.83 7.24
CA GLU A 77 -3.13 -16.73 8.17
C GLU A 77 -3.97 -15.57 7.67
N LYS A 78 -4.87 -15.10 8.52
CA LYS A 78 -5.78 -14.03 8.14
C LYS A 78 -5.14 -12.68 8.37
N LEU A 79 -4.82 -11.99 7.30
CA LEU A 79 -4.23 -10.68 7.40
C LEU A 79 -5.32 -9.65 7.52
N LEU A 80 -5.29 -8.86 8.57
CA LEU A 80 -6.18 -7.74 8.64
C LEU A 80 -5.54 -6.60 7.86
N ILE A 81 -6.11 -6.31 6.71
CA ILE A 81 -5.64 -5.22 5.89
C ILE A 81 -6.49 -4.00 6.20
N ARG A 82 -5.89 -2.98 6.77
CA ARG A 82 -6.66 -1.87 7.30
C ARG A 82 -5.90 -0.55 7.21
N MET A 83 -6.65 0.54 7.36
CA MET A 83 -6.11 1.89 7.22
C MET A 83 -5.04 2.16 8.28
N SER A 84 -3.94 2.75 7.87
CA SER A 84 -2.88 3.13 8.80
C SER A 84 -3.17 4.51 9.38
N THR A 85 -3.10 4.61 10.69
CA THR A 85 -3.36 5.88 11.36
C THR A 85 -2.06 6.65 11.55
N ARG A 86 -0.94 5.93 11.54
CA ARG A 86 0.35 6.55 11.81
C ARG A 86 0.91 7.22 10.56
N TYR A 87 0.76 6.55 9.41
CA TYR A 87 1.34 7.06 8.17
C TYR A 87 0.23 7.59 7.26
N LYS A 88 0.46 8.77 6.71
CA LYS A 88 -0.46 9.35 5.74
C LYS A 88 -0.05 8.95 4.32
N GLU A 89 1.25 8.74 4.15
CA GLU A 89 1.82 8.38 2.85
C GLU A 89 3.19 7.74 3.07
N LEU A 90 3.58 6.85 2.17
CA LEU A 90 4.87 6.19 2.28
C LEU A 90 5.92 6.99 1.51
N GLN A 91 6.75 7.69 2.25
CA GLN A 91 7.76 8.55 1.68
C GLN A 91 9.04 7.75 1.49
N LEU A 92 9.16 7.07 0.35
CA LEU A 92 10.32 6.26 0.06
C LEU A 92 11.51 7.14 -0.26
N LYS A 93 12.59 6.94 0.48
CA LYS A 93 13.82 7.66 0.25
C LYS A 93 14.80 6.76 -0.50
N LYS A 94 14.22 5.92 -1.34
CA LYS A 94 14.99 4.99 -2.16
C LYS A 94 14.56 5.14 -3.61
N PRO A 95 15.47 4.90 -4.56
CA PRO A 95 15.13 4.91 -5.99
C PRO A 95 14.12 3.83 -6.32
N GLY A 96 13.04 4.20 -6.99
CA GLY A 96 12.01 3.24 -7.32
C GLY A 96 11.08 3.74 -8.40
N LYS A 97 10.11 2.90 -8.77
CA LYS A 97 9.13 3.23 -9.79
C LYS A 97 9.78 3.43 -11.16
N ASN A 98 10.83 2.66 -11.42
CA ASN A 98 11.52 2.72 -12.70
C ASN A 98 11.32 1.41 -13.46
N VAL A 99 11.00 1.50 -14.74
CA VAL A 99 10.76 0.34 -15.60
C VAL A 99 9.44 -0.34 -15.25
N ALA A 100 9.33 -0.77 -14.00
CA ALA A 100 8.13 -1.44 -13.51
C ALA A 100 7.00 -0.43 -13.35
N ALA A 101 6.21 -0.28 -14.40
CA ALA A 101 5.05 0.58 -14.34
C ALA A 101 3.88 -0.15 -13.71
N ILE A 102 3.63 0.13 -12.45
CA ILE A 102 2.51 -0.47 -11.74
C ILE A 102 1.21 0.21 -12.17
N ILE A 103 0.92 0.13 -13.46
CA ILE A 103 -0.26 0.74 -14.03
C ILE A 103 -1.16 -0.35 -14.62
N GLN A 104 -1.05 -1.52 -14.01
CA GLN A 104 -1.84 -2.68 -14.41
C GLN A 104 -3.00 -2.84 -13.44
N ASP A 105 -4.01 -2.00 -13.61
CA ASP A 105 -5.08 -1.84 -12.64
C ASP A 105 -5.99 -0.74 -13.10
N ILE A 106 -7.27 -0.98 -13.00
CA ILE A 106 -8.31 -0.01 -13.31
C ILE A 106 -8.06 1.34 -12.60
N HIS A 107 -8.68 2.40 -13.13
CA HIS A 107 -8.54 3.76 -12.60
C HIS A 107 -7.21 4.39 -13.04
N SER A 108 -6.60 3.83 -14.07
CA SER A 108 -5.34 4.34 -14.58
C SER A 108 -5.56 5.11 -15.87
N GLN A 109 -6.01 4.41 -16.90
CA GLN A 109 -6.22 4.98 -18.23
C GLN A 109 -4.90 5.46 -18.83
N ARG A 110 -4.26 4.55 -19.57
CA ARG A 110 -3.01 4.82 -20.30
C ARG A 110 -1.81 4.88 -19.35
N GLU A 111 -0.76 4.16 -19.72
CA GLU A 111 0.48 4.17 -18.94
C GLU A 111 1.23 5.48 -19.15
N ARG A 112 1.59 6.13 -18.05
CA ARG A 112 2.29 7.40 -18.11
C ARG A 112 3.70 7.22 -17.57
N GLY A 1 7.39 12.67 -2.89
CA GLY A 1 7.94 11.30 -2.71
C GLY A 1 8.31 10.68 -4.03
N ALA A 2 9.12 9.62 -3.99
CA ALA A 2 9.59 8.96 -5.20
C ALA A 2 8.42 8.48 -6.06
N MET A 3 7.73 7.44 -5.60
CA MET A 3 6.54 6.95 -6.29
C MET A 3 5.29 7.36 -5.54
N ALA A 4 5.47 8.30 -4.61
CA ALA A 4 4.37 8.80 -3.80
C ALA A 4 3.87 10.13 -4.32
N GLN A 5 2.63 10.13 -4.81
CA GLN A 5 1.99 11.33 -5.33
C GLN A 5 1.70 12.30 -4.21
N ARG A 6 1.62 11.76 -2.99
CA ARG A 6 1.07 12.46 -1.83
C ARG A 6 -0.45 12.52 -1.96
N LYS A 7 -0.91 12.67 -3.21
CA LYS A 7 -2.31 12.44 -3.58
C LYS A 7 -3.21 13.53 -3.03
N GLY A 8 -2.62 14.67 -2.67
CA GLY A 8 -3.38 15.74 -2.05
C GLY A 8 -3.59 15.48 -0.57
N ALA A 9 -3.36 14.23 -0.19
CA ALA A 9 -3.58 13.76 1.18
C ALA A 9 -3.08 12.34 1.30
N GLY A 10 -3.78 11.42 0.66
CA GLY A 10 -3.31 10.05 0.57
C GLY A 10 -3.52 9.26 1.84
N ARG A 11 -3.53 7.94 1.69
CA ARG A 11 -3.64 7.03 2.81
C ARG A 11 -2.76 5.81 2.59
N VAL A 12 -2.16 5.34 3.67
CA VAL A 12 -1.38 4.12 3.64
C VAL A 12 -2.10 3.03 4.41
N VAL A 13 -2.12 1.84 3.87
CA VAL A 13 -2.76 0.70 4.52
C VAL A 13 -1.69 -0.19 5.15
N HIS A 14 -1.93 -0.61 6.39
CA HIS A 14 -0.97 -1.47 7.07
C HIS A 14 -1.55 -2.85 7.28
N ILE A 15 -0.70 -3.84 7.10
CA ILE A 15 -1.08 -5.23 7.26
C ILE A 15 -0.30 -5.86 8.41
N CYS A 16 -1.01 -6.54 9.30
CA CYS A 16 -0.41 -7.10 10.49
C CYS A 16 -0.44 -8.62 10.45
N ASN A 17 0.18 -9.25 11.46
CA ASN A 17 0.20 -10.71 11.59
C ASN A 17 0.95 -11.36 10.44
N LEU A 18 1.94 -10.67 9.91
CA LEU A 18 2.71 -11.18 8.80
C LEU A 18 3.86 -12.05 9.28
N PRO A 19 3.87 -13.33 8.86
CA PRO A 19 4.94 -14.26 9.21
C PRO A 19 6.28 -13.90 8.57
N GLU A 20 7.32 -13.89 9.38
CA GLU A 20 8.66 -13.61 8.92
C GLU A 20 9.18 -14.73 8.03
N GLY A 21 9.75 -14.36 6.89
CA GLY A 21 10.37 -15.33 6.03
C GLY A 21 9.41 -15.97 5.05
N SER A 22 8.12 -15.86 5.30
CA SER A 22 7.14 -16.48 4.42
C SER A 22 6.44 -15.44 3.55
N CYS A 23 6.19 -14.26 4.11
CA CYS A 23 5.61 -13.18 3.34
C CYS A 23 6.68 -12.38 2.63
N THR A 24 6.52 -12.18 1.33
CA THR A 24 7.45 -11.39 0.55
C THR A 24 6.82 -10.06 0.21
N GLU A 25 7.61 -9.15 -0.34
CA GLU A 25 7.13 -7.84 -0.76
C GLU A 25 5.89 -7.99 -1.64
N ASN A 26 5.99 -8.92 -2.59
CA ASN A 26 4.97 -9.11 -3.62
C ASN A 26 3.61 -9.45 -3.03
N ASP A 27 3.58 -10.35 -2.04
CA ASP A 27 2.32 -10.88 -1.52
C ASP A 27 1.49 -9.77 -0.92
N VAL A 28 2.14 -8.96 -0.10
CA VAL A 28 1.48 -7.86 0.59
C VAL A 28 0.90 -6.87 -0.41
N ILE A 29 1.67 -6.61 -1.46
CA ILE A 29 1.25 -5.72 -2.53
C ILE A 29 0.08 -6.34 -3.31
N ASN A 30 0.18 -7.64 -3.58
CA ASN A 30 -0.83 -8.38 -4.33
C ASN A 30 -2.18 -8.38 -3.60
N LEU A 31 -2.15 -8.29 -2.28
CA LEU A 31 -3.38 -8.30 -1.50
C LEU A 31 -4.12 -6.98 -1.63
N GLY A 32 -3.39 -5.88 -1.66
CA GLY A 32 -4.02 -4.57 -1.71
C GLY A 32 -4.55 -4.23 -3.09
N LEU A 33 -3.78 -4.58 -4.11
CA LEU A 33 -4.09 -4.19 -5.50
C LEU A 33 -5.55 -4.42 -5.93
N PRO A 34 -6.18 -5.59 -5.62
CA PRO A 34 -7.53 -5.90 -6.12
C PRO A 34 -8.57 -4.79 -5.95
N PHE A 35 -8.49 -4.00 -4.89
CA PHE A 35 -9.40 -2.87 -4.74
C PHE A 35 -8.69 -1.52 -4.88
N GLY A 36 -7.39 -1.51 -4.70
CA GLY A 36 -6.63 -0.28 -4.85
C GLY A 36 -5.21 -0.48 -5.35
N LYS A 37 -4.87 0.21 -6.43
CA LYS A 37 -3.52 0.22 -6.99
C LYS A 37 -2.49 0.68 -5.94
N VAL A 38 -1.34 0.03 -5.95
CA VAL A 38 -0.27 0.33 -5.03
C VAL A 38 0.80 1.20 -5.71
N THR A 39 1.25 2.22 -5.01
CA THR A 39 2.31 3.08 -5.50
C THR A 39 3.62 2.85 -4.76
N ASN A 40 3.52 2.51 -3.48
CA ASN A 40 4.69 2.35 -2.62
C ASN A 40 4.45 1.25 -1.59
N TYR A 41 5.52 0.80 -0.96
CA TYR A 41 5.41 -0.13 0.14
C TYR A 41 6.58 0.04 1.09
N ILE A 42 6.34 -0.22 2.37
CA ILE A 42 7.38 -0.20 3.38
C ILE A 42 7.19 -1.38 4.32
N LEU A 43 8.22 -2.19 4.46
CA LEU A 43 8.14 -3.41 5.22
C LEU A 43 8.81 -3.27 6.57
N MET A 44 8.02 -3.32 7.63
CA MET A 44 8.56 -3.31 8.98
C MET A 44 8.42 -4.70 9.59
N LYS A 45 9.38 -5.55 9.29
CA LYS A 45 9.37 -6.92 9.77
C LYS A 45 9.61 -6.96 11.28
N SER A 46 10.34 -5.95 11.78
CA SER A 46 10.62 -5.84 13.19
C SER A 46 9.35 -5.68 14.02
N THR A 47 8.34 -5.03 13.45
CA THR A 47 7.07 -4.83 14.13
C THR A 47 6.01 -5.78 13.58
N ASN A 48 6.46 -6.72 12.74
CA ASN A 48 5.62 -7.76 12.14
C ASN A 48 4.46 -7.16 11.36
N GLN A 49 4.74 -6.08 10.64
CA GLN A 49 3.71 -5.38 9.91
C GLN A 49 4.26 -4.80 8.61
N ALA A 50 3.37 -4.55 7.66
CA ALA A 50 3.76 -3.99 6.38
C ALA A 50 2.89 -2.79 6.04
N PHE A 51 3.49 -1.79 5.43
CA PHE A 51 2.77 -0.60 5.02
C PHE A 51 2.68 -0.54 3.51
N LEU A 52 1.48 -0.35 3.01
CA LEU A 52 1.25 -0.37 1.58
C LEU A 52 0.57 0.94 1.15
N GLU A 53 1.09 1.57 0.11
CA GLU A 53 0.57 2.84 -0.36
C GLU A 53 -0.29 2.65 -1.58
N MET A 54 -1.42 3.34 -1.63
CA MET A 54 -2.32 3.22 -2.76
C MET A 54 -2.28 4.46 -3.62
N ALA A 55 -2.56 4.30 -4.91
CA ALA A 55 -2.50 5.41 -5.85
C ALA A 55 -3.46 6.52 -5.45
N TYR A 56 -4.65 6.12 -5.05
CA TYR A 56 -5.68 7.07 -4.67
C TYR A 56 -6.05 6.82 -3.21
N THR A 57 -6.50 7.85 -2.51
CA THR A 57 -6.96 7.67 -1.15
C THR A 57 -8.17 6.74 -1.11
N GLU A 58 -9.04 6.88 -2.12
CA GLU A 58 -10.23 6.05 -2.25
C GLU A 58 -9.85 4.60 -2.54
N ALA A 59 -8.74 4.41 -3.25
CA ALA A 59 -8.24 3.07 -3.52
C ALA A 59 -7.92 2.36 -2.22
N ALA A 60 -7.32 3.10 -1.30
CA ALA A 60 -6.98 2.58 0.01
C ALA A 60 -8.23 2.33 0.84
N GLN A 61 -9.15 3.29 0.83
CA GLN A 61 -10.35 3.20 1.65
C GLN A 61 -11.26 2.07 1.19
N ALA A 62 -11.48 2.00 -0.12
CA ALA A 62 -12.40 1.02 -0.70
C ALA A 62 -11.93 -0.40 -0.44
N MET A 63 -10.62 -0.61 -0.52
CA MET A 63 -10.07 -1.93 -0.30
C MET A 63 -10.22 -2.33 1.16
N VAL A 64 -9.87 -1.42 2.06
CA VAL A 64 -9.88 -1.71 3.48
C VAL A 64 -11.28 -1.94 3.99
N GLN A 65 -12.25 -1.21 3.48
CA GLN A 65 -13.63 -1.43 3.87
C GLN A 65 -14.03 -2.85 3.53
N TYR A 66 -13.54 -3.34 2.40
CA TYR A 66 -13.73 -4.73 2.04
C TYR A 66 -12.94 -5.65 2.96
N TYR A 67 -11.65 -5.37 3.15
CA TYR A 67 -10.76 -6.27 3.88
C TYR A 67 -11.01 -6.26 5.39
N GLN A 68 -11.69 -5.24 5.89
CA GLN A 68 -12.09 -5.22 7.29
C GLN A 68 -13.25 -6.19 7.52
N GLU A 69 -14.06 -6.40 6.49
CA GLU A 69 -15.17 -7.33 6.58
C GLU A 69 -14.80 -8.69 5.98
N LYS A 70 -14.08 -8.65 4.87
CA LYS A 70 -13.57 -9.86 4.21
C LYS A 70 -12.09 -9.72 3.94
N PRO A 71 -11.26 -10.00 4.95
CA PRO A 71 -9.80 -9.82 4.90
C PRO A 71 -9.12 -10.83 3.97
N ALA A 72 -7.90 -10.52 3.55
CA ALA A 72 -7.19 -11.33 2.58
C ALA A 72 -6.33 -12.36 3.28
N ILE A 73 -6.15 -13.51 2.65
CA ILE A 73 -5.52 -14.66 3.31
C ILE A 73 -4.18 -15.01 2.67
N ILE A 74 -3.16 -15.17 3.52
CA ILE A 74 -1.88 -15.71 3.08
C ILE A 74 -1.54 -16.95 3.89
N ASN A 75 -1.32 -18.06 3.20
CA ASN A 75 -0.93 -19.33 3.83
C ASN A 75 -1.98 -19.80 4.83
N GLY A 76 -3.24 -19.53 4.53
CA GLY A 76 -4.32 -19.92 5.41
C GLY A 76 -4.50 -18.95 6.56
N GLU A 77 -3.73 -17.88 6.57
CA GLU A 77 -3.84 -16.88 7.62
C GLU A 77 -4.58 -15.66 7.12
N LYS A 78 -5.61 -15.26 7.84
CA LYS A 78 -6.42 -14.11 7.45
C LYS A 78 -5.77 -12.84 7.96
N LEU A 79 -5.21 -12.07 7.04
CA LEU A 79 -4.55 -10.83 7.40
C LEU A 79 -5.58 -9.72 7.46
N LEU A 80 -5.58 -8.98 8.55
CA LEU A 80 -6.43 -7.84 8.64
C LEU A 80 -5.74 -6.67 7.95
N ILE A 81 -6.28 -6.29 6.81
CA ILE A 81 -5.75 -5.20 6.03
C ILE A 81 -6.53 -3.95 6.40
N ARG A 82 -5.85 -2.97 7.00
CA ARG A 82 -6.56 -1.85 7.61
C ARG A 82 -5.84 -0.51 7.43
N MET A 83 -6.63 0.57 7.53
CA MET A 83 -6.16 1.94 7.29
C MET A 83 -5.15 2.38 8.34
N SER A 84 -4.04 2.95 7.90
CA SER A 84 -3.05 3.51 8.83
C SER A 84 -3.40 4.96 9.13
N THR A 85 -3.41 5.30 10.41
CA THR A 85 -3.65 6.66 10.84
C THR A 85 -2.34 7.43 10.92
N ARG A 86 -1.26 6.70 11.16
CA ARG A 86 0.07 7.30 11.29
C ARG A 86 0.62 7.74 9.94
N TYR A 87 0.43 6.90 8.92
CA TYR A 87 0.99 7.19 7.61
C TYR A 87 -0.09 7.63 6.63
N LYS A 88 0.16 8.74 5.96
CA LYS A 88 -0.63 9.15 4.81
C LYS A 88 0.05 8.68 3.53
N GLU A 89 1.36 8.75 3.54
CA GLU A 89 2.19 8.48 2.37
C GLU A 89 3.49 7.81 2.80
N LEU A 90 4.00 6.92 1.97
CA LEU A 90 5.26 6.26 2.26
C LEU A 90 6.43 6.98 1.60
N GLN A 91 7.22 7.64 2.42
CA GLN A 91 8.39 8.34 1.94
C GLN A 91 9.59 7.41 1.93
N LEU A 92 9.78 6.72 0.81
CA LEU A 92 10.89 5.78 0.65
C LEU A 92 12.22 6.51 0.79
N LYS A 93 13.03 6.06 1.74
CA LYS A 93 14.30 6.70 2.02
C LYS A 93 15.37 6.24 1.03
N LYS A 94 15.20 6.65 -0.21
CA LYS A 94 16.16 6.36 -1.26
C LYS A 94 17.18 7.49 -1.37
N PRO A 95 18.45 7.14 -1.67
CA PRO A 95 19.53 8.13 -1.81
C PRO A 95 19.35 9.02 -3.04
N GLY A 96 18.51 8.59 -3.97
CA GLY A 96 18.24 9.37 -5.15
C GLY A 96 16.95 10.16 -5.05
N LYS A 97 15.87 9.47 -4.69
CA LYS A 97 14.53 10.07 -4.56
C LYS A 97 13.97 10.41 -5.94
N ASN A 98 14.52 11.44 -6.55
CA ASN A 98 14.06 11.90 -7.85
C ASN A 98 14.66 11.06 -8.96
N VAL A 99 13.81 10.55 -9.85
CA VAL A 99 14.29 9.86 -11.03
C VAL A 99 14.96 10.89 -11.93
N ALA A 100 14.25 11.96 -12.20
CA ALA A 100 14.80 13.14 -12.82
C ALA A 100 14.24 14.39 -12.15
N ALA A 101 12.93 14.41 -11.97
CA ALA A 101 12.25 15.55 -11.36
C ALA A 101 10.85 15.16 -10.89
N ILE A 102 10.68 15.00 -9.59
CA ILE A 102 9.39 14.62 -9.03
C ILE A 102 8.46 15.83 -9.03
N ILE A 103 7.70 15.98 -10.10
CA ILE A 103 6.77 17.09 -10.23
C ILE A 103 5.36 16.65 -9.88
N GLN A 104 4.97 16.89 -8.65
CA GLN A 104 3.63 16.58 -8.19
C GLN A 104 2.69 17.73 -8.52
N ASP A 105 2.19 17.74 -9.75
CA ASP A 105 1.33 18.81 -10.23
C ASP A 105 -0.04 18.78 -9.54
N ILE A 106 -0.90 17.87 -9.96
CA ILE A 106 -2.19 17.68 -9.31
C ILE A 106 -2.13 16.48 -8.39
N HIS A 107 -2.06 15.30 -8.98
CA HIS A 107 -1.81 14.07 -8.23
C HIS A 107 -0.76 13.25 -8.97
N SER A 108 -1.06 12.97 -10.24
CA SER A 108 -0.17 12.23 -11.10
C SER A 108 1.18 12.94 -11.24
N GLN A 109 2.25 12.17 -11.07
CA GLN A 109 3.60 12.70 -11.17
C GLN A 109 4.01 12.80 -12.63
N ARG A 110 4.33 11.65 -13.23
CA ARG A 110 4.64 11.55 -14.65
C ARG A 110 5.71 12.54 -15.09
N GLU A 111 6.90 12.42 -14.52
CA GLU A 111 8.01 13.27 -14.92
C GLU A 111 8.48 12.89 -16.33
N ARG A 112 8.80 13.92 -17.12
CA ARG A 112 9.25 13.74 -18.50
C ARG A 112 8.22 12.97 -19.31
N GLY A 1 9.19 13.94 -5.42
CA GLY A 1 9.27 12.80 -6.36
C GLY A 1 7.90 12.36 -6.83
N ALA A 2 7.84 11.82 -8.03
CA ALA A 2 6.59 11.36 -8.61
C ALA A 2 6.42 9.85 -8.42
N MET A 3 7.11 9.31 -7.42
CA MET A 3 7.09 7.88 -7.16
C MET A 3 5.70 7.41 -6.74
N ALA A 4 4.99 8.26 -6.02
CA ALA A 4 3.64 7.94 -5.60
C ALA A 4 2.77 9.18 -5.60
N GLN A 5 1.54 9.02 -5.09
CA GLN A 5 0.60 10.13 -4.94
C GLN A 5 0.05 10.56 -6.29
N ARG A 6 -1.23 10.29 -6.49
CA ARG A 6 -1.87 10.58 -7.75
C ARG A 6 -3.11 11.43 -7.54
N LYS A 7 -3.78 11.24 -6.41
CA LYS A 7 -4.91 12.08 -6.04
C LYS A 7 -4.48 13.23 -5.13
N GLY A 8 -3.18 13.48 -5.07
CA GLY A 8 -2.66 14.54 -4.22
C GLY A 8 -3.07 14.38 -2.77
N ALA A 9 -3.17 13.14 -2.33
CA ALA A 9 -3.63 12.82 -0.98
C ALA A 9 -3.08 11.48 -0.55
N GLY A 10 -3.62 10.42 -1.13
CA GLY A 10 -3.13 9.08 -0.87
C GLY A 10 -3.41 8.61 0.55
N ARG A 11 -3.18 7.32 0.78
CA ARG A 11 -3.37 6.72 2.09
C ARG A 11 -2.49 5.49 2.23
N VAL A 12 -1.95 5.31 3.41
CA VAL A 12 -1.17 4.13 3.69
C VAL A 12 -2.03 3.09 4.36
N VAL A 13 -1.97 1.88 3.85
CA VAL A 13 -2.70 0.78 4.41
C VAL A 13 -1.78 -0.08 5.26
N HIS A 14 -2.23 -0.42 6.43
CA HIS A 14 -1.44 -1.20 7.36
C HIS A 14 -1.96 -2.62 7.43
N ILE A 15 -1.12 -3.57 7.10
CA ILE A 15 -1.50 -4.97 7.12
C ILE A 15 -0.95 -5.66 8.35
N CYS A 16 -1.84 -6.31 9.08
CA CYS A 16 -1.48 -6.92 10.35
C CYS A 16 -1.61 -8.43 10.28
N ASN A 17 -1.18 -9.10 11.36
CA ASN A 17 -1.26 -10.56 11.48
C ASN A 17 -0.37 -11.24 10.45
N LEU A 18 0.69 -10.56 10.04
CA LEU A 18 1.59 -11.09 9.02
C LEU A 18 2.56 -12.11 9.62
N PRO A 19 2.53 -13.35 9.11
CA PRO A 19 3.52 -14.36 9.48
C PRO A 19 4.90 -14.04 8.91
N GLU A 20 5.92 -14.10 9.78
CA GLU A 20 7.29 -13.87 9.34
C GLU A 20 7.77 -15.01 8.46
N GLY A 21 8.48 -14.67 7.38
CA GLY A 21 9.04 -15.69 6.51
C GLY A 21 8.03 -16.28 5.55
N SER A 22 6.74 -16.11 5.86
CA SER A 22 5.69 -16.64 5.03
C SER A 22 5.24 -15.59 4.01
N CYS A 23 5.26 -14.34 4.43
CA CYS A 23 4.84 -13.24 3.56
C CYS A 23 6.01 -12.75 2.71
N THR A 24 5.78 -12.62 1.42
CA THR A 24 6.77 -12.04 0.54
C THR A 24 6.34 -10.63 0.16
N GLU A 25 7.25 -9.86 -0.42
CA GLU A 25 6.92 -8.51 -0.84
C GLU A 25 5.75 -8.53 -1.81
N ASN A 26 5.82 -9.47 -2.76
CA ASN A 26 4.81 -9.58 -3.81
C ASN A 26 3.44 -9.91 -3.23
N ASP A 27 3.38 -10.83 -2.28
CA ASP A 27 2.10 -11.25 -1.71
C ASP A 27 1.39 -10.07 -1.05
N VAL A 28 2.12 -9.32 -0.25
CA VAL A 28 1.57 -8.19 0.47
C VAL A 28 1.05 -7.14 -0.49
N ILE A 29 1.83 -6.85 -1.51
CA ILE A 29 1.44 -5.89 -2.54
C ILE A 29 0.22 -6.39 -3.31
N ASN A 30 0.24 -7.68 -3.64
CA ASN A 30 -0.85 -8.31 -4.38
C ASN A 30 -2.16 -8.24 -3.62
N LEU A 31 -2.10 -8.20 -2.30
CA LEU A 31 -3.31 -8.16 -1.49
C LEU A 31 -3.98 -6.79 -1.52
N GLY A 32 -3.19 -5.73 -1.61
CA GLY A 32 -3.77 -4.40 -1.62
C GLY A 32 -4.31 -4.04 -2.99
N LEU A 33 -3.60 -4.46 -4.02
CA LEU A 33 -3.93 -4.13 -5.41
C LEU A 33 -5.41 -4.36 -5.81
N PRO A 34 -6.03 -5.53 -5.46
CA PRO A 34 -7.35 -5.91 -6.02
C PRO A 34 -8.46 -4.86 -5.92
N PHE A 35 -8.49 -4.06 -4.85
CA PHE A 35 -9.53 -3.05 -4.72
C PHE A 35 -8.99 -1.63 -4.87
N GLY A 36 -7.69 -1.48 -4.72
CA GLY A 36 -7.08 -0.17 -4.88
C GLY A 36 -5.95 -0.15 -5.87
N LYS A 37 -4.96 0.68 -5.60
CA LYS A 37 -3.77 0.78 -6.43
C LYS A 37 -2.55 1.04 -5.58
N VAL A 38 -1.54 0.19 -5.73
CA VAL A 38 -0.30 0.32 -4.98
C VAL A 38 0.71 1.17 -5.75
N THR A 39 1.36 2.09 -5.04
CA THR A 39 2.42 2.90 -5.64
C THR A 39 3.79 2.47 -5.12
N ASN A 40 3.85 2.17 -3.82
CA ASN A 40 5.09 1.75 -3.17
C ASN A 40 4.76 1.12 -1.83
N TYR A 41 5.73 0.49 -1.20
CA TYR A 41 5.48 -0.26 0.02
C TYR A 41 6.62 -0.10 1.03
N ILE A 42 6.27 -0.23 2.30
CA ILE A 42 7.25 -0.34 3.37
C ILE A 42 6.94 -1.58 4.19
N LEU A 43 7.90 -2.46 4.28
CA LEU A 43 7.69 -3.75 4.93
C LEU A 43 8.51 -3.87 6.21
N MET A 44 7.82 -4.06 7.33
CA MET A 44 8.50 -4.31 8.57
C MET A 44 8.33 -5.78 8.94
N LYS A 45 9.21 -6.61 8.42
CA LYS A 45 9.17 -8.04 8.68
C LYS A 45 9.53 -8.30 10.14
N SER A 46 10.34 -7.41 10.69
CA SER A 46 10.80 -7.51 12.06
C SER A 46 9.65 -7.40 13.06
N THR A 47 8.59 -6.70 12.67
CA THR A 47 7.45 -6.49 13.56
C THR A 47 6.23 -7.24 13.03
N ASN A 48 6.44 -7.95 11.92
CA ASN A 48 5.38 -8.69 11.24
C ASN A 48 4.22 -7.78 10.86
N GLN A 49 4.55 -6.60 10.37
CA GLN A 49 3.53 -5.61 10.01
C GLN A 49 3.96 -4.91 8.72
N ALA A 50 2.98 -4.50 7.91
CA ALA A 50 3.31 -3.93 6.61
C ALA A 50 2.57 -2.63 6.36
N PHE A 51 3.19 -1.76 5.57
CA PHE A 51 2.59 -0.50 5.17
C PHE A 51 2.59 -0.40 3.65
N LEU A 52 1.43 -0.14 3.08
CA LEU A 52 1.28 -0.12 1.63
C LEU A 52 0.63 1.18 1.18
N GLU A 53 1.24 1.85 0.21
CA GLU A 53 0.78 3.18 -0.22
C GLU A 53 -0.07 3.09 -1.48
N MET A 54 -1.15 3.83 -1.50
CA MET A 54 -2.12 3.75 -2.56
C MET A 54 -2.18 5.04 -3.36
N ALA A 55 -2.21 4.89 -4.68
CA ALA A 55 -2.20 6.02 -5.60
C ALA A 55 -3.43 6.90 -5.41
N TYR A 56 -4.52 6.26 -5.03
CA TYR A 56 -5.79 6.93 -4.88
C TYR A 56 -6.30 6.71 -3.46
N THR A 57 -6.74 7.79 -2.83
CA THR A 57 -7.19 7.73 -1.44
C THR A 57 -8.45 6.88 -1.32
N GLU A 58 -9.34 6.99 -2.30
CA GLU A 58 -10.54 6.17 -2.35
C GLU A 58 -10.20 4.72 -2.60
N ALA A 59 -9.13 4.49 -3.35
CA ALA A 59 -8.68 3.14 -3.63
C ALA A 59 -8.26 2.44 -2.34
N ALA A 60 -7.60 3.19 -1.47
CA ALA A 60 -7.18 2.67 -0.18
C ALA A 60 -8.37 2.41 0.72
N GLN A 61 -9.29 3.37 0.75
CA GLN A 61 -10.50 3.25 1.57
C GLN A 61 -11.36 2.07 1.11
N ALA A 62 -11.53 1.95 -0.21
CA ALA A 62 -12.37 0.92 -0.79
C ALA A 62 -11.84 -0.47 -0.47
N MET A 63 -10.53 -0.64 -0.57
CA MET A 63 -9.92 -1.95 -0.35
C MET A 63 -10.04 -2.36 1.11
N VAL A 64 -9.71 -1.44 2.01
CA VAL A 64 -9.70 -1.73 3.43
C VAL A 64 -11.10 -2.01 3.94
N GLN A 65 -12.09 -1.29 3.43
CA GLN A 65 -13.48 -1.54 3.81
C GLN A 65 -13.85 -2.97 3.46
N TYR A 66 -13.34 -3.46 2.34
CA TYR A 66 -13.53 -4.85 1.97
C TYR A 66 -12.73 -5.76 2.91
N TYR A 67 -11.45 -5.45 3.09
CA TYR A 67 -10.53 -6.35 3.81
C TYR A 67 -10.77 -6.35 5.32
N GLN A 68 -11.46 -5.37 5.85
CA GLN A 68 -11.78 -5.38 7.27
C GLN A 68 -12.97 -6.29 7.54
N GLU A 69 -13.83 -6.46 6.54
CA GLU A 69 -14.96 -7.37 6.66
C GLU A 69 -14.65 -8.73 6.02
N LYS A 70 -13.95 -8.69 4.90
CA LYS A 70 -13.46 -9.89 4.24
C LYS A 70 -11.96 -9.76 3.98
N PRO A 71 -11.14 -10.06 5.00
CA PRO A 71 -9.69 -9.90 4.93
C PRO A 71 -9.03 -10.94 4.04
N ALA A 72 -7.81 -10.64 3.60
CA ALA A 72 -7.10 -11.51 2.67
C ALA A 72 -6.22 -12.49 3.43
N ILE A 73 -5.95 -13.64 2.83
CA ILE A 73 -5.30 -14.73 3.54
C ILE A 73 -3.93 -15.06 2.93
N ILE A 74 -2.92 -15.20 3.79
CA ILE A 74 -1.63 -15.73 3.37
C ILE A 74 -1.28 -16.96 4.21
N ASN A 75 -1.06 -18.09 3.53
CA ASN A 75 -0.67 -19.34 4.20
C ASN A 75 -1.71 -19.79 5.22
N GLY A 76 -2.97 -19.58 4.90
CA GLY A 76 -4.03 -19.98 5.80
C GLY A 76 -4.27 -19.00 6.93
N GLU A 77 -3.49 -17.93 6.96
CA GLU A 77 -3.61 -16.93 8.00
C GLU A 77 -4.35 -15.71 7.46
N LYS A 78 -5.39 -15.30 8.16
CA LYS A 78 -6.20 -14.18 7.72
C LYS A 78 -5.55 -12.86 8.13
N LEU A 79 -5.10 -12.10 7.15
CA LEU A 79 -4.46 -10.84 7.40
C LEU A 79 -5.49 -9.74 7.51
N LEU A 80 -5.46 -9.02 8.61
CA LEU A 80 -6.33 -7.88 8.74
C LEU A 80 -5.66 -6.69 8.07
N ILE A 81 -6.24 -6.28 6.95
CA ILE A 81 -5.73 -5.14 6.20
C ILE A 81 -6.51 -3.90 6.61
N ARG A 82 -5.80 -2.95 7.21
CA ARG A 82 -6.44 -1.79 7.86
C ARG A 82 -5.92 -0.47 7.31
N MET A 83 -6.72 0.58 7.46
CA MET A 83 -6.26 1.93 7.15
C MET A 83 -5.26 2.38 8.20
N SER A 84 -4.08 2.82 7.78
CA SER A 84 -3.04 3.16 8.74
C SER A 84 -3.21 4.57 9.27
N THR A 85 -3.14 4.70 10.59
CA THR A 85 -3.14 6.00 11.24
C THR A 85 -1.70 6.40 11.60
N ARG A 86 -0.79 5.44 11.45
CA ARG A 86 0.62 5.67 11.79
C ARG A 86 1.34 6.39 10.66
N TYR A 87 1.04 6.00 9.44
CA TYR A 87 1.60 6.65 8.26
C TYR A 87 0.50 7.31 7.44
N LYS A 88 0.79 8.52 6.99
CA LYS A 88 -0.13 9.26 6.12
C LYS A 88 0.18 8.92 4.66
N GLU A 89 1.47 8.85 4.35
CA GLU A 89 1.94 8.56 3.01
C GLU A 89 3.32 7.92 3.05
N LEU A 90 3.59 7.03 2.12
CA LEU A 90 4.89 6.38 2.03
C LEU A 90 5.80 7.16 1.09
N GLN A 91 6.97 7.51 1.59
CA GLN A 91 7.98 8.16 0.76
C GLN A 91 9.29 7.40 0.85
N LEU A 92 9.43 6.40 -0.02
CA LEU A 92 10.64 5.58 -0.05
C LEU A 92 11.84 6.40 -0.52
N LYS A 93 13.01 6.00 -0.05
CA LYS A 93 14.25 6.67 -0.40
C LYS A 93 14.62 6.36 -1.84
N LYS A 94 14.56 5.09 -2.19
CA LYS A 94 14.90 4.64 -3.53
C LYS A 94 13.64 4.29 -4.32
N PRO A 95 13.37 5.02 -5.41
CA PRO A 95 12.23 4.74 -6.28
C PRO A 95 12.36 3.39 -6.98
N GLY A 96 11.87 2.34 -6.32
CA GLY A 96 11.96 1.01 -6.88
C GLY A 96 10.91 0.74 -7.94
N LYS A 97 9.65 0.72 -7.52
CA LYS A 97 8.55 0.46 -8.45
C LYS A 97 8.40 1.59 -9.45
N ASN A 98 8.16 2.79 -8.95
CA ASN A 98 8.09 3.96 -9.82
C ASN A 98 9.45 4.64 -9.90
N VAL A 99 10.34 4.06 -10.69
CA VAL A 99 11.67 4.61 -10.88
C VAL A 99 11.56 6.03 -11.44
N ALA A 100 10.86 6.15 -12.55
CA ALA A 100 10.55 7.46 -13.11
C ALA A 100 9.04 7.68 -13.04
N ALA A 101 8.30 6.89 -13.80
CA ALA A 101 6.84 6.97 -13.83
C ALA A 101 6.24 5.74 -14.50
N ILE A 102 5.53 4.93 -13.73
CA ILE A 102 4.80 3.80 -14.30
C ILE A 102 3.58 4.34 -15.03
N ILE A 103 3.69 4.45 -16.35
CA ILE A 103 2.68 5.11 -17.15
C ILE A 103 1.46 4.21 -17.36
N GLN A 104 0.69 4.09 -16.29
CA GLN A 104 -0.59 3.41 -16.26
C GLN A 104 -1.49 4.13 -15.29
N ASP A 105 -0.93 4.46 -14.14
CA ASP A 105 -1.64 5.20 -13.11
C ASP A 105 -0.76 6.34 -12.59
N ILE A 106 -0.74 7.40 -13.34
CA ILE A 106 0.07 8.56 -13.02
C ILE A 106 -0.75 9.84 -13.06
N HIS A 107 -1.94 9.79 -12.47
CA HIS A 107 -2.83 10.94 -12.45
C HIS A 107 -2.19 12.10 -11.69
N SER A 108 -2.45 13.32 -12.17
CA SER A 108 -1.96 14.55 -11.56
C SER A 108 -0.47 14.77 -11.80
N GLN A 109 0.36 13.84 -11.36
CA GLN A 109 1.82 13.99 -11.51
C GLN A 109 2.23 13.77 -12.97
N ARG A 110 1.46 12.92 -13.65
CA ARG A 110 1.68 12.62 -15.06
C ARG A 110 3.01 11.90 -15.30
N GLU A 111 3.36 11.73 -16.56
CA GLU A 111 4.63 11.10 -16.92
C GLU A 111 5.80 12.03 -16.66
N ARG A 112 7.00 11.55 -16.90
CA ARG A 112 8.20 12.35 -16.73
C ARG A 112 8.83 12.61 -18.09
N GLY A 1 10.47 13.77 -5.06
CA GLY A 1 10.00 12.70 -5.96
C GLY A 1 8.58 12.27 -5.65
N ALA A 2 7.65 13.23 -5.68
CA ALA A 2 6.25 12.96 -5.38
C ALA A 2 5.52 12.44 -6.61
N MET A 3 5.93 11.28 -7.08
CA MET A 3 5.29 10.65 -8.23
C MET A 3 4.11 9.81 -7.78
N ALA A 4 3.89 9.80 -6.48
CA ALA A 4 2.79 9.05 -5.88
C ALA A 4 1.82 10.00 -5.22
N GLN A 5 0.85 9.45 -4.48
CA GLN A 5 -0.18 10.24 -3.80
C GLN A 5 -0.90 11.11 -4.83
N ARG A 6 -1.43 10.45 -5.85
CA ARG A 6 -1.91 11.13 -7.07
C ARG A 6 -3.05 12.10 -6.80
N LYS A 7 -4.19 11.59 -6.37
CA LYS A 7 -5.38 12.43 -6.18
C LYS A 7 -5.35 13.20 -4.87
N GLY A 8 -4.36 14.09 -4.75
CA GLY A 8 -4.28 14.98 -3.61
C GLY A 8 -3.76 14.31 -2.35
N ALA A 9 -4.65 13.62 -1.65
CA ALA A 9 -4.30 13.01 -0.38
C ALA A 9 -3.61 11.67 -0.58
N GLY A 10 -4.39 10.61 -0.79
CA GLY A 10 -3.84 9.27 -0.84
C GLY A 10 -3.55 8.74 0.55
N ARG A 11 -3.75 7.45 0.77
CA ARG A 11 -3.63 6.90 2.12
C ARG A 11 -2.84 5.59 2.13
N VAL A 12 -2.14 5.35 3.23
CA VAL A 12 -1.36 4.14 3.41
C VAL A 12 -2.15 3.11 4.21
N VAL A 13 -2.09 1.87 3.77
CA VAL A 13 -2.75 0.76 4.43
C VAL A 13 -1.74 -0.11 5.17
N HIS A 14 -2.03 -0.49 6.41
CA HIS A 14 -1.14 -1.37 7.15
C HIS A 14 -1.75 -2.76 7.31
N ILE A 15 -0.90 -3.77 7.17
CA ILE A 15 -1.32 -5.15 7.28
C ILE A 15 -0.66 -5.82 8.49
N CYS A 16 -1.44 -6.62 9.20
CA CYS A 16 -0.96 -7.31 10.38
C CYS A 16 -1.21 -8.82 10.27
N ASN A 17 -0.73 -9.58 11.26
CA ASN A 17 -0.84 -11.05 11.28
C ASN A 17 0.04 -11.68 10.21
N LEU A 18 1.12 -11.00 9.89
CA LEU A 18 2.02 -11.45 8.84
C LEU A 18 3.09 -12.39 9.39
N PRO A 19 3.17 -13.62 8.88
CA PRO A 19 4.22 -14.55 9.26
C PRO A 19 5.59 -14.09 8.76
N GLU A 20 6.56 -14.09 9.67
CA GLU A 20 7.90 -13.63 9.36
C GLU A 20 8.60 -14.58 8.39
N GLY A 21 9.09 -14.05 7.28
CA GLY A 21 9.86 -14.83 6.36
C GLY A 21 9.02 -15.58 5.34
N SER A 22 7.73 -15.73 5.63
CA SER A 22 6.86 -16.48 4.74
C SER A 22 6.17 -15.55 3.75
N CYS A 23 5.86 -14.34 4.20
CA CYS A 23 5.25 -13.35 3.32
C CYS A 23 6.32 -12.60 2.55
N THR A 24 6.11 -12.46 1.24
CA THR A 24 7.06 -11.76 0.41
C THR A 24 6.52 -10.38 0.06
N GLU A 25 7.35 -9.55 -0.54
CA GLU A 25 6.92 -8.22 -0.96
C GLU A 25 5.70 -8.34 -1.86
N ASN A 26 5.73 -9.34 -2.75
CA ASN A 26 4.69 -9.53 -3.74
C ASN A 26 3.33 -9.80 -3.09
N ASP A 27 3.30 -10.65 -2.06
CA ASP A 27 2.03 -11.04 -1.43
C ASP A 27 1.33 -9.82 -0.86
N VAL A 28 2.06 -9.03 -0.11
CA VAL A 28 1.52 -7.89 0.59
C VAL A 28 0.99 -6.85 -0.41
N ILE A 29 1.79 -6.57 -1.43
CA ILE A 29 1.41 -5.64 -2.48
C ILE A 29 0.19 -6.13 -3.25
N ASN A 30 0.21 -7.42 -3.60
CA ASN A 30 -0.85 -8.02 -4.39
C ASN A 30 -2.18 -8.04 -3.65
N LEU A 31 -2.14 -8.08 -2.33
CA LEU A 31 -3.37 -8.15 -1.54
C LEU A 31 -4.13 -6.83 -1.53
N GLY A 32 -3.41 -5.71 -1.61
CA GLY A 32 -4.07 -4.42 -1.62
C GLY A 32 -4.60 -4.07 -3.01
N LEU A 33 -3.86 -4.52 -4.01
CA LEU A 33 -4.17 -4.19 -5.41
C LEU A 33 -5.61 -4.51 -5.88
N PRO A 34 -6.24 -5.63 -5.48
CA PRO A 34 -7.56 -6.01 -6.02
C PRO A 34 -8.63 -4.91 -5.95
N PHE A 35 -8.62 -4.10 -4.90
CA PHE A 35 -9.60 -3.01 -4.79
C PHE A 35 -8.98 -1.63 -4.94
N GLY A 36 -7.67 -1.56 -4.78
CA GLY A 36 -6.97 -0.29 -4.92
C GLY A 36 -5.80 -0.35 -5.87
N LYS A 37 -4.81 0.49 -5.63
CA LYS A 37 -3.60 0.51 -6.42
C LYS A 37 -2.41 0.94 -5.58
N VAL A 38 -1.27 0.29 -5.79
CA VAL A 38 -0.09 0.51 -4.99
C VAL A 38 0.94 1.38 -5.72
N THR A 39 1.45 2.37 -5.02
CA THR A 39 2.50 3.24 -5.53
C THR A 39 3.86 2.95 -4.88
N ASN A 40 3.81 2.60 -3.60
CA ASN A 40 5.02 2.31 -2.81
C ASN A 40 4.68 1.32 -1.71
N TYR A 41 5.70 0.77 -1.07
CA TYR A 41 5.48 -0.14 0.05
C TYR A 41 6.60 -0.03 1.07
N ILE A 42 6.27 -0.27 2.34
CA ILE A 42 7.26 -0.36 3.39
C ILE A 42 6.97 -1.58 4.24
N LEU A 43 7.94 -2.48 4.33
CA LEU A 43 7.74 -3.75 5.00
C LEU A 43 8.57 -3.86 6.26
N MET A 44 7.91 -3.87 7.41
CA MET A 44 8.59 -4.12 8.67
C MET A 44 8.20 -5.49 9.19
N LYS A 45 8.90 -6.51 8.71
CA LYS A 45 8.58 -7.89 9.03
C LYS A 45 8.87 -8.20 10.50
N SER A 46 9.87 -7.51 11.04
CA SER A 46 10.29 -7.74 12.43
C SER A 46 9.19 -7.36 13.42
N THR A 47 8.38 -6.37 13.07
CA THR A 47 7.34 -5.90 13.96
C THR A 47 5.97 -6.45 13.57
N ASN A 48 5.97 -7.45 12.68
CA ASN A 48 4.75 -8.10 12.21
C ASN A 48 3.80 -7.08 11.56
N GLN A 49 4.37 -6.19 10.76
CA GLN A 49 3.58 -5.12 10.14
C GLN A 49 4.04 -4.85 8.72
N ALA A 50 3.11 -4.43 7.88
CA ALA A 50 3.43 -4.00 6.55
C ALA A 50 2.67 -2.74 6.21
N PHE A 51 3.29 -1.85 5.46
CA PHE A 51 2.64 -0.62 5.05
C PHE A 51 2.61 -0.55 3.54
N LEU A 52 1.43 -0.34 2.99
CA LEU A 52 1.24 -0.32 1.56
C LEU A 52 0.65 1.02 1.13
N GLU A 53 1.26 1.63 0.12
CA GLU A 53 0.89 2.98 -0.30
C GLU A 53 -0.03 2.92 -1.51
N MET A 54 -1.05 3.75 -1.51
CA MET A 54 -2.08 3.69 -2.52
C MET A 54 -2.12 4.96 -3.37
N ALA A 55 -2.22 4.76 -4.67
CA ALA A 55 -2.22 5.84 -5.64
C ALA A 55 -3.39 6.79 -5.44
N TYR A 56 -4.49 6.22 -4.96
CA TYR A 56 -5.73 6.96 -4.80
C TYR A 56 -6.28 6.73 -3.41
N THR A 57 -6.82 7.79 -2.82
CA THR A 57 -7.43 7.69 -1.50
C THR A 57 -8.66 6.80 -1.54
N GLU A 58 -9.35 6.81 -2.68
CA GLU A 58 -10.49 5.92 -2.90
C GLU A 58 -10.04 4.47 -2.92
N ALA A 59 -8.87 4.26 -3.51
CA ALA A 59 -8.30 2.93 -3.64
C ALA A 59 -8.01 2.35 -2.27
N ALA A 60 -7.41 3.16 -1.41
CA ALA A 60 -7.01 2.71 -0.08
C ALA A 60 -8.21 2.42 0.80
N GLN A 61 -9.17 3.32 0.80
CA GLN A 61 -10.35 3.18 1.64
C GLN A 61 -11.23 2.01 1.18
N ALA A 62 -11.45 1.93 -0.13
CA ALA A 62 -12.35 0.93 -0.70
C ALA A 62 -11.84 -0.49 -0.43
N MET A 63 -10.53 -0.69 -0.60
CA MET A 63 -9.96 -2.00 -0.38
C MET A 63 -10.09 -2.41 1.07
N VAL A 64 -9.78 -1.48 1.97
CA VAL A 64 -9.78 -1.76 3.40
C VAL A 64 -11.18 -2.04 3.92
N GLN A 65 -12.17 -1.33 3.40
CA GLN A 65 -13.54 -1.57 3.81
C GLN A 65 -13.93 -3.01 3.49
N TYR A 66 -13.44 -3.50 2.37
CA TYR A 66 -13.61 -4.90 2.02
C TYR A 66 -12.79 -5.80 2.95
N TYR A 67 -11.51 -5.47 3.12
CA TYR A 67 -10.59 -6.35 3.83
C TYR A 67 -10.79 -6.35 5.34
N GLN A 68 -11.48 -5.34 5.87
CA GLN A 68 -11.80 -5.35 7.29
C GLN A 68 -12.98 -6.28 7.57
N GLU A 69 -13.84 -6.44 6.58
CA GLU A 69 -15.01 -7.31 6.71
C GLU A 69 -14.72 -8.68 6.11
N LYS A 70 -14.00 -8.70 5.00
CA LYS A 70 -13.58 -9.94 4.35
C LYS A 70 -12.08 -9.86 4.05
N PRO A 71 -11.25 -10.11 5.08
CA PRO A 71 -9.80 -9.95 4.99
C PRO A 71 -9.13 -10.99 4.09
N ALA A 72 -7.91 -10.69 3.65
CA ALA A 72 -7.18 -11.55 2.73
C ALA A 72 -6.31 -12.52 3.51
N ILE A 73 -6.05 -13.68 2.92
CA ILE A 73 -5.42 -14.77 3.66
C ILE A 73 -4.10 -15.20 3.05
N ILE A 74 -3.08 -15.34 3.89
CA ILE A 74 -1.80 -15.90 3.47
C ILE A 74 -1.48 -17.12 4.31
N ASN A 75 -1.26 -18.26 3.66
CA ASN A 75 -0.89 -19.51 4.33
C ASN A 75 -1.96 -19.94 5.34
N GLY A 76 -3.21 -19.65 5.02
CA GLY A 76 -4.29 -19.99 5.92
C GLY A 76 -4.42 -19.01 7.07
N GLU A 77 -3.60 -17.97 7.06
CA GLU A 77 -3.64 -16.95 8.09
C GLU A 77 -4.34 -15.71 7.56
N LYS A 78 -5.35 -15.26 8.30
CA LYS A 78 -6.17 -14.14 7.86
C LYS A 78 -5.51 -12.82 8.23
N LEU A 79 -5.11 -12.08 7.21
CA LEU A 79 -4.49 -10.80 7.42
C LEU A 79 -5.54 -9.72 7.50
N LEU A 80 -5.53 -8.98 8.58
CA LEU A 80 -6.42 -7.84 8.67
C LEU A 80 -5.75 -6.67 7.96
N ILE A 81 -6.30 -6.32 6.82
CA ILE A 81 -5.78 -5.20 6.04
C ILE A 81 -6.59 -3.96 6.39
N ARG A 82 -5.92 -2.97 6.99
CA ARG A 82 -6.63 -1.82 7.52
C ARG A 82 -5.85 -0.51 7.37
N MET A 83 -6.57 0.59 7.47
CA MET A 83 -6.03 1.92 7.19
C MET A 83 -4.93 2.30 8.17
N SER A 84 -3.79 2.73 7.65
CA SER A 84 -2.64 3.09 8.48
C SER A 84 -2.71 4.56 8.89
N THR A 85 -2.57 4.82 10.17
CA THR A 85 -2.58 6.18 10.68
C THR A 85 -1.15 6.71 10.84
N ARG A 86 -0.22 5.80 11.10
CA ARG A 86 1.19 6.17 11.30
C ARG A 86 1.75 6.85 10.05
N TYR A 87 1.39 6.34 8.89
CA TYR A 87 1.88 6.90 7.64
C TYR A 87 0.73 7.42 6.80
N LYS A 88 0.89 8.63 6.29
CA LYS A 88 -0.04 9.16 5.32
C LYS A 88 0.46 8.84 3.93
N GLU A 89 1.77 8.82 3.81
CA GLU A 89 2.46 8.42 2.59
C GLU A 89 3.76 7.74 2.97
N LEU A 90 4.22 6.81 2.14
CA LEU A 90 5.45 6.09 2.41
C LEU A 90 6.61 6.77 1.73
N GLN A 91 6.45 7.01 0.44
CA GLN A 91 7.46 7.69 -0.38
C GLN A 91 8.84 7.10 -0.17
N LEU A 92 9.07 5.92 -0.74
CA LEU A 92 10.39 5.29 -0.70
C LEU A 92 11.42 6.23 -1.30
N LYS A 93 12.63 6.18 -0.76
CA LYS A 93 13.69 7.15 -1.08
C LYS A 93 14.11 7.09 -2.54
N LYS A 94 13.67 6.06 -3.26
CA LYS A 94 13.96 5.91 -4.67
C LYS A 94 13.18 6.99 -5.46
N PRO A 95 13.91 7.98 -6.02
CA PRO A 95 13.29 9.13 -6.69
C PRO A 95 12.52 8.74 -7.94
N GLY A 96 13.18 8.01 -8.82
CA GLY A 96 12.56 7.64 -10.08
C GLY A 96 11.68 6.43 -9.97
N LYS A 97 10.39 6.66 -9.70
CA LYS A 97 9.42 5.57 -9.63
C LYS A 97 9.27 4.95 -11.01
N ASN A 98 9.21 5.82 -12.01
CA ASN A 98 9.12 5.41 -13.40
C ASN A 98 9.70 6.51 -14.27
N VAL A 99 10.95 6.35 -14.65
CA VAL A 99 11.71 7.41 -15.32
C VAL A 99 11.06 7.84 -16.64
N ALA A 100 10.49 6.89 -17.36
CA ALA A 100 9.89 7.17 -18.65
C ALA A 100 8.46 7.69 -18.51
N ALA A 101 8.19 8.36 -17.38
CA ALA A 101 6.88 8.96 -17.09
C ALA A 101 5.79 7.89 -16.88
N ILE A 102 5.11 8.01 -15.75
CA ILE A 102 4.02 7.09 -15.42
C ILE A 102 2.77 7.43 -16.25
N ILE A 103 2.82 7.13 -17.53
CA ILE A 103 1.69 7.36 -18.40
C ILE A 103 0.88 6.07 -18.56
N GLN A 104 0.22 5.69 -17.47
CA GLN A 104 -0.55 4.44 -17.45
C GLN A 104 -2.01 4.70 -17.08
N ASP A 105 -2.24 5.55 -16.09
CA ASP A 105 -3.59 5.87 -15.64
C ASP A 105 -4.02 7.25 -16.09
N ILE A 106 -3.29 8.26 -15.64
CA ILE A 106 -3.61 9.66 -15.92
C ILE A 106 -5.04 9.98 -15.48
N HIS A 107 -5.31 9.73 -14.21
CA HIS A 107 -6.57 10.13 -13.60
C HIS A 107 -6.33 11.25 -12.59
N SER A 108 -5.08 11.69 -12.56
CA SER A 108 -4.63 12.73 -11.63
C SER A 108 -3.12 12.93 -11.79
N GLN A 109 -2.65 12.79 -13.02
CA GLN A 109 -1.22 12.84 -13.30
C GLN A 109 -0.95 13.85 -14.41
N ARG A 110 0.22 14.47 -14.35
CA ARG A 110 0.64 15.43 -15.37
C ARG A 110 2.00 15.06 -15.93
N GLU A 111 2.07 13.86 -16.52
CA GLU A 111 3.30 13.34 -17.13
C GLU A 111 4.47 13.42 -16.15
N ARG A 112 4.53 12.48 -15.24
CA ARG A 112 5.59 12.45 -14.25
C ARG A 112 6.47 11.23 -14.45
N GLY A 1 6.09 1.33 -11.21
CA GLY A 1 7.16 2.22 -10.74
C GLY A 1 6.98 2.61 -9.29
N ALA A 2 7.93 3.38 -8.76
CA ALA A 2 7.83 3.84 -7.39
C ALA A 2 7.41 5.30 -7.35
N MET A 3 6.49 5.66 -8.23
CA MET A 3 6.00 7.03 -8.31
C MET A 3 4.94 7.27 -7.24
N ALA A 4 5.39 7.76 -6.09
CA ALA A 4 4.48 8.10 -5.01
C ALA A 4 3.75 9.40 -5.32
N GLN A 5 2.86 9.34 -6.30
CA GLN A 5 2.11 10.51 -6.72
C GLN A 5 1.13 10.94 -5.66
N ARG A 6 0.52 9.95 -5.01
CA ARG A 6 -0.57 10.18 -4.05
C ARG A 6 -1.84 10.62 -4.77
N LYS A 7 -1.64 11.24 -5.94
CA LYS A 7 -2.71 11.50 -6.90
C LYS A 7 -3.68 12.53 -6.35
N GLY A 8 -3.17 13.40 -5.50
CA GLY A 8 -3.99 14.40 -4.87
C GLY A 8 -4.11 14.17 -3.40
N ALA A 9 -3.82 12.95 -2.98
CA ALA A 9 -4.01 12.58 -1.59
C ALA A 9 -3.05 11.48 -1.15
N GLY A 10 -3.35 10.24 -1.54
CA GLY A 10 -2.53 9.11 -1.15
C GLY A 10 -2.78 8.67 0.27
N ARG A 11 -2.87 7.37 0.48
CA ARG A 11 -3.04 6.82 1.82
C ARG A 11 -2.17 5.58 1.99
N VAL A 12 -1.93 5.23 3.24
CA VAL A 12 -1.18 4.03 3.55
C VAL A 12 -2.09 3.02 4.24
N VAL A 13 -1.98 1.79 3.82
CA VAL A 13 -2.67 0.71 4.48
C VAL A 13 -1.70 -0.08 5.36
N HIS A 14 -2.11 -0.35 6.57
CA HIS A 14 -1.30 -1.10 7.51
C HIS A 14 -1.84 -2.51 7.64
N ILE A 15 -1.02 -3.47 7.27
CA ILE A 15 -1.39 -4.87 7.36
C ILE A 15 -0.71 -5.50 8.56
N CYS A 16 -1.50 -6.18 9.38
CA CYS A 16 -1.00 -6.81 10.59
C CYS A 16 -1.38 -8.28 10.63
N ASN A 17 -0.88 -8.98 11.65
CA ASN A 17 -1.08 -10.43 11.77
C ASN A 17 -0.34 -11.15 10.65
N LEU A 18 0.78 -10.58 10.25
CA LEU A 18 1.58 -11.13 9.17
C LEU A 18 2.52 -12.21 9.71
N PRO A 19 2.43 -13.44 9.17
CA PRO A 19 3.28 -14.54 9.62
C PRO A 19 4.76 -14.28 9.32
N GLU A 20 5.58 -14.46 10.34
CA GLU A 20 7.00 -14.26 10.25
C GLU A 20 7.67 -15.32 9.38
N GLY A 21 8.42 -14.88 8.38
CA GLY A 21 9.14 -15.80 7.51
C GLY A 21 8.23 -16.48 6.51
N SER A 22 7.04 -15.93 6.33
CA SER A 22 6.08 -16.52 5.42
C SER A 22 5.67 -15.54 4.33
N CYS A 23 5.61 -14.27 4.67
CA CYS A 23 5.15 -13.24 3.75
C CYS A 23 6.27 -12.76 2.85
N THR A 24 5.97 -12.59 1.57
CA THR A 24 6.93 -12.05 0.64
C THR A 24 6.55 -10.61 0.31
N GLU A 25 7.42 -9.91 -0.39
CA GLU A 25 7.10 -8.55 -0.81
C GLU A 25 5.91 -8.57 -1.75
N ASN A 26 5.88 -9.59 -2.61
CA ASN A 26 4.83 -9.70 -3.63
C ASN A 26 3.47 -9.98 -3.02
N ASP A 27 3.42 -10.90 -2.06
CA ASP A 27 2.12 -11.34 -1.51
C ASP A 27 1.37 -10.18 -0.87
N VAL A 28 2.08 -9.41 -0.07
CA VAL A 28 1.47 -8.29 0.64
C VAL A 28 0.95 -7.23 -0.33
N ILE A 29 1.76 -6.93 -1.35
CA ILE A 29 1.37 -5.97 -2.37
C ILE A 29 0.19 -6.51 -3.20
N ASN A 30 0.30 -7.78 -3.57
CA ASN A 30 -0.73 -8.43 -4.39
C ASN A 30 -2.07 -8.47 -3.69
N LEU A 31 -2.05 -8.51 -2.36
CA LEU A 31 -3.29 -8.51 -1.59
C LEU A 31 -3.94 -7.13 -1.57
N GLY A 32 -3.13 -6.09 -1.57
CA GLY A 32 -3.68 -4.74 -1.56
C GLY A 32 -4.21 -4.34 -2.91
N LEU A 33 -3.46 -4.66 -3.95
CA LEU A 33 -3.75 -4.22 -5.32
C LEU A 33 -5.22 -4.44 -5.78
N PRO A 34 -5.87 -5.59 -5.52
CA PRO A 34 -7.20 -5.90 -6.09
C PRO A 34 -8.26 -4.81 -5.91
N PHE A 35 -8.25 -4.10 -4.79
CA PHE A 35 -9.24 -3.03 -4.60
C PHE A 35 -8.63 -1.64 -4.63
N GLY A 36 -7.33 -1.56 -4.45
CA GLY A 36 -6.64 -0.29 -4.57
C GLY A 36 -5.25 -0.42 -5.18
N LYS A 37 -4.91 0.51 -6.07
CA LYS A 37 -3.63 0.48 -6.77
C LYS A 37 -2.50 1.00 -5.87
N VAL A 38 -1.34 0.38 -5.97
CA VAL A 38 -0.21 0.70 -5.12
C VAL A 38 0.85 1.51 -5.86
N THR A 39 1.36 2.54 -5.20
CA THR A 39 2.41 3.37 -5.76
C THR A 39 3.79 2.93 -5.28
N ASN A 40 3.87 2.57 -4.00
CA ASN A 40 5.11 2.10 -3.39
C ASN A 40 4.81 1.41 -2.07
N TYR A 41 5.80 0.73 -1.50
CA TYR A 41 5.58 -0.07 -0.32
C TYR A 41 6.74 0.06 0.67
N ILE A 42 6.43 -0.10 1.96
CA ILE A 42 7.45 -0.18 2.99
C ILE A 42 7.14 -1.37 3.90
N LEU A 43 8.08 -2.27 4.02
CA LEU A 43 7.88 -3.48 4.81
C LEU A 43 8.73 -3.47 6.06
N MET A 44 8.08 -3.40 7.21
CA MET A 44 8.76 -3.57 8.48
C MET A 44 8.34 -4.90 9.09
N LYS A 45 9.01 -5.97 8.68
CA LYS A 45 8.66 -7.32 9.11
C LYS A 45 8.94 -7.50 10.59
N SER A 46 9.96 -6.79 11.07
CA SER A 46 10.36 -6.85 12.46
C SER A 46 9.23 -6.41 13.39
N THR A 47 8.35 -5.55 12.89
CA THR A 47 7.26 -5.03 13.70
C THR A 47 5.97 -5.80 13.42
N ASN A 48 6.09 -6.88 12.66
CA ASN A 48 4.94 -7.69 12.24
C ASN A 48 3.92 -6.82 11.53
N GLN A 49 4.42 -5.94 10.67
CA GLN A 49 3.58 -4.97 10.02
C GLN A 49 4.04 -4.70 8.60
N ALA A 50 3.10 -4.38 7.75
CA ALA A 50 3.41 -3.97 6.41
C ALA A 50 2.70 -2.67 6.09
N PHE A 51 3.37 -1.82 5.33
CA PHE A 51 2.81 -0.55 4.96
C PHE A 51 2.82 -0.41 3.45
N LEU A 52 1.66 -0.12 2.90
CA LEU A 52 1.48 -0.10 1.46
C LEU A 52 0.80 1.20 1.07
N GLU A 53 1.33 1.88 0.05
CA GLU A 53 0.78 3.17 -0.36
C GLU A 53 -0.12 3.01 -1.56
N MET A 54 -1.33 3.54 -1.46
CA MET A 54 -2.29 3.45 -2.51
C MET A 54 -2.39 4.76 -3.26
N ALA A 55 -2.46 4.65 -4.58
CA ALA A 55 -2.43 5.78 -5.48
C ALA A 55 -3.59 6.73 -5.21
N TYR A 56 -4.76 6.18 -4.90
CA TYR A 56 -5.93 7.00 -4.70
C TYR A 56 -6.41 6.83 -3.26
N THR A 57 -6.86 7.93 -2.67
CA THR A 57 -7.37 7.90 -1.29
C THR A 57 -8.64 7.05 -1.22
N GLU A 58 -9.44 7.09 -2.27
CA GLU A 58 -10.63 6.27 -2.36
C GLU A 58 -10.28 4.79 -2.50
N ALA A 59 -9.19 4.52 -3.20
CA ALA A 59 -8.73 3.16 -3.41
C ALA A 59 -8.36 2.52 -2.07
N ALA A 60 -7.61 3.27 -1.26
CA ALA A 60 -7.14 2.79 0.03
C ALA A 60 -8.31 2.51 0.97
N GLN A 61 -9.25 3.42 1.02
CA GLN A 61 -10.41 3.28 1.90
C GLN A 61 -11.31 2.14 1.43
N ALA A 62 -11.59 2.09 0.13
CA ALA A 62 -12.50 1.09 -0.41
C ALA A 62 -11.93 -0.31 -0.29
N MET A 63 -10.61 -0.44 -0.43
CA MET A 63 -9.96 -1.73 -0.31
C MET A 63 -10.06 -2.23 1.13
N VAL A 64 -9.78 -1.35 2.08
CA VAL A 64 -9.82 -1.70 3.48
C VAL A 64 -11.23 -2.02 3.92
N GLN A 65 -12.21 -1.29 3.38
CA GLN A 65 -13.59 -1.56 3.69
C GLN A 65 -13.93 -2.99 3.29
N TYR A 66 -13.36 -3.46 2.20
CA TYR A 66 -13.50 -4.84 1.79
C TYR A 66 -12.79 -5.77 2.77
N TYR A 67 -11.52 -5.48 3.06
CA TYR A 67 -10.70 -6.38 3.87
C TYR A 67 -11.08 -6.34 5.35
N GLN A 68 -11.82 -5.33 5.75
CA GLN A 68 -12.34 -5.27 7.11
C GLN A 68 -13.51 -6.24 7.29
N GLU A 69 -14.26 -6.46 6.22
CA GLU A 69 -15.38 -7.41 6.26
C GLU A 69 -14.97 -8.78 5.69
N LYS A 70 -14.20 -8.74 4.61
CA LYS A 70 -13.69 -9.96 3.99
C LYS A 70 -12.18 -9.83 3.81
N PRO A 71 -11.41 -10.10 4.87
CA PRO A 71 -9.96 -9.92 4.90
C PRO A 71 -9.23 -10.93 4.03
N ALA A 72 -7.99 -10.60 3.66
CA ALA A 72 -7.22 -11.42 2.74
C ALA A 72 -6.37 -12.42 3.51
N ILE A 73 -6.06 -13.54 2.87
CA ILE A 73 -5.43 -14.66 3.57
C ILE A 73 -4.09 -15.03 2.95
N ILE A 74 -3.10 -15.27 3.81
CA ILE A 74 -1.81 -15.81 3.39
C ILE A 74 -1.52 -17.11 4.12
N ASN A 75 -1.34 -18.19 3.35
CA ASN A 75 -0.99 -19.50 3.90
C ASN A 75 -2.00 -19.98 4.93
N GLY A 76 -3.26 -19.65 4.70
CA GLY A 76 -4.31 -20.09 5.61
C GLY A 76 -4.50 -19.16 6.78
N GLU A 77 -3.73 -18.07 6.82
CA GLU A 77 -3.84 -17.10 7.90
C GLU A 77 -4.52 -15.84 7.40
N LYS A 78 -5.56 -15.43 8.10
CA LYS A 78 -6.32 -14.26 7.70
C LYS A 78 -5.63 -12.99 8.17
N LEU A 79 -5.25 -12.16 7.23
CA LEU A 79 -4.56 -10.91 7.54
C LEU A 79 -5.56 -9.80 7.74
N LEU A 80 -5.31 -8.96 8.70
CA LEU A 80 -6.10 -7.75 8.84
C LEU A 80 -5.46 -6.65 8.02
N ILE A 81 -6.10 -6.31 6.92
CA ILE A 81 -5.67 -5.20 6.11
C ILE A 81 -6.51 -3.99 6.50
N ARG A 82 -5.87 -2.97 7.08
CA ARG A 82 -6.60 -1.85 7.63
C ARG A 82 -5.94 -0.52 7.32
N MET A 83 -6.71 0.55 7.48
CA MET A 83 -6.22 1.91 7.27
C MET A 83 -5.16 2.23 8.32
N SER A 84 -4.01 2.73 7.88
CA SER A 84 -2.95 3.08 8.81
C SER A 84 -3.31 4.35 9.57
N THR A 85 -3.03 4.35 10.86
CA THR A 85 -3.36 5.48 11.70
C THR A 85 -2.15 6.39 11.92
N ARG A 86 -0.97 5.89 11.60
CA ARG A 86 0.26 6.64 11.85
C ARG A 86 0.86 7.17 10.54
N TYR A 87 0.38 6.68 9.41
CA TYR A 87 0.95 7.07 8.13
C TYR A 87 -0.10 7.68 7.22
N LYS A 88 0.25 8.80 6.61
CA LYS A 88 -0.60 9.41 5.59
C LYS A 88 -0.16 8.91 4.21
N GLU A 89 1.15 8.84 4.02
CA GLU A 89 1.74 8.34 2.78
C GLU A 89 3.12 7.77 3.10
N LEU A 90 3.65 6.98 2.18
CA LEU A 90 4.96 6.39 2.38
C LEU A 90 6.03 7.28 1.77
N GLN A 91 5.97 7.40 0.45
CA GLN A 91 6.95 8.14 -0.33
C GLN A 91 8.37 7.69 0.01
N LEU A 92 8.77 6.56 -0.58
CA LEU A 92 10.10 5.98 -0.37
C LEU A 92 11.18 7.06 -0.43
N LYS A 93 12.08 7.04 0.54
CA LYS A 93 13.07 8.10 0.70
C LYS A 93 14.19 7.97 -0.32
N LYS A 94 13.83 8.04 -1.59
CA LYS A 94 14.79 8.04 -2.67
C LYS A 94 15.55 9.36 -2.67
N PRO A 95 16.89 9.31 -2.69
CA PRO A 95 17.72 10.51 -2.72
C PRO A 95 17.51 11.30 -4.01
N GLY A 96 17.34 12.61 -3.87
CA GLY A 96 17.08 13.43 -5.02
C GLY A 96 15.63 13.33 -5.44
N LYS A 97 14.79 14.18 -4.86
CA LYS A 97 13.35 14.14 -5.13
C LYS A 97 13.07 14.51 -6.58
N ASN A 98 13.95 15.34 -7.15
CA ASN A 98 13.85 15.75 -8.54
C ASN A 98 14.09 14.55 -9.45
N VAL A 99 14.92 13.62 -9.00
CA VAL A 99 15.24 12.43 -9.78
C VAL A 99 14.07 11.46 -9.76
N ALA A 100 13.34 11.44 -8.65
CA ALA A 100 12.21 10.54 -8.49
C ALA A 100 10.93 11.19 -9.02
N ALA A 101 11.08 12.38 -9.58
CA ALA A 101 9.98 13.17 -10.13
C ALA A 101 9.05 13.69 -9.03
N ILE A 102 9.10 14.99 -8.81
CA ILE A 102 8.26 15.61 -7.80
C ILE A 102 6.86 15.85 -8.36
N ILE A 103 6.07 14.80 -8.36
CA ILE A 103 4.75 14.83 -8.94
C ILE A 103 3.74 15.43 -7.96
N GLN A 104 3.73 16.76 -7.88
CA GLN A 104 2.80 17.48 -7.03
C GLN A 104 1.73 18.17 -7.87
N ASP A 105 2.07 18.50 -9.09
CA ASP A 105 1.18 19.27 -9.96
C ASP A 105 0.37 18.34 -10.88
N ILE A 106 1.04 17.61 -11.75
CA ILE A 106 0.36 16.77 -12.71
C ILE A 106 0.10 15.38 -12.14
N HIS A 107 -1.12 15.17 -11.65
CA HIS A 107 -1.52 13.85 -11.15
C HIS A 107 -2.38 13.14 -12.18
N SER A 108 -2.75 13.87 -13.22
CA SER A 108 -3.53 13.30 -14.31
C SER A 108 -2.71 12.31 -15.12
N GLN A 109 -1.41 12.53 -15.14
CA GLN A 109 -0.48 11.69 -15.88
C GLN A 109 0.67 11.28 -14.97
N ARG A 110 1.61 10.54 -15.54
CA ARG A 110 2.85 10.24 -14.84
C ARG A 110 3.89 11.28 -15.20
N GLU A 111 4.21 12.13 -14.22
CA GLU A 111 5.11 13.26 -14.42
C GLU A 111 4.45 14.33 -15.30
N ARG A 112 5.09 15.48 -15.40
CA ARG A 112 4.57 16.57 -16.20
C ARG A 112 5.00 16.43 -17.65
N GLY A 1 14.18 12.58 -6.25
CA GLY A 1 13.37 11.38 -6.56
C GLY A 1 12.06 11.35 -5.79
N ALA A 2 11.00 10.92 -6.45
CA ALA A 2 9.70 10.80 -5.80
C ALA A 2 8.87 9.74 -6.53
N MET A 3 9.04 8.50 -6.13
CA MET A 3 8.40 7.37 -6.81
C MET A 3 6.97 7.14 -6.32
N ALA A 4 6.20 8.22 -6.26
CA ALA A 4 4.82 8.14 -5.80
C ALA A 4 3.91 8.97 -6.68
N GLN A 5 2.77 8.39 -7.03
CA GLN A 5 1.77 9.07 -7.85
C GLN A 5 1.11 10.19 -7.09
N ARG A 6 0.91 9.95 -5.79
CA ARG A 6 0.13 10.84 -4.93
C ARG A 6 -1.33 10.86 -5.40
N LYS A 7 -1.57 11.60 -6.49
CA LYS A 7 -2.90 11.67 -7.13
C LYS A 7 -4.02 11.83 -6.12
N GLY A 8 -4.68 10.73 -5.80
CA GLY A 8 -5.83 10.79 -4.93
C GLY A 8 -5.46 11.21 -3.53
N ALA A 9 -4.25 10.83 -3.10
CA ALA A 9 -3.78 11.14 -1.75
C ALA A 9 -2.43 10.48 -1.47
N GLY A 10 -2.28 9.26 -1.94
CA GLY A 10 -1.11 8.49 -1.57
C GLY A 10 -1.16 8.12 -0.10
N ARG A 11 -2.16 7.34 0.27
CA ARG A 11 -2.36 6.95 1.66
C ARG A 11 -1.77 5.58 1.92
N VAL A 12 -1.54 5.28 3.19
CA VAL A 12 -0.91 4.03 3.58
C VAL A 12 -1.89 3.12 4.31
N VAL A 13 -1.90 1.88 3.91
CA VAL A 13 -2.65 0.83 4.57
C VAL A 13 -1.68 -0.09 5.31
N HIS A 14 -2.00 -0.43 6.55
CA HIS A 14 -1.12 -1.29 7.33
C HIS A 14 -1.70 -2.70 7.40
N ILE A 15 -0.85 -3.67 7.22
CA ILE A 15 -1.26 -5.06 7.28
C ILE A 15 -0.67 -5.73 8.50
N CYS A 16 -1.54 -6.31 9.31
CA CYS A 16 -1.13 -6.97 10.54
C CYS A 16 -1.47 -8.45 10.48
N ASN A 17 -1.08 -9.18 11.53
CA ASN A 17 -1.27 -10.63 11.60
C ASN A 17 -0.36 -11.34 10.60
N LEU A 18 0.76 -10.69 10.28
CA LEU A 18 1.68 -11.22 9.29
C LEU A 18 2.60 -12.27 9.87
N PRO A 19 2.58 -13.50 9.31
CA PRO A 19 3.50 -14.57 9.70
C PRO A 19 4.93 -14.27 9.27
N GLU A 20 5.86 -14.46 10.19
CA GLU A 20 7.27 -14.17 9.95
C GLU A 20 7.84 -15.12 8.90
N GLY A 21 8.41 -14.54 7.85
CA GLY A 21 9.10 -15.34 6.84
C GLY A 21 8.17 -16.14 5.95
N SER A 22 6.87 -15.94 6.09
CA SER A 22 5.91 -16.67 5.29
C SER A 22 5.32 -15.78 4.20
N CYS A 23 5.13 -14.50 4.52
CA CYS A 23 4.66 -13.54 3.54
C CYS A 23 5.83 -12.98 2.76
N THR A 24 5.62 -12.76 1.47
CA THR A 24 6.66 -12.20 0.62
C THR A 24 6.35 -10.74 0.31
N GLU A 25 7.30 -10.03 -0.28
CA GLU A 25 7.04 -8.65 -0.69
C GLU A 25 5.83 -8.60 -1.62
N ASN A 26 5.79 -9.55 -2.54
CA ASN A 26 4.75 -9.57 -3.56
C ASN A 26 3.38 -9.82 -2.95
N ASP A 27 3.28 -10.77 -2.02
CA ASP A 27 1.99 -11.12 -1.43
C ASP A 27 1.33 -9.92 -0.79
N VAL A 28 2.11 -9.19 0.00
CA VAL A 28 1.60 -8.03 0.74
C VAL A 28 1.10 -6.96 -0.23
N ILE A 29 1.89 -6.69 -1.26
CA ILE A 29 1.52 -5.69 -2.27
C ILE A 29 0.33 -6.18 -3.09
N ASN A 30 0.37 -7.44 -3.50
CA ASN A 30 -0.68 -8.02 -4.33
C ASN A 30 -2.02 -8.04 -3.63
N LEU A 31 -2.02 -8.09 -2.30
CA LEU A 31 -3.27 -8.10 -1.54
C LEU A 31 -4.00 -6.77 -1.67
N GLY A 32 -3.27 -5.67 -1.68
CA GLY A 32 -3.90 -4.36 -1.76
C GLY A 32 -4.42 -4.04 -3.14
N LEU A 33 -3.65 -4.44 -4.15
CA LEU A 33 -3.94 -4.08 -5.54
C LEU A 33 -5.39 -4.32 -6.00
N PRO A 34 -6.01 -5.50 -5.71
CA PRO A 34 -7.34 -5.84 -6.25
C PRO A 34 -8.41 -4.75 -6.07
N PHE A 35 -8.36 -4.00 -4.98
CA PHE A 35 -9.35 -2.94 -4.80
C PHE A 35 -8.76 -1.54 -4.89
N GLY A 36 -7.44 -1.44 -4.75
CA GLY A 36 -6.77 -0.16 -4.89
C GLY A 36 -5.35 -0.30 -5.43
N LYS A 37 -4.96 0.65 -6.29
CA LYS A 37 -3.63 0.62 -6.90
C LYS A 37 -2.54 1.03 -5.90
N VAL A 38 -1.45 0.27 -5.90
CA VAL A 38 -0.32 0.53 -5.05
C VAL A 38 0.70 1.43 -5.73
N THR A 39 1.20 2.40 -4.99
CA THR A 39 2.24 3.29 -5.47
C THR A 39 3.60 2.95 -4.86
N ASN A 40 3.60 2.57 -3.59
CA ASN A 40 4.82 2.29 -2.85
C ASN A 40 4.56 1.24 -1.79
N TYR A 41 5.62 0.68 -1.23
CA TYR A 41 5.49 -0.23 -0.11
C TYR A 41 6.69 -0.10 0.82
N ILE A 42 6.47 -0.33 2.11
CA ILE A 42 7.56 -0.37 3.08
C ILE A 42 7.33 -1.55 4.03
N LEU A 43 8.33 -2.38 4.17
CA LEU A 43 8.21 -3.58 4.96
C LEU A 43 9.02 -3.49 6.24
N MET A 44 8.33 -3.40 7.36
CA MET A 44 9.00 -3.39 8.64
C MET A 44 9.00 -4.81 9.19
N LYS A 45 9.98 -5.58 8.77
CA LYS A 45 10.12 -6.96 9.19
C LYS A 45 10.51 -7.01 10.67
N SER A 46 11.21 -5.97 11.10
CA SER A 46 11.63 -5.83 12.48
C SER A 46 10.44 -5.73 13.44
N THR A 47 9.34 -5.14 12.97
CA THR A 47 8.17 -4.96 13.81
C THR A 47 7.09 -5.95 13.41
N ASN A 48 7.42 -6.83 12.46
CA ASN A 48 6.48 -7.80 11.89
C ASN A 48 5.25 -7.12 11.34
N GLN A 49 5.47 -6.00 10.66
CA GLN A 49 4.38 -5.18 10.16
C GLN A 49 4.69 -4.70 8.74
N ALA A 50 3.64 -4.50 7.95
CA ALA A 50 3.83 -4.07 6.58
C ALA A 50 2.95 -2.87 6.26
N PHE A 51 3.48 -1.97 5.45
CA PHE A 51 2.77 -0.77 5.05
C PHE A 51 2.72 -0.66 3.53
N LEU A 52 1.54 -0.38 3.00
CA LEU A 52 1.33 -0.33 1.56
C LEU A 52 0.69 1.01 1.18
N GLU A 53 1.15 1.60 0.07
CA GLU A 53 0.69 2.92 -0.35
C GLU A 53 -0.23 2.82 -1.56
N MET A 54 -1.30 3.60 -1.57
CA MET A 54 -2.27 3.55 -2.66
C MET A 54 -2.34 4.87 -3.41
N ALA A 55 -2.51 4.76 -4.73
CA ALA A 55 -2.52 5.91 -5.64
C ALA A 55 -3.72 6.82 -5.41
N TYR A 56 -4.77 6.28 -4.84
CA TYR A 56 -5.97 7.06 -4.59
C TYR A 56 -6.47 6.80 -3.18
N THR A 57 -7.05 7.83 -2.58
CA THR A 57 -7.58 7.71 -1.23
C THR A 57 -8.76 6.73 -1.21
N GLU A 58 -9.60 6.79 -2.24
CA GLU A 58 -10.71 5.85 -2.34
C GLU A 58 -10.20 4.45 -2.60
N ALA A 59 -9.07 4.35 -3.30
CA ALA A 59 -8.46 3.05 -3.57
C ALA A 59 -8.05 2.38 -2.26
N ALA A 60 -7.44 3.16 -1.37
CA ALA A 60 -7.03 2.67 -0.07
C ALA A 60 -8.24 2.33 0.80
N GLN A 61 -9.20 3.25 0.85
CA GLN A 61 -10.37 3.08 1.70
C GLN A 61 -11.26 1.93 1.22
N ALA A 62 -11.52 1.88 -0.08
CA ALA A 62 -12.42 0.88 -0.65
C ALA A 62 -11.88 -0.53 -0.42
N MET A 63 -10.58 -0.70 -0.56
CA MET A 63 -9.97 -2.01 -0.36
C MET A 63 -10.09 -2.40 1.10
N VAL A 64 -9.81 -1.45 1.98
CA VAL A 64 -9.86 -1.69 3.40
C VAL A 64 -11.29 -1.97 3.87
N GLN A 65 -12.25 -1.28 3.28
CA GLN A 65 -13.65 -1.55 3.59
C GLN A 65 -13.98 -3.00 3.27
N TYR A 66 -13.38 -3.51 2.21
CA TYR A 66 -13.50 -4.91 1.87
C TYR A 66 -12.77 -5.78 2.90
N TYR A 67 -11.51 -5.45 3.18
CA TYR A 67 -10.66 -6.28 4.02
C TYR A 67 -10.99 -6.18 5.51
N GLN A 68 -11.71 -5.14 5.89
CA GLN A 68 -12.21 -5.03 7.26
C GLN A 68 -13.37 -5.98 7.48
N GLU A 69 -14.12 -6.27 6.41
CA GLU A 69 -15.24 -7.19 6.50
C GLU A 69 -14.86 -8.59 6.00
N LYS A 70 -14.09 -8.63 4.92
CA LYS A 70 -13.62 -9.88 4.34
C LYS A 70 -12.12 -9.81 4.09
N PRO A 71 -11.32 -10.02 5.13
CA PRO A 71 -9.86 -9.88 5.09
C PRO A 71 -9.19 -10.98 4.26
N ALA A 72 -7.97 -10.72 3.81
CA ALA A 72 -7.29 -11.61 2.87
C ALA A 72 -6.42 -12.62 3.61
N ILE A 73 -6.26 -13.79 3.03
CA ILE A 73 -5.55 -14.88 3.68
C ILE A 73 -4.24 -15.20 2.95
N ILE A 74 -3.16 -15.29 3.71
CA ILE A 74 -1.88 -15.73 3.16
C ILE A 74 -1.38 -16.96 3.92
N ASN A 75 -1.25 -18.07 3.19
CA ASN A 75 -0.71 -19.32 3.74
C ASN A 75 -1.47 -19.75 5.00
N GLY A 76 -2.79 -19.61 4.95
CA GLY A 76 -3.62 -20.04 6.07
C GLY A 76 -3.78 -18.98 7.13
N GLU A 77 -3.14 -17.84 6.95
CA GLU A 77 -3.25 -16.75 7.93
C GLU A 77 -4.19 -15.68 7.42
N LYS A 78 -5.19 -15.35 8.23
CA LYS A 78 -6.11 -14.27 7.88
C LYS A 78 -5.49 -12.93 8.23
N LEU A 79 -5.09 -12.18 7.22
CA LEU A 79 -4.47 -10.90 7.42
C LEU A 79 -5.51 -9.81 7.50
N LEU A 80 -5.42 -9.00 8.53
CA LEU A 80 -6.28 -7.85 8.61
C LEU A 80 -5.64 -6.69 7.88
N ILE A 81 -6.21 -6.34 6.74
CA ILE A 81 -5.73 -5.21 5.97
C ILE A 81 -6.60 -4.01 6.29
N ARG A 82 -5.99 -2.99 6.89
CA ARG A 82 -6.77 -1.84 7.32
C ARG A 82 -5.97 -0.54 7.26
N MET A 83 -6.69 0.58 7.35
CA MET A 83 -6.11 1.90 7.16
C MET A 83 -5.03 2.17 8.21
N SER A 84 -3.90 2.69 7.77
CA SER A 84 -2.81 2.98 8.68
C SER A 84 -2.98 4.38 9.27
N THR A 85 -2.95 4.46 10.58
CA THR A 85 -3.00 5.74 11.26
C THR A 85 -1.60 6.15 11.68
N ARG A 86 -0.65 5.24 11.50
CA ARG A 86 0.74 5.49 11.86
C ARG A 86 1.50 6.16 10.71
N TYR A 87 1.23 5.72 9.50
CA TYR A 87 1.88 6.31 8.33
C TYR A 87 0.85 6.94 7.40
N LYS A 88 1.16 8.16 6.97
CA LYS A 88 0.33 8.87 6.01
C LYS A 88 0.80 8.60 4.59
N GLU A 89 2.11 8.48 4.44
CA GLU A 89 2.73 8.29 3.13
C GLU A 89 4.01 7.46 3.26
N LEU A 90 4.26 6.63 2.27
CA LEU A 90 5.50 5.88 2.19
C LEU A 90 6.49 6.64 1.32
N GLN A 91 6.11 6.81 0.07
CA GLN A 91 6.92 7.45 -0.98
C GLN A 91 8.39 7.02 -0.91
N LEU A 92 8.70 5.91 -1.58
CA LEU A 92 10.07 5.40 -1.57
C LEU A 92 11.01 6.41 -2.20
N LYS A 93 12.25 6.44 -1.70
CA LYS A 93 13.20 7.49 -2.03
C LYS A 93 12.62 8.84 -1.60
N LYS A 94 12.29 8.91 -0.31
CA LYS A 94 11.57 10.06 0.24
C LYS A 94 12.28 11.37 -0.04
N PRO A 95 11.62 12.25 -0.79
CA PRO A 95 12.15 13.57 -1.10
C PRO A 95 12.03 14.52 0.08
N GLY A 96 13.08 14.59 0.88
CA GLY A 96 13.09 15.46 2.04
C GLY A 96 13.13 16.92 1.66
N LYS A 97 11.95 17.47 1.33
CA LYS A 97 11.82 18.87 0.93
C LYS A 97 12.61 19.15 -0.34
N ASN A 98 12.73 18.14 -1.20
CA ASN A 98 13.49 18.28 -2.44
C ASN A 98 12.98 17.31 -3.49
N VAL A 99 12.14 17.80 -4.38
CA VAL A 99 11.72 17.03 -5.54
C VAL A 99 12.11 17.78 -6.80
N ALA A 100 11.30 18.78 -7.11
CA ALA A 100 11.53 19.68 -8.22
C ALA A 100 10.83 20.99 -7.91
N ALA A 101 9.55 20.87 -7.63
CA ALA A 101 8.72 21.97 -7.18
C ALA A 101 7.52 21.42 -6.46
N ILE A 102 7.52 21.50 -5.14
CA ILE A 102 6.49 20.88 -4.33
C ILE A 102 5.13 21.51 -4.58
N ILE A 103 4.32 20.81 -5.34
CA ILE A 103 2.98 21.26 -5.69
C ILE A 103 1.96 20.26 -5.19
N GLN A 104 1.53 20.44 -3.94
CA GLN A 104 0.55 19.55 -3.34
C GLN A 104 -0.86 19.98 -3.70
N ASP A 105 -1.00 21.22 -4.15
CA ASP A 105 -2.29 21.75 -4.58
C ASP A 105 -2.79 21.02 -5.82
N ILE A 106 -1.86 20.65 -6.69
CA ILE A 106 -2.20 19.87 -7.86
C ILE A 106 -1.95 18.38 -7.56
N HIS A 107 -3.02 17.61 -7.56
CA HIS A 107 -2.95 16.20 -7.21
C HIS A 107 -2.43 15.36 -8.36
N SER A 108 -2.82 15.74 -9.57
CA SER A 108 -2.41 15.04 -10.77
C SER A 108 -1.07 15.57 -11.25
N GLN A 109 -0.62 15.06 -12.40
CA GLN A 109 0.62 15.51 -13.04
C GLN A 109 1.85 15.21 -12.18
N ARG A 110 3.00 15.60 -12.69
CA ARG A 110 4.26 15.44 -11.98
C ARG A 110 4.93 16.78 -11.81
N GLU A 111 5.65 16.94 -10.71
CA GLU A 111 6.36 18.17 -10.42
C GLU A 111 7.65 18.23 -11.24
N ARG A 112 7.78 19.27 -12.05
CA ARG A 112 8.94 19.42 -12.91
C ARG A 112 9.67 20.71 -12.60
N GLY A 1 10.17 14.94 -8.41
CA GLY A 1 10.16 13.83 -7.45
C GLY A 1 8.76 13.41 -7.05
N ALA A 2 7.94 13.07 -8.04
CA ALA A 2 6.58 12.65 -7.79
C ALA A 2 6.13 11.60 -8.81
N MET A 3 6.32 10.34 -8.46
CA MET A 3 5.89 9.24 -9.32
C MET A 3 4.60 8.64 -8.80
N ALA A 4 4.33 8.90 -7.53
CA ALA A 4 3.18 8.32 -6.86
C ALA A 4 2.40 9.40 -6.13
N GLN A 5 1.41 8.98 -5.34
CA GLN A 5 0.64 9.90 -4.50
C GLN A 5 -0.07 10.95 -5.34
N ARG A 6 -0.58 10.52 -6.50
CA ARG A 6 -1.16 11.42 -7.50
C ARG A 6 -2.26 12.31 -6.91
N LYS A 7 -3.15 11.70 -6.14
CA LYS A 7 -4.28 12.44 -5.60
C LYS A 7 -3.88 13.32 -4.42
N GLY A 8 -2.66 13.15 -3.93
CA GLY A 8 -2.19 13.93 -2.79
C GLY A 8 -2.83 13.50 -1.47
N ALA A 9 -4.02 12.94 -1.58
CA ALA A 9 -4.77 12.47 -0.42
C ALA A 9 -4.59 10.98 -0.24
N GLY A 10 -3.88 10.37 -1.18
CA GLY A 10 -3.59 8.95 -1.12
C GLY A 10 -3.08 8.52 0.24
N ARG A 11 -3.63 7.44 0.76
CA ARG A 11 -3.33 7.00 2.12
C ARG A 11 -2.58 5.69 2.13
N VAL A 12 -1.98 5.40 3.27
CA VAL A 12 -1.26 4.16 3.48
C VAL A 12 -2.12 3.16 4.21
N VAL A 13 -2.12 1.93 3.73
CA VAL A 13 -2.80 0.83 4.40
C VAL A 13 -1.75 0.00 5.13
N HIS A 14 -2.04 -0.35 6.37
CA HIS A 14 -1.11 -1.14 7.15
C HIS A 14 -1.65 -2.56 7.29
N ILE A 15 -0.81 -3.52 6.98
CA ILE A 15 -1.19 -4.92 7.06
C ILE A 15 -0.49 -5.56 8.24
N CYS A 16 -1.27 -6.24 9.07
CA CYS A 16 -0.77 -6.81 10.30
C CYS A 16 -1.00 -8.31 10.34
N ASN A 17 -0.47 -8.96 11.38
CA ASN A 17 -0.63 -10.40 11.59
C ASN A 17 0.10 -11.18 10.50
N LEU A 18 1.22 -10.62 10.06
CA LEU A 18 2.01 -11.21 8.98
C LEU A 18 3.05 -12.18 9.53
N PRO A 19 3.01 -13.46 9.11
CA PRO A 19 4.06 -14.42 9.43
C PRO A 19 5.35 -14.12 8.68
N GLU A 20 6.46 -14.12 9.41
CA GLU A 20 7.76 -13.95 8.79
C GLU A 20 8.13 -15.17 7.97
N GLY A 21 8.74 -14.94 6.82
CA GLY A 21 9.21 -16.02 5.98
C GLY A 21 8.12 -16.59 5.08
N SER A 22 6.85 -16.33 5.41
CA SER A 22 5.76 -16.84 4.59
C SER A 22 5.15 -15.73 3.75
N CYS A 23 5.07 -14.53 4.31
CA CYS A 23 4.63 -13.38 3.55
C CYS A 23 5.80 -12.72 2.84
N THR A 24 5.68 -12.56 1.53
CA THR A 24 6.72 -11.93 0.76
C THR A 24 6.27 -10.55 0.30
N GLU A 25 7.18 -9.79 -0.28
CA GLU A 25 6.86 -8.45 -0.79
C GLU A 25 5.66 -8.52 -1.72
N ASN A 26 5.70 -9.49 -2.63
CA ASN A 26 4.66 -9.66 -3.64
C ASN A 26 3.30 -9.90 -3.00
N ASP A 27 3.26 -10.75 -1.97
CA ASP A 27 2.00 -11.13 -1.36
C ASP A 27 1.27 -9.93 -0.78
N VAL A 28 2.01 -9.12 -0.03
CA VAL A 28 1.45 -7.96 0.64
C VAL A 28 0.97 -6.92 -0.38
N ILE A 29 1.79 -6.69 -1.40
CA ILE A 29 1.47 -5.74 -2.45
C ILE A 29 0.28 -6.22 -3.28
N ASN A 30 0.30 -7.51 -3.61
CA ASN A 30 -0.75 -8.13 -4.42
C ASN A 30 -2.10 -8.10 -3.70
N LEU A 31 -2.08 -8.12 -2.37
CA LEU A 31 -3.32 -8.12 -1.60
C LEU A 31 -4.01 -6.78 -1.60
N GLY A 32 -3.26 -5.70 -1.72
CA GLY A 32 -3.87 -4.39 -1.78
C GLY A 32 -4.43 -4.08 -3.15
N LEU A 33 -3.74 -4.57 -4.16
CA LEU A 33 -4.07 -4.27 -5.55
C LEU A 33 -5.51 -4.64 -6.00
N PRO A 34 -6.14 -5.74 -5.52
CA PRO A 34 -7.47 -6.13 -6.02
C PRO A 34 -8.55 -5.04 -5.91
N PHE A 35 -8.51 -4.23 -4.87
CA PHE A 35 -9.50 -3.16 -4.73
C PHE A 35 -8.91 -1.75 -4.90
N GLY A 36 -7.59 -1.64 -4.76
CA GLY A 36 -6.94 -0.36 -4.94
C GLY A 36 -5.69 -0.42 -5.79
N LYS A 37 -4.86 0.60 -5.71
CA LYS A 37 -3.62 0.66 -6.49
C LYS A 37 -2.43 0.96 -5.58
N VAL A 38 -1.41 0.13 -5.67
CA VAL A 38 -0.21 0.31 -4.88
C VAL A 38 0.81 1.16 -5.61
N THR A 39 1.33 2.16 -4.92
CA THR A 39 2.37 3.01 -5.47
C THR A 39 3.72 2.72 -4.82
N ASN A 40 3.69 2.50 -3.53
CA ASN A 40 4.89 2.31 -2.72
C ASN A 40 4.61 1.33 -1.59
N TYR A 41 5.65 0.83 -0.96
CA TYR A 41 5.47 -0.06 0.18
C TYR A 41 6.66 -0.01 1.12
N ILE A 42 6.39 -0.21 2.40
CA ILE A 42 7.42 -0.28 3.41
C ILE A 42 7.20 -1.53 4.25
N LEU A 43 8.21 -2.37 4.31
CA LEU A 43 8.09 -3.66 4.97
C LEU A 43 8.92 -3.71 6.24
N MET A 44 8.25 -3.81 7.38
CA MET A 44 8.94 -3.96 8.65
C MET A 44 8.74 -5.37 9.16
N LYS A 45 9.58 -6.29 8.70
CA LYS A 45 9.46 -7.68 9.06
C LYS A 45 9.80 -7.90 10.54
N SER A 46 10.68 -7.07 11.06
CA SER A 46 11.10 -7.17 12.45
C SER A 46 9.91 -6.98 13.41
N THR A 47 8.93 -6.20 12.98
CA THR A 47 7.75 -5.96 13.80
C THR A 47 6.53 -6.67 13.25
N ASN A 48 6.74 -7.53 12.25
CA ASN A 48 5.67 -8.28 11.60
C ASN A 48 4.60 -7.36 11.04
N GLN A 49 5.02 -6.26 10.43
CA GLN A 49 4.08 -5.26 9.96
C GLN A 49 4.45 -4.79 8.56
N ALA A 50 3.45 -4.42 7.78
CA ALA A 50 3.68 -3.95 6.42
C ALA A 50 2.86 -2.70 6.14
N PHE A 51 3.43 -1.81 5.35
CA PHE A 51 2.77 -0.57 4.97
C PHE A 51 2.68 -0.47 3.46
N LEU A 52 1.47 -0.25 2.96
CA LEU A 52 1.22 -0.26 1.54
C LEU A 52 0.58 1.06 1.12
N GLU A 53 1.12 1.70 0.08
CA GLU A 53 0.64 3.02 -0.35
C GLU A 53 -0.28 2.92 -1.55
N MET A 54 -1.33 3.70 -1.54
CA MET A 54 -2.29 3.72 -2.63
C MET A 54 -2.27 5.07 -3.35
N ALA A 55 -2.27 5.00 -4.68
CA ALA A 55 -2.23 6.19 -5.54
C ALA A 55 -3.44 7.07 -5.30
N TYR A 56 -4.53 6.44 -4.92
CA TYR A 56 -5.79 7.11 -4.71
C TYR A 56 -6.28 6.79 -3.30
N THR A 57 -6.70 7.80 -2.57
CA THR A 57 -7.21 7.61 -1.22
C THR A 57 -8.48 6.75 -1.24
N GLU A 58 -9.24 6.87 -2.32
CA GLU A 58 -10.44 6.04 -2.49
C GLU A 58 -10.07 4.59 -2.68
N ALA A 59 -8.92 4.36 -3.30
CA ALA A 59 -8.43 3.00 -3.51
C ALA A 59 -8.10 2.35 -2.19
N ALA A 60 -7.45 3.11 -1.32
CA ALA A 60 -7.06 2.62 0.00
C ALA A 60 -8.28 2.37 0.87
N GLN A 61 -9.19 3.33 0.89
CA GLN A 61 -10.38 3.24 1.72
C GLN A 61 -11.29 2.10 1.25
N ALA A 62 -11.51 2.02 -0.06
CA ALA A 62 -12.43 1.04 -0.62
C ALA A 62 -11.91 -0.39 -0.44
N MET A 63 -10.61 -0.56 -0.57
CA MET A 63 -10.02 -1.89 -0.41
C MET A 63 -10.14 -2.33 1.04
N VAL A 64 -9.84 -1.43 1.96
CA VAL A 64 -9.88 -1.72 3.37
C VAL A 64 -11.30 -2.01 3.85
N GLN A 65 -12.28 -1.31 3.27
CA GLN A 65 -13.67 -1.57 3.60
C GLN A 65 -14.00 -3.03 3.31
N TYR A 66 -13.43 -3.53 2.21
CA TYR A 66 -13.54 -4.95 1.90
C TYR A 66 -12.72 -5.80 2.88
N TYR A 67 -11.47 -5.44 3.10
CA TYR A 67 -10.55 -6.29 3.85
C TYR A 67 -10.79 -6.26 5.36
N GLN A 68 -11.50 -5.28 5.86
CA GLN A 68 -11.87 -5.29 7.27
C GLN A 68 -13.01 -6.26 7.52
N GLU A 69 -13.89 -6.39 6.53
CA GLU A 69 -15.05 -7.26 6.66
C GLU A 69 -14.77 -8.64 6.05
N LYS A 70 -14.05 -8.65 4.94
CA LYS A 70 -13.65 -9.88 4.26
C LYS A 70 -12.15 -9.87 3.99
N PRO A 71 -11.33 -10.10 5.03
CA PRO A 71 -9.87 -10.00 4.94
C PRO A 71 -9.24 -11.11 4.11
N ALA A 72 -8.03 -10.85 3.63
CA ALA A 72 -7.33 -11.77 2.73
C ALA A 72 -6.44 -12.73 3.51
N ILE A 73 -6.21 -13.90 2.94
CA ILE A 73 -5.51 -14.97 3.65
C ILE A 73 -4.18 -15.30 2.99
N ILE A 74 -3.13 -15.41 3.82
CA ILE A 74 -1.83 -15.88 3.35
C ILE A 74 -1.40 -17.11 4.16
N ASN A 75 -1.27 -18.24 3.47
CA ASN A 75 -0.86 -19.52 4.10
C ASN A 75 -1.72 -19.84 5.32
N GLY A 76 -3.02 -19.67 5.19
CA GLY A 76 -3.92 -20.04 6.26
C GLY A 76 -4.07 -18.96 7.32
N GLU A 77 -3.39 -17.84 7.14
CA GLU A 77 -3.49 -16.74 8.07
C GLU A 77 -4.38 -15.65 7.49
N LYS A 78 -5.38 -15.24 8.26
CA LYS A 78 -6.27 -14.16 7.84
C LYS A 78 -5.66 -12.82 8.19
N LEU A 79 -5.18 -12.10 7.20
CA LEU A 79 -4.55 -10.82 7.43
C LEU A 79 -5.58 -9.74 7.55
N LEU A 80 -5.49 -8.96 8.61
CA LEU A 80 -6.32 -7.79 8.70
C LEU A 80 -5.65 -6.67 7.95
N ILE A 81 -6.19 -6.35 6.80
CA ILE A 81 -5.69 -5.25 5.99
C ILE A 81 -6.52 -4.02 6.30
N ARG A 82 -5.89 -3.01 6.88
CA ARG A 82 -6.63 -1.86 7.40
C ARG A 82 -5.83 -0.57 7.29
N MET A 83 -6.53 0.55 7.44
CA MET A 83 -5.97 1.87 7.23
C MET A 83 -4.83 2.14 8.22
N SER A 84 -3.80 2.83 7.78
CA SER A 84 -2.70 3.20 8.65
C SER A 84 -3.01 4.52 9.35
N THR A 85 -2.74 4.57 10.65
CA THR A 85 -2.87 5.78 11.42
C THR A 85 -1.50 6.43 11.59
N ARG A 86 -0.45 5.64 11.36
CA ARG A 86 0.91 6.10 11.56
C ARG A 86 1.44 6.82 10.33
N TYR A 87 1.13 6.30 9.16
CA TYR A 87 1.61 6.90 7.92
C TYR A 87 0.48 7.46 7.10
N LYS A 88 0.69 8.68 6.61
CA LYS A 88 -0.23 9.31 5.69
C LYS A 88 0.16 8.98 4.26
N GLU A 89 1.47 8.89 4.03
CA GLU A 89 2.03 8.59 2.72
C GLU A 89 3.39 7.92 2.89
N LEU A 90 3.74 7.05 1.96
CA LEU A 90 5.06 6.43 1.96
C LEU A 90 6.00 7.22 1.07
N GLN A 91 6.87 7.99 1.68
CA GLN A 91 7.73 8.90 0.93
C GLN A 91 8.95 8.16 0.38
N LEU A 92 8.70 7.27 -0.58
CA LEU A 92 9.78 6.49 -1.18
C LEU A 92 10.20 7.12 -2.51
N LYS A 93 10.26 8.44 -2.50
CA LYS A 93 10.71 9.19 -3.64
C LYS A 93 11.24 10.53 -3.15
N LYS A 94 12.20 10.45 -2.24
CA LYS A 94 12.79 11.61 -1.62
C LYS A 94 13.63 12.39 -2.63
N PRO A 95 13.16 13.59 -3.02
CA PRO A 95 13.83 14.42 -4.01
C PRO A 95 15.10 15.06 -3.46
N GLY A 96 14.94 15.96 -2.48
CA GLY A 96 16.08 16.69 -1.97
C GLY A 96 16.70 17.57 -3.05
N LYS A 97 15.85 18.10 -3.91
CA LYS A 97 16.29 18.90 -5.04
C LYS A 97 15.51 20.21 -5.11
N ASN A 98 16.23 21.32 -5.24
CA ASN A 98 15.61 22.63 -5.38
C ASN A 98 15.50 22.99 -6.85
N VAL A 99 16.32 22.34 -7.67
CA VAL A 99 16.25 22.51 -9.11
C VAL A 99 15.01 21.84 -9.67
N ALA A 100 14.73 20.67 -9.12
CA ALA A 100 13.58 19.88 -9.53
C ALA A 100 12.29 20.61 -9.21
N ALA A 101 11.61 21.04 -10.25
CA ALA A 101 10.34 21.73 -10.10
C ALA A 101 9.30 20.75 -9.59
N ILE A 102 9.03 20.83 -8.30
CA ILE A 102 8.09 19.94 -7.65
C ILE A 102 6.65 20.43 -7.85
N ILE A 103 6.13 20.17 -9.04
CA ILE A 103 4.76 20.53 -9.38
C ILE A 103 3.80 19.42 -8.94
N GLN A 104 3.40 19.45 -7.69
CA GLN A 104 2.51 18.43 -7.15
C GLN A 104 1.13 19.00 -6.83
N ASP A 105 0.94 20.29 -7.12
CA ASP A 105 -0.36 20.92 -6.94
C ASP A 105 -1.41 20.23 -7.80
N ILE A 106 -1.09 20.05 -9.08
CA ILE A 106 -1.93 19.30 -9.97
C ILE A 106 -1.83 17.81 -9.64
N HIS A 107 -2.97 17.12 -9.60
CA HIS A 107 -3.01 15.73 -9.20
C HIS A 107 -2.53 14.82 -10.32
N SER A 108 -2.24 15.42 -11.46
CA SER A 108 -1.58 14.73 -12.55
C SER A 108 -0.07 14.69 -12.25
N GLN A 109 0.37 15.59 -11.37
CA GLN A 109 1.78 15.70 -10.96
C GLN A 109 2.73 15.59 -12.15
N ARG A 110 2.72 16.64 -12.97
CA ARG A 110 3.62 16.72 -14.11
C ARG A 110 4.82 17.57 -13.74
N GLU A 111 5.65 17.03 -12.86
CA GLU A 111 6.79 17.77 -12.34
C GLU A 111 8.08 17.39 -13.06
N ARG A 112 9.16 18.07 -12.72
CA ARG A 112 10.47 17.76 -13.28
C ARG A 112 11.57 18.15 -12.30
N GLY A 1 10.95 6.14 -6.64
CA GLY A 1 9.99 5.52 -7.58
C GLY A 1 9.34 6.55 -8.47
N ALA A 2 8.94 6.13 -9.67
CA ALA A 2 8.40 7.04 -10.66
C ALA A 2 6.94 7.40 -10.39
N MET A 3 6.21 6.49 -9.76
CA MET A 3 4.80 6.71 -9.47
C MET A 3 4.52 6.53 -7.99
N ALA A 4 4.34 7.66 -7.30
CA ALA A 4 3.98 7.65 -5.89
C ALA A 4 3.08 8.83 -5.59
N GLN A 5 2.29 8.71 -4.52
CA GLN A 5 1.33 9.75 -4.13
C GLN A 5 0.20 9.85 -5.14
N ARG A 6 0.51 10.42 -6.32
CA ARG A 6 -0.44 10.56 -7.43
C ARG A 6 -1.57 11.52 -7.11
N LYS A 7 -2.35 11.21 -6.08
CA LYS A 7 -3.38 12.11 -5.61
C LYS A 7 -2.79 13.08 -4.60
N GLY A 8 -3.47 14.21 -4.39
CA GLY A 8 -2.95 15.25 -3.51
C GLY A 8 -3.16 14.93 -2.05
N ALA A 9 -3.27 13.64 -1.74
CA ALA A 9 -3.47 13.17 -0.39
C ALA A 9 -2.97 11.73 -0.27
N GLY A 10 -3.80 10.80 -0.73
CA GLY A 10 -3.44 9.39 -0.66
C GLY A 10 -3.54 8.84 0.74
N ARG A 11 -3.47 7.53 0.87
CA ARG A 11 -3.48 6.88 2.18
C ARG A 11 -2.62 5.63 2.18
N VAL A 12 -2.15 5.29 3.36
CA VAL A 12 -1.34 4.10 3.57
C VAL A 12 -2.13 3.06 4.34
N VAL A 13 -2.03 1.82 3.91
CA VAL A 13 -2.68 0.72 4.59
C VAL A 13 -1.67 -0.04 5.44
N HIS A 14 -2.06 -0.30 6.68
CA HIS A 14 -1.23 -1.05 7.60
C HIS A 14 -1.81 -2.44 7.77
N ILE A 15 -1.05 -3.44 7.39
CA ILE A 15 -1.56 -4.80 7.36
C ILE A 15 -1.08 -5.58 8.57
N CYS A 16 -2.03 -6.21 9.26
CA CYS A 16 -1.76 -6.89 10.50
C CYS A 16 -1.96 -8.39 10.35
N ASN A 17 -1.58 -9.13 11.38
CA ASN A 17 -1.73 -10.59 11.41
C ASN A 17 -0.84 -11.25 10.37
N LEU A 18 0.25 -10.59 10.04
CA LEU A 18 1.21 -11.10 9.09
C LEU A 18 2.15 -12.09 9.75
N PRO A 19 2.37 -13.25 9.13
CA PRO A 19 3.40 -14.19 9.58
C PRO A 19 4.80 -13.65 9.31
N GLU A 20 5.65 -13.74 10.33
CA GLU A 20 7.00 -13.21 10.24
C GLU A 20 7.85 -13.99 9.24
N GLY A 21 8.43 -13.28 8.28
CA GLY A 21 9.39 -13.89 7.36
C GLY A 21 8.74 -14.73 6.28
N SER A 22 7.50 -15.14 6.47
CA SER A 22 6.83 -15.99 5.51
C SER A 22 6.24 -15.15 4.37
N CYS A 23 5.81 -13.94 4.71
CA CYS A 23 5.26 -13.01 3.73
C CYS A 23 6.35 -12.53 2.80
N THR A 24 6.00 -12.34 1.54
CA THR A 24 6.93 -11.77 0.59
C THR A 24 6.53 -10.34 0.27
N GLU A 25 7.40 -9.61 -0.40
CA GLU A 25 7.06 -8.27 -0.82
C GLU A 25 5.87 -8.32 -1.78
N ASN A 26 5.88 -9.35 -2.62
CA ASN A 26 4.90 -9.49 -3.68
C ASN A 26 3.50 -9.77 -3.13
N ASP A 27 3.41 -10.66 -2.14
CA ASP A 27 2.10 -11.08 -1.61
C ASP A 27 1.35 -9.90 -1.02
N VAL A 28 2.03 -9.12 -0.21
CA VAL A 28 1.41 -8.00 0.48
C VAL A 28 0.90 -6.97 -0.53
N ILE A 29 1.69 -6.71 -1.55
CA ILE A 29 1.30 -5.78 -2.61
C ILE A 29 0.15 -6.35 -3.42
N ASN A 30 0.25 -7.64 -3.77
CA ASN A 30 -0.76 -8.33 -4.55
C ASN A 30 -2.10 -8.32 -3.84
N LEU A 31 -2.09 -8.30 -2.51
CA LEU A 31 -3.31 -8.26 -1.73
C LEU A 31 -3.98 -6.90 -1.76
N GLY A 32 -3.18 -5.84 -1.81
CA GLY A 32 -3.74 -4.51 -1.82
C GLY A 32 -4.34 -4.13 -3.17
N LEU A 33 -3.61 -4.49 -4.23
CA LEU A 33 -3.97 -4.11 -5.59
C LEU A 33 -5.45 -4.36 -5.97
N PRO A 34 -6.05 -5.53 -5.64
CA PRO A 34 -7.41 -5.89 -6.10
C PRO A 34 -8.47 -4.81 -5.93
N PHE A 35 -8.42 -3.99 -4.88
CA PHE A 35 -9.38 -2.91 -4.75
C PHE A 35 -8.73 -1.53 -4.87
N GLY A 36 -7.42 -1.46 -4.70
CA GLY A 36 -6.71 -0.21 -4.87
C GLY A 36 -5.30 -0.39 -5.40
N LYS A 37 -4.89 0.49 -6.29
CA LYS A 37 -3.55 0.41 -6.89
C LYS A 37 -2.47 0.90 -5.93
N VAL A 38 -1.40 0.13 -5.86
CA VAL A 38 -0.27 0.42 -5.00
C VAL A 38 0.81 1.17 -5.77
N THR A 39 1.36 2.20 -5.14
CA THR A 39 2.43 2.98 -5.74
C THR A 39 3.80 2.56 -5.20
N ASN A 40 3.84 2.31 -3.89
CA ASN A 40 5.08 1.91 -3.21
C ASN A 40 4.72 1.30 -1.87
N TYR A 41 5.70 0.70 -1.22
CA TYR A 41 5.44 -0.02 0.02
C TYR A 41 6.57 0.17 1.02
N ILE A 42 6.22 0.09 2.29
CA ILE A 42 7.21 -0.01 3.36
C ILE A 42 6.94 -1.28 4.14
N LEU A 43 7.92 -2.15 4.19
CA LEU A 43 7.76 -3.42 4.87
C LEU A 43 8.62 -3.46 6.10
N MET A 44 7.97 -3.46 7.26
CA MET A 44 8.68 -3.58 8.51
C MET A 44 8.43 -4.96 9.09
N LYS A 45 9.24 -5.92 8.64
CA LYS A 45 9.15 -7.29 9.11
C LYS A 45 9.51 -7.32 10.59
N SER A 46 10.35 -6.38 10.96
CA SER A 46 10.77 -6.18 12.35
C SER A 46 9.58 -5.91 13.28
N THR A 47 8.48 -5.41 12.73
CA THR A 47 7.30 -5.15 13.54
C THR A 47 6.21 -6.18 13.23
N ASN A 48 6.57 -7.12 12.37
CA ASN A 48 5.67 -8.16 11.88
C ASN A 48 4.42 -7.52 11.27
N GLN A 49 4.63 -6.44 10.52
CA GLN A 49 3.53 -5.66 9.95
C GLN A 49 3.96 -5.08 8.60
N ALA A 50 3.00 -4.62 7.81
CA ALA A 50 3.30 -4.08 6.50
C ALA A 50 2.60 -2.74 6.26
N PHE A 51 3.22 -1.89 5.46
CA PHE A 51 2.66 -0.61 5.07
C PHE A 51 2.60 -0.52 3.55
N LEU A 52 1.45 -0.17 3.02
CA LEU A 52 1.22 -0.19 1.58
C LEU A 52 0.58 1.13 1.13
N GLU A 53 1.11 1.74 0.09
CA GLU A 53 0.58 3.03 -0.41
C GLU A 53 -0.29 2.82 -1.62
N MET A 54 -1.40 3.53 -1.66
CA MET A 54 -2.29 3.46 -2.80
C MET A 54 -2.29 4.80 -3.55
N ALA A 55 -2.32 4.70 -4.88
CA ALA A 55 -2.27 5.86 -5.75
C ALA A 55 -3.47 6.78 -5.52
N TYR A 56 -4.50 6.21 -4.91
CA TYR A 56 -5.72 6.93 -4.62
C TYR A 56 -6.13 6.66 -3.19
N THR A 57 -6.56 7.71 -2.48
CA THR A 57 -7.06 7.54 -1.13
C THR A 57 -8.34 6.71 -1.15
N GLU A 58 -9.13 6.89 -2.21
CA GLU A 58 -10.32 6.10 -2.43
C GLU A 58 -9.97 4.64 -2.60
N ALA A 59 -8.86 4.39 -3.29
CA ALA A 59 -8.38 3.04 -3.53
C ALA A 59 -8.03 2.36 -2.20
N ALA A 60 -7.35 3.09 -1.33
CA ALA A 60 -6.95 2.56 -0.03
C ALA A 60 -8.15 2.30 0.86
N GLN A 61 -9.06 3.27 0.91
CA GLN A 61 -10.26 3.15 1.74
C GLN A 61 -11.15 2.00 1.24
N ALA A 62 -11.35 1.95 -0.07
CA ALA A 62 -12.24 0.97 -0.67
C ALA A 62 -11.77 -0.44 -0.41
N MET A 63 -10.47 -0.67 -0.51
CA MET A 63 -9.93 -2.01 -0.31
C MET A 63 -10.06 -2.42 1.15
N VAL A 64 -9.72 -1.51 2.04
CA VAL A 64 -9.70 -1.80 3.47
C VAL A 64 -11.10 -2.07 4.00
N GLN A 65 -12.08 -1.33 3.50
CA GLN A 65 -13.46 -1.56 3.90
C GLN A 65 -13.87 -2.98 3.55
N TYR A 66 -13.38 -3.46 2.41
CA TYR A 66 -13.59 -4.85 2.05
C TYR A 66 -12.80 -5.78 2.97
N TYR A 67 -11.52 -5.49 3.17
CA TYR A 67 -10.64 -6.40 3.92
C TYR A 67 -10.90 -6.38 5.43
N GLN A 68 -11.60 -5.37 5.91
CA GLN A 68 -11.97 -5.36 7.31
C GLN A 68 -13.17 -6.28 7.56
N GLU A 69 -13.99 -6.46 6.54
CA GLU A 69 -15.15 -7.36 6.64
C GLU A 69 -14.83 -8.72 6.02
N LYS A 70 -14.10 -8.71 4.92
CA LYS A 70 -13.65 -9.93 4.25
C LYS A 70 -12.16 -9.83 3.96
N PRO A 71 -11.34 -10.12 4.98
CA PRO A 71 -9.87 -9.93 4.92
C PRO A 71 -9.18 -10.91 3.99
N ALA A 72 -7.96 -10.55 3.57
CA ALA A 72 -7.21 -11.33 2.59
C ALA A 72 -6.30 -12.33 3.30
N ILE A 73 -5.98 -13.42 2.63
CA ILE A 73 -5.35 -14.56 3.28
C ILE A 73 -3.96 -14.86 2.73
N ILE A 74 -3.01 -15.06 3.64
CA ILE A 74 -1.68 -15.56 3.29
C ILE A 74 -1.35 -16.77 4.17
N ASN A 75 -0.94 -17.87 3.54
CA ASN A 75 -0.53 -19.09 4.25
C ASN A 75 -1.69 -19.62 5.11
N GLY A 76 -2.90 -19.45 4.62
CA GLY A 76 -4.07 -19.91 5.35
C GLY A 76 -4.41 -19.00 6.52
N GLU A 77 -3.70 -17.89 6.61
CA GLU A 77 -3.89 -16.94 7.69
C GLU A 77 -4.61 -15.70 7.16
N LYS A 78 -5.70 -15.33 7.83
CA LYS A 78 -6.48 -14.19 7.39
C LYS A 78 -5.89 -12.90 7.93
N LEU A 79 -5.35 -12.10 7.03
CA LEU A 79 -4.67 -10.86 7.40
C LEU A 79 -5.67 -9.77 7.62
N LEU A 80 -5.53 -9.03 8.69
CA LEU A 80 -6.35 -7.84 8.86
C LEU A 80 -5.68 -6.70 8.13
N ILE A 81 -6.28 -6.31 7.03
CA ILE A 81 -5.79 -5.19 6.26
C ILE A 81 -6.59 -3.95 6.65
N ARG A 82 -5.93 -2.98 7.25
CA ARG A 82 -6.62 -1.82 7.81
C ARG A 82 -5.92 -0.51 7.45
N MET A 83 -6.65 0.58 7.57
CA MET A 83 -6.14 1.92 7.29
C MET A 83 -5.07 2.27 8.31
N SER A 84 -3.94 2.80 7.84
CA SER A 84 -2.82 3.13 8.72
C SER A 84 -3.01 4.49 9.36
N THR A 85 -2.81 4.56 10.67
CA THR A 85 -2.83 5.82 11.37
C THR A 85 -1.40 6.32 11.60
N ARG A 86 -0.42 5.47 11.28
CA ARG A 86 0.99 5.81 11.46
C ARG A 86 1.48 6.64 10.29
N TYR A 87 1.04 6.28 9.09
CA TYR A 87 1.45 7.00 7.89
C TYR A 87 0.24 7.34 7.03
N LYS A 88 0.21 8.57 6.56
CA LYS A 88 -0.79 9.00 5.58
C LYS A 88 -0.26 8.69 4.19
N GLU A 89 1.05 8.86 4.02
CA GLU A 89 1.73 8.58 2.78
C GLU A 89 3.07 7.92 3.08
N LEU A 90 3.57 7.13 2.15
CA LEU A 90 4.86 6.48 2.34
C LEU A 90 5.96 7.33 1.75
N GLN A 91 6.71 7.96 2.63
CA GLN A 91 7.80 8.81 2.20
C GLN A 91 9.12 8.07 2.38
N LEU A 92 9.52 7.35 1.34
CA LEU A 92 10.79 6.64 1.32
C LEU A 92 11.94 7.64 1.19
N LYS A 93 12.15 8.43 2.25
CA LYS A 93 13.17 9.47 2.27
C LYS A 93 12.91 10.44 1.11
N LYS A 94 11.66 10.84 0.97
CA LYS A 94 11.23 11.69 -0.12
C LYS A 94 11.05 13.13 0.36
N PRO A 95 11.68 14.09 -0.32
CA PRO A 95 11.60 15.52 0.05
C PRO A 95 10.26 16.16 -0.32
N GLY A 96 9.18 15.52 0.12
CA GLY A 96 7.86 16.00 -0.20
C GLY A 96 6.94 14.86 -0.62
N LYS A 97 6.21 15.05 -1.69
CA LYS A 97 5.29 14.03 -2.17
C LYS A 97 5.80 13.39 -3.46
N ASN A 98 5.59 14.08 -4.58
CA ASN A 98 5.88 13.53 -5.89
C ASN A 98 7.30 13.89 -6.32
N VAL A 99 8.27 13.42 -5.54
CA VAL A 99 9.69 13.66 -5.79
C VAL A 99 10.05 15.14 -5.61
N ALA A 100 9.87 15.93 -6.67
CA ALA A 100 10.22 17.35 -6.62
C ALA A 100 8.97 18.20 -6.42
N ALA A 101 7.85 17.74 -6.97
CA ALA A 101 6.61 18.48 -6.86
C ALA A 101 5.79 17.98 -5.67
N ILE A 102 5.19 18.90 -4.93
CA ILE A 102 4.32 18.54 -3.84
C ILE A 102 2.87 18.78 -4.22
N ILE A 103 2.23 17.75 -4.75
CA ILE A 103 0.87 17.85 -5.22
C ILE A 103 -0.13 17.68 -4.08
N GLN A 104 -1.04 18.64 -3.96
CA GLN A 104 -2.05 18.61 -2.90
C GLN A 104 -3.43 18.88 -3.49
N ASP A 105 -3.55 20.00 -4.20
CA ASP A 105 -4.82 20.40 -4.80
C ASP A 105 -5.11 19.60 -6.06
N ILE A 106 -4.06 19.40 -6.85
CA ILE A 106 -4.18 18.64 -8.09
C ILE A 106 -4.27 17.16 -7.77
N HIS A 107 -4.82 16.38 -8.69
CA HIS A 107 -4.86 14.93 -8.54
C HIS A 107 -3.96 14.29 -9.59
N SER A 108 -4.26 13.04 -9.95
CA SER A 108 -3.46 12.32 -10.93
C SER A 108 -3.70 12.85 -12.34
N GLN A 109 -3.18 14.05 -12.61
CA GLN A 109 -3.37 14.69 -13.90
C GLN A 109 -2.05 15.27 -14.40
N ARG A 110 -1.47 16.16 -13.61
CA ARG A 110 -0.21 16.80 -14.00
C ARG A 110 0.89 16.46 -13.01
N GLU A 111 1.13 15.18 -12.78
CA GLU A 111 2.23 14.76 -11.94
C GLU A 111 3.54 14.81 -12.72
N ARG A 112 4.24 15.92 -12.63
CA ARG A 112 5.53 16.06 -13.27
C ARG A 112 6.59 16.38 -12.24
N GLY A 1 10.61 13.50 -0.38
CA GLY A 1 10.19 12.16 -0.86
C GLY A 1 8.94 12.21 -1.72
N ALA A 2 9.13 12.23 -3.03
CA ALA A 2 8.01 12.25 -3.95
C ALA A 2 7.83 10.88 -4.60
N MET A 3 8.02 9.84 -3.79
CA MET A 3 7.92 8.47 -4.27
C MET A 3 6.45 8.05 -4.41
N ALA A 4 5.57 8.73 -3.72
CA ALA A 4 4.16 8.42 -3.73
C ALA A 4 3.32 9.63 -4.06
N GLN A 5 2.03 9.56 -3.70
CA GLN A 5 1.08 10.65 -3.87
C GLN A 5 0.75 10.84 -5.34
N ARG A 6 -0.30 10.17 -5.77
CA ARG A 6 -0.78 10.30 -7.14
C ARG A 6 -1.99 11.20 -7.17
N LYS A 7 -2.92 10.97 -6.26
CA LYS A 7 -4.01 11.90 -6.02
C LYS A 7 -3.63 12.81 -4.85
N GLY A 8 -4.28 13.96 -4.77
CA GLY A 8 -3.96 14.93 -3.74
C GLY A 8 -4.48 14.54 -2.37
N ALA A 9 -4.00 13.40 -1.87
CA ALA A 9 -4.41 12.90 -0.57
C ALA A 9 -3.46 11.79 -0.13
N GLY A 10 -3.64 10.61 -0.70
CA GLY A 10 -2.79 9.48 -0.36
C GLY A 10 -3.11 8.90 0.99
N ARG A 11 -3.07 7.57 1.10
CA ARG A 11 -3.29 6.89 2.36
C ARG A 11 -2.48 5.62 2.43
N VAL A 12 -1.92 5.36 3.59
CA VAL A 12 -1.17 4.13 3.82
C VAL A 12 -2.06 3.09 4.47
N VAL A 13 -1.99 1.88 3.96
CA VAL A 13 -2.74 0.79 4.53
C VAL A 13 -1.81 -0.09 5.36
N HIS A 14 -2.26 -0.46 6.54
CA HIS A 14 -1.44 -1.22 7.46
C HIS A 14 -1.92 -2.67 7.50
N ILE A 15 -1.03 -3.57 7.11
CA ILE A 15 -1.35 -4.98 7.07
C ILE A 15 -0.77 -5.69 8.28
N CYS A 16 -1.61 -6.43 8.98
CA CYS A 16 -1.25 -7.02 10.25
C CYS A 16 -1.23 -8.53 10.18
N ASN A 17 -0.71 -9.15 11.24
CA ASN A 17 -0.72 -10.61 11.39
C ASN A 17 0.15 -11.29 10.35
N LEU A 18 1.23 -10.62 9.97
CA LEU A 18 2.10 -11.13 8.93
C LEU A 18 3.15 -12.10 9.49
N PRO A 19 3.16 -13.35 8.99
CA PRO A 19 4.18 -14.33 9.35
C PRO A 19 5.55 -13.95 8.79
N GLU A 20 6.57 -14.01 9.63
CA GLU A 20 7.92 -13.65 9.24
C GLU A 20 8.50 -14.64 8.23
N GLY A 21 8.95 -14.11 7.10
CA GLY A 21 9.60 -14.94 6.10
C GLY A 21 8.63 -15.71 5.22
N SER A 22 7.39 -15.84 5.66
CA SER A 22 6.41 -16.61 4.91
C SER A 22 5.76 -15.74 3.83
N CYS A 23 5.53 -14.48 4.16
CA CYS A 23 5.00 -13.53 3.19
C CYS A 23 6.12 -12.90 2.39
N THR A 24 5.92 -12.74 1.09
CA THR A 24 6.90 -12.06 0.26
C THR A 24 6.39 -10.67 -0.10
N GLU A 25 7.27 -9.83 -0.62
CA GLU A 25 6.90 -8.47 -1.01
C GLU A 25 5.72 -8.52 -1.98
N ASN A 26 5.83 -9.42 -2.94
CA ASN A 26 4.82 -9.56 -3.99
C ASN A 26 3.46 -9.91 -3.41
N ASP A 27 3.42 -10.74 -2.37
CA ASP A 27 2.14 -11.14 -1.77
C ASP A 27 1.45 -9.93 -1.15
N VAL A 28 2.20 -9.18 -0.37
CA VAL A 28 1.67 -8.07 0.39
C VAL A 28 1.12 -6.98 -0.54
N ILE A 29 1.87 -6.68 -1.59
CA ILE A 29 1.48 -5.67 -2.56
C ILE A 29 0.23 -6.10 -3.32
N ASN A 30 0.22 -7.35 -3.76
CA ASN A 30 -0.87 -7.86 -4.57
C ASN A 30 -2.18 -7.94 -3.82
N LEU A 31 -2.11 -8.10 -2.50
CA LEU A 31 -3.32 -8.18 -1.68
C LEU A 31 -4.12 -6.89 -1.69
N GLY A 32 -3.45 -5.75 -1.71
CA GLY A 32 -4.16 -4.48 -1.69
C GLY A 32 -4.69 -4.11 -3.06
N LEU A 33 -3.95 -4.53 -4.08
CA LEU A 33 -4.26 -4.18 -5.48
C LEU A 33 -5.72 -4.49 -5.94
N PRO A 34 -6.35 -5.62 -5.53
CA PRO A 34 -7.69 -5.98 -6.04
C PRO A 34 -8.74 -4.85 -5.97
N PHE A 35 -8.69 -4.00 -4.97
CA PHE A 35 -9.63 -2.88 -4.91
C PHE A 35 -8.97 -1.53 -5.12
N GLY A 36 -7.66 -1.46 -4.92
CA GLY A 36 -6.94 -0.21 -5.10
C GLY A 36 -5.64 -0.34 -5.86
N LYS A 37 -4.78 0.65 -5.75
CA LYS A 37 -3.51 0.65 -6.46
C LYS A 37 -2.36 1.01 -5.52
N VAL A 38 -1.27 0.26 -5.62
CA VAL A 38 -0.11 0.46 -4.78
C VAL A 38 0.97 1.24 -5.52
N THR A 39 1.54 2.25 -4.86
CA THR A 39 2.64 3.01 -5.43
C THR A 39 3.94 2.69 -4.72
N ASN A 40 3.84 2.38 -3.43
CA ASN A 40 5.01 2.16 -2.57
C ASN A 40 4.65 1.16 -1.49
N TYR A 41 5.66 0.62 -0.81
CA TYR A 41 5.42 -0.26 0.30
C TYR A 41 6.60 -0.24 1.26
N ILE A 42 6.30 -0.46 2.54
CA ILE A 42 7.34 -0.56 3.56
C ILE A 42 7.08 -1.79 4.40
N LEU A 43 8.07 -2.66 4.47
CA LEU A 43 7.90 -3.96 5.11
C LEU A 43 8.70 -4.06 6.39
N MET A 44 7.99 -4.17 7.51
CA MET A 44 8.63 -4.43 8.78
C MET A 44 8.32 -5.85 9.21
N LYS A 45 9.13 -6.79 8.74
CA LYS A 45 8.88 -8.20 8.99
C LYS A 45 9.06 -8.54 10.47
N SER A 46 10.00 -7.87 11.10
CA SER A 46 10.32 -8.12 12.50
C SER A 46 9.15 -7.77 13.43
N THR A 47 8.33 -6.82 13.01
CA THR A 47 7.19 -6.41 13.81
C THR A 47 5.92 -7.08 13.32
N ASN A 48 6.10 -7.96 12.33
CA ASN A 48 4.99 -8.69 11.72
C ASN A 48 3.94 -7.74 11.17
N GLN A 49 4.40 -6.65 10.56
CA GLN A 49 3.50 -5.62 10.07
C GLN A 49 4.02 -5.04 8.76
N ALA A 50 3.12 -4.61 7.90
CA ALA A 50 3.51 -4.01 6.63
C ALA A 50 2.72 -2.74 6.36
N PHE A 51 3.34 -1.85 5.60
CA PHE A 51 2.70 -0.61 5.20
C PHE A 51 2.61 -0.57 3.69
N LEU A 52 1.42 -0.36 3.17
CA LEU A 52 1.19 -0.38 1.74
C LEU A 52 0.62 0.96 1.28
N GLU A 53 1.23 1.54 0.26
CA GLU A 53 0.89 2.89 -0.19
C GLU A 53 -0.03 2.85 -1.40
N MET A 54 -1.03 3.71 -1.41
CA MET A 54 -2.05 3.67 -2.43
C MET A 54 -2.05 4.92 -3.30
N ALA A 55 -2.15 4.70 -4.60
CA ALA A 55 -2.14 5.77 -5.58
C ALA A 55 -3.37 6.67 -5.44
N TYR A 56 -4.47 6.05 -5.06
CA TYR A 56 -5.74 6.75 -4.98
C TYR A 56 -6.30 6.59 -3.57
N THR A 57 -6.77 7.68 -3.00
CA THR A 57 -7.29 7.66 -1.64
C THR A 57 -8.58 6.84 -1.56
N GLU A 58 -9.40 6.91 -2.61
CA GLU A 58 -10.60 6.11 -2.70
C GLU A 58 -10.25 4.63 -2.84
N ALA A 59 -9.16 4.37 -3.55
CA ALA A 59 -8.67 3.02 -3.72
C ALA A 59 -8.28 2.40 -2.38
N ALA A 60 -7.60 3.19 -1.57
CA ALA A 60 -7.15 2.74 -0.26
C ALA A 60 -8.34 2.43 0.65
N GLN A 61 -9.31 3.34 0.65
CA GLN A 61 -10.49 3.18 1.49
C GLN A 61 -11.36 2.01 1.03
N ALA A 62 -11.59 1.93 -0.29
CA ALA A 62 -12.47 0.92 -0.85
C ALA A 62 -11.96 -0.49 -0.57
N MET A 63 -10.65 -0.68 -0.72
CA MET A 63 -10.07 -1.99 -0.51
C MET A 63 -10.20 -2.38 0.96
N VAL A 64 -9.88 -1.44 1.83
CA VAL A 64 -9.86 -1.69 3.26
C VAL A 64 -11.25 -1.97 3.82
N GLN A 65 -12.26 -1.28 3.29
CA GLN A 65 -13.63 -1.50 3.76
C GLN A 65 -14.01 -2.95 3.52
N TYR A 66 -13.54 -3.50 2.41
CA TYR A 66 -13.69 -4.92 2.15
C TYR A 66 -12.82 -5.75 3.09
N TYR A 67 -11.54 -5.41 3.21
CA TYR A 67 -10.58 -6.24 3.94
C TYR A 67 -10.78 -6.21 5.45
N GLN A 68 -11.39 -5.17 5.99
CA GLN A 68 -11.69 -5.15 7.41
C GLN A 68 -12.78 -6.16 7.75
N GLU A 69 -13.68 -6.40 6.80
CA GLU A 69 -14.77 -7.35 7.00
C GLU A 69 -14.43 -8.71 6.38
N LYS A 70 -13.78 -8.68 5.22
CA LYS A 70 -13.31 -9.88 4.56
C LYS A 70 -11.82 -9.75 4.24
N PRO A 71 -10.97 -10.02 5.24
CA PRO A 71 -9.52 -9.87 5.13
C PRO A 71 -8.89 -10.94 4.24
N ALA A 72 -7.69 -10.67 3.75
CA ALA A 72 -7.02 -11.56 2.81
C ALA A 72 -6.11 -12.54 3.53
N ILE A 73 -6.03 -13.75 3.02
CA ILE A 73 -5.31 -14.82 3.71
C ILE A 73 -4.01 -15.17 2.98
N ILE A 74 -2.92 -15.25 3.73
CA ILE A 74 -1.65 -15.75 3.21
C ILE A 74 -1.16 -16.93 4.01
N ASN A 75 -1.07 -18.08 3.37
CA ASN A 75 -0.52 -19.30 3.97
C ASN A 75 -1.24 -19.66 5.26
N GLY A 76 -2.56 -19.58 5.23
CA GLY A 76 -3.36 -19.96 6.38
C GLY A 76 -3.55 -18.85 7.39
N GLU A 77 -2.90 -17.71 7.17
CA GLU A 77 -3.01 -16.59 8.08
C GLU A 77 -3.94 -15.53 7.50
N LYS A 78 -4.94 -15.15 8.27
CA LYS A 78 -5.88 -14.12 7.86
C LYS A 78 -5.30 -12.75 8.18
N LEU A 79 -4.88 -12.03 7.16
CA LEU A 79 -4.27 -10.72 7.35
C LEU A 79 -5.34 -9.66 7.44
N LEU A 80 -5.33 -8.91 8.51
CA LEU A 80 -6.22 -7.78 8.59
C LEU A 80 -5.59 -6.60 7.87
N ILE A 81 -6.16 -6.27 6.72
CA ILE A 81 -5.69 -5.14 5.95
C ILE A 81 -6.57 -3.94 6.28
N ARG A 82 -5.99 -2.91 6.88
CA ARG A 82 -6.79 -1.77 7.33
C ARG A 82 -6.07 -0.43 7.21
N MET A 83 -6.85 0.65 7.32
CA MET A 83 -6.36 2.01 7.12
C MET A 83 -5.40 2.42 8.24
N SER A 84 -4.24 2.94 7.86
CA SER A 84 -3.28 3.45 8.84
C SER A 84 -3.58 4.90 9.17
N THR A 85 -3.66 5.20 10.45
CA THR A 85 -3.83 6.58 10.91
C THR A 85 -2.47 7.16 11.32
N ARG A 86 -1.46 6.30 11.33
CA ARG A 86 -0.13 6.70 11.75
C ARG A 86 0.68 7.25 10.58
N TYR A 87 0.57 6.61 9.42
CA TYR A 87 1.29 7.05 8.23
C TYR A 87 0.35 7.70 7.25
N LYS A 88 0.78 8.85 6.72
CA LYS A 88 0.01 9.56 5.70
C LYS A 88 0.43 9.11 4.31
N GLU A 89 1.74 8.95 4.13
CA GLU A 89 2.31 8.55 2.85
C GLU A 89 3.65 7.86 3.08
N LEU A 90 3.96 6.88 2.24
CA LEU A 90 5.21 6.15 2.34
C LEU A 90 6.30 6.77 1.49
N GLN A 91 7.29 7.34 2.16
CA GLN A 91 8.46 7.87 1.50
C GLN A 91 9.63 6.93 1.69
N LEU A 92 9.92 6.14 0.67
CA LEU A 92 10.93 5.08 0.75
C LEU A 92 12.31 5.65 1.02
N LYS A 93 13.08 4.90 1.80
CA LYS A 93 14.45 5.25 2.14
C LYS A 93 15.37 5.03 0.95
N LYS A 94 15.01 4.06 0.11
CA LYS A 94 15.81 3.72 -1.06
C LYS A 94 15.49 4.65 -2.21
N PRO A 95 16.53 5.27 -2.80
CA PRO A 95 16.37 6.23 -3.89
C PRO A 95 15.68 5.63 -5.11
N GLY A 96 14.73 6.37 -5.66
CA GLY A 96 14.00 5.91 -6.81
C GLY A 96 12.83 6.80 -7.11
N LYS A 97 12.02 6.41 -8.09
CA LYS A 97 10.84 7.16 -8.52
C LYS A 97 11.21 8.46 -9.23
N ASN A 98 10.73 8.61 -10.45
CA ASN A 98 10.95 9.81 -11.24
C ASN A 98 10.27 11.00 -10.57
N VAL A 99 11.07 11.94 -10.07
CA VAL A 99 10.54 13.13 -9.42
C VAL A 99 10.49 14.30 -10.40
N ALA A 100 11.44 14.33 -11.34
CA ALA A 100 11.47 15.38 -12.35
C ALA A 100 10.34 15.20 -13.35
N ALA A 101 9.26 15.94 -13.12
CA ALA A 101 8.03 15.83 -13.91
C ALA A 101 7.48 14.41 -13.81
N ILE A 102 6.72 14.18 -12.76
CA ILE A 102 6.21 12.86 -12.45
C ILE A 102 5.11 12.45 -13.42
N ILE A 103 5.50 11.93 -14.57
CA ILE A 103 4.58 11.39 -15.53
C ILE A 103 4.37 9.90 -15.23
N GLN A 104 3.80 9.64 -14.05
CA GLN A 104 3.57 8.28 -13.59
C GLN A 104 2.10 8.07 -13.31
N ASP A 105 1.64 6.84 -13.52
CA ASP A 105 0.25 6.44 -13.22
C ASP A 105 -0.74 7.00 -14.24
N ILE A 106 -0.47 8.22 -14.71
CA ILE A 106 -1.27 8.86 -15.76
C ILE A 106 -2.60 9.40 -15.21
N HIS A 107 -3.02 8.90 -14.05
CA HIS A 107 -4.20 9.42 -13.37
C HIS A 107 -3.75 10.37 -12.28
N SER A 108 -2.44 10.61 -12.24
CA SER A 108 -1.86 11.56 -11.32
C SER A 108 -1.51 12.84 -12.05
N GLN A 109 -0.52 12.74 -12.93
CA GLN A 109 -0.07 13.86 -13.73
C GLN A 109 0.13 13.41 -15.17
N ARG A 110 -0.11 14.30 -16.11
CA ARG A 110 -0.04 13.96 -17.52
C ARG A 110 0.85 14.94 -18.25
N GLU A 111 2.12 14.99 -17.84
CA GLU A 111 3.14 15.85 -18.44
C GLU A 111 2.92 17.32 -18.10
N ARG A 112 4.00 18.06 -17.96
CA ARG A 112 3.92 19.49 -17.69
C ARG A 112 4.27 20.27 -18.95
N GLY A 1 13.07 3.28 -10.03
CA GLY A 1 12.63 4.62 -9.61
C GLY A 1 11.14 4.67 -9.36
N ALA A 2 10.69 5.73 -8.69
CA ALA A 2 9.28 5.86 -8.36
C ALA A 2 8.94 7.32 -8.07
N MET A 3 8.79 8.11 -9.13
CA MET A 3 8.38 9.50 -9.00
C MET A 3 6.86 9.58 -8.86
N ALA A 4 6.35 8.95 -7.81
CA ALA A 4 4.92 8.83 -7.58
C ALA A 4 4.37 10.06 -6.87
N GLN A 5 3.09 10.32 -7.12
CA GLN A 5 2.36 11.36 -6.41
C GLN A 5 1.67 10.75 -5.23
N ARG A 6 1.88 9.46 -5.07
CA ARG A 6 1.29 8.68 -4.00
C ARG A 6 -0.22 8.67 -4.17
N LYS A 7 -0.90 9.66 -3.61
CA LYS A 7 -2.33 9.82 -3.80
C LYS A 7 -2.67 11.25 -4.15
N GLY A 8 -1.75 12.15 -3.84
CA GLY A 8 -2.04 13.57 -3.95
C GLY A 8 -2.76 14.07 -2.72
N ALA A 9 -3.25 13.12 -1.94
CA ALA A 9 -3.95 13.39 -0.70
C ALA A 9 -3.13 12.87 0.48
N GLY A 10 -3.18 11.56 0.71
CA GLY A 10 -2.34 10.98 1.73
C GLY A 10 -3.05 10.01 2.65
N ARG A 11 -3.10 8.74 2.24
CA ARG A 11 -3.53 7.65 3.14
C ARG A 11 -2.69 6.40 2.86
N VAL A 12 -2.30 5.70 3.91
CA VAL A 12 -1.52 4.46 3.80
C VAL A 12 -2.26 3.30 4.45
N VAL A 13 -2.21 2.14 3.82
CA VAL A 13 -2.84 0.95 4.36
C VAL A 13 -1.79 0.07 5.04
N HIS A 14 -2.08 -0.43 6.23
CA HIS A 14 -1.15 -1.32 6.91
C HIS A 14 -1.76 -2.70 7.06
N ILE A 15 -0.96 -3.71 6.86
CA ILE A 15 -1.41 -5.08 6.99
C ILE A 15 -0.87 -5.68 8.27
N CYS A 16 -1.77 -6.27 9.05
CA CYS A 16 -1.40 -6.85 10.32
C CYS A 16 -1.82 -8.32 10.37
N ASN A 17 -1.46 -9.01 11.45
CA ASN A 17 -1.72 -10.44 11.61
C ASN A 17 -0.86 -11.24 10.64
N LEU A 18 0.27 -10.65 10.28
CA LEU A 18 1.19 -11.23 9.32
C LEU A 18 2.05 -12.30 9.99
N PRO A 19 2.14 -13.50 9.38
CA PRO A 19 3.02 -14.56 9.86
C PRO A 19 4.49 -14.19 9.66
N GLU A 20 5.29 -14.39 10.70
CA GLU A 20 6.69 -13.99 10.68
C GLU A 20 7.49 -14.80 9.67
N GLY A 21 8.15 -14.11 8.74
CA GLY A 21 9.02 -14.76 7.79
C GLY A 21 8.29 -15.39 6.63
N SER A 22 6.99 -15.60 6.77
CA SER A 22 6.20 -16.26 5.74
C SER A 22 5.67 -15.25 4.73
N CYS A 23 5.71 -13.97 5.11
CA CYS A 23 5.22 -12.92 4.23
C CYS A 23 6.31 -12.48 3.26
N THR A 24 5.93 -12.31 2.01
CA THR A 24 6.86 -11.85 0.99
C THR A 24 6.51 -10.42 0.60
N GLU A 25 7.39 -9.77 -0.15
CA GLU A 25 7.09 -8.43 -0.67
C GLU A 25 5.89 -8.50 -1.60
N ASN A 26 5.93 -9.48 -2.50
CA ASN A 26 4.97 -9.58 -3.59
C ASN A 26 3.56 -9.87 -3.07
N ASP A 27 3.43 -10.80 -2.12
CA ASP A 27 2.12 -11.20 -1.62
C ASP A 27 1.43 -10.04 -0.92
N VAL A 28 2.18 -9.34 -0.07
CA VAL A 28 1.63 -8.24 0.70
C VAL A 28 1.12 -7.13 -0.23
N ILE A 29 1.90 -6.84 -1.26
CA ILE A 29 1.53 -5.84 -2.26
C ILE A 29 0.32 -6.33 -3.08
N ASN A 30 0.35 -7.61 -3.44
CA ASN A 30 -0.70 -8.20 -4.27
C ASN A 30 -2.06 -8.14 -3.60
N LEU A 31 -2.08 -8.20 -2.27
CA LEU A 31 -3.33 -8.22 -1.53
C LEU A 31 -4.08 -6.90 -1.62
N GLY A 32 -3.34 -5.80 -1.61
CA GLY A 32 -3.97 -4.50 -1.66
C GLY A 32 -4.49 -4.16 -3.03
N LEU A 33 -3.74 -4.58 -4.05
CA LEU A 33 -4.01 -4.19 -5.44
C LEU A 33 -5.49 -4.37 -5.88
N PRO A 34 -6.15 -5.51 -5.59
CA PRO A 34 -7.50 -5.80 -6.10
C PRO A 34 -8.52 -4.66 -5.96
N PHE A 35 -8.44 -3.85 -4.91
CA PHE A 35 -9.35 -2.72 -4.79
C PHE A 35 -8.62 -1.37 -4.92
N GLY A 36 -7.31 -1.39 -4.74
CA GLY A 36 -6.52 -0.18 -4.91
C GLY A 36 -5.10 -0.45 -5.37
N LYS A 37 -4.65 0.30 -6.38
CA LYS A 37 -3.29 0.16 -6.89
C LYS A 37 -2.27 0.69 -5.91
N VAL A 38 -1.11 0.04 -5.86
CA VAL A 38 -0.02 0.43 -4.99
C VAL A 38 0.98 1.30 -5.73
N THR A 39 1.30 2.46 -5.15
CA THR A 39 2.30 3.36 -5.71
C THR A 39 3.68 3.13 -5.07
N ASN A 40 3.68 2.89 -3.78
CA ASN A 40 4.92 2.64 -3.03
C ASN A 40 4.61 1.71 -1.87
N TYR A 41 5.64 1.16 -1.26
CA TYR A 41 5.43 0.25 -0.14
C TYR A 41 6.58 0.33 0.84
N ILE A 42 6.28 0.09 2.10
CA ILE A 42 7.31 0.00 3.13
C ILE A 42 7.09 -1.26 3.94
N LEU A 43 8.09 -2.11 3.96
CA LEU A 43 8.00 -3.38 4.65
C LEU A 43 8.94 -3.41 5.83
N MET A 44 8.38 -3.49 7.02
CA MET A 44 9.17 -3.68 8.21
C MET A 44 8.98 -5.10 8.71
N LYS A 45 9.74 -6.01 8.12
CA LYS A 45 9.62 -7.42 8.42
C LYS A 45 10.13 -7.72 9.82
N SER A 46 11.09 -6.90 10.27
CA SER A 46 11.66 -7.05 11.59
C SER A 46 10.65 -6.76 12.69
N THR A 47 9.59 -6.00 12.37
CA THR A 47 8.54 -5.72 13.32
C THR A 47 7.30 -6.52 12.99
N ASN A 48 7.45 -7.37 11.97
CA ASN A 48 6.37 -8.22 11.47
C ASN A 48 5.15 -7.39 11.09
N GLN A 49 5.41 -6.27 10.44
CA GLN A 49 4.35 -5.35 10.07
C GLN A 49 4.59 -4.84 8.65
N ALA A 50 3.52 -4.54 7.94
CA ALA A 50 3.63 -4.11 6.57
C ALA A 50 2.84 -2.84 6.31
N PHE A 51 3.38 -1.98 5.48
CA PHE A 51 2.71 -0.75 5.09
C PHE A 51 2.66 -0.65 3.58
N LEU A 52 1.46 -0.46 3.06
CA LEU A 52 1.24 -0.48 1.63
C LEU A 52 0.53 0.80 1.20
N GLU A 53 1.07 1.47 0.19
CA GLU A 53 0.55 2.75 -0.26
C GLU A 53 -0.25 2.58 -1.53
N MET A 54 -1.38 3.28 -1.59
CA MET A 54 -2.28 3.17 -2.72
C MET A 54 -2.22 4.44 -3.56
N ALA A 55 -2.65 4.32 -4.82
CA ALA A 55 -2.57 5.42 -5.78
C ALA A 55 -3.65 6.47 -5.53
N TYR A 56 -4.72 6.08 -4.86
CA TYR A 56 -5.81 6.99 -4.58
C TYR A 56 -6.30 6.80 -3.15
N THR A 57 -6.81 7.88 -2.58
CA THR A 57 -7.39 7.83 -1.24
C THR A 57 -8.58 6.88 -1.21
N GLU A 58 -9.37 6.89 -2.29
CA GLU A 58 -10.49 5.98 -2.44
C GLU A 58 -10.01 4.55 -2.59
N ALA A 59 -8.88 4.38 -3.25
CA ALA A 59 -8.31 3.06 -3.46
C ALA A 59 -7.95 2.43 -2.13
N ALA A 60 -7.36 3.23 -1.25
CA ALA A 60 -6.96 2.76 0.06
C ALA A 60 -8.16 2.44 0.94
N GLN A 61 -9.13 3.33 0.96
CA GLN A 61 -10.32 3.17 1.80
C GLN A 61 -11.21 2.03 1.31
N ALA A 62 -11.45 2.00 -0.01
CA ALA A 62 -12.38 1.02 -0.58
C ALA A 62 -11.88 -0.40 -0.36
N MET A 63 -10.58 -0.60 -0.45
CA MET A 63 -10.01 -1.92 -0.25
C MET A 63 -10.13 -2.34 1.20
N VAL A 64 -9.80 -1.43 2.09
CA VAL A 64 -9.80 -1.74 3.51
C VAL A 64 -11.21 -1.97 4.02
N GLN A 65 -12.19 -1.23 3.50
CA GLN A 65 -13.57 -1.46 3.87
C GLN A 65 -13.96 -2.89 3.51
N TYR A 66 -13.44 -3.37 2.39
CA TYR A 66 -13.62 -4.76 2.00
C TYR A 66 -12.84 -5.68 2.92
N TYR A 67 -11.56 -5.38 3.14
CA TYR A 67 -10.68 -6.29 3.87
C TYR A 67 -10.93 -6.27 5.38
N GLN A 68 -11.62 -5.27 5.88
CA GLN A 68 -12.02 -5.25 7.27
C GLN A 68 -13.16 -6.23 7.52
N GLU A 69 -13.99 -6.42 6.51
CA GLU A 69 -15.10 -7.35 6.61
C GLU A 69 -14.74 -8.71 5.99
N LYS A 70 -14.04 -8.64 4.86
CA LYS A 70 -13.61 -9.83 4.14
C LYS A 70 -12.10 -9.75 3.88
N PRO A 71 -11.29 -10.05 4.89
CA PRO A 71 -9.83 -9.92 4.83
C PRO A 71 -9.18 -10.97 3.93
N ALA A 72 -7.95 -10.69 3.49
CA ALA A 72 -7.25 -11.56 2.56
C ALA A 72 -6.40 -12.56 3.33
N ILE A 73 -6.19 -13.72 2.74
CA ILE A 73 -5.56 -14.82 3.44
C ILE A 73 -4.23 -15.23 2.79
N ILE A 74 -3.18 -15.29 3.60
CA ILE A 74 -1.90 -15.81 3.14
C ILE A 74 -1.47 -16.99 4.01
N ASN A 75 -1.28 -18.14 3.38
CA ASN A 75 -0.81 -19.35 4.05
C ASN A 75 -1.75 -19.75 5.18
N GLY A 76 -3.04 -19.64 4.92
CA GLY A 76 -4.03 -20.03 5.91
C GLY A 76 -4.26 -18.97 6.97
N GLU A 77 -3.55 -17.85 6.84
CA GLU A 77 -3.66 -16.77 7.82
C GLU A 77 -4.54 -15.67 7.28
N LYS A 78 -5.55 -15.30 8.05
CA LYS A 78 -6.42 -14.21 7.66
C LYS A 78 -5.80 -12.88 8.06
N LEU A 79 -5.33 -12.16 7.07
CA LEU A 79 -4.66 -10.89 7.31
C LEU A 79 -5.67 -9.78 7.39
N LEU A 80 -5.68 -9.10 8.51
CA LEU A 80 -6.53 -7.96 8.64
C LEU A 80 -5.83 -6.75 8.02
N ILE A 81 -6.34 -6.31 6.89
CA ILE A 81 -5.76 -5.19 6.17
C ILE A 81 -6.52 -3.92 6.58
N ARG A 82 -5.82 -2.98 7.20
CA ARG A 82 -6.49 -1.82 7.82
C ARG A 82 -5.84 -0.49 7.46
N MET A 83 -6.60 0.58 7.68
CA MET A 83 -6.18 1.95 7.36
C MET A 83 -5.18 2.45 8.40
N SER A 84 -4.05 2.98 7.92
CA SER A 84 -3.08 3.59 8.81
C SER A 84 -3.39 5.06 9.05
N THR A 85 -3.48 5.44 10.31
CA THR A 85 -3.70 6.83 10.66
C THR A 85 -2.37 7.49 11.02
N ARG A 86 -1.33 6.66 11.09
CA ARG A 86 0.00 7.13 11.45
C ARG A 86 0.80 7.50 10.20
N TYR A 87 0.29 7.14 9.03
CA TYR A 87 1.00 7.41 7.78
C TYR A 87 0.07 8.03 6.76
N LYS A 88 0.53 9.10 6.13
CA LYS A 88 -0.16 9.67 4.99
C LYS A 88 0.37 9.09 3.69
N GLU A 89 1.68 8.93 3.62
CA GLU A 89 2.32 8.41 2.43
C GLU A 89 3.66 7.79 2.77
N LEU A 90 4.04 6.79 2.00
CA LEU A 90 5.26 6.05 2.24
C LEU A 90 6.43 6.70 1.50
N GLN A 91 7.35 7.26 2.26
CA GLN A 91 8.50 7.95 1.68
C GLN A 91 9.73 7.05 1.68
N LEU A 92 9.93 6.38 0.56
CA LEU A 92 11.10 5.52 0.40
C LEU A 92 12.34 6.33 0.10
N LYS A 93 12.89 6.95 1.14
CA LYS A 93 14.06 7.81 0.99
C LYS A 93 13.72 8.95 0.02
N LYS A 94 12.53 9.51 0.21
CA LYS A 94 12.02 10.56 -0.66
C LYS A 94 11.80 11.83 0.15
N PRO A 95 12.48 12.91 -0.20
CA PRO A 95 12.35 14.19 0.50
C PRO A 95 11.13 14.98 0.03
N GLY A 96 10.41 14.41 -0.92
CA GLY A 96 9.26 15.07 -1.48
C GLY A 96 9.56 15.62 -2.86
N LYS A 97 8.54 15.64 -3.72
CA LYS A 97 8.70 16.16 -5.07
C LYS A 97 8.56 17.68 -5.05
N ASN A 98 9.64 18.36 -4.70
CA ASN A 98 9.58 19.79 -4.44
C ASN A 98 10.34 20.60 -5.49
N VAL A 99 11.19 19.93 -6.26
CA VAL A 99 11.99 20.62 -7.28
C VAL A 99 11.07 21.17 -8.38
N ALA A 100 10.05 20.40 -8.72
CA ALA A 100 9.03 20.86 -9.65
C ALA A 100 7.69 20.93 -8.94
N ALA A 101 7.39 22.10 -8.39
CA ALA A 101 6.20 22.30 -7.57
C ALA A 101 4.94 21.86 -8.29
N ILE A 102 4.29 20.84 -7.74
CA ILE A 102 3.02 20.38 -8.28
C ILE A 102 1.92 21.29 -7.77
N ILE A 103 1.51 22.22 -8.61
CA ILE A 103 0.50 23.18 -8.23
C ILE A 103 -0.89 22.58 -8.47
N GLN A 104 -1.15 21.50 -7.74
CA GLN A 104 -2.39 20.74 -7.86
C GLN A 104 -2.67 20.35 -9.31
N ASP A 105 -1.61 20.01 -10.04
CA ASP A 105 -1.73 19.62 -11.43
C ASP A 105 -2.36 18.25 -11.55
N ILE A 106 -1.68 17.25 -11.00
CA ILE A 106 -2.17 15.88 -11.03
C ILE A 106 -2.10 15.23 -9.65
N HIS A 107 -3.21 14.65 -9.23
CA HIS A 107 -3.34 13.93 -7.95
C HIS A 107 -3.27 14.87 -6.74
N SER A 108 -2.18 15.61 -6.62
CA SER A 108 -1.92 16.45 -5.46
C SER A 108 -2.99 17.52 -5.29
N GLN A 109 -3.59 17.54 -4.11
CA GLN A 109 -4.52 18.59 -3.73
C GLN A 109 -3.79 19.61 -2.85
N ARG A 110 -2.46 19.55 -2.94
CA ARG A 110 -1.58 20.44 -2.21
C ARG A 110 -0.47 20.92 -3.15
N GLU A 111 0.18 22.01 -2.78
CA GLU A 111 1.25 22.57 -3.58
C GLU A 111 2.60 22.32 -2.91
N ARG A 112 3.67 22.74 -3.57
CA ARG A 112 5.00 22.69 -2.99
C ARG A 112 5.52 24.10 -2.81
N GLY A 1 4.49 12.39 -13.11
CA GLY A 1 4.59 11.20 -13.98
C GLY A 1 3.24 10.66 -14.36
N ALA A 2 3.22 9.48 -14.97
CA ALA A 2 1.97 8.88 -15.42
C ALA A 2 1.32 8.05 -14.30
N MET A 3 2.05 7.08 -13.80
CA MET A 3 1.52 6.18 -12.79
C MET A 3 2.06 6.52 -11.41
N ALA A 4 1.87 5.61 -10.46
CA ALA A 4 2.30 5.78 -9.07
C ALA A 4 1.47 6.85 -8.37
N GLN A 5 2.13 7.71 -7.60
CA GLN A 5 1.46 8.66 -6.73
C GLN A 5 0.73 9.73 -7.52
N ARG A 6 -0.46 9.38 -8.02
CA ARG A 6 -1.31 10.34 -8.70
C ARG A 6 -1.93 11.25 -7.66
N LYS A 7 -2.59 10.64 -6.69
CA LYS A 7 -3.12 11.37 -5.55
C LYS A 7 -2.28 11.09 -4.32
N GLY A 8 -1.60 9.95 -4.32
CA GLY A 8 -0.84 9.53 -3.15
C GLY A 8 -1.74 8.94 -2.10
N ALA A 9 -3.03 9.07 -2.36
CA ALA A 9 -4.11 8.57 -1.50
C ALA A 9 -4.26 9.40 -0.24
N GLY A 10 -3.16 10.00 0.19
CA GLY A 10 -3.14 10.68 1.47
C GLY A 10 -3.32 9.70 2.60
N ARG A 11 -3.19 8.41 2.29
CA ARG A 11 -3.47 7.34 3.23
C ARG A 11 -2.56 6.15 2.98
N VAL A 12 -2.15 5.53 4.06
CA VAL A 12 -1.35 4.30 4.02
C VAL A 12 -2.11 3.17 4.68
N VAL A 13 -2.05 1.99 4.09
CA VAL A 13 -2.72 0.85 4.65
C VAL A 13 -1.72 -0.02 5.42
N HIS A 14 -2.10 -0.37 6.63
CA HIS A 14 -1.27 -1.20 7.48
C HIS A 14 -1.85 -2.60 7.55
N ILE A 15 -1.03 -3.57 7.18
CA ILE A 15 -1.42 -4.96 7.20
C ILE A 15 -0.80 -5.65 8.41
N CYS A 16 -1.60 -6.38 9.15
CA CYS A 16 -1.16 -6.99 10.38
C CYS A 16 -1.44 -8.49 10.40
N ASN A 17 -0.91 -9.16 11.43
CA ASN A 17 -1.01 -10.63 11.57
C ASN A 17 -0.18 -11.32 10.51
N LEU A 18 0.86 -10.64 10.04
CA LEU A 18 1.73 -11.17 9.01
C LEU A 18 2.77 -12.09 9.63
N PRO A 19 2.82 -13.35 9.19
CA PRO A 19 3.83 -14.30 9.66
C PRO A 19 5.22 -13.89 9.18
N GLU A 20 6.16 -13.86 10.10
CA GLU A 20 7.52 -13.41 9.81
C GLU A 20 8.25 -14.40 8.90
N GLY A 21 8.76 -13.90 7.79
CA GLY A 21 9.54 -14.73 6.88
C GLY A 21 8.67 -15.49 5.90
N SER A 22 7.38 -15.57 6.18
CA SER A 22 6.46 -16.28 5.31
C SER A 22 5.84 -15.33 4.29
N CYS A 23 5.78 -14.06 4.65
CA CYS A 23 5.23 -13.05 3.75
C CYS A 23 6.30 -12.54 2.81
N THR A 24 5.93 -12.35 1.54
CA THR A 24 6.86 -11.79 0.58
C THR A 24 6.40 -10.39 0.19
N GLU A 25 7.23 -9.67 -0.53
CA GLU A 25 6.84 -8.36 -1.04
C GLU A 25 5.65 -8.52 -1.96
N ASN A 26 5.72 -9.54 -2.82
CA ASN A 26 4.72 -9.78 -3.84
C ASN A 26 3.34 -10.05 -3.24
N ASP A 27 3.28 -10.86 -2.18
CA ASP A 27 2.00 -11.22 -1.58
C ASP A 27 1.32 -10.01 -0.98
N VAL A 28 2.06 -9.23 -0.22
CA VAL A 28 1.52 -8.08 0.48
C VAL A 28 1.00 -7.02 -0.49
N ILE A 29 1.79 -6.73 -1.52
CA ILE A 29 1.41 -5.74 -2.52
C ILE A 29 0.20 -6.22 -3.33
N ASN A 30 0.24 -7.47 -3.77
CA ASN A 30 -0.83 -8.03 -4.59
C ASN A 30 -2.14 -8.15 -3.84
N LEU A 31 -2.08 -8.28 -2.51
CA LEU A 31 -3.30 -8.34 -1.71
C LEU A 31 -4.04 -7.00 -1.72
N GLY A 32 -3.30 -5.90 -1.75
CA GLY A 32 -3.93 -4.60 -1.73
C GLY A 32 -4.47 -4.19 -3.09
N LEU A 33 -3.72 -4.55 -4.12
CA LEU A 33 -4.03 -4.15 -5.50
C LEU A 33 -5.50 -4.37 -5.93
N PRO A 34 -6.14 -5.54 -5.63
CA PRO A 34 -7.48 -5.87 -6.15
C PRO A 34 -8.53 -4.76 -6.02
N PHE A 35 -8.49 -3.96 -4.96
CA PHE A 35 -9.43 -2.86 -4.84
C PHE A 35 -8.76 -1.49 -4.96
N GLY A 36 -7.45 -1.46 -4.78
CA GLY A 36 -6.72 -0.22 -4.91
C GLY A 36 -5.29 -0.42 -5.39
N LYS A 37 -4.84 0.45 -6.29
CA LYS A 37 -3.50 0.35 -6.84
C LYS A 37 -2.46 0.85 -5.85
N VAL A 38 -1.34 0.13 -5.78
CA VAL A 38 -0.24 0.44 -4.89
C VAL A 38 0.81 1.29 -5.61
N THR A 39 1.29 2.30 -4.93
CA THR A 39 2.30 3.20 -5.48
C THR A 39 3.68 2.91 -4.89
N ASN A 40 3.70 2.64 -3.61
CA ASN A 40 4.93 2.37 -2.87
C ASN A 40 4.61 1.40 -1.74
N TYR A 41 5.63 0.82 -1.12
CA TYR A 41 5.40 -0.08 0.00
C TYR A 41 6.53 0.01 1.01
N ILE A 42 6.19 -0.23 2.28
CA ILE A 42 7.18 -0.31 3.35
C ILE A 42 6.91 -1.57 4.16
N LEU A 43 7.92 -2.42 4.25
CA LEU A 43 7.78 -3.69 4.92
C LEU A 43 8.60 -3.71 6.20
N MET A 44 7.90 -3.80 7.33
CA MET A 44 8.57 -3.91 8.61
C MET A 44 8.42 -5.33 9.14
N LYS A 45 9.30 -6.20 8.71
CA LYS A 45 9.25 -7.59 9.14
C LYS A 45 9.60 -7.68 10.61
N SER A 46 10.43 -6.75 11.06
CA SER A 46 10.89 -6.71 12.44
C SER A 46 9.75 -6.41 13.41
N THR A 47 8.77 -5.63 12.97
CA THR A 47 7.66 -5.26 13.84
C THR A 47 6.41 -6.04 13.46
N ASN A 48 6.62 -7.05 12.61
CA ASN A 48 5.55 -7.95 12.18
C ASN A 48 4.40 -7.18 11.54
N GLN A 49 4.74 -6.20 10.71
CA GLN A 49 3.74 -5.32 10.10
C GLN A 49 4.17 -4.88 8.71
N ALA A 50 3.20 -4.58 7.86
CA ALA A 50 3.47 -4.06 6.54
C ALA A 50 2.65 -2.82 6.27
N PHE A 51 3.22 -1.89 5.53
CA PHE A 51 2.55 -0.65 5.18
C PHE A 51 2.53 -0.49 3.66
N LEU A 52 1.35 -0.23 3.12
CA LEU A 52 1.16 -0.20 1.69
C LEU A 52 0.56 1.14 1.26
N GLU A 53 1.08 1.70 0.16
CA GLU A 53 0.67 3.03 -0.30
C GLU A 53 -0.20 2.91 -1.55
N MET A 54 -1.25 3.71 -1.64
CA MET A 54 -2.18 3.62 -2.75
C MET A 54 -2.16 4.87 -3.63
N ALA A 55 -2.51 4.68 -4.89
CA ALA A 55 -2.48 5.76 -5.88
C ALA A 55 -3.63 6.73 -5.70
N TYR A 56 -4.74 6.21 -5.19
CA TYR A 56 -5.93 7.01 -5.00
C TYR A 56 -6.43 6.86 -3.58
N THR A 57 -6.95 7.93 -3.02
CA THR A 57 -7.44 7.94 -1.65
C THR A 57 -8.59 6.93 -1.48
N GLU A 58 -9.40 6.83 -2.52
CA GLU A 58 -10.50 5.85 -2.55
C GLU A 58 -9.96 4.43 -2.61
N ALA A 59 -8.82 4.27 -3.28
CA ALA A 59 -8.23 2.96 -3.47
C ALA A 59 -7.88 2.32 -2.13
N ALA A 60 -7.28 3.12 -1.25
CA ALA A 60 -6.89 2.65 0.06
C ALA A 60 -8.11 2.34 0.92
N GLN A 61 -9.07 3.26 0.93
CA GLN A 61 -10.26 3.12 1.76
C GLN A 61 -11.15 1.98 1.29
N ALA A 62 -11.38 1.92 -0.02
CA ALA A 62 -12.29 0.94 -0.60
C ALA A 62 -11.78 -0.47 -0.40
N MET A 63 -10.48 -0.67 -0.58
CA MET A 63 -9.90 -1.98 -0.40
C MET A 63 -10.01 -2.42 1.05
N VAL A 64 -9.70 -1.50 1.95
CA VAL A 64 -9.69 -1.78 3.37
C VAL A 64 -11.08 -2.08 3.90
N GLN A 65 -12.08 -1.36 3.39
CA GLN A 65 -13.46 -1.64 3.80
C GLN A 65 -13.82 -3.06 3.44
N TYR A 66 -13.32 -3.52 2.29
CA TYR A 66 -13.48 -4.90 1.90
C TYR A 66 -12.67 -5.82 2.81
N TYR A 67 -11.41 -5.49 3.06
CA TYR A 67 -10.52 -6.38 3.80
C TYR A 67 -10.77 -6.37 5.31
N GLN A 68 -11.46 -5.37 5.81
CA GLN A 68 -11.83 -5.37 7.21
C GLN A 68 -13.05 -6.27 7.45
N GLU A 69 -13.87 -6.43 6.42
CA GLU A 69 -15.03 -7.31 6.50
C GLU A 69 -14.71 -8.68 5.91
N LYS A 70 -13.95 -8.68 4.83
CA LYS A 70 -13.48 -9.91 4.19
C LYS A 70 -11.97 -9.82 3.97
N PRO A 71 -11.19 -10.13 5.01
CA PRO A 71 -9.73 -9.97 4.99
C PRO A 71 -9.04 -11.02 4.10
N ALA A 72 -7.82 -10.71 3.70
CA ALA A 72 -7.07 -11.58 2.80
C ALA A 72 -6.19 -12.53 3.58
N ILE A 73 -5.88 -13.69 3.01
CA ILE A 73 -5.21 -14.74 3.77
C ILE A 73 -3.81 -15.03 3.25
N ILE A 74 -2.83 -15.01 4.14
CA ILE A 74 -1.47 -15.44 3.84
C ILE A 74 -1.05 -16.56 4.79
N ASN A 75 -0.65 -17.70 4.20
CA ASN A 75 -0.23 -18.89 4.95
C ASN A 75 -1.26 -19.30 6.00
N GLY A 76 -2.52 -19.32 5.60
CA GLY A 76 -3.57 -19.82 6.47
C GLY A 76 -4.00 -18.85 7.54
N GLU A 77 -3.51 -17.62 7.48
CA GLU A 77 -3.88 -16.62 8.43
C GLU A 77 -4.61 -15.47 7.73
N LYS A 78 -5.73 -15.06 8.31
CA LYS A 78 -6.52 -13.98 7.77
C LYS A 78 -5.95 -12.63 8.21
N LEU A 79 -5.34 -11.93 7.27
CA LEU A 79 -4.69 -10.67 7.55
C LEU A 79 -5.72 -9.57 7.67
N LEU A 80 -5.65 -8.82 8.75
CA LEU A 80 -6.47 -7.64 8.85
C LEU A 80 -5.75 -6.52 8.12
N ILE A 81 -6.30 -6.15 6.97
CA ILE A 81 -5.76 -5.06 6.19
C ILE A 81 -6.58 -3.81 6.53
N ARG A 82 -5.92 -2.84 7.15
CA ARG A 82 -6.63 -1.69 7.71
C ARG A 82 -5.88 -0.38 7.52
N MET A 83 -6.58 0.72 7.72
CA MET A 83 -6.03 2.05 7.48
C MET A 83 -5.01 2.41 8.56
N SER A 84 -3.83 2.83 8.14
CA SER A 84 -2.78 3.23 9.06
C SER A 84 -2.92 4.71 9.42
N THR A 85 -2.82 5.01 10.71
CA THR A 85 -2.83 6.39 11.16
C THR A 85 -1.41 6.88 11.42
N ARG A 86 -0.44 5.96 11.36
CA ARG A 86 0.95 6.30 11.60
C ARG A 86 1.54 6.99 10.38
N TYR A 87 1.13 6.55 9.20
CA TYR A 87 1.61 7.16 7.96
C TYR A 87 0.48 7.75 7.15
N LYS A 88 0.71 8.95 6.64
CA LYS A 88 -0.16 9.56 5.65
C LYS A 88 0.33 9.17 4.27
N GLU A 89 1.60 8.81 4.22
CA GLU A 89 2.24 8.37 2.99
C GLU A 89 3.49 7.58 3.34
N LEU A 90 3.96 6.75 2.42
CA LEU A 90 5.19 6.02 2.61
C LEU A 90 6.33 6.80 2.01
N GLN A 91 6.25 7.02 0.71
CA GLN A 91 7.25 7.73 -0.08
C GLN A 91 8.66 7.30 0.30
N LEU A 92 9.14 6.26 -0.36
CA LEU A 92 10.45 5.67 -0.08
C LEU A 92 11.58 6.65 -0.38
N LYS A 93 12.82 6.19 -0.23
CA LYS A 93 13.98 6.99 -0.60
C LYS A 93 13.85 7.44 -2.05
N LYS A 94 13.31 6.55 -2.87
CA LYS A 94 12.95 6.88 -4.24
C LYS A 94 11.66 7.71 -4.24
N PRO A 95 11.71 8.95 -4.73
CA PRO A 95 10.54 9.83 -4.77
C PRO A 95 9.63 9.53 -5.96
N GLY A 96 9.48 8.25 -6.26
CA GLY A 96 8.69 7.84 -7.42
C GLY A 96 9.32 8.29 -8.71
N LYS A 97 8.73 9.30 -9.33
CA LYS A 97 9.22 9.82 -10.59
C LYS A 97 9.38 11.34 -10.52
N ASN A 98 10.04 11.80 -9.47
CA ASN A 98 10.31 13.23 -9.32
C ASN A 98 11.43 13.65 -10.25
N VAL A 99 11.08 13.98 -11.47
CA VAL A 99 12.05 14.40 -12.47
C VAL A 99 12.08 15.92 -12.56
N ALA A 100 10.93 16.50 -12.85
CA ALA A 100 10.80 17.94 -12.93
C ALA A 100 10.20 18.49 -11.64
N ALA A 101 8.96 18.09 -11.38
CA ALA A 101 8.24 18.51 -10.18
C ALA A 101 6.95 17.71 -10.04
N ILE A 102 6.58 17.41 -8.81
CA ILE A 102 5.34 16.71 -8.55
C ILE A 102 4.38 17.64 -7.82
N ILE A 103 3.70 18.48 -8.59
CA ILE A 103 2.75 19.41 -8.01
C ILE A 103 1.47 18.68 -7.65
N GLN A 104 1.14 18.69 -6.37
CA GLN A 104 0.03 17.89 -5.87
C GLN A 104 -1.16 18.77 -5.50
N ASP A 105 -1.15 20.02 -5.93
CA ASP A 105 -2.30 20.89 -5.73
C ASP A 105 -3.50 20.31 -6.46
N ILE A 106 -3.29 19.99 -7.72
CA ILE A 106 -4.21 19.14 -8.46
C ILE A 106 -3.60 17.74 -8.51
N HIS A 107 -4.24 16.82 -7.82
CA HIS A 107 -3.69 15.47 -7.64
C HIS A 107 -3.80 14.62 -8.91
N SER A 108 -3.02 14.99 -9.91
CA SER A 108 -2.85 14.17 -11.10
C SER A 108 -1.42 14.31 -11.60
N GLN A 109 -0.50 14.55 -10.65
CA GLN A 109 0.91 14.77 -10.93
C GLN A 109 1.12 15.88 -11.95
N ARG A 110 0.87 17.10 -11.53
CA ARG A 110 1.02 18.25 -12.41
C ARG A 110 2.44 18.80 -12.29
N GLU A 111 2.83 19.61 -13.26
CA GLU A 111 4.17 20.18 -13.29
C GLU A 111 4.18 21.45 -14.14
N ARG A 112 5.32 22.14 -14.15
CA ARG A 112 5.50 23.29 -15.01
C ARG A 112 6.82 23.18 -15.75
N GLY A 1 11.84 2.18 -12.93
CA GLY A 1 10.45 1.70 -12.78
C GLY A 1 9.79 2.20 -11.52
N ALA A 2 9.22 3.39 -11.58
CA ALA A 2 8.56 3.98 -10.43
C ALA A 2 7.34 4.78 -10.87
N MET A 3 6.16 4.35 -10.44
CA MET A 3 4.92 5.03 -10.79
C MET A 3 4.22 5.51 -9.52
N ALA A 4 5.02 5.93 -8.55
CA ALA A 4 4.50 6.45 -7.31
C ALA A 4 3.72 7.74 -7.55
N GLN A 5 2.58 7.87 -6.92
CA GLN A 5 1.78 9.07 -7.03
C GLN A 5 2.26 10.12 -6.04
N ARG A 6 3.00 9.68 -5.03
CA ARG A 6 3.52 10.55 -3.96
C ARG A 6 2.41 11.04 -3.05
N LYS A 7 1.24 11.25 -3.64
CA LYS A 7 0.01 11.55 -2.90
C LYS A 7 -0.12 10.65 -1.68
N GLY A 8 0.25 9.39 -1.86
CA GLY A 8 0.16 8.41 -0.81
C GLY A 8 -1.26 8.12 -0.46
N ALA A 9 -2.17 8.49 -1.37
CA ALA A 9 -3.61 8.38 -1.17
C ALA A 9 -4.11 9.37 -0.12
N GLY A 10 -3.21 9.79 0.76
CA GLY A 10 -3.60 10.52 1.93
C GLY A 10 -3.76 9.57 3.08
N ARG A 11 -3.61 8.28 2.77
CA ARG A 11 -3.73 7.21 3.73
C ARG A 11 -2.83 6.05 3.32
N VAL A 12 -2.18 5.45 4.30
CA VAL A 12 -1.37 4.26 4.07
C VAL A 12 -2.01 3.09 4.80
N VAL A 13 -2.03 1.93 4.16
CA VAL A 13 -2.65 0.77 4.77
C VAL A 13 -1.58 -0.14 5.38
N HIS A 14 -1.84 -0.59 6.60
CA HIS A 14 -0.90 -1.49 7.26
C HIS A 14 -1.50 -2.88 7.37
N ILE A 15 -0.67 -3.88 7.16
CA ILE A 15 -1.11 -5.26 7.20
C ILE A 15 -0.49 -5.98 8.39
N CYS A 16 -1.33 -6.66 9.16
CA CYS A 16 -0.90 -7.36 10.36
C CYS A 16 -1.01 -8.87 10.18
N ASN A 17 -0.53 -9.62 11.18
CA ASN A 17 -0.60 -11.08 11.18
C ASN A 17 0.33 -11.69 10.13
N LEU A 18 1.39 -10.98 9.80
CA LEU A 18 2.31 -11.43 8.77
C LEU A 18 3.40 -12.31 9.37
N PRO A 19 3.50 -13.58 8.92
CA PRO A 19 4.65 -14.43 9.26
C PRO A 19 5.93 -13.95 8.60
N GLU A 20 6.99 -13.84 9.38
CA GLU A 20 8.30 -13.46 8.88
C GLU A 20 8.91 -14.57 8.03
N GLY A 21 9.55 -14.20 6.94
CA GLY A 21 10.28 -15.15 6.11
C GLY A 21 9.39 -15.95 5.17
N SER A 22 8.10 -16.01 5.47
CA SER A 22 7.19 -16.81 4.65
C SER A 22 6.41 -15.92 3.69
N CYS A 23 6.10 -14.71 4.13
CA CYS A 23 5.42 -13.75 3.28
C CYS A 23 6.42 -13.08 2.36
N THR A 24 6.01 -12.83 1.13
CA THR A 24 6.87 -12.12 0.22
C THR A 24 6.37 -10.70 0.05
N GLU A 25 7.23 -9.81 -0.40
CA GLU A 25 6.83 -8.44 -0.68
C GLU A 25 5.69 -8.47 -1.69
N ASN A 26 5.79 -9.39 -2.62
CA ASN A 26 4.81 -9.53 -3.69
C ASN A 26 3.42 -9.84 -3.15
N ASP A 27 3.34 -10.77 -2.18
CA ASP A 27 2.03 -11.15 -1.60
C ASP A 27 1.36 -9.95 -0.95
N VAL A 28 2.13 -9.24 -0.14
CA VAL A 28 1.61 -8.10 0.60
C VAL A 28 1.12 -7.01 -0.33
N ILE A 29 1.89 -6.75 -1.39
CA ILE A 29 1.52 -5.76 -2.39
C ILE A 29 0.29 -6.24 -3.17
N ASN A 30 0.28 -7.52 -3.51
CA ASN A 30 -0.82 -8.11 -4.27
C ASN A 30 -2.13 -8.07 -3.51
N LEU A 31 -2.07 -8.12 -2.18
CA LEU A 31 -3.28 -8.15 -1.37
C LEU A 31 -4.09 -6.87 -1.52
N GLY A 32 -3.42 -5.73 -1.59
CA GLY A 32 -4.10 -4.45 -1.67
C GLY A 32 -4.62 -4.16 -3.06
N LEU A 33 -3.86 -4.56 -4.07
CA LEU A 33 -4.16 -4.28 -5.47
C LEU A 33 -5.61 -4.58 -5.92
N PRO A 34 -6.22 -5.73 -5.55
CA PRO A 34 -7.53 -6.14 -6.09
C PRO A 34 -8.63 -5.08 -6.01
N PHE A 35 -8.63 -4.24 -4.98
CA PHE A 35 -9.62 -3.17 -4.89
C PHE A 35 -9.03 -1.77 -5.08
N GLY A 36 -7.72 -1.66 -4.93
CA GLY A 36 -7.06 -0.37 -5.07
C GLY A 36 -5.86 -0.40 -5.98
N LYS A 37 -4.90 0.44 -5.68
CA LYS A 37 -3.67 0.52 -6.44
C LYS A 37 -2.49 0.81 -5.50
N VAL A 38 -1.37 0.15 -5.75
CA VAL A 38 -0.20 0.32 -4.92
C VAL A 38 0.84 1.17 -5.62
N THR A 39 1.16 2.29 -5.02
CA THR A 39 2.16 3.19 -5.56
C THR A 39 3.53 2.91 -4.95
N ASN A 40 3.53 2.61 -3.66
CA ASN A 40 4.75 2.40 -2.89
C ASN A 40 4.48 1.36 -1.81
N TYR A 41 5.54 0.85 -1.20
CA TYR A 41 5.40 -0.06 -0.08
C TYR A 41 6.59 0.08 0.85
N ILE A 42 6.35 -0.14 2.13
CA ILE A 42 7.41 -0.12 3.12
C ILE A 42 7.24 -1.27 4.10
N LEU A 43 8.26 -2.09 4.20
CA LEU A 43 8.21 -3.26 5.06
C LEU A 43 9.04 -3.05 6.31
N MET A 44 8.38 -3.03 7.46
CA MET A 44 9.09 -2.98 8.73
C MET A 44 9.11 -4.38 9.32
N LYS A 45 10.08 -5.17 8.90
CA LYS A 45 10.20 -6.54 9.38
C LYS A 45 10.62 -6.57 10.84
N SER A 46 11.35 -5.55 11.26
CA SER A 46 11.79 -5.41 12.63
C SER A 46 10.60 -5.37 13.60
N THR A 47 9.51 -4.76 13.16
CA THR A 47 8.29 -4.70 13.94
C THR A 47 7.27 -5.73 13.45
N ASN A 48 7.73 -6.54 12.49
CA ASN A 48 6.92 -7.59 11.89
C ASN A 48 5.63 -7.03 11.30
N GLN A 49 5.74 -5.90 10.62
CA GLN A 49 4.57 -5.21 10.09
C GLN A 49 4.86 -4.65 8.70
N ALA A 50 3.82 -4.46 7.92
CA ALA A 50 3.98 -3.99 6.55
C ALA A 50 3.06 -2.81 6.27
N PHE A 51 3.56 -1.86 5.47
CA PHE A 51 2.79 -0.69 5.08
C PHE A 51 2.72 -0.61 3.56
N LEU A 52 1.54 -0.30 3.05
CA LEU A 52 1.29 -0.28 1.62
C LEU A 52 0.70 1.08 1.22
N GLU A 53 1.22 1.68 0.15
CA GLU A 53 0.77 3.00 -0.30
C GLU A 53 -0.17 2.86 -1.47
N MET A 54 -1.22 3.66 -1.47
CA MET A 54 -2.21 3.61 -2.53
C MET A 54 -2.16 4.88 -3.38
N ALA A 55 -2.61 4.75 -4.63
CA ALA A 55 -2.58 5.87 -5.57
C ALA A 55 -3.52 6.99 -5.13
N TYR A 56 -4.73 6.60 -4.75
CA TYR A 56 -5.73 7.57 -4.33
C TYR A 56 -6.38 7.09 -3.05
N THR A 57 -6.93 8.03 -2.29
CA THR A 57 -7.61 7.69 -1.04
C THR A 57 -8.72 6.67 -1.28
N GLU A 58 -9.38 6.79 -2.44
CA GLU A 58 -10.42 5.86 -2.84
C GLU A 58 -9.88 4.45 -2.98
N ALA A 59 -8.64 4.34 -3.43
CA ALA A 59 -8.02 3.03 -3.60
C ALA A 59 -7.82 2.36 -2.26
N ALA A 60 -7.27 3.12 -1.32
CA ALA A 60 -6.99 2.62 0.01
C ALA A 60 -8.25 2.32 0.80
N GLN A 61 -9.19 3.25 0.79
CA GLN A 61 -10.39 3.12 1.59
C GLN A 61 -11.30 2.01 1.06
N ALA A 62 -11.44 1.95 -0.27
CA ALA A 62 -12.32 0.96 -0.90
C ALA A 62 -11.86 -0.45 -0.61
N MET A 63 -10.56 -0.68 -0.74
CA MET A 63 -10.00 -2.00 -0.51
C MET A 63 -10.14 -2.38 0.95
N VAL A 64 -9.81 -1.46 1.84
CA VAL A 64 -9.82 -1.72 3.26
C VAL A 64 -11.23 -1.96 3.79
N GLN A 65 -12.21 -1.22 3.25
CA GLN A 65 -13.59 -1.44 3.65
C GLN A 65 -13.99 -2.88 3.36
N TYR A 66 -13.49 -3.40 2.25
CA TYR A 66 -13.65 -4.80 1.93
C TYR A 66 -12.85 -5.68 2.88
N TYR A 67 -11.57 -5.38 3.06
CA TYR A 67 -10.66 -6.25 3.81
C TYR A 67 -10.92 -6.24 5.31
N GLN A 68 -11.51 -5.17 5.82
CA GLN A 68 -11.87 -5.15 7.23
C GLN A 68 -13.02 -6.12 7.50
N GLU A 69 -13.86 -6.31 6.50
CA GLU A 69 -15.00 -7.21 6.62
C GLU A 69 -14.69 -8.59 6.03
N LYS A 70 -13.98 -8.58 4.92
CA LYS A 70 -13.57 -9.81 4.24
C LYS A 70 -12.07 -9.75 3.96
N PRO A 71 -11.25 -10.03 4.99
CA PRO A 71 -9.78 -9.89 4.93
C PRO A 71 -9.10 -10.92 4.04
N ALA A 72 -7.87 -10.60 3.62
CA ALA A 72 -7.13 -11.40 2.65
C ALA A 72 -6.25 -12.41 3.37
N ILE A 73 -5.94 -13.52 2.70
CA ILE A 73 -5.31 -14.65 3.35
C ILE A 73 -3.88 -14.90 2.86
N ILE A 74 -2.96 -15.03 3.82
CA ILE A 74 -1.62 -15.51 3.57
C ILE A 74 -1.33 -16.70 4.48
N ASN A 75 -0.90 -17.82 3.87
CA ASN A 75 -0.59 -19.05 4.60
C ASN A 75 -1.80 -19.58 5.35
N GLY A 76 -2.98 -19.39 4.77
CA GLY A 76 -4.19 -19.92 5.35
C GLY A 76 -4.76 -19.07 6.46
N GLU A 77 -4.06 -18.00 6.82
CA GLU A 77 -4.51 -17.11 7.87
C GLU A 77 -5.01 -15.79 7.26
N LYS A 78 -6.12 -15.29 7.79
CA LYS A 78 -6.70 -14.07 7.29
C LYS A 78 -6.01 -12.86 7.92
N LEU A 79 -5.38 -12.06 7.09
CA LEU A 79 -4.70 -10.86 7.53
C LEU A 79 -5.69 -9.72 7.59
N LEU A 80 -5.63 -8.93 8.65
CA LEU A 80 -6.44 -7.75 8.71
C LEU A 80 -5.75 -6.63 7.97
N ILE A 81 -6.31 -6.25 6.83
CA ILE A 81 -5.79 -5.16 6.05
C ILE A 81 -6.61 -3.92 6.39
N ARG A 82 -5.98 -2.93 6.99
CA ARG A 82 -6.72 -1.81 7.55
C ARG A 82 -5.98 -0.49 7.38
N MET A 83 -6.75 0.59 7.41
CA MET A 83 -6.24 1.93 7.22
C MET A 83 -5.27 2.28 8.36
N SER A 84 -4.06 2.67 8.03
CA SER A 84 -3.08 3.07 9.02
C SER A 84 -3.18 4.57 9.28
N THR A 85 -3.15 4.94 10.55
CA THR A 85 -3.15 6.35 10.93
C THR A 85 -1.73 6.82 11.19
N ARG A 86 -0.78 5.89 11.11
CA ARG A 86 0.61 6.17 11.41
C ARG A 86 1.34 6.75 10.20
N TYR A 87 0.84 6.44 9.01
CA TYR A 87 1.42 6.99 7.78
C TYR A 87 0.35 7.57 6.87
N LYS A 88 0.62 8.77 6.37
CA LYS A 88 -0.22 9.40 5.36
C LYS A 88 0.30 9.05 3.98
N GLU A 89 1.61 8.83 3.91
CA GLU A 89 2.29 8.52 2.66
C GLU A 89 3.60 7.80 2.97
N LEU A 90 3.99 6.87 2.10
CA LEU A 90 5.22 6.13 2.29
C LEU A 90 6.38 6.79 1.58
N GLN A 91 7.27 7.38 2.36
CA GLN A 91 8.45 8.00 1.80
C GLN A 91 9.59 7.02 1.78
N LEU A 92 9.74 6.33 0.64
CA LEU A 92 10.79 5.35 0.46
C LEU A 92 12.15 5.96 0.73
N LYS A 93 12.93 5.28 1.56
CA LYS A 93 14.25 5.77 1.96
C LYS A 93 15.25 5.53 0.83
N LYS A 94 15.11 6.31 -0.23
CA LYS A 94 15.96 6.19 -1.39
C LYS A 94 16.85 7.43 -1.49
N PRO A 95 18.10 7.25 -1.94
CA PRO A 95 19.01 8.37 -2.18
C PRO A 95 18.60 9.17 -3.41
N GLY A 96 17.69 8.59 -4.18
CA GLY A 96 17.14 9.24 -5.35
C GLY A 96 15.84 8.58 -5.76
N LYS A 97 14.93 9.35 -6.32
CA LYS A 97 13.65 8.81 -6.77
C LYS A 97 13.64 8.62 -8.28
N ASN A 98 13.77 9.73 -9.01
CA ASN A 98 13.73 9.69 -10.46
C ASN A 98 14.35 10.97 -11.03
N VAL A 99 14.76 10.92 -12.29
CA VAL A 99 15.46 12.03 -12.95
C VAL A 99 14.73 13.36 -12.73
N ALA A 100 13.53 13.46 -13.30
CA ALA A 100 12.72 14.66 -13.13
C ALA A 100 11.63 14.40 -12.11
N ALA A 101 12.00 13.73 -11.02
CA ALA A 101 11.06 13.33 -9.98
C ALA A 101 10.01 12.37 -10.54
N ILE A 102 9.10 11.93 -9.70
CA ILE A 102 8.05 11.03 -10.13
C ILE A 102 6.76 11.81 -10.28
N ILE A 103 6.67 12.57 -11.36
CA ILE A 103 5.53 13.44 -11.61
C ILE A 103 4.86 13.05 -12.92
N GLN A 104 3.81 12.25 -12.79
CA GLN A 104 3.03 11.82 -13.94
C GLN A 104 2.31 13.02 -14.55
N ASP A 105 1.47 13.66 -13.74
CA ASP A 105 0.75 14.86 -14.16
C ASP A 105 0.71 15.87 -13.02
N ILE A 106 -0.45 16.04 -12.41
CA ILE A 106 -0.56 16.85 -11.21
C ILE A 106 -0.89 15.95 -10.01
N HIS A 107 -0.97 14.65 -10.29
CA HIS A 107 -1.26 13.67 -9.25
C HIS A 107 0.03 13.28 -8.53
N SER A 108 0.70 14.27 -7.95
CA SER A 108 1.97 14.05 -7.30
C SER A 108 2.30 15.21 -6.36
N GLN A 109 3.17 14.97 -5.39
CA GLN A 109 3.61 16.00 -4.47
C GLN A 109 5.04 16.41 -4.79
N ARG A 110 5.47 17.54 -4.24
CA ARG A 110 6.81 18.08 -4.47
C ARG A 110 7.06 18.30 -5.97
N GLU A 111 6.18 19.06 -6.60
CA GLU A 111 6.27 19.32 -8.02
C GLU A 111 7.37 20.33 -8.32
N ARG A 112 8.45 19.84 -8.91
CA ARG A 112 9.59 20.67 -9.33
C ARG A 112 10.12 21.51 -8.16
N GLY A 1 8.12 15.44 -7.47
CA GLY A 1 7.30 14.31 -6.99
C GLY A 1 6.22 13.92 -7.96
N ALA A 2 5.01 13.71 -7.44
CA ALA A 2 3.85 13.33 -8.25
C ALA A 2 3.98 11.91 -8.80
N MET A 3 5.02 11.21 -8.39
CA MET A 3 5.25 9.84 -8.81
C MET A 3 4.62 8.89 -7.82
N ALA A 4 4.85 9.16 -6.54
CA ALA A 4 4.19 8.42 -5.49
C ALA A 4 2.96 9.18 -5.04
N GLN A 5 2.06 8.48 -4.35
CA GLN A 5 0.75 9.02 -3.96
C GLN A 5 -0.15 9.18 -5.18
N ARG A 6 0.42 9.75 -6.26
CA ARG A 6 -0.25 9.91 -7.55
C ARG A 6 -1.33 10.98 -7.49
N LYS A 7 -2.31 10.79 -6.63
CA LYS A 7 -3.32 11.80 -6.38
C LYS A 7 -2.81 12.77 -5.34
N GLY A 8 -3.49 13.92 -5.23
CA GLY A 8 -3.09 14.93 -4.26
C GLY A 8 -3.54 14.59 -2.85
N ALA A 9 -3.52 13.30 -2.54
CA ALA A 9 -3.92 12.82 -1.24
C ALA A 9 -3.03 11.65 -0.83
N GLY A 10 -3.36 10.46 -1.32
CA GLY A 10 -2.58 9.27 -1.01
C GLY A 10 -2.80 8.78 0.40
N ARG A 11 -2.97 7.48 0.55
CA ARG A 11 -3.16 6.88 1.87
C ARG A 11 -2.38 5.58 1.98
N VAL A 12 -2.01 5.23 3.20
CA VAL A 12 -1.26 4.02 3.44
C VAL A 12 -2.13 3.00 4.17
N VAL A 13 -2.08 1.77 3.69
CA VAL A 13 -2.78 0.67 4.32
C VAL A 13 -1.78 -0.25 5.00
N HIS A 14 -2.06 -0.64 6.23
CA HIS A 14 -1.13 -1.49 6.95
C HIS A 14 -1.72 -2.88 7.15
N ILE A 15 -0.87 -3.88 7.01
CA ILE A 15 -1.27 -5.26 7.16
C ILE A 15 -0.60 -5.87 8.39
N CYS A 16 -1.41 -6.52 9.22
CA CYS A 16 -0.92 -7.13 10.43
C CYS A 16 -1.19 -8.64 10.42
N ASN A 17 -0.71 -9.34 11.45
CA ASN A 17 -0.89 -10.79 11.57
C ASN A 17 -0.13 -11.52 10.48
N LEU A 18 0.97 -10.93 10.04
CA LEU A 18 1.75 -11.46 8.95
C LEU A 18 2.67 -12.59 9.44
N PRO A 19 2.53 -13.78 8.86
CA PRO A 19 3.39 -14.91 9.23
C PRO A 19 4.83 -14.68 8.77
N GLU A 20 5.75 -14.87 9.69
CA GLU A 20 7.16 -14.65 9.43
C GLU A 20 7.70 -15.67 8.45
N GLY A 21 8.30 -15.18 7.36
CA GLY A 21 8.92 -16.07 6.39
C GLY A 21 7.93 -16.67 5.40
N SER A 22 6.64 -16.60 5.70
CA SER A 22 5.64 -17.20 4.82
C SER A 22 5.17 -16.20 3.78
N CYS A 23 5.06 -14.93 4.17
CA CYS A 23 4.68 -13.88 3.25
C CYS A 23 5.90 -13.32 2.53
N THR A 24 5.76 -13.07 1.24
CA THR A 24 6.81 -12.42 0.49
C THR A 24 6.41 -10.98 0.20
N GLU A 25 7.34 -10.18 -0.31
CA GLU A 25 7.06 -8.79 -0.61
C GLU A 25 5.90 -8.68 -1.58
N ASN A 26 5.92 -9.52 -2.61
CA ASN A 26 4.90 -9.50 -3.65
C ASN A 26 3.52 -9.78 -3.11
N ASP A 27 3.40 -10.75 -2.20
CA ASP A 27 2.08 -11.14 -1.67
C ASP A 27 1.41 -9.95 -1.00
N VAL A 28 2.17 -9.26 -0.16
CA VAL A 28 1.65 -8.13 0.59
C VAL A 28 1.21 -7.01 -0.34
N ILE A 29 2.06 -6.72 -1.31
CA ILE A 29 1.77 -5.68 -2.31
C ILE A 29 0.55 -6.05 -3.14
N ASN A 30 0.44 -7.32 -3.49
CA ASN A 30 -0.64 -7.80 -4.34
C ASN A 30 -1.99 -7.76 -3.63
N LEU A 31 -1.98 -7.89 -2.30
CA LEU A 31 -3.23 -7.94 -1.54
C LEU A 31 -4.02 -6.65 -1.62
N GLY A 32 -3.34 -5.52 -1.71
CA GLY A 32 -4.04 -4.26 -1.81
C GLY A 32 -4.58 -4.00 -3.20
N LEU A 33 -3.87 -4.50 -4.19
CA LEU A 33 -4.16 -4.24 -5.59
C LEU A 33 -5.61 -4.56 -6.04
N PRO A 34 -6.25 -5.66 -5.59
CA PRO A 34 -7.60 -6.03 -6.09
C PRO A 34 -8.65 -4.91 -6.02
N PHE A 35 -8.59 -4.06 -4.99
CA PHE A 35 -9.55 -2.96 -4.91
C PHE A 35 -8.91 -1.58 -5.10
N GLY A 36 -7.60 -1.52 -4.95
CA GLY A 36 -6.91 -0.26 -5.11
C GLY A 36 -5.69 -0.36 -6.00
N LYS A 37 -4.77 0.60 -5.87
CA LYS A 37 -3.51 0.56 -6.61
C LYS A 37 -2.37 0.94 -5.69
N VAL A 38 -1.27 0.22 -5.80
CA VAL A 38 -0.10 0.44 -4.97
C VAL A 38 0.92 1.33 -5.68
N THR A 39 1.43 2.31 -4.96
CA THR A 39 2.45 3.19 -5.46
C THR A 39 3.81 2.90 -4.78
N ASN A 40 3.75 2.60 -3.49
CA ASN A 40 4.95 2.37 -2.69
C ASN A 40 4.65 1.37 -1.59
N TYR A 41 5.69 0.83 -0.97
CA TYR A 41 5.51 -0.09 0.14
C TYR A 41 6.64 0.04 1.16
N ILE A 42 6.31 -0.20 2.42
CA ILE A 42 7.31 -0.30 3.47
C ILE A 42 7.03 -1.53 4.30
N LEU A 43 7.99 -2.43 4.37
CA LEU A 43 7.80 -3.69 5.05
C LEU A 43 8.64 -3.77 6.30
N MET A 44 7.98 -3.84 7.44
CA MET A 44 8.67 -4.06 8.70
C MET A 44 8.38 -5.47 9.18
N LYS A 45 9.15 -6.41 8.69
CA LYS A 45 8.95 -7.82 8.97
C LYS A 45 9.25 -8.13 10.43
N SER A 46 10.25 -7.43 10.97
CA SER A 46 10.70 -7.64 12.34
C SER A 46 9.65 -7.19 13.35
N THR A 47 8.77 -6.28 12.96
CA THR A 47 7.74 -5.80 13.86
C THR A 47 6.37 -6.36 13.48
N ASN A 48 6.37 -7.33 12.56
CA ASN A 48 5.15 -8.00 12.10
C ASN A 48 4.15 -6.98 11.54
N GLN A 49 4.64 -6.05 10.74
CA GLN A 49 3.79 -5.01 10.18
C GLN A 49 4.18 -4.72 8.75
N ALA A 50 3.20 -4.34 7.94
CA ALA A 50 3.44 -3.97 6.57
C ALA A 50 2.69 -2.70 6.23
N PHE A 51 3.29 -1.86 5.42
CA PHE A 51 2.66 -0.61 5.00
C PHE A 51 2.64 -0.52 3.48
N LEU A 52 1.47 -0.29 2.93
CA LEU A 52 1.29 -0.28 1.49
C LEU A 52 0.62 1.03 1.07
N GLU A 53 1.18 1.70 0.07
CA GLU A 53 0.70 3.02 -0.34
C GLU A 53 -0.20 2.91 -1.56
N MET A 54 -1.28 3.65 -1.55
CA MET A 54 -2.27 3.55 -2.61
C MET A 54 -2.35 4.84 -3.42
N ALA A 55 -2.42 4.65 -4.74
CA ALA A 55 -2.42 5.75 -5.71
C ALA A 55 -3.66 6.62 -5.58
N TYR A 56 -4.70 6.06 -4.99
CA TYR A 56 -5.96 6.76 -4.84
C TYR A 56 -6.42 6.65 -3.40
N THR A 57 -6.97 7.73 -2.87
CA THR A 57 -7.53 7.71 -1.54
C THR A 57 -8.76 6.81 -1.51
N GLU A 58 -9.44 6.72 -2.64
CA GLU A 58 -10.55 5.79 -2.82
C GLU A 58 -10.04 4.37 -2.78
N ALA A 59 -8.89 4.16 -3.40
CA ALA A 59 -8.31 2.84 -3.50
C ALA A 59 -8.00 2.28 -2.12
N ALA A 60 -7.38 3.12 -1.28
CA ALA A 60 -6.99 2.69 0.05
C ALA A 60 -8.21 2.43 0.94
N GLN A 61 -9.14 3.36 0.94
CA GLN A 61 -10.31 3.26 1.80
C GLN A 61 -11.23 2.12 1.36
N ALA A 62 -11.49 2.05 0.06
CA ALA A 62 -12.42 1.06 -0.49
C ALA A 62 -11.94 -0.36 -0.25
N MET A 63 -10.66 -0.60 -0.53
CA MET A 63 -10.10 -1.94 -0.37
C MET A 63 -10.19 -2.37 1.08
N VAL A 64 -9.84 -1.45 1.98
CA VAL A 64 -9.85 -1.73 3.39
C VAL A 64 -11.25 -1.97 3.91
N GLN A 65 -12.23 -1.26 3.37
CA GLN A 65 -13.61 -1.47 3.77
C GLN A 65 -14.01 -2.91 3.49
N TYR A 66 -13.51 -3.44 2.39
CA TYR A 66 -13.68 -4.85 2.08
C TYR A 66 -12.88 -5.72 3.04
N TYR A 67 -11.59 -5.40 3.23
CA TYR A 67 -10.69 -6.25 4.01
C TYR A 67 -10.96 -6.16 5.51
N GLN A 68 -11.66 -5.14 5.94
CA GLN A 68 -12.07 -5.06 7.34
C GLN A 68 -13.21 -6.05 7.60
N GLU A 69 -14.01 -6.31 6.58
CA GLU A 69 -15.13 -7.25 6.69
C GLU A 69 -14.76 -8.63 6.17
N LYS A 70 -14.04 -8.65 5.07
CA LYS A 70 -13.55 -9.89 4.46
C LYS A 70 -12.06 -9.75 4.17
N PRO A 71 -11.24 -9.96 5.21
CA PRO A 71 -9.78 -9.78 5.13
C PRO A 71 -9.13 -10.83 4.23
N ALA A 72 -7.92 -10.54 3.76
CA ALA A 72 -7.27 -11.38 2.77
C ALA A 72 -6.41 -12.44 3.45
N ILE A 73 -6.51 -13.66 2.96
CA ILE A 73 -5.85 -14.79 3.60
C ILE A 73 -4.64 -15.25 2.79
N ILE A 74 -3.50 -15.40 3.47
CA ILE A 74 -2.29 -15.91 2.84
C ILE A 74 -1.81 -17.16 3.56
N ASN A 75 -1.79 -18.27 2.84
CA ASN A 75 -1.29 -19.55 3.36
C ASN A 75 -1.97 -19.92 4.67
N GLY A 76 -3.29 -19.75 4.71
CA GLY A 76 -4.06 -20.14 5.88
C GLY A 76 -4.12 -19.05 6.94
N GLU A 77 -3.42 -17.96 6.71
CA GLU A 77 -3.41 -16.86 7.69
C GLU A 77 -4.32 -15.73 7.24
N LYS A 78 -5.22 -15.33 8.11
CA LYS A 78 -6.14 -14.25 7.81
C LYS A 78 -5.48 -12.92 8.13
N LEU A 79 -5.10 -12.20 7.09
CA LEU A 79 -4.45 -10.92 7.27
C LEU A 79 -5.47 -9.82 7.35
N LEU A 80 -5.44 -9.07 8.43
CA LEU A 80 -6.31 -7.93 8.54
C LEU A 80 -5.65 -6.76 7.83
N ILE A 81 -6.22 -6.39 6.70
CA ILE A 81 -5.72 -5.27 5.93
C ILE A 81 -6.52 -4.04 6.32
N ARG A 82 -5.86 -3.07 6.92
CA ARG A 82 -6.56 -1.95 7.52
C ARG A 82 -5.83 -0.62 7.35
N MET A 83 -6.60 0.47 7.46
CA MET A 83 -6.11 1.83 7.22
C MET A 83 -5.03 2.21 8.22
N SER A 84 -3.95 2.80 7.74
CA SER A 84 -2.88 3.29 8.60
C SER A 84 -3.14 4.73 9.03
N THR A 85 -3.11 4.97 10.34
CA THR A 85 -3.15 6.32 10.85
C THR A 85 -1.74 6.82 11.09
N ARG A 86 -0.81 5.87 11.28
CA ARG A 86 0.58 6.19 11.56
C ARG A 86 1.28 6.75 10.33
N TYR A 87 0.87 6.29 9.15
CA TYR A 87 1.45 6.77 7.91
C TYR A 87 0.37 7.30 6.99
N LYS A 88 0.59 8.49 6.46
CA LYS A 88 -0.30 9.04 5.45
C LYS A 88 0.24 8.72 4.07
N GLU A 89 1.57 8.72 3.96
CA GLU A 89 2.24 8.39 2.72
C GLU A 89 3.56 7.69 3.02
N LEU A 90 3.98 6.81 2.12
CA LEU A 90 5.26 6.14 2.23
C LEU A 90 6.30 6.89 1.42
N GLN A 91 7.15 7.64 2.09
CA GLN A 91 8.12 8.47 1.41
C GLN A 91 9.35 7.67 1.02
N LEU A 92 9.22 6.87 -0.02
CA LEU A 92 10.34 6.10 -0.53
C LEU A 92 11.13 6.90 -1.54
N LYS A 93 12.42 6.61 -1.66
CA LYS A 93 13.27 7.28 -2.63
C LYS A 93 13.22 6.58 -3.98
N LYS A 94 12.09 5.95 -4.27
CA LYS A 94 11.90 5.25 -5.53
C LYS A 94 11.13 6.14 -6.50
N PRO A 95 11.77 6.56 -7.59
CA PRO A 95 11.14 7.44 -8.58
C PRO A 95 10.27 6.67 -9.57
N GLY A 96 9.49 7.40 -10.35
CA GLY A 96 8.65 6.79 -11.35
C GLY A 96 9.17 7.04 -12.75
N LYS A 97 10.04 6.17 -13.21
CA LYS A 97 10.63 6.32 -14.54
C LYS A 97 10.20 5.18 -15.45
N ASN A 98 10.38 3.96 -14.97
CA ASN A 98 10.04 2.77 -15.75
C ASN A 98 8.67 2.24 -15.35
N VAL A 99 7.81 2.03 -16.35
CA VAL A 99 6.46 1.50 -16.15
C VAL A 99 5.53 2.54 -15.54
N ALA A 100 5.94 3.09 -14.40
CA ALA A 100 5.17 4.11 -13.71
C ALA A 100 4.91 5.29 -14.63
N ALA A 101 3.68 5.36 -15.14
CA ALA A 101 3.28 6.39 -16.07
C ALA A 101 3.44 7.77 -15.46
N ILE A 102 4.30 8.57 -16.07
CA ILE A 102 4.48 9.96 -15.67
C ILE A 102 3.24 10.77 -16.02
N ILE A 103 2.36 10.94 -15.04
CA ILE A 103 1.13 11.70 -15.23
C ILE A 103 1.16 12.96 -14.36
N GLN A 104 1.46 14.09 -14.98
CA GLN A 104 1.52 15.37 -14.27
C GLN A 104 0.49 16.34 -14.82
N ASP A 105 -0.59 15.76 -15.34
CA ASP A 105 -1.67 16.52 -15.94
C ASP A 105 -2.86 15.61 -16.12
N ILE A 106 -3.91 15.92 -15.40
CA ILE A 106 -5.11 15.10 -15.34
C ILE A 106 -4.77 13.73 -14.74
N HIS A 107 -4.74 13.67 -13.41
CA HIS A 107 -4.26 12.49 -12.70
C HIS A 107 -5.34 11.42 -12.61
N SER A 108 -6.37 11.55 -13.44
CA SER A 108 -7.43 10.57 -13.50
C SER A 108 -7.40 9.86 -14.85
N GLN A 109 -6.30 10.04 -15.58
CA GLN A 109 -6.10 9.39 -16.85
C GLN A 109 -5.67 7.93 -16.65
N ARG A 110 -5.84 7.12 -17.68
CA ARG A 110 -5.43 5.73 -17.63
C ARG A 110 -3.91 5.66 -17.69
N GLU A 111 -3.32 4.92 -16.77
CA GLU A 111 -1.87 4.78 -16.72
C GLU A 111 -1.37 3.99 -17.93
N ARG A 112 -0.65 4.67 -18.81
CA ARG A 112 -0.12 4.05 -20.01
C ARG A 112 1.39 4.24 -20.06
N GLY A 1 9.54 11.05 -12.65
CA GLY A 1 8.73 10.04 -13.37
C GLY A 1 8.75 8.71 -12.65
N ALA A 2 7.66 8.38 -11.97
CA ALA A 2 7.59 7.15 -11.21
C ALA A 2 6.14 6.80 -10.93
N MET A 3 5.91 5.56 -10.49
CA MET A 3 4.57 5.09 -10.17
C MET A 3 4.09 5.74 -8.88
N ALA A 4 4.99 6.44 -8.20
CA ALA A 4 4.66 7.20 -7.02
C ALA A 4 3.86 8.44 -7.40
N GLN A 5 2.53 8.33 -7.33
CA GLN A 5 1.66 9.45 -7.61
C GLN A 5 1.70 10.46 -6.48
N ARG A 6 2.37 10.07 -5.38
CA ARG A 6 2.57 10.94 -4.20
C ARG A 6 1.27 11.13 -3.43
N LYS A 7 0.17 11.27 -4.15
CA LYS A 7 -1.15 11.19 -3.53
C LYS A 7 -1.41 9.77 -3.06
N GLY A 8 -0.67 9.34 -2.06
CA GLY A 8 -0.81 8.00 -1.55
C GLY A 8 -2.07 7.84 -0.72
N ALA A 9 -3.21 8.15 -1.35
CA ALA A 9 -4.53 8.01 -0.74
C ALA A 9 -4.76 9.01 0.39
N GLY A 10 -3.68 9.63 0.83
CA GLY A 10 -3.72 10.41 2.03
C GLY A 10 -3.75 9.49 3.23
N ARG A 11 -3.56 8.20 2.94
CA ARG A 11 -3.58 7.15 3.94
C ARG A 11 -2.70 6.00 3.48
N VAL A 12 -1.94 5.45 4.40
CA VAL A 12 -1.16 4.26 4.15
C VAL A 12 -1.81 3.09 4.85
N VAL A 13 -1.87 1.95 4.21
CA VAL A 13 -2.55 0.81 4.79
C VAL A 13 -1.53 -0.13 5.43
N HIS A 14 -1.74 -0.47 6.69
CA HIS A 14 -0.82 -1.35 7.39
C HIS A 14 -1.43 -2.74 7.55
N ILE A 15 -0.60 -3.74 7.33
CA ILE A 15 -1.03 -5.12 7.43
C ILE A 15 -0.35 -5.79 8.62
N CYS A 16 -1.13 -6.57 9.36
CA CYS A 16 -0.65 -7.17 10.59
C CYS A 16 -0.81 -8.68 10.55
N ASN A 17 -0.25 -9.36 11.56
CA ASN A 17 -0.35 -10.82 11.67
C ASN A 17 0.37 -11.50 10.52
N LEU A 18 1.49 -10.93 10.11
CA LEU A 18 2.23 -11.44 8.97
C LEU A 18 3.27 -12.46 9.42
N PRO A 19 3.21 -13.68 8.89
CA PRO A 19 4.23 -14.69 9.17
C PRO A 19 5.57 -14.33 8.54
N GLU A 20 6.62 -14.37 9.35
CA GLU A 20 7.96 -14.08 8.89
C GLU A 20 8.44 -15.19 7.96
N GLY A 21 8.89 -14.81 6.77
CA GLY A 21 9.47 -15.77 5.86
C GLY A 21 8.45 -16.44 4.96
N SER A 22 7.18 -16.37 5.31
CA SER A 22 6.16 -17.04 4.52
C SER A 22 5.46 -16.05 3.59
N CYS A 23 5.24 -14.83 4.05
CA CYS A 23 4.71 -13.78 3.20
C CYS A 23 5.84 -13.06 2.49
N THR A 24 5.68 -12.81 1.20
CA THR A 24 6.69 -12.11 0.44
C THR A 24 6.23 -10.68 0.16
N GLU A 25 7.12 -9.85 -0.36
CA GLU A 25 6.77 -8.49 -0.76
C GLU A 25 5.57 -8.53 -1.69
N ASN A 26 5.62 -9.46 -2.64
CA ASN A 26 4.60 -9.59 -3.67
C ASN A 26 3.22 -9.85 -3.08
N ASP A 27 3.12 -10.73 -2.09
CA ASP A 27 1.82 -11.06 -1.51
C ASP A 27 1.19 -9.84 -0.88
N VAL A 28 1.99 -9.11 -0.10
CA VAL A 28 1.52 -7.94 0.61
C VAL A 28 1.04 -6.88 -0.38
N ILE A 29 1.83 -6.66 -1.43
CA ILE A 29 1.49 -5.70 -2.47
C ILE A 29 0.28 -6.18 -3.27
N ASN A 30 0.24 -7.47 -3.57
CA ASN A 30 -0.84 -8.06 -4.36
C ASN A 30 -2.18 -7.96 -3.65
N LEU A 31 -2.15 -7.94 -2.32
CA LEU A 31 -3.40 -7.89 -1.54
C LEU A 31 -4.13 -6.58 -1.70
N GLY A 32 -3.38 -5.48 -1.80
CA GLY A 32 -4.02 -4.18 -1.93
C GLY A 32 -4.56 -3.94 -3.32
N LEU A 33 -3.82 -4.41 -4.32
CA LEU A 33 -4.13 -4.16 -5.73
C LEU A 33 -5.59 -4.45 -6.14
N PRO A 34 -6.22 -5.58 -5.71
CA PRO A 34 -7.56 -5.96 -6.19
C PRO A 34 -8.64 -4.88 -6.09
N PHE A 35 -8.60 -4.03 -5.06
CA PHE A 35 -9.57 -2.94 -4.96
C PHE A 35 -8.94 -1.56 -5.16
N GLY A 36 -7.62 -1.50 -5.04
CA GLY A 36 -6.92 -0.24 -5.21
C GLY A 36 -5.73 -0.35 -6.13
N LYS A 37 -4.72 0.45 -5.86
CA LYS A 37 -3.45 0.40 -6.58
C LYS A 37 -2.32 0.79 -5.66
N VAL A 38 -1.17 0.14 -5.82
CA VAL A 38 -0.02 0.39 -4.98
C VAL A 38 0.97 1.31 -5.68
N THR A 39 1.39 2.34 -4.97
CA THR A 39 2.41 3.26 -5.46
C THR A 39 3.76 2.99 -4.80
N ASN A 40 3.73 2.69 -3.51
CA ASN A 40 4.94 2.42 -2.72
C ASN A 40 4.63 1.44 -1.62
N TYR A 41 5.66 0.89 -1.01
CA TYR A 41 5.49 -0.01 0.12
C TYR A 41 6.66 0.11 1.08
N ILE A 42 6.39 -0.15 2.36
CA ILE A 42 7.42 -0.20 3.38
C ILE A 42 7.21 -1.43 4.24
N LEU A 43 8.21 -2.29 4.32
CA LEU A 43 8.08 -3.53 5.06
C LEU A 43 8.96 -3.53 6.30
N MET A 44 8.31 -3.55 7.46
CA MET A 44 9.05 -3.67 8.71
C MET A 44 8.82 -5.07 9.28
N LYS A 45 9.63 -6.01 8.83
CA LYS A 45 9.48 -7.40 9.23
C LYS A 45 9.80 -7.58 10.71
N SER A 46 10.70 -6.75 11.22
CA SER A 46 11.12 -6.84 12.61
C SER A 46 9.96 -6.57 13.56
N THR A 47 9.08 -5.65 13.18
CA THR A 47 7.95 -5.29 14.01
C THR A 47 6.68 -6.02 13.59
N ASN A 48 6.84 -6.99 12.70
CA ASN A 48 5.73 -7.79 12.17
C ASN A 48 4.69 -6.89 11.52
N GLN A 49 5.15 -5.91 10.75
CA GLN A 49 4.24 -4.94 10.17
C GLN A 49 4.58 -4.66 8.71
N ALA A 50 3.56 -4.35 7.94
CA ALA A 50 3.75 -3.97 6.55
C ALA A 50 2.95 -2.72 6.24
N PHE A 51 3.50 -1.86 5.41
CA PHE A 51 2.84 -0.63 5.02
C PHE A 51 2.72 -0.56 3.51
N LEU A 52 1.51 -0.34 3.02
CA LEU A 52 1.26 -0.32 1.60
C LEU A 52 0.58 0.98 1.20
N GLU A 53 1.10 1.64 0.18
CA GLU A 53 0.60 2.93 -0.25
C GLU A 53 -0.31 2.78 -1.46
N MET A 54 -1.42 3.50 -1.45
CA MET A 54 -2.41 3.36 -2.49
C MET A 54 -2.48 4.62 -3.34
N ALA A 55 -2.54 4.42 -4.65
CA ALA A 55 -2.48 5.51 -5.63
C ALA A 55 -3.62 6.50 -5.47
N TYR A 56 -4.71 6.06 -4.89
CA TYR A 56 -5.88 6.92 -4.73
C TYR A 56 -6.48 6.74 -3.34
N THR A 57 -7.05 7.81 -2.81
CA THR A 57 -7.71 7.76 -1.51
C THR A 57 -8.83 6.72 -1.52
N GLU A 58 -9.53 6.65 -2.64
CA GLU A 58 -10.58 5.66 -2.86
C GLU A 58 -10.00 4.27 -2.94
N ALA A 59 -8.79 4.17 -3.49
CA ALA A 59 -8.14 2.88 -3.62
C ALA A 59 -7.90 2.29 -2.24
N ALA A 60 -7.38 3.11 -1.34
CA ALA A 60 -7.09 2.67 0.01
C ALA A 60 -8.35 2.38 0.80
N GLN A 61 -9.32 3.29 0.71
CA GLN A 61 -10.54 3.15 1.50
C GLN A 61 -11.39 1.99 1.00
N ALA A 62 -11.56 1.89 -0.32
CA ALA A 62 -12.42 0.86 -0.90
C ALA A 62 -11.90 -0.53 -0.59
N MET A 63 -10.59 -0.72 -0.70
CA MET A 63 -10.02 -2.03 -0.47
C MET A 63 -10.13 -2.42 0.99
N VAL A 64 -9.77 -1.50 1.87
CA VAL A 64 -9.75 -1.78 3.29
C VAL A 64 -11.15 -2.00 3.85
N GLN A 65 -12.12 -1.24 3.34
CA GLN A 65 -13.51 -1.44 3.77
C GLN A 65 -13.93 -2.88 3.48
N TYR A 66 -13.48 -3.40 2.35
CA TYR A 66 -13.69 -4.80 2.03
C TYR A 66 -12.86 -5.70 2.95
N TYR A 67 -11.57 -5.41 3.08
CA TYR A 67 -10.64 -6.29 3.80
C TYR A 67 -10.85 -6.26 5.31
N GLN A 68 -11.54 -5.26 5.81
CA GLN A 68 -11.88 -5.24 7.22
C GLN A 68 -13.08 -6.15 7.50
N GLU A 69 -13.93 -6.33 6.49
CA GLU A 69 -15.09 -7.20 6.63
C GLU A 69 -14.79 -8.59 6.08
N LYS A 70 -14.06 -8.63 4.97
CA LYS A 70 -13.58 -9.88 4.39
C LYS A 70 -12.10 -9.76 4.10
N PRO A 71 -11.27 -9.99 5.12
CA PRO A 71 -9.81 -9.85 5.04
C PRO A 71 -9.18 -10.90 4.14
N ALA A 72 -7.95 -10.65 3.70
CA ALA A 72 -7.30 -11.50 2.72
C ALA A 72 -6.51 -12.60 3.43
N ILE A 73 -6.55 -13.78 2.84
CA ILE A 73 -6.04 -14.97 3.52
C ILE A 73 -4.84 -15.56 2.80
N ILE A 74 -3.74 -15.69 3.53
CA ILE A 74 -2.55 -16.35 3.00
C ILE A 74 -2.18 -17.54 3.87
N ASN A 75 -2.08 -18.72 3.25
CA ASN A 75 -1.74 -19.96 3.96
C ASN A 75 -2.77 -20.27 5.04
N GLY A 76 -4.02 -19.92 4.76
CA GLY A 76 -5.07 -20.15 5.72
C GLY A 76 -5.06 -19.14 6.85
N GLU A 77 -4.20 -18.14 6.72
CA GLU A 77 -4.09 -17.09 7.73
C GLU A 77 -4.78 -15.83 7.25
N LYS A 78 -5.68 -15.31 8.08
CA LYS A 78 -6.39 -14.10 7.74
C LYS A 78 -5.56 -12.89 8.08
N LEU A 79 -5.18 -12.13 7.08
CA LEU A 79 -4.47 -10.89 7.29
C LEU A 79 -5.48 -9.76 7.40
N LEU A 80 -5.44 -9.05 8.49
CA LEU A 80 -6.29 -7.89 8.61
C LEU A 80 -5.62 -6.72 7.93
N ILE A 81 -6.19 -6.33 6.81
CA ILE A 81 -5.69 -5.18 6.06
C ILE A 81 -6.50 -3.97 6.49
N ARG A 82 -5.82 -3.00 7.12
CA ARG A 82 -6.52 -1.88 7.75
C ARG A 82 -5.79 -0.55 7.55
N MET A 83 -6.56 0.53 7.60
CA MET A 83 -6.06 1.87 7.28
C MET A 83 -5.17 2.38 8.41
N SER A 84 -3.96 2.80 8.08
CA SER A 84 -3.05 3.34 9.08
C SER A 84 -3.24 4.86 9.22
N THR A 85 -3.37 5.32 10.45
CA THR A 85 -3.47 6.75 10.72
C THR A 85 -2.10 7.34 11.03
N ARG A 86 -1.14 6.46 11.23
CA ARG A 86 0.21 6.87 11.62
C ARG A 86 1.04 7.31 10.42
N TYR A 87 0.63 6.91 9.22
CA TYR A 87 1.37 7.26 8.01
C TYR A 87 0.45 7.93 7.00
N LYS A 88 0.94 9.04 6.46
CA LYS A 88 0.21 9.79 5.44
C LYS A 88 0.64 9.32 4.05
N GLU A 89 1.93 9.08 3.91
CA GLU A 89 2.53 8.72 2.63
C GLU A 89 3.83 7.96 2.86
N LEU A 90 4.12 7.01 1.98
CA LEU A 90 5.36 6.26 2.04
C LEU A 90 6.42 6.90 1.15
N GLN A 91 7.37 7.56 1.77
CA GLN A 91 8.43 8.23 1.05
C GLN A 91 9.71 7.40 1.07
N LEU A 92 9.81 6.47 0.14
CA LEU A 92 11.01 5.64 0.00
C LEU A 92 12.20 6.50 -0.39
N LYS A 93 13.38 6.12 0.07
CA LYS A 93 14.59 6.86 -0.26
C LYS A 93 15.04 6.51 -1.67
N LYS A 94 14.34 7.07 -2.65
CA LYS A 94 14.62 6.83 -4.05
C LYS A 94 15.39 8.00 -4.64
N PRO A 95 16.62 7.74 -5.12
CA PRO A 95 17.51 8.76 -5.69
C PRO A 95 16.85 9.58 -6.80
N GLY A 96 16.07 8.91 -7.65
CA GLY A 96 15.39 9.63 -8.71
C GLY A 96 15.03 8.73 -9.88
N LYS A 97 13.82 8.91 -10.41
CA LYS A 97 13.35 8.13 -11.55
C LYS A 97 12.68 9.05 -12.56
N ASN A 98 12.88 8.76 -13.83
CA ASN A 98 12.26 9.53 -14.91
C ASN A 98 11.41 8.63 -15.80
N VAL A 99 11.85 7.38 -15.92
CA VAL A 99 11.15 6.34 -16.68
C VAL A 99 10.92 6.74 -18.14
N ALA A 100 9.75 7.32 -18.44
CA ALA A 100 9.41 7.62 -19.82
C ALA A 100 8.89 9.06 -19.95
N ALA A 101 7.87 9.39 -19.18
CA ALA A 101 7.26 10.71 -19.26
C ALA A 101 7.14 11.33 -17.87
N ILE A 102 7.67 12.54 -17.72
CA ILE A 102 7.64 13.22 -16.44
C ILE A 102 6.25 13.81 -16.18
N ILE A 103 5.30 12.93 -15.94
CA ILE A 103 3.95 13.33 -15.64
C ILE A 103 3.64 13.01 -14.18
N GLN A 104 3.77 14.00 -13.32
CA GLN A 104 3.47 13.83 -11.92
C GLN A 104 2.71 15.03 -11.40
N ASP A 105 1.43 15.11 -11.76
CA ASP A 105 0.57 16.21 -11.35
C ASP A 105 -0.89 15.85 -11.52
N ILE A 106 -1.21 15.29 -12.68
CA ILE A 106 -2.58 14.91 -13.00
C ILE A 106 -3.03 13.76 -12.10
N HIS A 107 -2.20 12.72 -12.01
CA HIS A 107 -2.47 11.58 -11.14
C HIS A 107 -3.88 11.02 -11.39
N SER A 108 -4.20 10.81 -12.65
CA SER A 108 -5.50 10.25 -13.04
C SER A 108 -5.30 9.25 -14.16
N GLN A 109 -4.50 9.64 -15.14
CA GLN A 109 -4.12 8.75 -16.22
C GLN A 109 -2.96 7.87 -15.77
N ARG A 110 -2.52 6.99 -16.66
CA ARG A 110 -1.41 6.10 -16.39
C ARG A 110 -0.07 6.82 -16.57
N GLU A 111 0.30 7.62 -15.58
CA GLU A 111 1.55 8.35 -15.61
C GLU A 111 2.73 7.37 -15.57
N ARG A 112 3.83 7.72 -16.21
CA ARG A 112 4.96 6.81 -16.34
C ARG A 112 6.30 7.52 -16.16
N GLY A 1 4.04 14.77 -4.54
CA GLY A 1 3.71 13.38 -4.95
C GLY A 1 4.27 13.04 -6.32
N ALA A 2 5.60 13.02 -6.42
CA ALA A 2 6.25 12.70 -7.69
C ALA A 2 6.74 11.25 -7.69
N MET A 3 7.40 10.85 -6.62
CA MET A 3 7.96 9.50 -6.51
C MET A 3 6.86 8.49 -6.16
N ALA A 4 5.74 9.01 -5.68
CA ALA A 4 4.63 8.17 -5.24
C ALA A 4 3.40 9.03 -5.00
N GLN A 5 2.43 8.46 -4.28
CA GLN A 5 1.17 9.13 -3.91
C GLN A 5 0.25 9.28 -5.11
N ARG A 6 0.77 9.85 -6.20
CA ARG A 6 0.03 10.04 -7.45
C ARG A 6 -1.06 11.09 -7.30
N LYS A 7 -2.11 10.77 -6.55
CA LYS A 7 -3.20 11.71 -6.32
C LYS A 7 -2.84 12.71 -5.24
N GLY A 8 -2.14 12.23 -4.22
CA GLY A 8 -1.83 13.07 -3.08
C GLY A 8 -2.81 12.88 -1.95
N ALA A 9 -3.95 12.31 -2.30
CA ALA A 9 -4.98 11.96 -1.32
C ALA A 9 -4.78 10.53 -0.85
N GLY A 10 -3.88 9.84 -1.54
CA GLY A 10 -3.59 8.44 -1.24
C GLY A 10 -3.28 8.21 0.23
N ARG A 11 -3.62 7.03 0.71
CA ARG A 11 -3.44 6.68 2.11
C ARG A 11 -2.67 5.38 2.24
N VAL A 12 -2.00 5.21 3.37
CA VAL A 12 -1.24 4.01 3.62
C VAL A 12 -2.09 3.00 4.37
N VAL A 13 -2.04 1.77 3.92
CA VAL A 13 -2.74 0.68 4.56
C VAL A 13 -1.72 -0.19 5.30
N HIS A 14 -2.03 -0.55 6.54
CA HIS A 14 -1.12 -1.37 7.31
C HIS A 14 -1.69 -2.78 7.44
N ILE A 15 -0.83 -3.76 7.21
CA ILE A 15 -1.23 -5.15 7.29
C ILE A 15 -0.56 -5.82 8.48
N CYS A 16 -1.36 -6.52 9.26
CA CYS A 16 -0.88 -7.18 10.46
C CYS A 16 -1.16 -8.68 10.39
N ASN A 17 -0.69 -9.41 11.42
CA ASN A 17 -0.86 -10.87 11.50
C ASN A 17 -0.02 -11.56 10.44
N LEU A 18 1.06 -10.90 10.03
CA LEU A 18 1.91 -11.40 8.96
C LEU A 18 2.89 -12.46 9.49
N PRO A 19 2.83 -13.68 8.93
CA PRO A 19 3.77 -14.74 9.29
C PRO A 19 5.18 -14.42 8.80
N GLU A 20 6.15 -14.57 9.68
CA GLU A 20 7.53 -14.26 9.37
C GLU A 20 8.11 -15.22 8.35
N GLY A 21 8.61 -14.68 7.25
CA GLY A 21 9.25 -15.50 6.24
C GLY A 21 8.29 -16.13 5.25
N SER A 22 7.00 -16.13 5.58
CA SER A 22 6.01 -16.78 4.73
C SER A 22 5.43 -15.80 3.70
N CYS A 23 5.26 -14.55 4.10
CA CYS A 23 4.79 -13.52 3.20
C CYS A 23 5.94 -12.90 2.43
N THR A 24 5.78 -12.74 1.13
CA THR A 24 6.82 -12.11 0.33
C THR A 24 6.40 -10.68 0.00
N GLU A 25 7.33 -9.88 -0.50
CA GLU A 25 7.05 -8.49 -0.83
C GLU A 25 5.85 -8.40 -1.76
N ASN A 26 5.87 -9.24 -2.78
CA ASN A 26 4.84 -9.25 -3.81
C ASN A 26 3.46 -9.56 -3.22
N ASP A 27 3.40 -10.53 -2.31
CA ASP A 27 2.11 -10.98 -1.75
C ASP A 27 1.38 -9.84 -1.04
N VAL A 28 2.12 -9.12 -0.21
CA VAL A 28 1.55 -8.03 0.57
C VAL A 28 1.02 -6.94 -0.35
N ILE A 29 1.78 -6.67 -1.40
CA ILE A 29 1.38 -5.69 -2.40
C ILE A 29 0.16 -6.18 -3.17
N ASN A 30 0.18 -7.47 -3.52
CA ASN A 30 -0.90 -8.10 -4.28
C ASN A 30 -2.22 -8.03 -3.53
N LEU A 31 -2.17 -8.02 -2.21
CA LEU A 31 -3.39 -8.03 -1.40
C LEU A 31 -4.16 -6.72 -1.52
N GLY A 32 -3.46 -5.61 -1.63
CA GLY A 32 -4.13 -4.32 -1.73
C GLY A 32 -4.63 -4.06 -3.13
N LEU A 33 -3.88 -4.56 -4.11
CA LEU A 33 -4.16 -4.31 -5.53
C LEU A 33 -5.59 -4.65 -6.01
N PRO A 34 -6.25 -5.73 -5.52
CA PRO A 34 -7.59 -6.11 -6.03
C PRO A 34 -8.63 -4.99 -5.96
N PHE A 35 -8.58 -4.14 -4.93
CA PHE A 35 -9.52 -3.03 -4.84
C PHE A 35 -8.85 -1.66 -5.02
N GLY A 36 -7.54 -1.61 -4.85
CA GLY A 36 -6.83 -0.36 -5.01
C GLY A 36 -5.56 -0.49 -5.84
N LYS A 37 -4.70 0.52 -5.77
CA LYS A 37 -3.44 0.52 -6.51
C LYS A 37 -2.30 1.00 -5.62
N VAL A 38 -1.13 0.40 -5.79
CA VAL A 38 0.01 0.68 -4.94
C VAL A 38 1.04 1.54 -5.66
N THR A 39 1.56 2.55 -4.96
CA THR A 39 2.61 3.40 -5.51
C THR A 39 3.99 3.01 -4.94
N ASN A 40 4.00 2.59 -3.68
CA ASN A 40 5.20 2.10 -3.03
C ASN A 40 4.83 1.37 -1.74
N TYR A 41 5.78 0.66 -1.16
CA TYR A 41 5.50 -0.13 0.03
C TYR A 41 6.67 -0.06 1.00
N ILE A 42 6.36 -0.21 2.29
CA ILE A 42 7.38 -0.34 3.31
C ILE A 42 7.07 -1.57 4.14
N LEU A 43 8.00 -2.51 4.17
CA LEU A 43 7.82 -3.75 4.89
C LEU A 43 8.74 -3.84 6.10
N MET A 44 8.14 -3.77 7.28
CA MET A 44 8.91 -3.96 8.49
C MET A 44 8.58 -5.29 9.12
N LYS A 45 9.25 -6.33 8.66
CA LYS A 45 9.03 -7.68 9.12
C LYS A 45 9.45 -7.82 10.57
N SER A 46 10.45 -7.03 10.96
CA SER A 46 10.99 -7.06 12.30
C SER A 46 9.95 -6.62 13.33
N THR A 47 9.03 -5.74 12.92
CA THR A 47 7.98 -5.28 13.80
C THR A 47 6.66 -5.98 13.50
N ASN A 48 6.73 -6.98 12.64
CA ASN A 48 5.56 -7.77 12.22
C ASN A 48 4.47 -6.87 11.63
N GLN A 49 4.87 -5.92 10.81
CA GLN A 49 3.94 -4.95 10.26
C GLN A 49 4.30 -4.61 8.82
N ALA A 50 3.29 -4.31 8.03
CA ALA A 50 3.51 -3.92 6.64
C ALA A 50 2.75 -2.65 6.33
N PHE A 51 3.34 -1.80 5.50
CA PHE A 51 2.69 -0.57 5.09
C PHE A 51 2.64 -0.50 3.58
N LEU A 52 1.44 -0.30 3.04
CA LEU A 52 1.22 -0.29 1.61
C LEU A 52 0.57 1.03 1.19
N GLU A 53 1.16 1.70 0.21
CA GLU A 53 0.71 3.04 -0.20
C GLU A 53 -0.15 2.96 -1.44
N MET A 54 -1.22 3.73 -1.46
CA MET A 54 -2.19 3.65 -2.52
C MET A 54 -2.19 4.90 -3.39
N ALA A 55 -2.30 4.69 -4.69
CA ALA A 55 -2.28 5.77 -5.68
C ALA A 55 -3.52 6.64 -5.57
N TYR A 56 -4.58 6.08 -5.01
CA TYR A 56 -5.84 6.78 -4.84
C TYR A 56 -6.34 6.60 -3.42
N THR A 57 -6.94 7.64 -2.86
CA THR A 57 -7.48 7.55 -1.52
C THR A 57 -8.65 6.58 -1.49
N GLU A 58 -9.46 6.60 -2.55
CA GLU A 58 -10.60 5.70 -2.69
C GLU A 58 -10.11 4.27 -2.83
N ALA A 59 -8.96 4.10 -3.46
CA ALA A 59 -8.37 2.79 -3.61
C ALA A 59 -8.05 2.21 -2.24
N ALA A 60 -7.48 3.05 -1.38
CA ALA A 60 -7.13 2.64 -0.03
C ALA A 60 -8.37 2.40 0.82
N GLN A 61 -9.33 3.32 0.75
CA GLN A 61 -10.54 3.23 1.56
C GLN A 61 -11.40 2.05 1.14
N ALA A 62 -11.62 1.91 -0.17
CA ALA A 62 -12.51 0.89 -0.70
C ALA A 62 -11.97 -0.50 -0.45
N MET A 63 -10.66 -0.67 -0.58
CA MET A 63 -10.04 -1.96 -0.38
C MET A 63 -10.15 -2.36 1.10
N VAL A 64 -9.82 -1.42 1.97
CA VAL A 64 -9.83 -1.68 3.39
C VAL A 64 -11.23 -1.94 3.92
N GLN A 65 -12.20 -1.22 3.39
CA GLN A 65 -13.59 -1.46 3.77
C GLN A 65 -13.96 -2.90 3.45
N TYR A 66 -13.46 -3.39 2.33
CA TYR A 66 -13.62 -4.79 1.97
C TYR A 66 -12.82 -5.70 2.91
N TYR A 67 -11.55 -5.39 3.13
CA TYR A 67 -10.67 -6.29 3.87
C TYR A 67 -10.92 -6.28 5.37
N GLN A 68 -11.45 -5.19 5.90
CA GLN A 68 -11.83 -5.14 7.30
C GLN A 68 -13.05 -6.02 7.55
N GLU A 69 -13.86 -6.19 6.52
CA GLU A 69 -15.05 -7.03 6.62
C GLU A 69 -14.79 -8.44 6.07
N LYS A 70 -14.03 -8.53 4.99
CA LYS A 70 -13.62 -9.80 4.40
C LYS A 70 -12.12 -9.77 4.11
N PRO A 71 -11.31 -10.08 5.13
CA PRO A 71 -9.85 -9.96 5.06
C PRO A 71 -9.19 -11.05 4.20
N ALA A 72 -7.96 -10.78 3.75
CA ALA A 72 -7.27 -11.63 2.79
C ALA A 72 -6.38 -12.65 3.49
N ILE A 73 -6.13 -13.78 2.83
CA ILE A 73 -5.39 -14.88 3.45
C ILE A 73 -4.06 -15.13 2.74
N ILE A 74 -2.98 -15.16 3.49
CA ILE A 74 -1.68 -15.57 2.97
C ILE A 74 -1.14 -16.75 3.79
N ASN A 75 -0.88 -17.86 3.11
CA ASN A 75 -0.28 -19.04 3.74
C ASN A 75 -1.14 -19.57 4.88
N GLY A 76 -2.45 -19.45 4.74
CA GLY A 76 -3.36 -19.94 5.74
C GLY A 76 -3.62 -18.94 6.85
N GLU A 77 -3.01 -17.78 6.77
CA GLU A 77 -3.19 -16.74 7.77
C GLU A 77 -4.13 -15.67 7.25
N LYS A 78 -5.17 -15.38 8.01
CA LYS A 78 -6.10 -14.34 7.62
C LYS A 78 -5.57 -12.99 8.08
N LEU A 79 -5.13 -12.20 7.12
CA LEU A 79 -4.50 -10.92 7.41
C LEU A 79 -5.55 -9.83 7.50
N LEU A 80 -5.50 -9.05 8.55
CA LEU A 80 -6.36 -7.90 8.64
C LEU A 80 -5.71 -6.74 7.90
N ILE A 81 -6.29 -6.38 6.78
CA ILE A 81 -5.80 -5.27 6.00
C ILE A 81 -6.60 -4.03 6.35
N ARG A 82 -5.96 -3.05 6.94
CA ARG A 82 -6.68 -1.87 7.43
C ARG A 82 -5.84 -0.61 7.30
N MET A 83 -6.51 0.54 7.41
CA MET A 83 -5.88 1.83 7.20
C MET A 83 -4.76 2.05 8.23
N SER A 84 -3.68 2.68 7.80
CA SER A 84 -2.56 2.96 8.70
C SER A 84 -2.77 4.28 9.42
N THR A 85 -2.68 4.24 10.74
CA THR A 85 -2.79 5.45 11.55
C THR A 85 -1.41 6.00 11.84
N ARG A 86 -0.41 5.12 11.77
CA ARG A 86 0.97 5.50 12.07
C ARG A 86 1.59 6.23 10.90
N TYR A 87 1.33 5.77 9.69
CA TYR A 87 1.86 6.42 8.49
C TYR A 87 0.73 6.96 7.65
N LYS A 88 0.88 8.22 7.24
CA LYS A 88 -0.07 8.85 6.35
C LYS A 88 0.39 8.69 4.90
N GLU A 89 1.69 8.56 4.72
CA GLU A 89 2.29 8.45 3.40
C GLU A 89 3.62 7.71 3.48
N LEU A 90 3.94 6.92 2.47
CA LEU A 90 5.20 6.19 2.44
C LEU A 90 6.28 6.99 1.71
N GLN A 91 7.38 7.24 2.40
CA GLN A 91 8.49 7.99 1.82
C GLN A 91 9.71 7.09 1.69
N LEU A 92 9.75 6.29 0.62
CA LEU A 92 10.89 5.40 0.38
C LEU A 92 12.18 6.17 0.17
N LYS A 93 13.27 5.55 0.61
CA LYS A 93 14.61 6.11 0.43
C LYS A 93 15.12 5.86 -0.98
N LYS A 94 14.32 5.16 -1.78
CA LYS A 94 14.67 4.88 -3.16
C LYS A 94 14.39 6.10 -4.04
N PRO A 95 15.44 6.63 -4.69
CA PRO A 95 15.31 7.79 -5.59
C PRO A 95 14.78 7.39 -6.96
N GLY A 96 14.78 6.11 -7.25
CA GLY A 96 14.33 5.62 -8.54
C GLY A 96 12.98 4.94 -8.45
N LYS A 97 11.93 5.71 -8.59
CA LYS A 97 10.58 5.17 -8.59
C LYS A 97 9.97 5.28 -9.98
N ASN A 98 9.33 4.21 -10.42
CA ASN A 98 8.63 4.20 -11.71
C ASN A 98 7.33 3.42 -11.60
N VAL A 99 7.42 2.22 -11.02
CA VAL A 99 6.28 1.31 -10.86
C VAL A 99 5.83 0.77 -12.22
N ALA A 100 5.11 1.59 -12.96
CA ALA A 100 4.72 1.26 -14.31
C ALA A 100 4.79 2.52 -15.18
N ALA A 101 4.05 3.54 -14.76
CA ALA A 101 4.10 4.84 -15.43
C ALA A 101 3.60 5.94 -14.49
N ILE A 102 4.52 6.78 -14.05
CA ILE A 102 4.15 7.90 -13.20
C ILE A 102 3.57 9.02 -14.04
N ILE A 103 2.29 8.90 -14.33
CA ILE A 103 1.57 9.88 -15.13
C ILE A 103 1.26 11.12 -14.28
N GLN A 104 2.05 12.16 -14.46
CA GLN A 104 1.90 13.37 -13.65
C GLN A 104 0.87 14.31 -14.25
N ASP A 105 0.71 14.24 -15.57
CA ASP A 105 -0.27 15.07 -16.27
C ASP A 105 -1.68 14.69 -15.85
N ILE A 106 -1.97 13.41 -15.94
CA ILE A 106 -3.25 12.88 -15.52
C ILE A 106 -3.05 11.91 -14.36
N HIS A 107 -3.41 12.33 -13.16
CA HIS A 107 -3.27 11.50 -11.98
C HIS A 107 -4.37 10.45 -11.92
N SER A 108 -4.38 9.58 -12.91
CA SER A 108 -5.36 8.53 -13.03
C SER A 108 -4.97 7.61 -14.19
N GLN A 109 -5.96 6.93 -14.78
CA GLN A 109 -5.74 6.02 -15.90
C GLN A 109 -5.02 4.75 -15.45
N ARG A 110 -5.11 3.73 -16.27
CA ARG A 110 -4.37 2.50 -16.05
C ARG A 110 -2.98 2.66 -16.63
N GLU A 111 -2.01 2.93 -15.76
CA GLU A 111 -0.63 3.14 -16.17
C GLU A 111 -0.11 1.90 -16.89
N ARG A 112 0.64 2.12 -17.96
CA ARG A 112 1.09 1.03 -18.82
C ARG A 112 2.47 0.54 -18.40
N GLY A 1 7.95 14.81 -11.81
CA GLY A 1 6.54 14.49 -11.47
C GLY A 1 6.43 13.63 -10.23
N ALA A 2 5.22 13.18 -9.93
CA ALA A 2 5.00 12.32 -8.76
C ALA A 2 5.07 10.86 -9.16
N MET A 3 6.25 10.27 -9.02
CA MET A 3 6.46 8.86 -9.34
C MET A 3 5.47 8.00 -8.57
N ALA A 4 5.51 8.14 -7.25
CA ALA A 4 4.57 7.43 -6.41
C ALA A 4 3.41 8.34 -6.06
N GLN A 5 2.45 7.82 -5.29
CA GLN A 5 1.23 8.54 -4.93
C GLN A 5 0.30 8.69 -6.14
N ARG A 6 0.87 9.19 -7.25
CA ARG A 6 0.16 9.33 -8.53
C ARG A 6 -0.85 10.47 -8.49
N LYS A 7 -1.75 10.40 -7.52
CA LYS A 7 -2.78 11.41 -7.35
C LYS A 7 -2.56 12.16 -6.06
N GLY A 8 -3.36 13.19 -5.82
CA GLY A 8 -3.26 13.97 -4.60
C GLY A 8 -3.91 13.26 -3.44
N ALA A 9 -3.37 12.10 -3.09
CA ALA A 9 -3.88 11.30 -2.00
C ALA A 9 -2.76 10.48 -1.40
N GLY A 10 -2.34 9.44 -2.12
CA GLY A 10 -1.23 8.59 -1.68
C GLY A 10 -1.35 8.21 -0.22
N ARG A 11 -2.32 7.38 0.10
CA ARG A 11 -2.58 7.01 1.48
C ARG A 11 -2.07 5.62 1.78
N VAL A 12 -1.57 5.42 2.98
CA VAL A 12 -0.96 4.16 3.36
C VAL A 12 -1.94 3.25 4.10
N VAL A 13 -1.94 1.99 3.70
CA VAL A 13 -2.71 0.96 4.36
C VAL A 13 -1.77 0.07 5.17
N HIS A 14 -2.16 -0.25 6.38
CA HIS A 14 -1.35 -1.05 7.27
C HIS A 14 -1.91 -2.47 7.38
N ILE A 15 -1.05 -3.45 7.14
CA ILE A 15 -1.45 -4.84 7.21
C ILE A 15 -0.89 -5.49 8.47
N CYS A 16 -1.74 -6.22 9.18
CA CYS A 16 -1.37 -6.86 10.43
C CYS A 16 -1.45 -8.38 10.32
N ASN A 17 -1.03 -9.05 11.40
CA ASN A 17 -1.08 -10.52 11.51
C ASN A 17 -0.05 -11.17 10.58
N LEU A 18 1.02 -10.45 10.32
CA LEU A 18 2.04 -10.91 9.39
C LEU A 18 3.13 -11.71 10.11
N PRO A 19 3.36 -12.95 9.66
CA PRO A 19 4.43 -13.81 10.19
C PRO A 19 5.82 -13.30 9.80
N GLU A 20 6.74 -13.30 10.76
CA GLU A 20 8.10 -12.81 10.53
C GLU A 20 8.82 -13.65 9.49
N GLY A 21 9.32 -12.99 8.45
CA GLY A 21 10.14 -13.65 7.44
C GLY A 21 9.36 -14.50 6.46
N SER A 22 8.13 -14.85 6.81
CA SER A 22 7.31 -15.70 5.96
C SER A 22 6.53 -14.86 4.94
N CYS A 23 6.54 -13.56 5.15
CA CYS A 23 5.85 -12.65 4.26
C CYS A 23 6.74 -12.28 3.08
N THR A 24 6.17 -12.26 1.89
CA THR A 24 6.92 -11.88 0.69
C THR A 24 6.50 -10.49 0.26
N GLU A 25 7.33 -9.82 -0.52
CA GLU A 25 6.98 -8.51 -1.03
C GLU A 25 5.76 -8.60 -1.95
N ASN A 26 5.82 -9.57 -2.87
CA ASN A 26 4.82 -9.67 -3.93
C ASN A 26 3.43 -10.00 -3.39
N ASP A 27 3.35 -10.93 -2.44
CA ASP A 27 2.04 -11.36 -1.95
C ASP A 27 1.33 -10.22 -1.21
N VAL A 28 2.07 -9.53 -0.34
CA VAL A 28 1.50 -8.44 0.44
C VAL A 28 1.02 -7.30 -0.46
N ILE A 29 1.81 -6.99 -1.49
CA ILE A 29 1.45 -5.95 -2.45
C ILE A 29 0.23 -6.36 -3.27
N ASN A 30 0.24 -7.60 -3.76
CA ASN A 30 -0.86 -8.14 -4.54
C ASN A 30 -2.15 -8.21 -3.74
N LEU A 31 -2.06 -8.33 -2.42
CA LEU A 31 -3.24 -8.33 -1.58
C LEU A 31 -3.96 -6.99 -1.59
N GLY A 32 -3.19 -5.91 -1.65
CA GLY A 32 -3.80 -4.59 -1.64
C GLY A 32 -4.37 -4.21 -3.01
N LEU A 33 -3.60 -4.55 -4.04
CA LEU A 33 -3.92 -4.13 -5.42
C LEU A 33 -5.38 -4.37 -5.88
N PRO A 34 -6.04 -5.50 -5.54
CA PRO A 34 -7.39 -5.82 -6.07
C PRO A 34 -8.43 -4.70 -5.94
N PHE A 35 -8.39 -3.91 -4.86
CA PHE A 35 -9.32 -2.80 -4.74
C PHE A 35 -8.65 -1.44 -4.82
N GLY A 36 -7.35 -1.43 -4.58
CA GLY A 36 -6.59 -0.20 -4.69
C GLY A 36 -5.19 -0.39 -5.23
N LYS A 37 -4.78 0.50 -6.14
CA LYS A 37 -3.46 0.42 -6.77
C LYS A 37 -2.36 0.82 -5.78
N VAL A 38 -1.24 0.13 -5.86
CA VAL A 38 -0.11 0.35 -4.98
C VAL A 38 0.96 1.18 -5.69
N THR A 39 1.49 2.15 -4.97
CA THR A 39 2.53 3.01 -5.50
C THR A 39 3.90 2.69 -4.89
N ASN A 40 3.89 2.38 -3.59
CA ASN A 40 5.12 2.08 -2.86
C ASN A 40 4.81 1.20 -1.65
N TYR A 41 5.84 0.64 -1.03
CA TYR A 41 5.64 -0.21 0.14
C TYR A 41 6.78 -0.07 1.15
N ILE A 42 6.44 -0.29 2.41
CA ILE A 42 7.44 -0.45 3.46
C ILE A 42 7.12 -1.74 4.21
N LEU A 43 8.07 -2.66 4.21
CA LEU A 43 7.86 -3.95 4.82
C LEU A 43 8.75 -4.14 6.03
N MET A 44 8.14 -4.18 7.21
CA MET A 44 8.88 -4.50 8.42
C MET A 44 8.47 -5.89 8.89
N LYS A 45 9.10 -6.89 8.29
CA LYS A 45 8.76 -8.28 8.55
C LYS A 45 9.17 -8.70 9.94
N SER A 46 10.26 -8.14 10.42
CA SER A 46 10.78 -8.46 11.74
C SER A 46 9.87 -7.96 12.86
N THR A 47 9.13 -6.89 12.58
CA THR A 47 8.25 -6.32 13.58
C THR A 47 6.79 -6.69 13.31
N ASN A 48 6.59 -7.66 12.40
CA ASN A 48 5.27 -8.15 12.03
C ASN A 48 4.38 -7.03 11.50
N GLN A 49 4.92 -6.18 10.65
CA GLN A 49 4.17 -5.04 10.13
C GLN A 49 4.45 -4.81 8.65
N ALA A 50 3.45 -4.33 7.95
CA ALA A 50 3.64 -3.90 6.57
C ALA A 50 2.85 -2.65 6.30
N PHE A 51 3.42 -1.77 5.51
CA PHE A 51 2.75 -0.54 5.13
C PHE A 51 2.76 -0.42 3.62
N LEU A 52 1.59 -0.26 3.05
CA LEU A 52 1.43 -0.26 1.61
C LEU A 52 0.81 1.06 1.17
N GLU A 53 1.34 1.66 0.10
CA GLU A 53 0.86 2.96 -0.35
C GLU A 53 -0.08 2.81 -1.51
N MET A 54 -1.25 3.41 -1.38
CA MET A 54 -2.27 3.35 -2.40
C MET A 54 -2.34 4.67 -3.15
N ALA A 55 -2.40 4.56 -4.47
CA ALA A 55 -2.37 5.72 -5.36
C ALA A 55 -3.57 6.62 -5.17
N TYR A 56 -4.69 6.03 -4.81
CA TYR A 56 -5.96 6.75 -4.76
C TYR A 56 -6.57 6.62 -3.40
N THR A 57 -7.04 7.74 -2.85
CA THR A 57 -7.67 7.74 -1.55
C THR A 57 -8.93 6.89 -1.56
N GLU A 58 -9.67 6.91 -2.68
CA GLU A 58 -10.85 6.08 -2.82
C GLU A 58 -10.46 4.62 -2.87
N ALA A 59 -9.30 4.35 -3.46
CA ALA A 59 -8.78 3.01 -3.56
C ALA A 59 -8.46 2.49 -2.17
N ALA A 60 -7.78 3.32 -1.39
CA ALA A 60 -7.34 2.93 -0.05
C ALA A 60 -8.51 2.72 0.89
N GLN A 61 -9.45 3.65 0.87
CA GLN A 61 -10.59 3.60 1.78
C GLN A 61 -11.50 2.42 1.45
N ALA A 62 -11.77 2.23 0.16
CA ALA A 62 -12.67 1.17 -0.30
C ALA A 62 -12.08 -0.21 -0.08
N MET A 63 -10.79 -0.37 -0.39
CA MET A 63 -10.13 -1.66 -0.31
C MET A 63 -10.18 -2.19 1.12
N VAL A 64 -9.91 -1.33 2.07
CA VAL A 64 -9.89 -1.71 3.47
C VAL A 64 -11.28 -2.08 3.95
N GLN A 65 -12.29 -1.38 3.46
CA GLN A 65 -13.67 -1.69 3.81
C GLN A 65 -14.00 -3.12 3.40
N TYR A 66 -13.45 -3.55 2.26
CA TYR A 66 -13.57 -4.94 1.85
C TYR A 66 -12.77 -5.85 2.79
N TYR A 67 -11.51 -5.50 3.03
CA TYR A 67 -10.61 -6.37 3.80
C TYR A 67 -10.94 -6.37 5.29
N GLN A 68 -11.71 -5.41 5.75
CA GLN A 68 -12.16 -5.40 7.13
C GLN A 68 -13.33 -6.35 7.32
N GLU A 69 -14.09 -6.58 6.26
CA GLU A 69 -15.21 -7.51 6.30
C GLU A 69 -14.81 -8.89 5.75
N LYS A 70 -14.01 -8.86 4.69
CA LYS A 70 -13.49 -10.08 4.07
C LYS A 70 -11.98 -9.94 3.87
N PRO A 71 -11.22 -10.17 4.94
CA PRO A 71 -9.77 -9.93 4.97
C PRO A 71 -8.98 -10.95 4.13
N ALA A 72 -7.77 -10.56 3.76
CA ALA A 72 -6.94 -11.35 2.86
C ALA A 72 -5.99 -12.26 3.65
N ILE A 73 -5.58 -13.36 3.04
CA ILE A 73 -4.84 -14.39 3.75
C ILE A 73 -3.45 -14.62 3.13
N ILE A 74 -2.44 -14.76 3.98
CA ILE A 74 -1.09 -15.15 3.55
C ILE A 74 -0.66 -16.43 4.25
N ASN A 75 -0.43 -17.48 3.48
CA ASN A 75 0.07 -18.76 4.01
C ASN A 75 -0.84 -19.32 5.08
N GLY A 76 -2.15 -19.15 4.90
CA GLY A 76 -3.11 -19.66 5.86
C GLY A 76 -3.32 -18.71 7.02
N GLU A 77 -2.65 -17.57 7.00
CA GLU A 77 -2.81 -16.58 8.05
C GLU A 77 -3.72 -15.46 7.57
N LYS A 78 -4.76 -15.18 8.34
CA LYS A 78 -5.74 -14.17 7.97
C LYS A 78 -5.23 -12.79 8.35
N LEU A 79 -4.85 -12.02 7.36
CA LEU A 79 -4.29 -10.71 7.58
C LEU A 79 -5.39 -9.68 7.73
N LEU A 80 -5.21 -8.78 8.67
CA LEU A 80 -6.11 -7.66 8.78
C LEU A 80 -5.51 -6.48 8.04
N ILE A 81 -6.13 -6.13 6.93
CA ILE A 81 -5.68 -4.99 6.14
C ILE A 81 -6.52 -3.78 6.53
N ARG A 82 -5.86 -2.78 7.12
CA ARG A 82 -6.58 -1.66 7.72
C ARG A 82 -5.95 -0.32 7.34
N MET A 83 -6.72 0.73 7.49
CA MET A 83 -6.25 2.08 7.22
C MET A 83 -5.14 2.43 8.23
N SER A 84 -3.99 2.85 7.71
CA SER A 84 -2.83 3.09 8.57
C SER A 84 -2.98 4.37 9.36
N THR A 85 -2.82 4.25 10.67
CA THR A 85 -2.86 5.41 11.55
C THR A 85 -1.43 5.86 11.87
N ARG A 86 -0.46 5.20 11.25
CA ARG A 86 0.94 5.48 11.50
C ARG A 86 1.54 6.29 10.36
N TYR A 87 1.16 5.96 9.13
CA TYR A 87 1.71 6.61 7.96
C TYR A 87 0.61 7.19 7.09
N LYS A 88 0.82 8.41 6.63
CA LYS A 88 -0.08 9.03 5.66
C LYS A 88 0.40 8.71 4.26
N GLU A 89 1.71 8.78 4.09
CA GLU A 89 2.37 8.43 2.83
C GLU A 89 3.71 7.74 3.14
N LEU A 90 4.19 6.95 2.21
CA LEU A 90 5.44 6.23 2.41
C LEU A 90 6.60 7.04 1.86
N GLN A 91 7.42 7.56 2.75
CA GLN A 91 8.56 8.35 2.34
C GLN A 91 9.82 7.49 2.25
N LEU A 92 9.84 6.65 1.22
CA LEU A 92 10.98 5.78 0.97
C LEU A 92 12.19 6.61 0.56
N LYS A 93 13.37 6.18 0.99
CA LYS A 93 14.61 6.84 0.60
C LYS A 93 15.01 6.41 -0.80
N LYS A 94 14.24 5.49 -1.36
CA LYS A 94 14.39 5.11 -2.76
C LYS A 94 13.71 6.17 -3.63
N PRO A 95 14.41 6.68 -4.65
CA PRO A 95 13.93 7.80 -5.46
C PRO A 95 12.81 7.43 -6.45
N GLY A 96 11.71 6.91 -5.92
CA GLY A 96 10.54 6.62 -6.73
C GLY A 96 10.81 5.60 -7.82
N LYS A 97 11.17 4.39 -7.43
CA LYS A 97 11.45 3.33 -8.38
C LYS A 97 10.32 2.31 -8.39
N ASN A 98 9.20 2.66 -7.77
CA ASN A 98 8.01 1.81 -7.73
C ASN A 98 8.33 0.49 -7.02
N VAL A 99 7.65 -0.58 -7.43
CA VAL A 99 7.90 -1.90 -6.87
C VAL A 99 9.12 -2.54 -7.54
N ALA A 100 8.90 -3.15 -8.70
CA ALA A 100 9.97 -3.74 -9.46
C ALA A 100 9.79 -3.47 -10.95
N ALA A 101 8.85 -2.59 -11.27
CA ALA A 101 8.52 -2.26 -12.65
C ALA A 101 7.82 -0.91 -12.69
N ILE A 102 7.70 -0.35 -13.89
CA ILE A 102 6.98 0.90 -14.08
C ILE A 102 5.49 0.63 -14.09
N ILE A 103 4.88 0.75 -12.92
CA ILE A 103 3.44 0.56 -12.76
C ILE A 103 2.80 1.86 -12.28
N GLN A 104 2.61 2.79 -13.21
CA GLN A 104 2.18 4.14 -12.88
C GLN A 104 1.13 4.65 -13.86
N ASP A 105 1.06 4.03 -15.03
CA ASP A 105 0.21 4.52 -16.11
C ASP A 105 -1.26 4.16 -15.88
N ILE A 106 -1.56 2.87 -15.89
CA ILE A 106 -2.93 2.43 -15.75
C ILE A 106 -3.36 2.52 -14.29
N HIS A 107 -4.58 2.98 -14.06
CA HIS A 107 -4.99 3.38 -12.72
C HIS A 107 -5.43 2.18 -11.87
N SER A 108 -6.00 1.16 -12.48
CA SER A 108 -6.54 0.04 -11.72
C SER A 108 -5.83 -1.28 -12.02
N GLN A 109 -4.86 -1.25 -12.94
CA GLN A 109 -4.13 -2.46 -13.30
C GLN A 109 -2.89 -2.64 -12.43
N ARG A 110 -2.46 -3.89 -12.29
CA ARG A 110 -1.30 -4.24 -11.48
C ARG A 110 -0.03 -4.22 -12.34
N GLU A 111 -0.08 -3.42 -13.38
CA GLU A 111 0.98 -3.36 -14.37
C GLU A 111 0.78 -2.11 -15.22
N ARG A 112 1.89 -1.54 -15.70
CA ARG A 112 1.87 -0.33 -16.52
C ARG A 112 1.52 0.90 -15.70
N GLY A 1 11.08 14.08 -11.27
CA GLY A 1 10.49 13.62 -12.56
C GLY A 1 9.30 12.72 -12.35
N ALA A 2 9.40 11.50 -12.84
CA ALA A 2 8.31 10.55 -12.75
C ALA A 2 8.26 9.90 -11.38
N MET A 3 7.08 9.85 -10.80
CA MET A 3 6.87 9.21 -9.52
C MET A 3 5.42 8.76 -9.41
N ALA A 4 5.05 8.17 -8.29
CA ALA A 4 3.70 7.68 -8.08
C ALA A 4 2.80 8.79 -7.56
N GLN A 5 1.76 8.39 -6.82
CA GLN A 5 0.78 9.34 -6.26
C GLN A 5 0.08 10.11 -7.36
N ARG A 6 -1.04 9.57 -7.82
CA ARG A 6 -1.75 10.16 -8.96
C ARG A 6 -2.66 11.29 -8.52
N LYS A 7 -3.40 11.07 -7.44
CA LYS A 7 -4.26 12.11 -6.89
C LYS A 7 -3.58 12.79 -5.71
N GLY A 8 -4.00 14.02 -5.42
CA GLY A 8 -3.35 14.81 -4.39
C GLY A 8 -3.75 14.40 -2.98
N ALA A 9 -3.51 13.14 -2.66
CA ALA A 9 -3.82 12.62 -1.34
C ALA A 9 -2.97 11.41 -1.02
N GLY A 10 -3.45 10.24 -1.43
CA GLY A 10 -2.76 9.00 -1.12
C GLY A 10 -2.99 8.59 0.33
N ARG A 11 -3.05 7.29 0.57
CA ARG A 11 -3.22 6.77 1.91
C ARG A 11 -2.48 5.45 2.08
N VAL A 12 -1.90 5.25 3.25
CA VAL A 12 -1.18 4.03 3.55
C VAL A 12 -2.07 3.03 4.28
N VAL A 13 -2.00 1.79 3.86
CA VAL A 13 -2.72 0.71 4.50
C VAL A 13 -1.75 -0.09 5.37
N HIS A 14 -2.18 -0.41 6.58
CA HIS A 14 -1.33 -1.12 7.53
C HIS A 14 -1.75 -2.57 7.64
N ILE A 15 -0.85 -3.46 7.26
CA ILE A 15 -1.09 -4.88 7.35
C ILE A 15 -0.23 -5.47 8.45
N CYS A 16 -0.86 -6.14 9.41
CA CYS A 16 -0.16 -6.71 10.54
C CYS A 16 -0.40 -8.21 10.60
N ASN A 17 0.25 -8.86 11.55
CA ASN A 17 0.15 -10.31 11.75
C ASN A 17 0.78 -11.05 10.60
N LEU A 18 1.81 -10.46 10.01
CA LEU A 18 2.48 -11.04 8.87
C LEU A 18 3.57 -12.00 9.33
N PRO A 19 3.48 -13.29 8.94
CA PRO A 19 4.52 -14.27 9.24
C PRO A 19 5.78 -14.01 8.43
N GLU A 20 6.92 -13.98 9.12
CA GLU A 20 8.19 -13.79 8.47
C GLU A 20 8.56 -15.00 7.63
N GLY A 21 9.11 -14.74 6.45
CA GLY A 21 9.55 -15.80 5.57
C GLY A 21 8.42 -16.40 4.75
N SER A 22 7.19 -16.18 5.17
CA SER A 22 6.05 -16.71 4.43
C SER A 22 5.43 -15.61 3.55
N CYS A 23 5.38 -14.40 4.08
CA CYS A 23 4.92 -13.26 3.32
C CYS A 23 6.09 -12.60 2.59
N THR A 24 5.96 -12.44 1.28
CA THR A 24 6.98 -11.76 0.50
C THR A 24 6.49 -10.38 0.12
N GLU A 25 7.38 -9.56 -0.43
CA GLU A 25 7.02 -8.20 -0.84
C GLU A 25 5.79 -8.23 -1.75
N ASN A 26 5.83 -9.13 -2.72
CA ASN A 26 4.81 -9.22 -3.75
C ASN A 26 3.44 -9.55 -3.16
N ASP A 27 3.38 -10.49 -2.22
CA ASP A 27 2.10 -10.94 -1.68
C ASP A 27 1.34 -9.80 -1.04
N VAL A 28 2.04 -9.01 -0.24
CA VAL A 28 1.44 -7.90 0.47
C VAL A 28 0.87 -6.90 -0.53
N ILE A 29 1.63 -6.62 -1.57
CA ILE A 29 1.22 -5.71 -2.63
C ILE A 29 0.03 -6.28 -3.40
N ASN A 30 0.13 -7.56 -3.74
CA ASN A 30 -0.90 -8.26 -4.51
C ASN A 30 -2.23 -8.28 -3.78
N LEU A 31 -2.19 -8.25 -2.45
CA LEU A 31 -3.42 -8.25 -1.66
C LEU A 31 -4.12 -6.89 -1.72
N GLY A 32 -3.35 -5.82 -1.81
CA GLY A 32 -3.94 -4.49 -1.83
C GLY A 32 -4.52 -4.13 -3.18
N LEU A 33 -3.79 -4.50 -4.23
CA LEU A 33 -4.14 -4.11 -5.61
C LEU A 33 -5.62 -4.34 -5.99
N PRO A 34 -6.23 -5.52 -5.67
CA PRO A 34 -7.60 -5.86 -6.13
C PRO A 34 -8.64 -4.76 -5.97
N PHE A 35 -8.56 -3.96 -4.91
CA PHE A 35 -9.48 -2.83 -4.77
C PHE A 35 -8.77 -1.49 -4.91
N GLY A 36 -7.46 -1.47 -4.77
CA GLY A 36 -6.71 -0.25 -4.90
C GLY A 36 -5.29 -0.46 -5.41
N LYS A 37 -4.88 0.35 -6.38
CA LYS A 37 -3.54 0.25 -6.94
C LYS A 37 -2.47 0.74 -5.94
N VAL A 38 -1.38 -0.01 -5.88
CA VAL A 38 -0.29 0.27 -4.95
C VAL A 38 0.78 1.11 -5.62
N THR A 39 1.28 2.11 -4.90
CA THR A 39 2.33 2.97 -5.40
C THR A 39 3.67 2.66 -4.75
N ASN A 40 3.66 2.43 -3.45
CA ASN A 40 4.89 2.17 -2.70
C ASN A 40 4.59 1.26 -1.52
N TYR A 41 5.63 0.71 -0.93
CA TYR A 41 5.46 -0.16 0.23
C TYR A 41 6.65 -0.07 1.17
N ILE A 42 6.39 -0.26 2.45
CA ILE A 42 7.42 -0.34 3.47
C ILE A 42 7.21 -1.59 4.30
N LEU A 43 8.23 -2.43 4.37
CA LEU A 43 8.11 -3.68 5.05
C LEU A 43 8.94 -3.69 6.33
N MET A 44 8.26 -3.70 7.46
CA MET A 44 8.93 -3.84 8.73
C MET A 44 8.67 -5.23 9.29
N LYS A 45 9.47 -6.17 8.82
CA LYS A 45 9.33 -7.57 9.17
C LYS A 45 9.67 -7.79 10.64
N SER A 46 10.54 -6.93 11.16
CA SER A 46 10.90 -6.95 12.57
C SER A 46 9.66 -6.84 13.46
N THR A 47 8.66 -6.11 12.98
CA THR A 47 7.43 -5.92 13.74
C THR A 47 6.30 -6.77 13.19
N ASN A 48 6.62 -7.59 12.19
CA ASN A 48 5.64 -8.42 11.47
C ASN A 48 4.54 -7.57 10.87
N GLN A 49 4.92 -6.43 10.30
CA GLN A 49 3.95 -5.49 9.79
C GLN A 49 4.41 -4.90 8.47
N ALA A 50 3.46 -4.55 7.64
CA ALA A 50 3.75 -3.95 6.34
C ALA A 50 2.90 -2.70 6.14
N PHE A 51 3.48 -1.73 5.45
CA PHE A 51 2.77 -0.53 5.10
C PHE A 51 2.67 -0.44 3.59
N LEU A 52 1.46 -0.30 3.10
CA LEU A 52 1.20 -0.34 1.67
C LEU A 52 0.52 0.95 1.22
N GLU A 53 1.15 1.66 0.29
CA GLU A 53 0.65 2.96 -0.14
C GLU A 53 -0.12 2.84 -1.43
N MET A 54 -1.25 3.56 -1.50
CA MET A 54 -2.15 3.44 -2.64
C MET A 54 -2.20 4.74 -3.43
N ALA A 55 -2.35 4.59 -4.74
CA ALA A 55 -2.33 5.71 -5.67
C ALA A 55 -3.51 6.65 -5.46
N TYR A 56 -4.56 6.14 -4.83
CA TYR A 56 -5.78 6.90 -4.63
C TYR A 56 -6.26 6.75 -3.21
N THR A 57 -6.83 7.82 -2.68
CA THR A 57 -7.44 7.78 -1.37
C THR A 57 -8.64 6.82 -1.37
N GLU A 58 -9.36 6.78 -2.49
CA GLU A 58 -10.46 5.85 -2.68
C GLU A 58 -9.95 4.42 -2.75
N ALA A 59 -8.80 4.24 -3.38
CA ALA A 59 -8.22 2.92 -3.57
C ALA A 59 -7.91 2.29 -2.23
N ALA A 60 -7.30 3.07 -1.35
CA ALA A 60 -6.93 2.59 -0.03
C ALA A 60 -8.16 2.32 0.84
N GLN A 61 -9.10 3.26 0.82
CA GLN A 61 -10.29 3.14 1.65
C GLN A 61 -11.19 2.01 1.19
N ALA A 62 -11.43 1.92 -0.12
CA ALA A 62 -12.33 0.92 -0.69
C ALA A 62 -11.83 -0.49 -0.41
N MET A 63 -10.52 -0.69 -0.58
CA MET A 63 -9.94 -2.01 -0.36
C MET A 63 -10.08 -2.40 1.11
N VAL A 64 -9.76 -1.46 1.99
CA VAL A 64 -9.78 -1.73 3.41
C VAL A 64 -11.19 -1.98 3.91
N GLN A 65 -12.17 -1.26 3.37
CA GLN A 65 -13.55 -1.48 3.76
C GLN A 65 -13.94 -2.92 3.45
N TYR A 66 -13.44 -3.44 2.33
CA TYR A 66 -13.63 -4.84 2.00
C TYR A 66 -12.85 -5.74 2.94
N TYR A 67 -11.56 -5.45 3.13
CA TYR A 67 -10.67 -6.35 3.87
C TYR A 67 -10.92 -6.32 5.38
N GLN A 68 -11.60 -5.30 5.87
CA GLN A 68 -11.97 -5.29 7.28
C GLN A 68 -13.14 -6.24 7.53
N GLU A 69 -13.98 -6.43 6.52
CA GLU A 69 -15.11 -7.35 6.63
C GLU A 69 -14.77 -8.71 6.02
N LYS A 70 -14.03 -8.70 4.91
CA LYS A 70 -13.54 -9.91 4.29
C LYS A 70 -12.04 -9.78 4.02
N PRO A 71 -11.23 -10.03 5.05
CA PRO A 71 -9.77 -9.88 4.99
C PRO A 71 -9.11 -10.93 4.11
N ALA A 72 -7.89 -10.64 3.67
CA ALA A 72 -7.18 -11.50 2.74
C ALA A 72 -6.29 -12.48 3.51
N ILE A 73 -6.13 -13.66 2.95
CA ILE A 73 -5.47 -14.75 3.66
C ILE A 73 -4.18 -15.17 2.95
N ILE A 74 -3.11 -15.28 3.74
CA ILE A 74 -1.86 -15.84 3.23
C ILE A 74 -1.45 -17.05 4.03
N ASN A 75 -1.39 -18.20 3.36
CA ASN A 75 -0.96 -19.46 3.97
C ASN A 75 -1.78 -19.80 5.21
N GLY A 76 -3.08 -19.59 5.12
CA GLY A 76 -3.96 -19.95 6.23
C GLY A 76 -4.06 -18.86 7.28
N GLU A 77 -3.31 -17.78 7.10
CA GLU A 77 -3.34 -16.67 8.05
C GLU A 77 -4.20 -15.56 7.51
N LYS A 78 -5.19 -15.13 8.29
CA LYS A 78 -6.06 -14.05 7.86
C LYS A 78 -5.45 -12.73 8.23
N LEU A 79 -5.03 -11.98 7.23
CA LEU A 79 -4.44 -10.68 7.47
C LEU A 79 -5.52 -9.64 7.57
N LEU A 80 -5.52 -8.90 8.65
CA LEU A 80 -6.41 -7.78 8.75
C LEU A 80 -5.77 -6.61 8.03
N ILE A 81 -6.32 -6.29 6.88
CA ILE A 81 -5.82 -5.18 6.09
C ILE A 81 -6.66 -3.96 6.42
N ARG A 82 -6.01 -2.95 7.02
CA ARG A 82 -6.74 -1.80 7.55
C ARG A 82 -5.98 -0.50 7.32
N MET A 83 -6.70 0.62 7.42
CA MET A 83 -6.13 1.94 7.17
C MET A 83 -5.09 2.27 8.22
N SER A 84 -3.94 2.75 7.78
CA SER A 84 -2.85 3.08 8.69
C SER A 84 -3.08 4.44 9.34
N THR A 85 -3.02 4.47 10.65
CA THR A 85 -3.10 5.71 11.38
C THR A 85 -1.71 6.19 11.74
N ARG A 86 -0.71 5.47 11.25
CA ARG A 86 0.68 5.81 11.51
C ARG A 86 1.24 6.64 10.35
N TYR A 87 0.90 6.24 9.14
CA TYR A 87 1.37 6.95 7.96
C TYR A 87 0.21 7.23 7.01
N LYS A 88 0.14 8.45 6.51
CA LYS A 88 -0.82 8.79 5.47
C LYS A 88 -0.20 8.56 4.10
N GLU A 89 1.13 8.66 4.06
CA GLU A 89 1.89 8.42 2.84
C GLU A 89 3.27 7.87 3.19
N LEU A 90 3.83 7.08 2.29
CA LEU A 90 5.14 6.50 2.49
C LEU A 90 6.21 7.38 1.87
N GLN A 91 7.36 7.44 2.49
CA GLN A 91 8.47 8.23 1.97
C GLN A 91 9.67 7.33 1.73
N LEU A 92 9.63 6.59 0.63
CA LEU A 92 10.71 5.69 0.27
C LEU A 92 11.91 6.46 -0.26
N LYS A 93 13.09 5.96 0.09
CA LYS A 93 14.32 6.53 -0.42
C LYS A 93 14.65 5.87 -1.75
N LYS A 94 13.85 4.85 -2.09
CA LYS A 94 13.97 4.15 -3.35
C LYS A 94 12.65 4.20 -4.12
N PRO A 95 12.55 5.08 -5.13
CA PRO A 95 11.34 5.22 -5.92
C PRO A 95 11.13 4.04 -6.87
N GLY A 96 10.42 3.03 -6.37
CA GLY A 96 10.19 1.83 -7.15
C GLY A 96 8.99 1.96 -8.07
N LYS A 97 8.85 3.10 -8.72
CA LYS A 97 7.80 3.32 -9.69
C LYS A 97 8.32 4.11 -10.88
N ASN A 98 9.42 3.62 -11.44
CA ASN A 98 10.01 4.23 -12.63
C ASN A 98 10.39 3.15 -13.63
N VAL A 99 9.80 1.97 -13.45
CA VAL A 99 10.09 0.84 -14.32
C VAL A 99 8.80 0.24 -14.91
N ALA A 100 7.87 -0.11 -14.03
CA ALA A 100 6.67 -0.82 -14.45
C ALA A 100 5.47 0.13 -14.53
N ALA A 101 5.08 0.44 -15.78
CA ALA A 101 3.90 1.25 -16.09
C ALA A 101 4.00 2.66 -15.50
N ILE A 102 4.48 3.58 -16.32
CA ILE A 102 4.62 4.96 -15.91
C ILE A 102 3.47 5.78 -16.50
N ILE A 103 2.41 5.92 -15.71
CA ILE A 103 1.20 6.56 -16.17
C ILE A 103 1.15 8.02 -15.72
N GLN A 104 1.74 8.90 -16.50
CA GLN A 104 1.67 10.34 -16.24
C GLN A 104 0.53 10.96 -17.05
N ASP A 105 0.21 10.31 -18.17
CA ASP A 105 -0.83 10.79 -19.08
C ASP A 105 -2.16 10.95 -18.34
N ILE A 106 -2.52 9.93 -17.58
CA ILE A 106 -3.76 9.92 -16.82
C ILE A 106 -3.49 9.33 -15.43
N HIS A 107 -4.52 8.81 -14.78
CA HIS A 107 -4.36 8.24 -13.46
C HIS A 107 -3.87 6.79 -13.56
N SER A 108 -4.70 5.91 -14.12
CA SER A 108 -4.32 4.51 -14.26
C SER A 108 -5.13 3.81 -15.35
N GLN A 109 -5.01 4.30 -16.58
CA GLN A 109 -5.69 3.69 -17.71
C GLN A 109 -4.71 3.51 -18.86
N ARG A 110 -4.83 2.40 -19.57
CA ARG A 110 -3.97 2.10 -20.72
C ARG A 110 -2.50 2.21 -20.34
N GLU A 111 -2.01 1.22 -19.60
CA GLU A 111 -0.64 1.25 -19.09
C GLU A 111 0.34 0.71 -20.12
N ARG A 112 1.62 0.67 -19.73
CA ARG A 112 2.69 0.18 -20.58
C ARG A 112 2.90 1.08 -21.80
N GLY A 1 11.72 10.93 -0.70
CA GLY A 1 12.09 11.20 -2.11
C GLY A 1 10.88 11.20 -3.02
N ALA A 2 11.10 11.52 -4.29
CA ALA A 2 10.01 11.61 -5.25
C ALA A 2 9.80 10.29 -5.98
N MET A 3 8.96 9.44 -5.41
CA MET A 3 8.61 8.18 -6.03
C MET A 3 7.12 7.94 -5.87
N ALA A 4 6.38 9.04 -5.70
CA ALA A 4 4.94 8.99 -5.53
C ALA A 4 4.32 10.33 -5.86
N GLN A 5 3.28 10.33 -6.67
CA GLN A 5 2.54 11.54 -6.97
C GLN A 5 1.43 11.71 -5.95
N ARG A 6 1.01 10.58 -5.37
CA ARG A 6 -0.08 10.52 -4.39
C ARG A 6 -1.43 10.66 -5.05
N LYS A 7 -1.42 11.30 -6.21
CA LYS A 7 -2.61 11.51 -7.03
C LYS A 7 -3.50 12.54 -6.36
N GLY A 8 -2.85 13.55 -5.80
CA GLY A 8 -3.56 14.59 -5.07
C GLY A 8 -4.07 14.09 -3.75
N ALA A 9 -3.53 12.97 -3.30
CA ALA A 9 -3.96 12.37 -2.04
C ALA A 9 -2.84 11.57 -1.38
N GLY A 10 -2.77 10.29 -1.72
CA GLY A 10 -1.81 9.41 -1.10
C GLY A 10 -2.29 8.90 0.25
N ARG A 11 -2.49 7.59 0.35
CA ARG A 11 -2.89 6.97 1.60
C ARG A 11 -2.14 5.67 1.82
N VAL A 12 -1.95 5.31 3.08
CA VAL A 12 -1.24 4.09 3.42
C VAL A 12 -2.14 3.12 4.17
N VAL A 13 -2.10 1.87 3.74
CA VAL A 13 -2.81 0.79 4.41
C VAL A 13 -1.80 -0.08 5.15
N HIS A 14 -2.11 -0.44 6.39
CA HIS A 14 -1.20 -1.26 7.15
C HIS A 14 -1.80 -2.65 7.35
N ILE A 15 -0.98 -3.66 7.13
CA ILE A 15 -1.42 -5.05 7.19
C ILE A 15 -0.82 -5.76 8.39
N CYS A 16 -1.64 -6.54 9.08
CA CYS A 16 -1.21 -7.20 10.30
C CYS A 16 -1.28 -8.72 10.15
N ASN A 17 -0.80 -9.40 11.19
CA ASN A 17 -0.85 -10.87 11.27
C ASN A 17 0.10 -11.50 10.26
N LEU A 18 1.14 -10.76 9.90
CA LEU A 18 2.08 -11.21 8.88
C LEU A 18 3.20 -12.05 9.50
N PRO A 19 3.34 -13.32 9.09
CA PRO A 19 4.47 -14.14 9.50
C PRO A 19 5.77 -13.67 8.88
N GLU A 20 6.80 -13.49 9.69
CA GLU A 20 8.10 -13.08 9.22
C GLU A 20 8.77 -14.19 8.43
N GLY A 21 9.43 -13.82 7.34
CA GLY A 21 10.19 -14.79 6.55
C GLY A 21 9.32 -15.62 5.63
N SER A 22 8.03 -15.66 5.87
CA SER A 22 7.12 -16.46 5.06
C SER A 22 6.42 -15.59 4.02
N CYS A 23 6.15 -14.35 4.38
CA CYS A 23 5.50 -13.43 3.45
C CYS A 23 6.52 -12.85 2.50
N THR A 24 6.13 -12.67 1.25
CA THR A 24 7.00 -12.05 0.27
C THR A 24 6.55 -10.64 0.00
N GLU A 25 7.40 -9.86 -0.64
CA GLU A 25 7.06 -8.49 -1.00
C GLU A 25 5.89 -8.50 -1.97
N ASN A 26 5.88 -9.48 -2.87
CA ASN A 26 4.81 -9.63 -3.86
C ASN A 26 3.46 -9.86 -3.21
N ASP A 27 3.41 -10.73 -2.20
CA ASP A 27 2.13 -11.13 -1.60
C ASP A 27 1.40 -9.94 -0.99
N VAL A 28 2.13 -9.16 -0.21
CA VAL A 28 1.55 -8.03 0.50
C VAL A 28 1.04 -6.97 -0.48
N ILE A 29 1.82 -6.70 -1.51
CA ILE A 29 1.42 -5.74 -2.54
C ILE A 29 0.21 -6.27 -3.31
N ASN A 30 0.27 -7.55 -3.66
CA ASN A 30 -0.80 -8.21 -4.39
C ASN A 30 -2.11 -8.22 -3.61
N LEU A 31 -2.04 -8.18 -2.28
CA LEU A 31 -3.23 -8.12 -1.46
C LEU A 31 -3.95 -6.79 -1.60
N GLY A 32 -3.20 -5.71 -1.66
CA GLY A 32 -3.79 -4.39 -1.74
C GLY A 32 -4.33 -4.07 -3.11
N LEU A 33 -3.56 -4.44 -4.12
CA LEU A 33 -3.85 -4.09 -5.52
C LEU A 33 -5.31 -4.35 -5.97
N PRO A 34 -5.93 -5.51 -5.65
CA PRO A 34 -7.26 -5.88 -6.18
C PRO A 34 -8.35 -4.82 -6.02
N PHE A 35 -8.34 -4.05 -4.95
CA PHE A 35 -9.34 -3.00 -4.78
C PHE A 35 -8.74 -1.60 -4.89
N GLY A 36 -7.43 -1.51 -4.73
CA GLY A 36 -6.75 -0.25 -4.85
C GLY A 36 -5.33 -0.37 -5.38
N LYS A 37 -4.96 0.52 -6.30
CA LYS A 37 -3.62 0.49 -6.89
C LYS A 37 -2.56 0.90 -5.87
N VAL A 38 -1.40 0.26 -5.95
CA VAL A 38 -0.30 0.51 -5.04
C VAL A 38 0.79 1.34 -5.73
N THR A 39 1.30 2.34 -5.02
CA THR A 39 2.36 3.18 -5.54
C THR A 39 3.71 2.85 -4.88
N ASN A 40 3.68 2.60 -3.58
CA ASN A 40 4.90 2.31 -2.82
C ASN A 40 4.58 1.39 -1.66
N TYR A 41 5.62 0.84 -1.04
CA TYR A 41 5.44 -0.05 0.09
C TYR A 41 6.61 0.04 1.06
N ILE A 42 6.32 -0.20 2.33
CA ILE A 42 7.34 -0.34 3.36
C ILE A 42 7.01 -1.57 4.21
N LEU A 43 7.93 -2.51 4.25
CA LEU A 43 7.68 -3.77 4.93
C LEU A 43 8.55 -3.92 6.16
N MET A 44 7.93 -3.86 7.33
CA MET A 44 8.62 -4.16 8.56
C MET A 44 8.09 -5.48 9.11
N LYS A 45 8.63 -6.57 8.59
CA LYS A 45 8.11 -7.91 8.87
C LYS A 45 8.40 -8.30 10.32
N SER A 46 9.51 -7.79 10.84
CA SER A 46 9.93 -8.10 12.20
C SER A 46 8.93 -7.55 13.22
N THR A 47 8.17 -6.55 12.83
CA THR A 47 7.17 -5.96 13.72
C THR A 47 5.77 -6.50 13.44
N ASN A 48 5.69 -7.53 12.59
CA ASN A 48 4.42 -8.14 12.20
C ASN A 48 3.49 -7.09 11.58
N GLN A 49 4.07 -6.23 10.76
CA GLN A 49 3.34 -5.11 10.18
C GLN A 49 3.85 -4.82 8.77
N ALA A 50 2.97 -4.33 7.93
CA ALA A 50 3.35 -3.89 6.61
C ALA A 50 2.62 -2.61 6.25
N PHE A 51 3.29 -1.73 5.54
CA PHE A 51 2.68 -0.50 5.11
C PHE A 51 2.67 -0.44 3.59
N LEU A 52 1.49 -0.22 3.04
CA LEU A 52 1.31 -0.23 1.60
C LEU A 52 0.66 1.08 1.17
N GLU A 53 1.21 1.72 0.16
CA GLU A 53 0.71 3.01 -0.29
C GLU A 53 -0.17 2.85 -1.52
N MET A 54 -1.31 3.52 -1.50
CA MET A 54 -2.26 3.41 -2.58
C MET A 54 -2.32 4.70 -3.38
N ALA A 55 -2.41 4.53 -4.69
CA ALA A 55 -2.38 5.63 -5.65
C ALA A 55 -3.52 6.60 -5.43
N TYR A 56 -4.69 6.07 -5.16
CA TYR A 56 -5.88 6.90 -5.03
C TYR A 56 -6.41 6.85 -3.61
N THR A 57 -6.97 7.96 -3.16
CA THR A 57 -7.58 8.02 -1.85
C THR A 57 -8.70 6.99 -1.72
N GLU A 58 -9.47 6.81 -2.79
CA GLU A 58 -10.52 5.80 -2.83
C GLU A 58 -9.95 4.40 -2.80
N ALA A 59 -8.79 4.23 -3.41
CA ALA A 59 -8.18 2.92 -3.54
C ALA A 59 -7.86 2.33 -2.16
N ALA A 60 -7.27 3.15 -1.30
CA ALA A 60 -6.91 2.70 0.03
C ALA A 60 -8.14 2.42 0.89
N GLN A 61 -9.08 3.36 0.88
CA GLN A 61 -10.25 3.25 1.73
C GLN A 61 -11.18 2.13 1.29
N ALA A 62 -11.43 2.04 -0.01
CA ALA A 62 -12.36 1.06 -0.56
C ALA A 62 -11.88 -0.36 -0.29
N MET A 63 -10.59 -0.60 -0.49
CA MET A 63 -10.04 -1.93 -0.30
C MET A 63 -10.17 -2.35 1.16
N VAL A 64 -9.84 -1.44 2.06
CA VAL A 64 -9.83 -1.75 3.48
C VAL A 64 -11.22 -2.02 4.00
N GLN A 65 -12.21 -1.29 3.52
CA GLN A 65 -13.58 -1.53 3.95
C GLN A 65 -13.98 -2.95 3.60
N TYR A 66 -13.50 -3.42 2.45
CA TYR A 66 -13.67 -4.81 2.09
C TYR A 66 -12.87 -5.72 3.01
N TYR A 67 -11.59 -5.41 3.22
CA TYR A 67 -10.70 -6.30 3.98
C TYR A 67 -10.97 -6.27 5.48
N GLN A 68 -11.68 -5.27 5.95
CA GLN A 68 -12.07 -5.24 7.36
C GLN A 68 -13.20 -6.22 7.61
N GLU A 69 -14.03 -6.43 6.60
CA GLU A 69 -15.14 -7.38 6.72
C GLU A 69 -14.76 -8.72 6.10
N LYS A 70 -14.05 -8.66 4.99
CA LYS A 70 -13.56 -9.85 4.31
C LYS A 70 -12.06 -9.71 4.04
N PRO A 71 -11.25 -10.01 5.05
CA PRO A 71 -9.79 -9.85 4.99
C PRO A 71 -9.12 -10.87 4.05
N ALA A 72 -7.91 -10.55 3.62
CA ALA A 72 -7.21 -11.37 2.62
C ALA A 72 -6.34 -12.41 3.29
N ILE A 73 -6.10 -13.52 2.60
CA ILE A 73 -5.44 -14.67 3.21
C ILE A 73 -4.05 -14.92 2.63
N ILE A 74 -3.07 -15.04 3.52
CA ILE A 74 -1.72 -15.47 3.17
C ILE A 74 -1.32 -16.69 4.00
N ASN A 75 -0.83 -17.73 3.32
CA ASN A 75 -0.36 -18.95 3.96
C ASN A 75 -1.47 -19.60 4.78
N GLY A 76 -2.70 -19.48 4.31
CA GLY A 76 -3.83 -20.06 5.00
C GLY A 76 -4.25 -19.26 6.22
N GLU A 77 -3.69 -18.07 6.38
CA GLU A 77 -4.01 -17.22 7.50
C GLU A 77 -4.64 -15.91 7.01
N LYS A 78 -5.76 -15.55 7.61
CA LYS A 78 -6.44 -14.31 7.27
C LYS A 78 -5.71 -13.11 7.86
N LEU A 79 -5.27 -12.22 7.00
CA LEU A 79 -4.59 -11.01 7.43
C LEU A 79 -5.58 -9.88 7.56
N LEU A 80 -5.48 -9.13 8.64
CA LEU A 80 -6.32 -7.97 8.80
C LEU A 80 -5.69 -6.79 8.07
N ILE A 81 -6.30 -6.39 6.96
CA ILE A 81 -5.80 -5.27 6.18
C ILE A 81 -6.61 -4.03 6.57
N ARG A 82 -5.94 -3.05 7.15
CA ARG A 82 -6.64 -1.88 7.71
C ARG A 82 -5.90 -0.58 7.45
N MET A 83 -6.64 0.53 7.55
CA MET A 83 -6.12 1.86 7.24
C MET A 83 -5.00 2.23 8.21
N SER A 84 -3.91 2.78 7.69
CA SER A 84 -2.81 3.20 8.53
C SER A 84 -3.00 4.64 9.00
N THR A 85 -2.90 4.83 10.30
CA THR A 85 -2.97 6.17 10.87
C THR A 85 -1.56 6.68 11.13
N ARG A 86 -0.61 5.75 11.22
CA ARG A 86 0.78 6.09 11.53
C ARG A 86 1.47 6.71 10.31
N TYR A 87 1.10 6.26 9.12
CA TYR A 87 1.61 6.83 7.90
C TYR A 87 0.50 7.38 7.03
N LYS A 88 0.70 8.59 6.53
CA LYS A 88 -0.22 9.18 5.58
C LYS A 88 0.20 8.82 4.16
N GLU A 89 1.52 8.83 3.95
CA GLU A 89 2.09 8.48 2.67
C GLU A 89 3.45 7.81 2.90
N LEU A 90 3.84 6.93 2.01
CA LEU A 90 5.12 6.24 2.13
C LEU A 90 6.19 6.96 1.34
N GLN A 91 7.03 7.68 2.05
CA GLN A 91 8.07 8.46 1.43
C GLN A 91 9.38 7.69 1.47
N LEU A 92 9.61 6.90 0.44
CA LEU A 92 10.82 6.10 0.34
C LEU A 92 12.04 6.99 0.21
N LYS A 93 13.20 6.46 0.57
CA LYS A 93 14.43 7.23 0.57
C LYS A 93 15.09 7.20 -0.80
N LYS A 94 14.25 7.13 -1.82
CA LYS A 94 14.69 7.19 -3.20
C LYS A 94 14.34 8.58 -3.75
N PRO A 95 15.37 9.37 -4.10
CA PRO A 95 15.20 10.77 -4.52
C PRO A 95 14.27 10.93 -5.72
N GLY A 96 14.40 10.02 -6.68
CA GLY A 96 13.57 10.08 -7.87
C GLY A 96 13.78 11.35 -8.67
N LYS A 97 12.73 12.19 -8.70
CA LYS A 97 12.75 13.49 -9.38
C LYS A 97 12.79 13.32 -10.90
N ASN A 98 13.83 12.67 -11.41
CA ASN A 98 13.96 12.42 -12.84
C ASN A 98 12.86 11.49 -13.33
N VAL A 99 12.39 10.64 -12.42
CA VAL A 99 11.29 9.74 -12.71
C VAL A 99 9.96 10.42 -12.40
N ALA A 100 9.66 10.53 -11.12
CA ALA A 100 8.43 11.15 -10.67
C ALA A 100 8.68 12.60 -10.31
N ALA A 101 8.11 13.49 -11.09
CA ALA A 101 8.23 14.92 -10.83
C ALA A 101 7.33 15.34 -9.68
N ILE A 102 7.87 16.19 -8.81
CA ILE A 102 7.10 16.73 -7.69
C ILE A 102 5.91 17.55 -8.19
N ILE A 103 4.76 16.91 -8.24
CA ILE A 103 3.53 17.58 -8.63
C ILE A 103 2.58 17.63 -7.44
N GLN A 104 2.52 18.79 -6.80
CA GLN A 104 1.76 18.94 -5.56
C GLN A 104 0.36 19.49 -5.80
N ASP A 105 0.22 20.34 -6.81
CA ASP A 105 -1.08 20.95 -7.10
C ASP A 105 -1.98 19.99 -7.85
N ILE A 106 -1.46 19.46 -8.95
CA ILE A 106 -2.22 18.57 -9.80
C ILE A 106 -2.01 17.13 -9.36
N HIS A 107 -2.94 16.24 -9.69
CA HIS A 107 -2.82 14.84 -9.30
C HIS A 107 -1.66 14.18 -10.04
N SER A 108 -1.88 13.85 -11.32
CA SER A 108 -0.83 13.29 -12.16
C SER A 108 -1.13 13.53 -13.64
N GLN A 109 -2.18 14.31 -13.92
CA GLN A 109 -2.60 14.56 -15.29
C GLN A 109 -1.53 15.33 -16.05
N ARG A 110 -1.31 16.57 -15.66
CA ARG A 110 -0.30 17.39 -16.31
C ARG A 110 1.07 17.10 -15.72
N GLU A 111 1.63 15.96 -16.11
CA GLU A 111 2.94 15.54 -15.63
C GLU A 111 4.02 16.42 -16.23
N ARG A 112 5.06 16.69 -15.47
CA ARG A 112 6.14 17.56 -15.92
C ARG A 112 7.37 16.74 -16.24
N GLY A 1 5.94 14.97 -15.60
CA GLY A 1 6.71 14.60 -14.39
C GLY A 1 5.83 13.94 -13.36
N ALA A 2 5.47 12.70 -13.60
CA ALA A 2 4.61 11.95 -12.70
C ALA A 2 5.17 10.56 -12.46
N MET A 3 5.37 10.23 -11.20
CA MET A 3 5.84 8.90 -10.82
C MET A 3 4.68 8.10 -10.24
N ALA A 4 4.10 8.62 -9.18
CA ALA A 4 2.98 7.99 -8.51
C ALA A 4 2.19 9.02 -7.72
N GLN A 5 1.31 8.54 -6.83
CA GLN A 5 0.45 9.42 -6.04
C GLN A 5 -0.35 10.32 -6.96
N ARG A 6 -1.37 9.74 -7.58
CA ARG A 6 -2.12 10.39 -8.65
C ARG A 6 -2.98 11.52 -8.12
N LYS A 7 -3.60 11.31 -6.98
CA LYS A 7 -4.40 12.34 -6.35
C LYS A 7 -3.66 12.94 -5.16
N GLY A 8 -3.88 14.23 -4.94
CA GLY A 8 -3.17 14.95 -3.90
C GLY A 8 -3.72 14.67 -2.52
N ALA A 9 -3.66 13.41 -2.11
CA ALA A 9 -4.13 12.98 -0.81
C ALA A 9 -3.48 11.66 -0.43
N GLY A 10 -4.08 10.57 -0.86
CA GLY A 10 -3.52 9.25 -0.62
C GLY A 10 -3.62 8.81 0.84
N ARG A 11 -3.60 7.51 1.04
CA ARG A 11 -3.57 6.93 2.38
C ARG A 11 -2.77 5.65 2.35
N VAL A 12 -2.11 5.34 3.45
CA VAL A 12 -1.34 4.12 3.57
C VAL A 12 -2.16 3.06 4.29
N VAL A 13 -2.13 1.85 3.76
CA VAL A 13 -2.81 0.74 4.39
C VAL A 13 -1.80 -0.11 5.14
N HIS A 14 -2.12 -0.50 6.36
CA HIS A 14 -1.19 -1.29 7.14
C HIS A 14 -1.75 -2.69 7.33
N ILE A 15 -0.87 -3.67 7.24
CA ILE A 15 -1.26 -5.05 7.39
C ILE A 15 -0.59 -5.65 8.63
N CYS A 16 -1.40 -6.25 9.47
CA CYS A 16 -0.93 -6.85 10.70
C CYS A 16 -1.16 -8.36 10.68
N ASN A 17 -0.67 -9.04 11.71
CA ASN A 17 -0.77 -10.51 11.83
C ASN A 17 0.11 -11.20 10.80
N LEU A 18 1.18 -10.52 10.41
CA LEU A 18 2.07 -11.03 9.38
C LEU A 18 3.14 -11.95 9.96
N PRO A 19 3.20 -13.20 9.49
CA PRO A 19 4.27 -14.12 9.88
C PRO A 19 5.62 -13.71 9.31
N GLU A 20 6.63 -13.68 10.16
CA GLU A 20 7.99 -13.37 9.73
C GLU A 20 8.55 -14.49 8.88
N GLY A 21 9.01 -14.15 7.69
CA GLY A 21 9.68 -15.10 6.82
C GLY A 21 8.75 -15.80 5.85
N SER A 22 7.46 -15.76 6.12
CA SER A 22 6.50 -16.46 5.28
C SER A 22 5.90 -15.53 4.22
N CYS A 23 5.70 -14.27 4.59
CA CYS A 23 5.17 -13.29 3.66
C CYS A 23 6.28 -12.67 2.82
N THR A 24 6.06 -12.57 1.52
CA THR A 24 7.02 -11.94 0.64
C THR A 24 6.50 -10.57 0.21
N GLU A 25 7.34 -9.78 -0.44
CA GLU A 25 6.94 -8.47 -0.90
C GLU A 25 5.72 -8.57 -1.81
N ASN A 26 5.77 -9.52 -2.74
CA ASN A 26 4.72 -9.69 -3.73
C ASN A 26 3.39 -10.00 -3.07
N ASP A 27 3.38 -10.89 -2.08
CA ASP A 27 2.14 -11.32 -1.44
C ASP A 27 1.42 -10.13 -0.82
N VAL A 28 2.17 -9.32 -0.08
CA VAL A 28 1.61 -8.20 0.64
C VAL A 28 1.09 -7.14 -0.32
N ILE A 29 1.88 -6.82 -1.34
CA ILE A 29 1.50 -5.85 -2.35
C ILE A 29 0.29 -6.34 -3.13
N ASN A 30 0.30 -7.62 -3.49
CA ASN A 30 -0.80 -8.23 -4.24
C ASN A 30 -2.09 -8.20 -3.46
N LEU A 31 -2.02 -8.19 -2.13
CA LEU A 31 -3.22 -8.17 -1.32
C LEU A 31 -3.97 -6.84 -1.43
N GLY A 32 -3.23 -5.74 -1.49
CA GLY A 32 -3.87 -4.44 -1.53
C GLY A 32 -4.39 -4.09 -2.91
N LEU A 33 -3.66 -4.53 -3.93
CA LEU A 33 -3.94 -4.18 -5.32
C LEU A 33 -5.41 -4.40 -5.77
N PRO A 34 -6.04 -5.57 -5.49
CA PRO A 34 -7.34 -5.94 -6.10
C PRO A 34 -8.47 -4.89 -6.00
N PHE A 35 -8.52 -4.11 -4.92
CA PHE A 35 -9.60 -3.11 -4.80
C PHE A 35 -9.10 -1.68 -4.96
N GLY A 36 -7.80 -1.49 -4.81
CA GLY A 36 -7.21 -0.19 -5.00
C GLY A 36 -6.08 -0.20 -6.02
N LYS A 37 -5.06 0.58 -5.74
CA LYS A 37 -3.85 0.57 -6.55
C LYS A 37 -2.64 0.98 -5.72
N VAL A 38 -1.59 0.18 -5.79
CA VAL A 38 -0.39 0.42 -4.99
C VAL A 38 0.63 1.26 -5.75
N THR A 39 1.19 2.24 -5.06
CA THR A 39 2.25 3.08 -5.60
C THR A 39 3.61 2.78 -4.97
N ASN A 40 3.61 2.58 -3.66
CA ASN A 40 4.85 2.35 -2.92
C ASN A 40 4.58 1.43 -1.74
N TYR A 41 5.63 0.90 -1.14
CA TYR A 41 5.47 -0.01 -0.01
C TYR A 41 6.62 0.11 0.98
N ILE A 42 6.33 -0.17 2.24
CA ILE A 42 7.35 -0.29 3.26
C ILE A 42 7.06 -1.54 4.10
N LEU A 43 8.02 -2.43 4.14
CA LEU A 43 7.83 -3.71 4.82
C LEU A 43 8.72 -3.82 6.04
N MET A 44 8.10 -3.80 7.21
CA MET A 44 8.84 -3.98 8.44
C MET A 44 8.52 -5.35 9.01
N LYS A 45 9.22 -6.34 8.50
CA LYS A 45 9.00 -7.72 8.89
C LYS A 45 9.47 -7.95 10.32
N SER A 46 10.48 -7.20 10.73
CA SER A 46 11.03 -7.31 12.08
C SER A 46 9.96 -7.04 13.14
N THR A 47 8.96 -6.25 12.79
CA THR A 47 7.87 -5.93 13.70
C THR A 47 6.59 -6.66 13.29
N ASN A 48 6.74 -7.62 12.37
CA ASN A 48 5.60 -8.38 11.83
C ASN A 48 4.56 -7.44 11.22
N GLN A 49 5.01 -6.42 10.50
CA GLN A 49 4.11 -5.38 10.01
C GLN A 49 4.42 -5.00 8.57
N ALA A 50 3.43 -4.45 7.89
CA ALA A 50 3.61 -3.98 6.52
C ALA A 50 2.81 -2.72 6.29
N PHE A 51 3.35 -1.83 5.46
CA PHE A 51 2.68 -0.59 5.11
C PHE A 51 2.65 -0.45 3.60
N LEU A 52 1.48 -0.20 3.04
CA LEU A 52 1.29 -0.19 1.61
C LEU A 52 0.64 1.13 1.17
N GLU A 53 1.24 1.81 0.20
CA GLU A 53 0.77 3.14 -0.23
C GLU A 53 -0.06 3.01 -1.50
N MET A 54 -1.16 3.76 -1.54
CA MET A 54 -2.10 3.65 -2.63
C MET A 54 -2.15 4.94 -3.44
N ALA A 55 -2.33 4.78 -4.75
CA ALA A 55 -2.35 5.89 -5.70
C ALA A 55 -3.51 6.82 -5.44
N TYR A 56 -4.57 6.28 -4.87
CA TYR A 56 -5.77 7.03 -4.60
C TYR A 56 -6.22 6.76 -3.18
N THR A 57 -6.65 7.82 -2.51
CA THR A 57 -7.13 7.69 -1.13
C THR A 57 -8.40 6.85 -1.10
N GLU A 58 -9.25 7.04 -2.11
CA GLU A 58 -10.46 6.25 -2.25
C GLU A 58 -10.12 4.80 -2.53
N ALA A 59 -9.04 4.57 -3.26
CA ALA A 59 -8.57 3.22 -3.54
C ALA A 59 -8.17 2.53 -2.24
N ALA A 60 -7.49 3.27 -1.38
CA ALA A 60 -7.05 2.74 -0.10
C ALA A 60 -8.23 2.47 0.81
N GLN A 61 -9.15 3.40 0.89
CA GLN A 61 -10.33 3.26 1.74
C GLN A 61 -11.21 2.12 1.26
N ALA A 62 -11.45 2.07 -0.05
CA ALA A 62 -12.34 1.09 -0.64
C ALA A 62 -11.84 -0.34 -0.42
N MET A 63 -10.56 -0.55 -0.64
CA MET A 63 -9.98 -1.88 -0.49
C MET A 63 -10.09 -2.31 0.95
N VAL A 64 -9.80 -1.40 1.86
CA VAL A 64 -9.81 -1.68 3.27
C VAL A 64 -11.22 -1.98 3.76
N GLN A 65 -12.21 -1.29 3.21
CA GLN A 65 -13.60 -1.55 3.57
C GLN A 65 -13.94 -3.01 3.30
N TYR A 66 -13.41 -3.54 2.20
CA TYR A 66 -13.55 -4.95 1.90
C TYR A 66 -12.72 -5.80 2.86
N TYR A 67 -11.44 -5.46 3.05
CA TYR A 67 -10.52 -6.30 3.81
C TYR A 67 -10.79 -6.25 5.31
N GLN A 68 -11.50 -5.25 5.78
CA GLN A 68 -11.88 -5.20 7.18
C GLN A 68 -13.05 -6.14 7.46
N GLU A 69 -13.88 -6.36 6.46
CA GLU A 69 -15.03 -7.26 6.60
C GLU A 69 -14.71 -8.65 6.06
N LYS A 70 -13.98 -8.69 4.95
CA LYS A 70 -13.57 -9.94 4.33
C LYS A 70 -12.07 -9.89 4.03
N PRO A 71 -11.24 -10.11 5.06
CA PRO A 71 -9.79 -9.95 4.98
C PRO A 71 -9.10 -11.03 4.14
N ALA A 72 -7.88 -10.75 3.69
CA ALA A 72 -7.16 -11.62 2.77
C ALA A 72 -6.27 -12.59 3.52
N ILE A 73 -6.00 -13.74 2.91
CA ILE A 73 -5.31 -14.82 3.60
C ILE A 73 -3.93 -15.10 2.99
N ILE A 74 -2.93 -15.22 3.86
CA ILE A 74 -1.60 -15.65 3.44
C ILE A 74 -1.15 -16.84 4.28
N ASN A 75 -0.86 -17.96 3.62
CA ASN A 75 -0.37 -19.17 4.28
C ASN A 75 -1.36 -19.67 5.33
N GLY A 76 -2.64 -19.50 5.04
CA GLY A 76 -3.67 -19.98 5.94
C GLY A 76 -3.97 -19.01 7.06
N GLU A 77 -3.33 -17.85 7.03
CA GLU A 77 -3.55 -16.85 8.06
C GLU A 77 -4.33 -15.68 7.50
N LYS A 78 -5.43 -15.35 8.17
CA LYS A 78 -6.29 -14.27 7.73
C LYS A 78 -5.71 -12.93 8.18
N LEU A 79 -5.18 -12.18 7.23
CA LEU A 79 -4.55 -10.92 7.52
C LEU A 79 -5.57 -9.81 7.53
N LEU A 80 -5.56 -9.01 8.57
CA LEU A 80 -6.40 -7.85 8.62
C LEU A 80 -5.72 -6.72 7.88
N ILE A 81 -6.25 -6.37 6.72
CA ILE A 81 -5.73 -5.27 5.94
C ILE A 81 -6.57 -4.04 6.24
N ARG A 82 -5.96 -3.05 6.85
CA ARG A 82 -6.72 -1.88 7.29
C ARG A 82 -5.93 -0.59 7.18
N MET A 83 -6.65 0.53 7.28
CA MET A 83 -6.06 1.86 7.11
C MET A 83 -5.02 2.12 8.18
N SER A 84 -3.92 2.76 7.81
CA SER A 84 -2.90 3.14 8.78
C SER A 84 -3.30 4.44 9.46
N THR A 85 -3.27 4.43 10.79
CA THR A 85 -3.52 5.63 11.57
C THR A 85 -2.19 6.29 11.94
N ARG A 86 -1.21 6.14 11.06
CA ARG A 86 0.13 6.64 11.31
C ARG A 86 0.72 7.31 10.07
N TYR A 87 0.47 6.70 8.91
CA TYR A 87 1.09 7.17 7.67
C TYR A 87 0.05 7.79 6.75
N LYS A 88 0.41 8.93 6.16
CA LYS A 88 -0.36 9.53 5.10
C LYS A 88 0.15 9.00 3.76
N GLU A 89 1.47 8.91 3.66
CA GLU A 89 2.13 8.39 2.47
C GLU A 89 3.47 7.77 2.86
N LEU A 90 3.95 6.86 2.04
CA LEU A 90 5.21 6.16 2.32
C LEU A 90 6.37 6.89 1.66
N GLN A 91 7.18 7.53 2.48
CA GLN A 91 8.28 8.34 2.00
C GLN A 91 9.48 7.49 1.61
N LEU A 92 9.42 6.90 0.43
CA LEU A 92 10.53 6.13 -0.11
C LEU A 92 11.48 7.04 -0.88
N LYS A 93 12.76 6.71 -0.85
CA LYS A 93 13.73 7.41 -1.68
C LYS A 93 13.95 6.62 -2.97
N LYS A 94 13.15 5.57 -3.12
CA LYS A 94 13.13 4.78 -4.34
C LYS A 94 11.72 4.81 -4.93
N PRO A 95 11.56 5.38 -6.13
CA PRO A 95 10.28 5.35 -6.85
C PRO A 95 9.82 3.91 -7.10
N GLY A 96 8.85 3.47 -6.30
CA GLY A 96 8.39 2.09 -6.33
C GLY A 96 7.93 1.63 -7.70
N LYS A 97 7.00 2.37 -8.31
CA LYS A 97 6.50 1.99 -9.62
C LYS A 97 6.66 3.14 -10.60
N ASN A 98 7.78 3.15 -11.30
CA ASN A 98 8.09 4.24 -12.22
C ASN A 98 8.25 3.70 -13.65
N VAL A 99 8.93 4.47 -14.50
CA VAL A 99 9.11 4.11 -15.91
C VAL A 99 7.79 4.16 -16.67
N ALA A 100 7.02 3.09 -16.58
CA ALA A 100 5.74 3.03 -17.25
C ALA A 100 4.66 2.56 -16.28
N ALA A 101 5.06 2.36 -15.02
CA ALA A 101 4.17 1.83 -13.99
C ALA A 101 3.73 0.40 -14.33
N ILE A 102 3.02 -0.24 -13.42
CA ILE A 102 2.48 -1.56 -13.69
C ILE A 102 0.99 -1.42 -13.96
N ILE A 103 0.65 -1.41 -15.24
CA ILE A 103 -0.71 -1.14 -15.66
C ILE A 103 -1.48 -2.44 -15.90
N GLN A 104 -2.11 -2.95 -14.87
CA GLN A 104 -2.92 -4.16 -14.98
C GLN A 104 -4.41 -3.79 -14.99
N ASP A 105 -4.76 -2.79 -14.19
CA ASP A 105 -6.11 -2.29 -14.11
C ASP A 105 -6.08 -0.79 -13.93
N ILE A 106 -6.25 -0.12 -15.03
CA ILE A 106 -6.23 1.35 -15.09
C ILE A 106 -7.32 1.95 -14.20
N HIS A 107 -6.95 3.00 -13.47
CA HIS A 107 -7.88 3.72 -12.62
C HIS A 107 -7.74 5.21 -12.84
N SER A 108 -8.88 5.89 -12.98
CA SER A 108 -8.91 7.35 -13.17
C SER A 108 -8.16 7.78 -14.42
N GLN A 109 -8.06 6.87 -15.41
CA GLN A 109 -7.44 7.15 -16.71
C GLN A 109 -5.96 7.46 -16.61
N ARG A 110 -5.38 7.33 -15.42
CA ARG A 110 -3.97 7.65 -15.22
C ARG A 110 -3.08 6.45 -15.52
N GLU A 111 -2.99 6.13 -16.80
CA GLU A 111 -2.19 5.01 -17.27
C GLU A 111 -0.87 5.50 -17.86
N ARG A 112 -0.24 6.41 -17.14
CA ARG A 112 0.99 7.06 -17.58
C ARG A 112 0.77 7.86 -18.85
N GLY A 1 9.90 2.06 -5.25
CA GLY A 1 9.22 2.86 -6.30
C GLY A 1 9.30 4.33 -6.02
N ALA A 2 9.02 5.15 -7.03
CA ALA A 2 9.09 6.60 -6.87
C ALA A 2 7.83 7.27 -7.37
N MET A 3 6.95 6.51 -8.00
CA MET A 3 5.73 7.07 -8.55
C MET A 3 4.58 7.01 -7.55
N ALA A 4 4.73 7.79 -6.48
CA ALA A 4 3.66 7.92 -5.49
C ALA A 4 2.63 8.91 -6.00
N GLN A 5 1.61 8.37 -6.66
CA GLN A 5 0.56 9.15 -7.32
C GLN A 5 -0.02 10.20 -6.43
N ARG A 6 -0.47 9.78 -5.25
CA ARG A 6 -1.25 10.62 -4.36
C ARG A 6 -2.62 10.87 -4.98
N LYS A 7 -2.65 11.60 -6.10
CA LYS A 7 -3.81 11.71 -6.99
C LYS A 7 -5.14 11.77 -6.25
N GLY A 8 -5.19 12.59 -5.22
CA GLY A 8 -6.36 12.59 -4.38
C GLY A 8 -5.97 12.66 -2.94
N ALA A 9 -4.93 11.90 -2.59
CA ALA A 9 -4.44 11.88 -1.22
C ALA A 9 -3.17 11.05 -1.12
N GLY A 10 -3.20 9.86 -1.67
CA GLY A 10 -2.16 8.89 -1.34
C GLY A 10 -2.20 8.55 0.14
N ARG A 11 -2.90 7.47 0.48
CA ARG A 11 -3.06 7.07 1.86
C ARG A 11 -2.51 5.69 2.08
N VAL A 12 -1.94 5.46 3.25
CA VAL A 12 -1.26 4.22 3.55
C VAL A 12 -2.17 3.24 4.26
N VAL A 13 -2.11 2.00 3.80
CA VAL A 13 -2.79 0.89 4.45
C VAL A 13 -1.78 0.04 5.20
N HIS A 14 -2.10 -0.32 6.43
CA HIS A 14 -1.20 -1.15 7.20
C HIS A 14 -1.75 -2.56 7.31
N ILE A 15 -0.90 -3.54 7.13
CA ILE A 15 -1.31 -4.92 7.23
C ILE A 15 -0.72 -5.54 8.49
N CYS A 16 -1.57 -6.15 9.28
CA CYS A 16 -1.17 -6.70 10.57
C CYS A 16 -1.45 -8.20 10.63
N ASN A 17 -0.95 -8.83 11.69
CA ASN A 17 -1.09 -10.28 11.88
C ASN A 17 -0.27 -11.03 10.85
N LEU A 18 0.87 -10.44 10.48
CA LEU A 18 1.71 -11.01 9.45
C LEU A 18 2.71 -12.01 10.03
N PRO A 19 2.66 -13.27 9.58
CA PRO A 19 3.65 -14.28 9.95
C PRO A 19 5.02 -13.99 9.34
N GLU A 20 6.05 -14.05 10.17
CA GLU A 20 7.42 -13.79 9.73
C GLU A 20 7.92 -14.89 8.80
N GLY A 21 8.47 -14.48 7.67
CA GLY A 21 9.07 -15.43 6.74
C GLY A 21 8.06 -16.07 5.80
N SER A 22 6.79 -16.01 6.15
CA SER A 22 5.75 -16.62 5.33
C SER A 22 5.19 -15.61 4.34
N CYS A 23 5.08 -14.36 4.76
CA CYS A 23 4.58 -13.31 3.90
C CYS A 23 5.71 -12.72 3.08
N THR A 24 5.51 -12.62 1.77
CA THR A 24 6.54 -12.10 0.90
C THR A 24 6.20 -10.68 0.49
N GLU A 25 7.14 -9.98 -0.10
CA GLU A 25 6.89 -8.62 -0.57
C GLU A 25 5.77 -8.65 -1.61
N ASN A 26 5.85 -9.60 -2.52
CA ASN A 26 4.90 -9.72 -3.61
C ASN A 26 3.48 -9.97 -3.09
N ASP A 27 3.34 -10.86 -2.12
CA ASP A 27 2.03 -11.25 -1.61
C ASP A 27 1.34 -10.08 -0.91
N VAL A 28 2.08 -9.38 -0.07
CA VAL A 28 1.54 -8.27 0.70
C VAL A 28 1.03 -7.17 -0.24
N ILE A 29 1.80 -6.89 -1.28
CA ILE A 29 1.41 -5.92 -2.28
C ILE A 29 0.20 -6.42 -3.08
N ASN A 30 0.21 -7.70 -3.41
CA ASN A 30 -0.86 -8.32 -4.20
C ASN A 30 -2.20 -8.23 -3.49
N LEU A 31 -2.19 -8.26 -2.17
CA LEU A 31 -3.43 -8.24 -1.40
C LEU A 31 -4.15 -6.92 -1.51
N GLY A 32 -3.40 -5.83 -1.50
CA GLY A 32 -4.01 -4.51 -1.54
C GLY A 32 -4.49 -4.15 -2.93
N LEU A 33 -3.74 -4.57 -3.94
CA LEU A 33 -3.99 -4.19 -5.34
C LEU A 33 -5.46 -4.35 -5.79
N PRO A 34 -6.14 -5.49 -5.52
CA PRO A 34 -7.47 -5.77 -6.08
C PRO A 34 -8.51 -4.64 -5.95
N PHE A 35 -8.46 -3.89 -4.86
CA PHE A 35 -9.40 -2.78 -4.70
C PHE A 35 -8.71 -1.42 -4.78
N GLY A 36 -7.40 -1.40 -4.63
CA GLY A 36 -6.66 -0.16 -4.76
C GLY A 36 -5.24 -0.39 -5.27
N LYS A 37 -4.79 0.49 -6.15
CA LYS A 37 -3.45 0.38 -6.75
C LYS A 37 -2.38 0.85 -5.78
N VAL A 38 -1.24 0.18 -5.82
CA VAL A 38 -0.10 0.50 -4.98
C VAL A 38 0.92 1.32 -5.76
N THR A 39 1.45 2.37 -5.13
CA THR A 39 2.46 3.20 -5.76
C THR A 39 3.85 2.87 -5.24
N ASN A 40 3.93 2.59 -3.94
CA ASN A 40 5.18 2.22 -3.29
C ASN A 40 4.85 1.50 -1.98
N TYR A 41 5.85 0.87 -1.37
CA TYR A 41 5.60 0.12 -0.13
C TYR A 41 6.77 0.26 0.84
N ILE A 42 6.46 0.17 2.13
CA ILE A 42 7.48 0.13 3.16
C ILE A 42 7.25 -1.08 4.05
N LEU A 43 8.26 -1.93 4.14
CA LEU A 43 8.13 -3.17 4.87
C LEU A 43 8.99 -3.16 6.13
N MET A 44 8.34 -3.14 7.28
CA MET A 44 9.05 -3.19 8.54
C MET A 44 8.84 -4.54 9.21
N LYS A 45 9.69 -5.49 8.84
CA LYS A 45 9.62 -6.84 9.37
C LYS A 45 9.98 -6.85 10.85
N SER A 46 10.84 -5.91 11.23
CA SER A 46 11.29 -5.79 12.61
C SER A 46 10.14 -5.45 13.56
N THR A 47 9.11 -4.79 13.05
CA THR A 47 7.96 -4.45 13.87
C THR A 47 6.79 -5.36 13.56
N ASN A 48 7.04 -6.39 12.75
CA ASN A 48 6.01 -7.36 12.35
C ASN A 48 4.85 -6.66 11.66
N GLN A 49 5.16 -5.70 10.80
CA GLN A 49 4.14 -4.87 10.17
C GLN A 49 4.50 -4.56 8.73
N ALA A 50 3.48 -4.31 7.92
CA ALA A 50 3.69 -3.92 6.54
C ALA A 50 2.87 -2.69 6.20
N PHE A 51 3.43 -1.81 5.40
CA PHE A 51 2.77 -0.57 5.02
C PHE A 51 2.73 -0.44 3.51
N LEU A 52 1.54 -0.20 2.98
CA LEU A 52 1.33 -0.19 1.55
C LEU A 52 0.69 1.14 1.12
N GLU A 53 1.20 1.72 0.05
CA GLU A 53 0.74 3.03 -0.42
C GLU A 53 -0.22 2.89 -1.60
N MET A 54 -1.28 3.68 -1.58
CA MET A 54 -2.31 3.57 -2.61
C MET A 54 -2.38 4.81 -3.48
N ALA A 55 -2.57 4.57 -4.78
CA ALA A 55 -2.53 5.60 -5.80
C ALA A 55 -3.62 6.64 -5.61
N TYR A 56 -4.76 6.23 -5.09
CA TYR A 56 -5.87 7.13 -4.88
C TYR A 56 -6.40 7.01 -3.46
N THR A 57 -7.01 8.07 -2.97
CA THR A 57 -7.62 8.04 -1.65
C THR A 57 -8.73 6.99 -1.59
N GLU A 58 -9.46 6.86 -2.69
CA GLU A 58 -10.53 5.88 -2.81
C GLU A 58 -9.96 4.47 -2.80
N ALA A 59 -8.78 4.31 -3.37
CA ALA A 59 -8.14 3.02 -3.46
C ALA A 59 -7.84 2.46 -2.08
N ALA A 60 -7.29 3.30 -1.22
CA ALA A 60 -6.92 2.88 0.12
C ALA A 60 -8.15 2.58 0.97
N GLN A 61 -9.13 3.48 0.94
CA GLN A 61 -10.32 3.33 1.77
C GLN A 61 -11.19 2.18 1.31
N ALA A 62 -11.42 2.10 0.01
CA ALA A 62 -12.33 1.12 -0.56
C ALA A 62 -11.86 -0.30 -0.30
N MET A 63 -10.55 -0.51 -0.43
CA MET A 63 -10.00 -1.85 -0.26
C MET A 63 -10.15 -2.31 1.19
N VAL A 64 -9.81 -1.44 2.12
CA VAL A 64 -9.80 -1.80 3.52
C VAL A 64 -11.21 -2.07 4.04
N GLN A 65 -12.17 -1.31 3.55
CA GLN A 65 -13.56 -1.53 3.96
C GLN A 65 -13.98 -2.94 3.59
N TYR A 66 -13.51 -3.42 2.44
CA TYR A 66 -13.70 -4.81 2.05
C TYR A 66 -12.88 -5.75 2.93
N TYR A 67 -11.59 -5.45 3.09
CA TYR A 67 -10.67 -6.35 3.79
C TYR A 67 -10.91 -6.40 5.29
N GLN A 68 -11.62 -5.43 5.82
CA GLN A 68 -12.00 -5.47 7.22
C GLN A 68 -13.15 -6.46 7.44
N GLU A 69 -13.99 -6.59 6.43
CA GLU A 69 -15.15 -7.48 6.51
C GLU A 69 -14.83 -8.84 5.90
N LYS A 70 -14.10 -8.82 4.79
CA LYS A 70 -13.65 -10.03 4.13
C LYS A 70 -12.15 -9.93 3.87
N PRO A 71 -11.33 -10.17 4.90
CA PRO A 71 -9.87 -10.01 4.83
C PRO A 71 -9.20 -11.04 3.92
N ALA A 72 -8.00 -10.73 3.48
CA ALA A 72 -7.31 -11.54 2.50
C ALA A 72 -6.44 -12.58 3.19
N ILE A 73 -6.20 -13.69 2.51
CA ILE A 73 -5.58 -14.84 3.14
C ILE A 73 -4.21 -15.16 2.55
N ILE A 74 -3.22 -15.27 3.43
CA ILE A 74 -1.90 -15.74 3.04
C ILE A 74 -1.52 -16.96 3.86
N ASN A 75 -1.19 -18.05 3.17
CA ASN A 75 -0.78 -19.30 3.82
C ASN A 75 -1.88 -19.84 4.75
N GLY A 76 -3.13 -19.63 4.35
CA GLY A 76 -4.24 -20.09 5.14
C GLY A 76 -4.56 -19.16 6.30
N GLU A 77 -3.85 -18.05 6.38
CA GLU A 77 -4.04 -17.09 7.45
C GLU A 77 -4.76 -15.85 6.94
N LYS A 78 -5.83 -15.49 7.62
CA LYS A 78 -6.59 -14.31 7.24
C LYS A 78 -5.92 -13.06 7.78
N LEU A 79 -5.35 -12.27 6.89
CA LEU A 79 -4.69 -11.05 7.26
C LEU A 79 -5.67 -9.92 7.35
N LEU A 80 -5.68 -9.23 8.47
CA LEU A 80 -6.52 -8.08 8.62
C LEU A 80 -5.82 -6.87 8.01
N ILE A 81 -6.35 -6.41 6.88
CA ILE A 81 -5.78 -5.27 6.17
C ILE A 81 -6.54 -4.02 6.60
N ARG A 82 -5.85 -3.09 7.25
CA ARG A 82 -6.50 -1.94 7.87
C ARG A 82 -5.88 -0.61 7.48
N MET A 83 -6.67 0.45 7.61
CA MET A 83 -6.23 1.81 7.31
C MET A 83 -5.15 2.24 8.28
N SER A 84 -4.08 2.86 7.78
CA SER A 84 -3.04 3.37 8.65
C SER A 84 -3.37 4.78 9.09
N THR A 85 -3.36 5.01 10.39
CA THR A 85 -3.50 6.35 10.92
C THR A 85 -2.13 6.90 11.29
N ARG A 86 -1.14 6.01 11.39
CA ARG A 86 0.21 6.38 11.76
C ARG A 86 0.93 7.03 10.58
N TYR A 87 0.69 6.51 9.38
CA TYR A 87 1.27 7.07 8.18
C TYR A 87 0.19 7.71 7.33
N LYS A 88 0.46 8.91 6.87
CA LYS A 88 -0.44 9.57 5.93
C LYS A 88 0.01 9.26 4.51
N GLU A 89 1.30 8.98 4.37
CA GLU A 89 1.91 8.78 3.06
C GLU A 89 3.22 8.00 3.25
N LEU A 90 3.54 7.12 2.32
CA LEU A 90 4.80 6.40 2.37
C LEU A 90 5.88 7.22 1.68
N GLN A 91 6.93 7.53 2.41
CA GLN A 91 8.04 8.27 1.85
C GLN A 91 9.33 7.49 2.02
N LEU A 92 9.82 6.96 0.91
CA LEU A 92 11.09 6.26 0.87
C LEU A 92 12.23 7.27 0.84
N LYS A 93 13.43 6.81 0.56
CA LYS A 93 14.54 7.72 0.27
C LYS A 93 14.11 8.69 -0.83
N LYS A 94 13.35 8.15 -1.78
CA LYS A 94 12.73 8.96 -2.80
C LYS A 94 11.37 9.45 -2.31
N PRO A 95 11.17 10.78 -2.24
CA PRO A 95 9.94 11.38 -1.72
C PRO A 95 8.76 11.29 -2.68
N GLY A 96 8.69 10.20 -3.43
CA GLY A 96 7.64 10.04 -4.43
C GLY A 96 7.69 11.14 -5.46
N LYS A 97 8.86 11.29 -6.08
CA LYS A 97 9.13 12.36 -7.06
C LYS A 97 9.09 13.73 -6.38
N ASN A 98 7.88 14.24 -6.16
CA ASN A 98 7.69 15.56 -5.57
C ASN A 98 8.49 16.60 -6.36
N VAL A 99 8.40 16.52 -7.68
CA VAL A 99 9.08 17.45 -8.55
C VAL A 99 8.22 18.70 -8.69
N ALA A 100 6.97 18.47 -9.06
CA ALA A 100 6.00 19.52 -9.19
C ALA A 100 4.62 18.93 -8.91
N ALA A 101 3.69 19.80 -8.56
CA ALA A 101 2.31 19.38 -8.32
C ALA A 101 1.71 18.82 -9.59
N ILE A 102 1.23 17.59 -9.53
CA ILE A 102 0.67 16.90 -10.68
C ILE A 102 -0.74 17.41 -10.96
N ILE A 103 -0.83 18.61 -11.51
CA ILE A 103 -2.10 19.24 -11.76
C ILE A 103 -2.64 18.84 -13.14
N GLN A 104 -2.85 17.55 -13.33
CA GLN A 104 -3.54 17.05 -14.50
C GLN A 104 -5.03 16.99 -14.16
N ASP A 105 -5.28 17.13 -12.87
CA ASP A 105 -6.60 17.23 -12.28
C ASP A 105 -6.40 17.31 -10.79
N ILE A 106 -6.86 18.40 -10.23
CA ILE A 106 -6.60 18.79 -8.84
C ILE A 106 -6.61 17.60 -7.88
N HIS A 107 -7.74 16.91 -7.78
CA HIS A 107 -7.87 15.76 -6.86
C HIS A 107 -7.48 16.16 -5.45
N SER A 108 -8.07 17.25 -4.95
CA SER A 108 -7.83 17.74 -3.60
C SER A 108 -6.43 18.35 -3.42
N GLN A 109 -5.54 18.09 -4.38
CA GLN A 109 -4.21 18.69 -4.37
C GLN A 109 -4.31 20.14 -4.82
N ARG A 110 -4.61 21.02 -3.89
CA ARG A 110 -4.91 22.41 -4.19
C ARG A 110 -3.65 23.21 -4.51
N GLU A 111 -3.05 22.89 -5.65
CA GLU A 111 -1.88 23.60 -6.16
C GLU A 111 -0.75 23.64 -5.13
N ARG A 112 -0.15 22.48 -4.89
CA ARG A 112 0.94 22.35 -3.94
C ARG A 112 2.28 22.57 -4.64
N GLY A 1 11.29 5.84 -10.63
CA GLY A 1 9.95 6.43 -10.41
C GLY A 1 9.14 5.63 -9.42
N ALA A 2 8.64 4.47 -9.85
CA ALA A 2 7.87 3.55 -9.01
C ALA A 2 6.52 4.14 -8.60
N MET A 3 6.28 5.39 -9.03
CA MET A 3 5.04 6.11 -8.71
C MET A 3 4.95 6.43 -7.22
N ALA A 4 3.88 7.11 -6.81
CA ALA A 4 3.68 7.49 -5.41
C ALA A 4 2.37 8.24 -5.24
N GLN A 5 2.26 9.01 -4.16
CA GLN A 5 1.06 9.79 -3.84
C GLN A 5 0.74 10.76 -4.97
N ARG A 6 1.76 11.04 -5.77
CA ARG A 6 1.68 11.95 -6.92
C ARG A 6 0.46 11.68 -7.80
N LYS A 7 0.04 10.43 -7.82
CA LYS A 7 -1.14 10.01 -8.57
C LYS A 7 -2.38 10.84 -8.24
N GLY A 8 -2.45 11.33 -7.01
CA GLY A 8 -3.58 12.14 -6.61
C GLY A 8 -3.56 12.47 -5.13
N ALA A 9 -3.93 11.49 -4.32
CA ALA A 9 -3.98 11.68 -2.88
C ALA A 9 -2.84 10.93 -2.19
N GLY A 10 -2.86 9.61 -2.29
CA GLY A 10 -1.86 8.82 -1.63
C GLY A 10 -2.15 8.62 -0.15
N ARG A 11 -2.51 7.40 0.21
CA ARG A 11 -2.80 7.03 1.59
C ARG A 11 -2.29 5.62 1.86
N VAL A 12 -1.78 5.40 3.06
CA VAL A 12 -1.18 4.14 3.42
C VAL A 12 -2.15 3.21 4.12
N VAL A 13 -2.15 1.97 3.68
CA VAL A 13 -2.87 0.90 4.33
C VAL A 13 -1.89 0.03 5.10
N HIS A 14 -2.25 -0.35 6.33
CA HIS A 14 -1.35 -1.13 7.15
C HIS A 14 -1.82 -2.58 7.17
N ILE A 15 -0.88 -3.49 7.06
CA ILE A 15 -1.19 -4.91 7.09
C ILE A 15 -0.52 -5.56 8.30
N CYS A 16 -1.32 -6.26 9.09
CA CYS A 16 -0.84 -6.83 10.34
C CYS A 16 -1.05 -8.34 10.35
N ASN A 17 -0.56 -9.00 11.41
CA ASN A 17 -0.66 -10.46 11.55
C ASN A 17 0.17 -11.16 10.49
N LEU A 18 1.20 -10.49 10.01
CA LEU A 18 2.02 -11.03 8.94
C LEU A 18 2.99 -12.07 9.46
N PRO A 19 2.91 -13.30 8.94
CA PRO A 19 3.85 -14.36 9.30
C PRO A 19 5.26 -14.06 8.82
N GLU A 20 6.22 -14.21 9.72
CA GLU A 20 7.61 -13.96 9.42
C GLU A 20 8.18 -15.00 8.47
N GLY A 21 8.87 -14.53 7.43
CA GLY A 21 9.51 -15.42 6.49
C GLY A 21 8.56 -16.00 5.45
N SER A 22 7.27 -15.94 5.74
CA SER A 22 6.26 -16.48 4.84
C SER A 22 5.86 -15.44 3.81
N CYS A 23 5.84 -14.19 4.21
CA CYS A 23 5.39 -13.09 3.36
C CYS A 23 6.52 -12.58 2.48
N THR A 24 6.26 -12.48 1.19
CA THR A 24 7.20 -11.84 0.29
C THR A 24 6.66 -10.47 -0.09
N GLU A 25 7.46 -9.64 -0.77
CA GLU A 25 7.00 -8.32 -1.18
C GLU A 25 5.73 -8.45 -2.02
N ASN A 26 5.74 -9.40 -2.94
CA ASN A 26 4.64 -9.60 -3.87
C ASN A 26 3.32 -9.88 -3.15
N ASP A 27 3.35 -10.75 -2.13
CA ASP A 27 2.12 -11.15 -1.46
C ASP A 27 1.42 -9.96 -0.84
N VAL A 28 2.18 -9.16 -0.11
CA VAL A 28 1.63 -8.02 0.61
C VAL A 28 1.04 -7.00 -0.36
N ILE A 29 1.77 -6.72 -1.43
CA ILE A 29 1.32 -5.78 -2.45
C ILE A 29 0.10 -6.32 -3.19
N ASN A 30 0.16 -7.58 -3.57
CA ASN A 30 -0.89 -8.23 -4.34
C ASN A 30 -2.20 -8.32 -3.57
N LEU A 31 -2.12 -8.34 -2.25
CA LEU A 31 -3.33 -8.40 -1.42
C LEU A 31 -4.09 -7.09 -1.46
N GLY A 32 -3.38 -5.97 -1.45
CA GLY A 32 -4.03 -4.67 -1.44
C GLY A 32 -4.51 -4.27 -2.82
N LEU A 33 -3.74 -4.63 -3.83
CA LEU A 33 -4.00 -4.24 -5.22
C LEU A 33 -5.45 -4.45 -5.70
N PRO A 34 -6.09 -5.62 -5.44
CA PRO A 34 -7.41 -5.95 -6.03
C PRO A 34 -8.48 -4.85 -5.91
N PHE A 35 -8.48 -4.10 -4.83
CA PHE A 35 -9.49 -3.04 -4.67
C PHE A 35 -8.90 -1.64 -4.78
N GLY A 36 -7.59 -1.53 -4.63
CA GLY A 36 -6.92 -0.25 -4.80
C GLY A 36 -5.50 -0.39 -5.33
N LYS A 37 -5.08 0.53 -6.17
CA LYS A 37 -3.75 0.45 -6.78
C LYS A 37 -2.66 0.88 -5.79
N VAL A 38 -1.58 0.13 -5.80
CA VAL A 38 -0.43 0.38 -4.93
C VAL A 38 0.65 1.16 -5.67
N THR A 39 1.24 2.14 -5.00
CA THR A 39 2.33 2.89 -5.59
C THR A 39 3.67 2.53 -4.93
N ASN A 40 3.66 2.36 -3.61
CA ASN A 40 4.88 2.15 -2.84
C ASN A 40 4.61 1.22 -1.67
N TYR A 41 5.67 0.73 -1.03
CA TYR A 41 5.51 -0.14 0.14
C TYR A 41 6.69 0.01 1.10
N ILE A 42 6.42 -0.20 2.37
CA ILE A 42 7.45 -0.31 3.40
C ILE A 42 7.23 -1.58 4.19
N LEU A 43 8.23 -2.44 4.23
CA LEU A 43 8.11 -3.73 4.87
C LEU A 43 8.95 -3.83 6.12
N MET A 44 8.30 -3.93 7.27
CA MET A 44 9.01 -4.17 8.52
C MET A 44 8.75 -5.59 8.99
N LYS A 45 9.54 -6.51 8.47
CA LYS A 45 9.35 -7.94 8.74
C LYS A 45 9.67 -8.27 10.19
N SER A 46 10.62 -7.55 10.77
CA SER A 46 11.05 -7.79 12.15
C SER A 46 9.94 -7.48 13.15
N THR A 47 8.98 -6.66 12.74
CA THR A 47 7.88 -6.29 13.61
C THR A 47 6.58 -6.95 13.16
N ASN A 48 6.68 -7.81 12.14
CA ASN A 48 5.52 -8.49 11.56
C ASN A 48 4.48 -7.49 11.08
N GLN A 49 4.93 -6.42 10.46
CA GLN A 49 4.05 -5.33 10.05
C GLN A 49 4.46 -4.83 8.67
N ALA A 50 3.47 -4.36 7.91
CA ALA A 50 3.74 -3.83 6.58
C ALA A 50 2.90 -2.60 6.32
N PHE A 51 3.47 -1.67 5.57
CA PHE A 51 2.76 -0.46 5.20
C PHE A 51 2.73 -0.35 3.69
N LEU A 52 1.54 -0.19 3.13
CA LEU A 52 1.35 -0.21 1.70
C LEU A 52 0.74 1.11 1.24
N GLU A 53 1.31 1.69 0.20
CA GLU A 53 0.89 3.01 -0.28
C GLU A 53 0.00 2.89 -1.50
N MET A 54 -1.09 3.64 -1.50
CA MET A 54 -2.11 3.56 -2.54
C MET A 54 -2.16 4.82 -3.38
N ALA A 55 -2.42 4.63 -4.67
CA ALA A 55 -2.41 5.71 -5.64
C ALA A 55 -3.51 6.73 -5.37
N TYR A 56 -4.61 6.28 -4.77
CA TYR A 56 -5.76 7.13 -4.57
C TYR A 56 -6.31 6.92 -3.17
N THR A 57 -6.84 7.99 -2.59
CA THR A 57 -7.47 7.91 -1.28
C THR A 57 -8.66 6.95 -1.32
N GLU A 58 -9.40 7.00 -2.43
CA GLU A 58 -10.54 6.11 -2.62
C GLU A 58 -10.08 4.66 -2.75
N ALA A 59 -8.93 4.47 -3.39
CA ALA A 59 -8.37 3.13 -3.57
C ALA A 59 -8.05 2.50 -2.22
N ALA A 60 -7.41 3.27 -1.36
CA ALA A 60 -6.98 2.77 -0.06
C ALA A 60 -8.17 2.46 0.84
N GLN A 61 -9.11 3.40 0.90
CA GLN A 61 -10.25 3.25 1.79
C GLN A 61 -11.18 2.13 1.31
N ALA A 62 -11.44 2.10 0.01
CA ALA A 62 -12.35 1.12 -0.58
C ALA A 62 -11.84 -0.31 -0.38
N MET A 63 -10.55 -0.50 -0.53
CA MET A 63 -9.97 -1.83 -0.36
C MET A 63 -10.11 -2.28 1.08
N VAL A 64 -9.81 -1.38 2.00
CA VAL A 64 -9.84 -1.69 3.41
C VAL A 64 -11.27 -1.97 3.87
N GLN A 65 -12.23 -1.25 3.31
CA GLN A 65 -13.62 -1.48 3.66
C GLN A 65 -13.99 -2.93 3.34
N TYR A 66 -13.46 -3.44 2.24
CA TYR A 66 -13.61 -4.84 1.91
C TYR A 66 -12.82 -5.73 2.87
N TYR A 67 -11.54 -5.42 3.07
CA TYR A 67 -10.65 -6.29 3.84
C TYR A 67 -10.95 -6.27 5.34
N GLN A 68 -11.69 -5.27 5.80
CA GLN A 68 -12.13 -5.25 7.18
C GLN A 68 -13.23 -6.30 7.41
N GLU A 69 -14.05 -6.52 6.39
CA GLU A 69 -15.13 -7.50 6.49
C GLU A 69 -14.71 -8.83 5.87
N LYS A 70 -14.00 -8.74 4.76
CA LYS A 70 -13.47 -9.91 4.07
C LYS A 70 -11.97 -9.76 3.84
N PRO A 71 -11.19 -10.04 4.89
CA PRO A 71 -9.73 -9.86 4.88
C PRO A 71 -9.03 -10.89 3.98
N ALA A 72 -7.79 -10.60 3.61
CA ALA A 72 -7.04 -11.44 2.69
C ALA A 72 -6.22 -12.46 3.45
N ILE A 73 -5.95 -13.60 2.82
CA ILE A 73 -5.35 -14.73 3.51
C ILE A 73 -4.02 -15.13 2.88
N ILE A 74 -3.02 -15.35 3.73
CA ILE A 74 -1.75 -15.92 3.29
C ILE A 74 -1.46 -17.21 4.05
N ASN A 75 -1.41 -18.32 3.32
CA ASN A 75 -1.05 -19.64 3.88
C ASN A 75 -2.01 -20.04 5.01
N GLY A 76 -3.29 -19.75 4.83
CA GLY A 76 -4.29 -20.13 5.81
C GLY A 76 -4.41 -19.12 6.94
N GLU A 77 -3.63 -18.06 6.87
CA GLU A 77 -3.66 -17.02 7.88
C GLU A 77 -4.39 -15.79 7.37
N LYS A 78 -5.38 -15.35 8.12
CA LYS A 78 -6.17 -14.20 7.73
C LYS A 78 -5.47 -12.91 8.13
N LEU A 79 -5.05 -12.15 7.15
CA LEU A 79 -4.40 -10.88 7.39
C LEU A 79 -5.44 -9.79 7.50
N LEU A 80 -5.38 -9.04 8.57
CA LEU A 80 -6.25 -7.89 8.69
C LEU A 80 -5.61 -6.73 7.97
N ILE A 81 -6.18 -6.37 6.84
CA ILE A 81 -5.72 -5.23 6.07
C ILE A 81 -6.58 -4.03 6.42
N ARG A 82 -5.96 -3.02 7.02
CA ARG A 82 -6.72 -1.87 7.53
C ARG A 82 -6.01 -0.56 7.26
N MET A 83 -6.75 0.53 7.41
CA MET A 83 -6.23 1.87 7.15
C MET A 83 -5.10 2.17 8.13
N SER A 84 -4.00 2.71 7.63
CA SER A 84 -2.84 2.96 8.48
C SER A 84 -3.01 4.25 9.26
N THR A 85 -2.76 4.17 10.55
CA THR A 85 -2.79 5.33 11.41
C THR A 85 -1.36 5.83 11.66
N ARG A 86 -0.41 4.91 11.54
CA ARG A 86 1.00 5.22 11.75
C ARG A 86 1.57 6.01 10.59
N TYR A 87 1.16 5.64 9.37
CA TYR A 87 1.59 6.36 8.17
C TYR A 87 0.37 6.82 7.38
N LYS A 88 0.41 8.07 6.97
CA LYS A 88 -0.63 8.62 6.10
C LYS A 88 -0.22 8.43 4.64
N GLU A 89 1.06 8.63 4.39
CA GLU A 89 1.62 8.51 3.05
C GLU A 89 3.08 8.04 3.15
N LEU A 90 3.50 7.23 2.20
CA LEU A 90 4.88 6.75 2.17
C LEU A 90 5.77 7.76 1.49
N GLN A 91 6.54 8.45 2.29
CA GLN A 91 7.39 9.52 1.79
C GLN A 91 8.80 9.00 1.60
N LEU A 92 8.93 8.01 0.74
CA LEU A 92 10.22 7.39 0.45
C LEU A 92 11.18 8.43 -0.12
N LYS A 93 12.45 8.27 0.19
CA LYS A 93 13.46 9.24 -0.20
C LYS A 93 13.85 9.06 -1.67
N LYS A 94 12.91 9.36 -2.55
CA LYS A 94 13.15 9.31 -3.99
C LYS A 94 13.00 10.71 -4.57
N PRO A 95 14.13 11.36 -4.89
CA PRO A 95 14.14 12.75 -5.38
C PRO A 95 13.26 12.94 -6.61
N GLY A 96 13.22 11.93 -7.46
CA GLY A 96 12.44 12.01 -8.68
C GLY A 96 13.01 12.99 -9.67
N LYS A 97 12.15 13.54 -10.49
CA LYS A 97 12.56 14.53 -11.48
C LYS A 97 11.79 15.82 -11.28
N ASN A 98 12.48 16.85 -10.80
CA ASN A 98 11.82 18.12 -10.50
C ASN A 98 11.85 19.06 -11.70
N VAL A 99 12.85 18.90 -12.57
CA VAL A 99 12.93 19.71 -13.78
C VAL A 99 11.95 19.19 -14.81
N ALA A 100 12.17 17.96 -15.26
CA ALA A 100 11.25 17.30 -16.17
C ALA A 100 10.12 16.68 -15.36
N ALA A 101 9.03 17.42 -15.23
CA ALA A 101 7.91 17.05 -14.39
C ALA A 101 7.43 15.63 -14.67
N ILE A 102 7.26 14.85 -13.61
CA ILE A 102 6.77 13.49 -13.72
C ILE A 102 5.26 13.51 -13.98
N ILE A 103 4.91 13.61 -15.26
CA ILE A 103 3.53 13.59 -15.66
C ILE A 103 3.25 12.37 -16.52
N GLN A 104 2.63 11.38 -15.91
CA GLN A 104 2.38 10.11 -16.57
C GLN A 104 1.10 10.16 -17.40
N ASP A 105 0.69 11.38 -17.76
CA ASP A 105 -0.51 11.60 -18.58
C ASP A 105 -1.78 11.37 -17.77
N ILE A 106 -1.84 10.23 -17.09
CA ILE A 106 -2.98 9.91 -16.25
C ILE A 106 -2.61 9.95 -14.76
N HIS A 107 -3.16 10.94 -14.07
CA HIS A 107 -2.99 11.07 -12.62
C HIS A 107 -1.56 11.34 -12.22
N SER A 108 -1.15 12.59 -12.36
CA SER A 108 0.17 13.04 -11.95
C SER A 108 0.10 14.50 -11.54
N GLN A 109 -0.08 14.74 -10.25
CA GLN A 109 -0.27 16.10 -9.75
C GLN A 109 1.08 16.81 -9.61
N ARG A 110 1.84 16.83 -10.69
CA ARG A 110 3.15 17.47 -10.70
C ARG A 110 3.28 18.35 -11.94
N GLU A 111 2.22 19.08 -12.24
CA GLU A 111 2.14 19.89 -13.46
C GLU A 111 3.11 21.08 -13.39
N ARG A 112 3.78 21.34 -14.52
CA ARG A 112 4.61 22.53 -14.65
C ARG A 112 4.18 23.31 -15.88
N GLY A 1 8.48 13.71 -6.04
CA GLY A 1 7.91 12.33 -6.05
C GLY A 1 6.83 12.17 -7.10
N ALA A 2 7.18 12.44 -8.35
CA ALA A 2 6.21 12.39 -9.44
C ALA A 2 6.06 10.97 -9.99
N MET A 3 6.84 10.04 -9.44
CA MET A 3 6.79 8.64 -9.85
C MET A 3 5.42 8.05 -9.60
N ALA A 4 4.75 8.55 -8.57
CA ALA A 4 3.45 8.05 -8.17
C ALA A 4 2.73 9.08 -7.33
N GLN A 5 1.75 8.63 -6.53
CA GLN A 5 0.95 9.50 -5.68
C GLN A 5 0.25 10.57 -6.51
N ARG A 6 -0.81 10.16 -7.19
CA ARG A 6 -1.55 11.05 -8.06
C ARG A 6 -2.52 11.89 -7.25
N LYS A 7 -3.37 11.21 -6.51
CA LYS A 7 -4.34 11.87 -5.67
C LYS A 7 -3.68 12.32 -4.37
N GLY A 8 -3.63 13.64 -4.17
CA GLY A 8 -3.03 14.19 -2.96
C GLY A 8 -3.90 13.95 -1.76
N ALA A 9 -3.95 12.70 -1.33
CA ALA A 9 -4.87 12.25 -0.30
C ALA A 9 -4.74 10.74 -0.12
N GLY A 10 -4.10 10.08 -1.09
CA GLY A 10 -3.85 8.64 -1.02
C GLY A 10 -3.36 8.21 0.34
N ARG A 11 -3.95 7.15 0.85
CA ARG A 11 -3.70 6.71 2.22
C ARG A 11 -2.83 5.48 2.25
N VAL A 12 -2.14 5.29 3.37
CA VAL A 12 -1.33 4.10 3.57
C VAL A 12 -2.15 3.06 4.31
N VAL A 13 -2.11 1.84 3.81
CA VAL A 13 -2.78 0.73 4.45
C VAL A 13 -1.76 -0.13 5.17
N HIS A 14 -2.06 -0.50 6.41
CA HIS A 14 -1.12 -1.28 7.18
C HIS A 14 -1.65 -2.70 7.36
N ILE A 15 -0.75 -3.66 7.26
CA ILE A 15 -1.10 -5.06 7.41
C ILE A 15 -0.39 -5.63 8.63
N CYS A 16 -1.17 -6.29 9.49
CA CYS A 16 -0.65 -6.85 10.72
C CYS A 16 -0.85 -8.35 10.76
N ASN A 17 -0.32 -9.00 11.80
CA ASN A 17 -0.44 -10.44 11.99
C ASN A 17 0.34 -11.19 10.92
N LEU A 18 1.39 -10.56 10.45
CA LEU A 18 2.19 -11.10 9.36
C LEU A 18 3.20 -12.11 9.88
N PRO A 19 3.16 -13.37 9.38
CA PRO A 19 4.17 -14.35 9.73
C PRO A 19 5.52 -13.99 9.13
N GLU A 20 6.56 -14.00 9.97
CA GLU A 20 7.90 -13.62 9.54
C GLU A 20 8.51 -14.67 8.60
N GLY A 21 8.95 -14.21 7.44
CA GLY A 21 9.61 -15.08 6.49
C GLY A 21 8.62 -15.82 5.60
N SER A 22 7.37 -15.89 6.01
CA SER A 22 6.37 -16.64 5.28
C SER A 22 5.73 -15.78 4.19
N CYS A 23 5.58 -14.49 4.46
CA CYS A 23 5.01 -13.58 3.50
C CYS A 23 6.07 -13.08 2.54
N THR A 24 5.68 -12.78 1.31
CA THR A 24 6.60 -12.18 0.37
C THR A 24 6.23 -10.72 0.18
N GLU A 25 7.11 -9.94 -0.41
CA GLU A 25 6.81 -8.54 -0.69
C GLU A 25 5.63 -8.48 -1.64
N ASN A 26 5.69 -9.31 -2.68
CA ASN A 26 4.69 -9.32 -3.72
C ASN A 26 3.32 -9.71 -3.18
N ASP A 27 3.26 -10.72 -2.32
CA ASP A 27 1.97 -11.17 -1.76
C ASP A 27 1.30 -10.06 -0.97
N VAL A 28 2.06 -9.38 -0.13
CA VAL A 28 1.52 -8.31 0.71
C VAL A 28 0.97 -7.18 -0.16
N ILE A 29 1.71 -6.85 -1.21
CA ILE A 29 1.30 -5.83 -2.17
C ILE A 29 0.07 -6.29 -2.95
N ASN A 30 0.13 -7.54 -3.42
CA ASN A 30 -0.95 -8.12 -4.21
C ASN A 30 -2.25 -8.19 -3.45
N LEU A 31 -2.18 -8.28 -2.12
CA LEU A 31 -3.37 -8.32 -1.30
C LEU A 31 -4.18 -7.03 -1.42
N GLY A 32 -3.48 -5.90 -1.46
CA GLY A 32 -4.15 -4.62 -1.52
C GLY A 32 -4.64 -4.28 -2.92
N LEU A 33 -3.85 -4.64 -3.91
CA LEU A 33 -4.08 -4.27 -5.31
C LEU A 33 -5.52 -4.48 -5.82
N PRO A 34 -6.20 -5.62 -5.51
CA PRO A 34 -7.54 -5.91 -6.07
C PRO A 34 -8.56 -4.78 -5.93
N PHE A 35 -8.52 -4.01 -4.85
CA PHE A 35 -9.45 -2.89 -4.70
C PHE A 35 -8.76 -1.53 -4.78
N GLY A 36 -7.45 -1.49 -4.60
CA GLY A 36 -6.72 -0.24 -4.71
C GLY A 36 -5.32 -0.41 -5.29
N LYS A 37 -4.85 0.63 -5.98
CA LYS A 37 -3.54 0.58 -6.63
C LYS A 37 -2.43 1.00 -5.67
N VAL A 38 -1.42 0.16 -5.57
CA VAL A 38 -0.26 0.43 -4.77
C VAL A 38 0.79 1.19 -5.58
N THR A 39 1.37 2.20 -4.97
CA THR A 39 2.43 2.97 -5.60
C THR A 39 3.79 2.55 -5.08
N ASN A 40 3.86 2.30 -3.79
CA ASN A 40 5.08 1.88 -3.13
C ASN A 40 4.76 1.17 -1.82
N TYR A 41 5.75 0.52 -1.24
CA TYR A 41 5.52 -0.23 -0.02
C TYR A 41 6.70 -0.08 0.94
N ILE A 42 6.42 -0.19 2.22
CA ILE A 42 7.44 -0.16 3.25
C ILE A 42 7.22 -1.34 4.20
N LEU A 43 8.23 -2.18 4.35
CA LEU A 43 8.11 -3.40 5.14
C LEU A 43 8.91 -3.32 6.43
N MET A 44 8.22 -3.26 7.55
CA MET A 44 8.88 -3.31 8.84
C MET A 44 8.59 -4.63 9.52
N LYS A 45 9.42 -5.62 9.19
CA LYS A 45 9.26 -6.97 9.71
C LYS A 45 9.51 -7.01 11.21
N SER A 46 10.39 -6.11 11.66
CA SER A 46 10.79 -6.05 13.06
C SER A 46 9.58 -5.80 13.97
N THR A 47 8.65 -4.99 13.50
CA THR A 47 7.47 -4.65 14.28
C THR A 47 6.26 -5.45 13.84
N ASN A 48 6.50 -6.47 13.00
CA ASN A 48 5.43 -7.34 12.48
C ASN A 48 4.38 -6.52 11.76
N GLN A 49 4.81 -5.57 10.97
CA GLN A 49 3.89 -4.66 10.31
C GLN A 49 4.33 -4.37 8.88
N ALA A 50 3.36 -4.14 8.01
CA ALA A 50 3.66 -3.76 6.65
C ALA A 50 2.86 -2.53 6.28
N PHE A 51 3.45 -1.65 5.52
CA PHE A 51 2.78 -0.45 5.09
C PHE A 51 2.71 -0.41 3.57
N LEU A 52 1.51 -0.22 3.06
CA LEU A 52 1.27 -0.29 1.63
C LEU A 52 0.61 1.01 1.16
N GLU A 53 1.18 1.63 0.14
CA GLU A 53 0.75 2.96 -0.30
C GLU A 53 -0.17 2.88 -1.50
N MET A 54 -1.22 3.69 -1.49
CA MET A 54 -2.22 3.64 -2.54
C MET A 54 -2.26 4.94 -3.35
N ALA A 55 -2.32 4.79 -4.67
CA ALA A 55 -2.29 5.92 -5.60
C ALA A 55 -3.55 6.77 -5.46
N TYR A 56 -4.62 6.15 -5.00
CA TYR A 56 -5.91 6.81 -4.84
C TYR A 56 -6.39 6.61 -3.41
N THR A 57 -6.87 7.67 -2.78
CA THR A 57 -7.38 7.58 -1.43
C THR A 57 -8.68 6.79 -1.41
N GLU A 58 -9.45 6.88 -2.51
CA GLU A 58 -10.66 6.07 -2.65
C GLU A 58 -10.30 4.60 -2.76
N ALA A 59 -9.18 4.34 -3.42
CA ALA A 59 -8.68 2.99 -3.55
C ALA A 59 -8.35 2.44 -2.18
N ALA A 60 -7.66 3.25 -1.40
CA ALA A 60 -7.26 2.86 -0.04
C ALA A 60 -8.47 2.64 0.86
N GLN A 61 -9.41 3.57 0.80
CA GLN A 61 -10.61 3.47 1.62
C GLN A 61 -11.46 2.27 1.24
N ALA A 62 -11.69 2.10 -0.07
CA ALA A 62 -12.55 1.02 -0.55
C ALA A 62 -11.92 -0.33 -0.34
N MET A 63 -10.62 -0.42 -0.52
CA MET A 63 -9.90 -1.68 -0.35
C MET A 63 -10.02 -2.14 1.10
N VAL A 64 -9.76 -1.23 2.02
CA VAL A 64 -9.79 -1.56 3.43
C VAL A 64 -11.19 -1.89 3.89
N GLN A 65 -12.18 -1.19 3.37
CA GLN A 65 -13.56 -1.48 3.71
C GLN A 65 -13.90 -2.92 3.35
N TYR A 66 -13.35 -3.38 2.23
CA TYR A 66 -13.48 -4.78 1.87
C TYR A 66 -12.68 -5.67 2.81
N TYR A 67 -11.40 -5.36 3.01
CA TYR A 67 -10.50 -6.27 3.74
C TYR A 67 -10.76 -6.26 5.24
N GLN A 68 -11.43 -5.23 5.73
CA GLN A 68 -11.86 -5.21 7.12
C GLN A 68 -13.00 -6.20 7.34
N GLU A 69 -13.81 -6.40 6.30
CA GLU A 69 -14.93 -7.32 6.38
C GLU A 69 -14.58 -8.69 5.81
N LYS A 70 -13.83 -8.69 4.71
CA LYS A 70 -13.32 -9.91 4.10
C LYS A 70 -11.82 -9.78 3.87
N PRO A 71 -11.03 -10.07 4.90
CA PRO A 71 -9.58 -9.93 4.87
C PRO A 71 -8.90 -10.99 4.02
N ALA A 72 -7.67 -10.72 3.58
CA ALA A 72 -6.99 -11.60 2.65
C ALA A 72 -6.12 -12.61 3.36
N ILE A 73 -5.89 -13.75 2.73
CA ILE A 73 -5.19 -14.85 3.39
C ILE A 73 -3.81 -15.10 2.78
N ILE A 74 -2.81 -15.25 3.65
CA ILE A 74 -1.46 -15.63 3.25
C ILE A 74 -1.04 -16.93 3.93
N ASN A 75 -0.87 -17.99 3.14
CA ASN A 75 -0.44 -19.29 3.64
C ASN A 75 -1.32 -19.79 4.78
N GLY A 76 -2.62 -19.58 4.65
CA GLY A 76 -3.55 -20.01 5.68
C GLY A 76 -3.71 -18.99 6.79
N GLU A 77 -3.08 -17.85 6.65
CA GLU A 77 -3.18 -16.78 7.63
C GLU A 77 -4.14 -15.71 7.14
N LYS A 78 -5.14 -15.39 7.95
CA LYS A 78 -6.07 -14.35 7.60
C LYS A 78 -5.53 -13.01 8.07
N LEU A 79 -5.08 -12.21 7.13
CA LEU A 79 -4.49 -10.92 7.44
C LEU A 79 -5.53 -9.84 7.42
N LEU A 80 -5.63 -9.10 8.50
CA LEU A 80 -6.53 -7.98 8.53
C LEU A 80 -5.84 -6.79 7.87
N ILE A 81 -6.31 -6.43 6.69
CA ILE A 81 -5.75 -5.32 5.96
C ILE A 81 -6.56 -4.07 6.26
N ARG A 82 -5.94 -3.09 6.90
CA ARG A 82 -6.68 -1.93 7.37
C ARG A 82 -5.87 -0.63 7.27
N MET A 83 -6.59 0.49 7.37
CA MET A 83 -6.01 1.81 7.16
C MET A 83 -4.94 2.11 8.22
N SER A 84 -3.85 2.73 7.80
CA SER A 84 -2.83 3.15 8.73
C SER A 84 -3.15 4.54 9.25
N THR A 85 -3.19 4.69 10.57
CA THR A 85 -3.35 5.99 11.17
C THR A 85 -1.98 6.56 11.54
N ARG A 86 -0.97 5.70 11.52
CA ARG A 86 0.38 6.10 11.84
C ARG A 86 1.05 6.75 10.63
N TYR A 87 0.77 6.23 9.45
CA TYR A 87 1.28 6.82 8.22
C TYR A 87 0.16 7.38 7.36
N LYS A 88 0.36 8.59 6.89
CA LYS A 88 -0.55 9.20 5.93
C LYS A 88 -0.07 8.89 4.52
N GLU A 89 1.26 8.96 4.35
CA GLU A 89 1.90 8.66 3.08
C GLU A 89 3.23 7.94 3.35
N LEU A 90 3.61 7.06 2.44
CA LEU A 90 4.90 6.40 2.54
C LEU A 90 5.98 7.23 1.87
N GLN A 91 6.84 7.81 2.68
CA GLN A 91 7.95 8.59 2.18
C GLN A 91 9.17 7.69 2.06
N LEU A 92 9.38 7.15 0.87
CA LEU A 92 10.50 6.25 0.62
C LEU A 92 11.83 6.97 0.85
N LYS A 93 12.45 6.69 1.99
CA LYS A 93 13.78 7.22 2.26
C LYS A 93 14.81 6.37 1.53
N LYS A 94 14.34 5.27 0.96
CA LYS A 94 15.19 4.38 0.20
C LYS A 94 15.49 4.97 -1.17
N PRO A 95 16.77 5.04 -1.54
CA PRO A 95 17.20 5.61 -2.83
C PRO A 95 16.95 4.67 -4.00
N GLY A 96 16.38 3.51 -3.74
CA GLY A 96 16.10 2.55 -4.79
C GLY A 96 15.03 3.04 -5.73
N LYS A 97 13.83 3.28 -5.19
CA LYS A 97 12.69 3.79 -5.96
C LYS A 97 12.25 2.79 -7.04
N ASN A 98 11.29 3.20 -7.87
CA ASN A 98 10.74 2.34 -8.92
C ASN A 98 10.20 1.04 -8.33
N VAL A 99 9.06 1.14 -7.66
CA VAL A 99 8.41 -0.05 -7.12
C VAL A 99 7.66 -0.78 -8.22
N ALA A 100 6.64 -0.13 -8.75
CA ALA A 100 5.90 -0.67 -9.88
C ALA A 100 6.51 -0.18 -11.18
N ALA A 101 6.60 1.14 -11.32
CA ALA A 101 7.19 1.77 -12.49
C ALA A 101 7.41 3.25 -12.22
N ILE A 102 8.37 3.85 -12.91
CA ILE A 102 8.61 5.28 -12.80
C ILE A 102 7.70 6.03 -13.77
N ILE A 103 6.45 6.15 -13.40
CA ILE A 103 5.46 6.83 -14.22
C ILE A 103 5.54 8.34 -13.98
N GLN A 104 5.73 9.10 -15.05
CA GLN A 104 5.95 10.54 -14.93
C GLN A 104 4.81 11.36 -15.52
N ASP A 105 4.03 10.75 -16.41
CA ASP A 105 3.01 11.50 -17.13
C ASP A 105 1.59 11.15 -16.67
N ILE A 106 1.16 9.93 -16.96
CA ILE A 106 -0.22 9.54 -16.69
C ILE A 106 -0.44 9.19 -15.22
N HIS A 107 -1.69 8.99 -14.83
CA HIS A 107 -2.01 8.71 -13.43
C HIS A 107 -1.65 7.28 -13.08
N SER A 108 -2.35 6.33 -13.68
CA SER A 108 -2.12 4.92 -13.42
C SER A 108 -2.04 4.12 -14.72
N GLN A 109 -3.18 4.02 -15.42
CA GLN A 109 -3.26 3.31 -16.69
C GLN A 109 -2.73 1.88 -16.58
N ARG A 110 -2.48 1.26 -17.72
CA ARG A 110 -1.82 -0.02 -17.74
C ARG A 110 -0.32 0.20 -17.61
N GLU A 111 0.19 -0.10 -16.43
CA GLU A 111 1.59 0.12 -16.10
C GLU A 111 2.51 -0.69 -17.01
N ARG A 112 3.56 -0.06 -17.50
CA ARG A 112 4.48 -0.70 -18.42
C ARG A 112 5.91 -0.58 -17.92
N GLY A 1 3.60 15.40 -2.79
CA GLY A 1 4.98 14.93 -3.06
C GLY A 1 5.07 14.16 -4.35
N ALA A 2 6.29 13.81 -4.75
CA ALA A 2 6.52 13.08 -5.98
C ALA A 2 7.10 11.69 -5.69
N MET A 3 6.77 11.17 -4.52
CA MET A 3 7.25 9.85 -4.10
C MET A 3 6.37 8.75 -4.67
N ALA A 4 5.10 9.08 -4.91
CA ALA A 4 4.14 8.10 -5.39
C ALA A 4 3.76 8.36 -6.83
N GLN A 5 2.64 7.81 -7.21
CA GLN A 5 2.06 8.09 -8.51
C GLN A 5 1.34 9.43 -8.49
N ARG A 6 0.70 9.74 -7.37
CA ARG A 6 -0.16 10.92 -7.28
C ARG A 6 -0.06 11.58 -5.91
N LYS A 7 -0.92 11.17 -4.99
CA LYS A 7 -0.96 11.77 -3.66
C LYS A 7 -0.31 10.86 -2.63
N GLY A 8 0.02 9.65 -3.05
CA GLY A 8 0.39 8.62 -2.10
C GLY A 8 -0.84 8.16 -1.37
N ALA A 9 -1.97 8.24 -2.08
CA ALA A 9 -3.31 7.98 -1.54
C ALA A 9 -3.75 9.05 -0.56
N GLY A 10 -2.83 9.50 0.25
CA GLY A 10 -3.17 10.37 1.36
C GLY A 10 -3.35 9.57 2.62
N ARG A 11 -3.33 8.25 2.44
CA ARG A 11 -3.42 7.30 3.53
C ARG A 11 -2.59 6.07 3.21
N VAL A 12 -1.92 5.54 4.21
CA VAL A 12 -1.19 4.30 4.06
C VAL A 12 -1.96 3.18 4.73
N VAL A 13 -1.99 2.02 4.09
CA VAL A 13 -2.70 0.88 4.63
C VAL A 13 -1.72 -0.05 5.31
N HIS A 14 -2.02 -0.44 6.54
CA HIS A 14 -1.12 -1.31 7.28
C HIS A 14 -1.73 -2.70 7.35
N ILE A 15 -0.89 -3.70 7.13
CA ILE A 15 -1.33 -5.08 7.16
C ILE A 15 -0.75 -5.79 8.37
N CYS A 16 -1.61 -6.48 9.10
CA CYS A 16 -1.20 -7.15 10.32
C CYS A 16 -1.53 -8.65 10.26
N ASN A 17 -1.10 -9.37 11.29
CA ASN A 17 -1.23 -10.84 11.35
C ASN A 17 -0.31 -11.50 10.34
N LEU A 18 0.77 -10.80 10.00
CA LEU A 18 1.71 -11.29 9.01
C LEU A 18 2.71 -12.25 9.62
N PRO A 19 2.77 -13.49 9.10
CA PRO A 19 3.81 -14.45 9.49
C PRO A 19 5.19 -14.03 8.99
N GLU A 20 6.18 -14.07 9.88
CA GLU A 20 7.54 -13.68 9.53
C GLU A 20 8.17 -14.65 8.54
N GLY A 21 8.77 -14.12 7.49
CA GLY A 21 9.51 -14.92 6.53
C GLY A 21 8.62 -15.67 5.56
N SER A 22 7.36 -15.87 5.90
CA SER A 22 6.44 -16.59 5.05
C SER A 22 5.82 -15.66 4.01
N CYS A 23 5.65 -14.40 4.40
CA CYS A 23 5.11 -13.41 3.49
C CYS A 23 6.22 -12.81 2.65
N THR A 24 5.97 -12.65 1.37
CA THR A 24 6.93 -12.01 0.49
C THR A 24 6.46 -10.61 0.15
N GLU A 25 7.32 -9.80 -0.46
CA GLU A 25 6.94 -8.45 -0.84
C GLU A 25 5.77 -8.50 -1.81
N ASN A 26 5.84 -9.46 -2.71
CA ASN A 26 4.86 -9.60 -3.78
C ASN A 26 3.46 -9.89 -3.24
N ASP A 27 3.37 -10.79 -2.25
CA ASP A 27 2.06 -11.20 -1.73
C ASP A 27 1.33 -10.02 -1.08
N VAL A 28 2.07 -9.29 -0.25
CA VAL A 28 1.50 -8.18 0.50
C VAL A 28 1.00 -7.09 -0.44
N ILE A 29 1.79 -6.80 -1.47
CA ILE A 29 1.44 -5.79 -2.46
C ILE A 29 0.22 -6.22 -3.28
N ASN A 30 0.23 -7.48 -3.72
CA ASN A 30 -0.88 -8.01 -4.51
C ASN A 30 -2.18 -8.06 -3.74
N LEU A 31 -2.11 -8.18 -2.43
CA LEU A 31 -3.32 -8.20 -1.62
C LEU A 31 -4.02 -6.84 -1.61
N GLY A 32 -3.25 -5.77 -1.67
CA GLY A 32 -3.84 -4.44 -1.63
C GLY A 32 -4.43 -4.03 -2.96
N LEU A 33 -3.78 -4.46 -4.03
CA LEU A 33 -4.14 -4.06 -5.40
C LEU A 33 -5.63 -4.24 -5.78
N PRO A 34 -6.26 -5.41 -5.51
CA PRO A 34 -7.58 -5.76 -6.08
C PRO A 34 -8.66 -4.67 -6.09
N PHE A 35 -8.70 -3.78 -5.11
CA PHE A 35 -9.72 -2.72 -5.12
C PHE A 35 -9.13 -1.34 -5.40
N GLY A 36 -7.82 -1.22 -5.24
CA GLY A 36 -7.14 0.05 -5.46
C GLY A 36 -5.95 -0.09 -6.38
N LYS A 37 -4.90 0.62 -6.04
CA LYS A 37 -3.62 0.51 -6.72
C LYS A 37 -2.50 0.85 -5.76
N VAL A 38 -1.43 0.10 -5.81
CA VAL A 38 -0.29 0.34 -4.94
C VAL A 38 0.70 1.28 -5.61
N THR A 39 1.18 2.26 -4.87
CA THR A 39 2.18 3.17 -5.36
C THR A 39 3.53 2.91 -4.71
N ASN A 40 3.51 2.63 -3.41
CA ASN A 40 4.72 2.41 -2.64
C ASN A 40 4.46 1.41 -1.53
N TYR A 41 5.52 0.89 -0.92
CA TYR A 41 5.37 -0.05 0.18
C TYR A 41 6.54 0.07 1.13
N ILE A 42 6.29 -0.21 2.40
CA ILE A 42 7.35 -0.27 3.40
C ILE A 42 7.12 -1.48 4.31
N LEU A 43 8.11 -2.34 4.39
CA LEU A 43 8.00 -3.56 5.17
C LEU A 43 8.77 -3.45 6.47
N MET A 44 8.07 -3.40 7.58
CA MET A 44 8.71 -3.41 8.88
C MET A 44 8.61 -4.80 9.47
N LYS A 45 9.50 -5.67 9.03
CA LYS A 45 9.48 -7.06 9.41
C LYS A 45 9.86 -7.23 10.87
N SER A 46 10.71 -6.33 11.36
CA SER A 46 11.14 -6.36 12.74
C SER A 46 9.98 -6.12 13.70
N THR A 47 8.94 -5.44 13.21
CA THR A 47 7.77 -5.16 14.02
C THR A 47 6.58 -6.01 13.60
N ASN A 48 6.86 -6.99 12.74
CA ASN A 48 5.84 -7.91 12.23
C ASN A 48 4.70 -7.13 11.55
N GLN A 49 5.06 -6.12 10.76
CA GLN A 49 4.07 -5.24 10.17
C GLN A 49 4.48 -4.81 8.77
N ALA A 50 3.49 -4.57 7.92
CA ALA A 50 3.74 -4.08 6.58
C ALA A 50 2.88 -2.88 6.29
N PHE A 51 3.42 -1.92 5.55
CA PHE A 51 2.70 -0.73 5.17
C PHE A 51 2.63 -0.61 3.65
N LEU A 52 1.42 -0.41 3.14
CA LEU A 52 1.20 -0.39 1.71
C LEU A 52 0.52 0.93 1.31
N GLU A 53 1.13 1.62 0.35
CA GLU A 53 0.63 2.92 -0.08
C GLU A 53 -0.16 2.78 -1.38
N MET A 54 -1.27 3.50 -1.47
CA MET A 54 -2.18 3.36 -2.59
C MET A 54 -2.14 4.60 -3.49
N ALA A 55 -2.66 4.49 -4.71
CA ALA A 55 -2.63 5.61 -5.65
C ALA A 55 -3.48 6.79 -5.16
N TYR A 56 -4.69 6.48 -4.72
CA TYR A 56 -5.62 7.50 -4.25
C TYR A 56 -6.23 7.05 -2.94
N THR A 57 -6.79 7.99 -2.18
CA THR A 57 -7.41 7.62 -0.91
C THR A 57 -8.60 6.70 -1.15
N GLU A 58 -9.34 6.95 -2.24
CA GLU A 58 -10.47 6.10 -2.61
C GLU A 58 -9.99 4.70 -2.98
N ALA A 59 -8.79 4.62 -3.53
CA ALA A 59 -8.17 3.33 -3.78
C ALA A 59 -7.97 2.63 -2.45
N ALA A 60 -7.43 3.38 -1.50
CA ALA A 60 -7.13 2.86 -0.17
C ALA A 60 -8.38 2.50 0.61
N GLN A 61 -9.42 3.33 0.50
CA GLN A 61 -10.68 3.05 1.19
C GLN A 61 -11.28 1.75 0.67
N ALA A 62 -11.29 1.60 -0.64
CA ALA A 62 -12.06 0.57 -1.30
C ALA A 62 -11.61 -0.84 -0.92
N MET A 63 -10.31 -1.11 -0.94
CA MET A 63 -9.84 -2.45 -0.62
C MET A 63 -9.99 -2.73 0.86
N VAL A 64 -9.67 -1.75 1.67
CA VAL A 64 -9.67 -1.91 3.11
C VAL A 64 -11.08 -2.12 3.67
N GLN A 65 -12.06 -1.44 3.09
CA GLN A 65 -13.44 -1.63 3.52
C GLN A 65 -13.85 -3.08 3.31
N TYR A 66 -13.35 -3.68 2.24
CA TYR A 66 -13.53 -5.10 2.03
C TYR A 66 -12.73 -5.89 3.05
N TYR A 67 -11.46 -5.55 3.21
CA TYR A 67 -10.54 -6.36 4.02
C TYR A 67 -10.74 -6.21 5.52
N GLN A 68 -11.42 -5.17 5.96
CA GLN A 68 -11.75 -5.07 7.38
C GLN A 68 -12.93 -5.96 7.71
N GLU A 69 -13.78 -6.18 6.71
CA GLU A 69 -14.97 -7.00 6.89
C GLU A 69 -14.73 -8.43 6.41
N LYS A 70 -14.02 -8.56 5.30
CA LYS A 70 -13.63 -9.84 4.73
C LYS A 70 -12.16 -9.78 4.35
N PRO A 71 -11.28 -9.96 5.35
CA PRO A 71 -9.83 -9.77 5.21
C PRO A 71 -9.18 -10.81 4.28
N ALA A 72 -7.98 -10.47 3.80
CA ALA A 72 -7.29 -11.28 2.79
C ALA A 72 -6.38 -12.29 3.45
N ILE A 73 -6.14 -13.39 2.77
CA ILE A 73 -5.46 -14.54 3.37
C ILE A 73 -4.09 -14.82 2.74
N ILE A 74 -3.10 -15.06 3.60
CA ILE A 74 -1.81 -15.58 3.19
C ILE A 74 -1.53 -16.89 3.92
N ASN A 75 -1.22 -17.93 3.16
CA ASN A 75 -0.87 -19.24 3.71
C ASN A 75 -1.99 -19.81 4.57
N GLY A 76 -3.23 -19.56 4.16
CA GLY A 76 -4.38 -20.10 4.86
C GLY A 76 -4.69 -19.36 6.15
N GLU A 77 -4.00 -18.26 6.39
CA GLU A 77 -4.21 -17.47 7.58
C GLU A 77 -4.62 -16.05 7.19
N LYS A 78 -5.62 -15.51 7.88
CA LYS A 78 -6.24 -14.25 7.50
C LYS A 78 -5.44 -13.05 8.01
N LEU A 79 -5.11 -12.15 7.10
CA LEU A 79 -4.45 -10.90 7.45
C LEU A 79 -5.48 -9.82 7.59
N LEU A 80 -5.36 -8.99 8.60
CA LEU A 80 -6.22 -7.84 8.70
C LEU A 80 -5.57 -6.67 7.98
N ILE A 81 -6.15 -6.29 6.86
CA ILE A 81 -5.67 -5.16 6.10
C ILE A 81 -6.51 -3.95 6.45
N ARG A 82 -5.89 -2.95 7.05
CA ARG A 82 -6.64 -1.80 7.57
C ARG A 82 -5.85 -0.51 7.46
N MET A 83 -6.59 0.61 7.50
CA MET A 83 -6.03 1.94 7.31
C MET A 83 -5.06 2.27 8.44
N SER A 84 -3.91 2.82 8.09
CA SER A 84 -2.93 3.24 9.09
C SER A 84 -3.20 4.67 9.54
N THR A 85 -3.17 4.88 10.85
CA THR A 85 -3.27 6.21 11.40
C THR A 85 -1.88 6.76 11.69
N ARG A 86 -0.88 5.94 11.39
CA ARG A 86 0.50 6.29 11.66
C ARG A 86 1.17 6.91 10.43
N TYR A 87 0.82 6.42 9.25
CA TYR A 87 1.42 6.93 8.03
C TYR A 87 0.36 7.45 7.07
N LYS A 88 0.59 8.64 6.55
CA LYS A 88 -0.25 9.19 5.48
C LYS A 88 0.34 8.82 4.12
N GLU A 89 1.65 8.81 4.06
CA GLU A 89 2.36 8.49 2.84
C GLU A 89 3.68 7.79 3.17
N LEU A 90 4.10 6.89 2.29
CA LEU A 90 5.33 6.14 2.48
C LEU A 90 6.48 6.85 1.78
N GLN A 91 7.51 7.16 2.56
CA GLN A 91 8.67 7.85 2.02
C GLN A 91 9.78 6.85 1.75
N LEU A 92 9.89 6.44 0.50
CA LEU A 92 10.88 5.44 0.12
C LEU A 92 12.22 6.07 -0.21
N LYS A 93 13.27 5.38 0.22
CA LYS A 93 14.65 5.74 -0.10
C LYS A 93 14.92 5.45 -1.57
N LYS A 94 14.13 4.55 -2.13
CA LYS A 94 14.24 4.17 -3.52
C LYS A 94 13.49 5.17 -4.40
N PRO A 95 13.84 5.26 -5.69
CA PRO A 95 13.11 6.12 -6.65
C PRO A 95 11.64 5.71 -6.72
N GLY A 96 10.77 6.69 -6.89
CA GLY A 96 9.33 6.48 -6.79
C GLY A 96 8.73 5.78 -8.00
N LYS A 97 9.27 4.62 -8.35
CA LYS A 97 8.72 3.76 -9.41
C LYS A 97 8.73 4.43 -10.77
N ASN A 98 8.26 3.70 -11.77
CA ASN A 98 8.12 4.20 -13.14
C ASN A 98 7.36 3.19 -13.98
N VAL A 99 7.56 1.90 -13.66
CA VAL A 99 6.90 0.79 -14.34
C VAL A 99 7.30 0.71 -15.81
N ALA A 100 6.67 1.55 -16.63
CA ALA A 100 6.97 1.60 -18.05
C ALA A 100 7.19 3.03 -18.50
N ALA A 101 6.32 3.92 -18.06
CA ALA A 101 6.41 5.34 -18.42
C ALA A 101 5.97 6.20 -17.25
N ILE A 102 6.50 7.40 -17.17
CA ILE A 102 6.15 8.34 -16.11
C ILE A 102 4.81 9.00 -16.42
N ILE A 103 3.74 8.31 -16.06
CA ILE A 103 2.39 8.82 -16.25
C ILE A 103 1.76 9.08 -14.89
N GLN A 104 1.86 10.33 -14.44
CA GLN A 104 1.38 10.70 -13.11
C GLN A 104 -0.13 10.92 -13.11
N ASP A 105 -0.87 9.90 -13.55
CA ASP A 105 -2.32 9.94 -13.55
C ASP A 105 -2.89 8.56 -13.27
N ILE A 106 -2.68 7.64 -14.21
CA ILE A 106 -3.19 6.28 -14.13
C ILE A 106 -4.72 6.23 -14.19
N HIS A 107 -5.36 6.76 -13.15
CA HIS A 107 -6.81 6.78 -13.10
C HIS A 107 -7.33 8.10 -13.66
N SER A 108 -7.08 8.29 -14.94
CA SER A 108 -7.41 9.52 -15.66
C SER A 108 -6.83 9.44 -17.06
N GLN A 109 -5.59 8.97 -17.13
CA GLN A 109 -4.90 8.74 -18.39
C GLN A 109 -4.36 7.32 -18.42
N ARG A 110 -4.65 6.61 -19.50
CA ARG A 110 -4.24 5.22 -19.64
C ARG A 110 -2.74 5.10 -19.82
N GLU A 111 -2.17 4.08 -19.21
CA GLU A 111 -0.74 3.81 -19.31
C GLU A 111 -0.44 3.11 -20.64
N ARG A 112 0.53 3.65 -21.36
CA ARG A 112 0.89 3.11 -22.67
C ARG A 112 2.12 2.22 -22.57
N GLY A 1 12.41 13.50 -3.43
CA GLY A 1 12.47 12.43 -4.44
C GLY A 1 11.79 11.16 -3.97
N ALA A 2 10.48 11.13 -4.07
CA ALA A 2 9.71 9.97 -3.64
C ALA A 2 8.52 9.74 -4.57
N MET A 3 7.79 10.82 -4.87
CA MET A 3 6.62 10.74 -5.74
C MET A 3 5.59 9.76 -5.16
N ALA A 4 5.38 9.88 -3.86
CA ALA A 4 4.45 9.03 -3.15
C ALA A 4 3.10 9.75 -3.00
N GLN A 5 2.09 8.99 -2.56
CA GLN A 5 0.73 9.49 -2.43
C GLN A 5 0.17 9.87 -3.79
N ARG A 6 0.36 11.14 -4.17
CA ARG A 6 -0.07 11.67 -5.47
C ARG A 6 -1.59 11.66 -5.59
N LYS A 7 -2.08 12.13 -6.74
CA LYS A 7 -3.53 12.22 -7.00
C LYS A 7 -4.21 13.15 -6.00
N GLY A 8 -3.44 14.07 -5.44
CA GLY A 8 -4.00 15.04 -4.52
C GLY A 8 -4.02 14.56 -3.08
N ALA A 9 -4.18 13.26 -2.89
CA ALA A 9 -4.30 12.71 -1.55
C ALA A 9 -3.27 11.61 -1.29
N GLY A 10 -3.62 10.38 -1.66
CA GLY A 10 -2.76 9.25 -1.35
C GLY A 10 -2.86 8.82 0.10
N ARG A 11 -2.86 7.53 0.36
CA ARG A 11 -2.97 7.01 1.71
C ARG A 11 -2.18 5.72 1.87
N VAL A 12 -1.70 5.47 3.08
CA VAL A 12 -1.01 4.22 3.39
C VAL A 12 -1.95 3.27 4.12
N VAL A 13 -1.96 2.02 3.69
CA VAL A 13 -2.71 0.97 4.35
C VAL A 13 -1.74 0.02 5.04
N HIS A 14 -2.02 -0.33 6.27
CA HIS A 14 -1.13 -1.21 7.01
C HIS A 14 -1.76 -2.58 7.22
N ILE A 15 -0.94 -3.60 7.09
CA ILE A 15 -1.40 -4.97 7.20
C ILE A 15 -0.81 -5.63 8.44
N CYS A 16 -1.68 -6.26 9.22
CA CYS A 16 -1.26 -6.91 10.45
C CYS A 16 -1.46 -8.42 10.35
N ASN A 17 -1.00 -9.14 11.38
CA ASN A 17 -1.15 -10.60 11.47
C ASN A 17 -0.28 -11.29 10.42
N LEU A 18 0.81 -10.64 10.04
CA LEU A 18 1.70 -11.18 9.03
C LEU A 18 2.70 -12.16 9.64
N PRO A 19 2.69 -13.43 9.16
CA PRO A 19 3.67 -14.43 9.57
C PRO A 19 5.07 -14.11 9.04
N GLU A 20 6.05 -14.20 9.92
CA GLU A 20 7.44 -13.93 9.57
C GLU A 20 8.00 -14.99 8.63
N GLY A 21 8.65 -14.55 7.56
CA GLY A 21 9.30 -15.46 6.65
C GLY A 21 8.36 -16.13 5.67
N SER A 22 7.07 -16.12 5.98
CA SER A 22 6.08 -16.77 5.14
C SER A 22 5.55 -15.80 4.07
N CYS A 23 5.44 -14.54 4.43
CA CYS A 23 4.95 -13.52 3.51
C CYS A 23 6.09 -12.98 2.64
N THR A 24 5.82 -12.81 1.36
CA THR A 24 6.79 -12.22 0.46
C THR A 24 6.38 -10.80 0.11
N GLU A 25 7.25 -10.05 -0.54
CA GLU A 25 6.91 -8.69 -0.95
C GLU A 25 5.70 -8.70 -1.87
N ASN A 26 5.73 -9.65 -2.80
CA ASN A 26 4.69 -9.78 -3.81
C ASN A 26 3.32 -10.02 -3.17
N ASP A 27 3.26 -10.89 -2.17
CA ASP A 27 1.98 -11.24 -1.54
C ASP A 27 1.29 -10.01 -0.97
N VAL A 28 2.04 -9.23 -0.21
CA VAL A 28 1.50 -8.07 0.48
C VAL A 28 0.98 -7.04 -0.54
N ILE A 29 1.78 -6.80 -1.56
CA ILE A 29 1.42 -5.84 -2.60
C ILE A 29 0.23 -6.35 -3.42
N ASN A 30 0.25 -7.63 -3.74
CA ASN A 30 -0.80 -8.25 -4.55
C ASN A 30 -2.14 -8.26 -3.83
N LEU A 31 -2.11 -8.29 -2.50
CA LEU A 31 -3.34 -8.32 -1.73
C LEU A 31 -4.04 -6.96 -1.73
N GLY A 32 -3.27 -5.88 -1.75
CA GLY A 32 -3.86 -4.56 -1.74
C GLY A 32 -4.39 -4.16 -3.10
N LEU A 33 -3.64 -4.52 -4.14
CA LEU A 33 -3.94 -4.11 -5.52
C LEU A 33 -5.40 -4.34 -5.96
N PRO A 34 -6.03 -5.50 -5.67
CA PRO A 34 -7.37 -5.84 -6.19
C PRO A 34 -8.42 -4.73 -6.05
N PHE A 35 -8.38 -3.94 -4.98
CA PHE A 35 -9.34 -2.85 -4.85
C PHE A 35 -8.70 -1.47 -4.97
N GLY A 36 -7.39 -1.41 -4.79
CA GLY A 36 -6.68 -0.15 -4.91
C GLY A 36 -5.26 -0.31 -5.43
N LYS A 37 -4.76 0.69 -6.14
CA LYS A 37 -3.43 0.62 -6.73
C LYS A 37 -2.36 1.07 -5.74
N VAL A 38 -1.26 0.32 -5.70
CA VAL A 38 -0.14 0.58 -4.83
C VAL A 38 0.89 1.51 -5.51
N THR A 39 1.37 2.47 -4.75
CA THR A 39 2.40 3.38 -5.21
C THR A 39 3.77 3.05 -4.63
N ASN A 40 3.80 2.72 -3.34
CA ASN A 40 5.03 2.42 -2.63
C ASN A 40 4.75 1.38 -1.56
N TYR A 41 5.79 0.75 -1.01
CA TYR A 41 5.59 -0.20 0.07
C TYR A 41 6.76 -0.13 1.06
N ILE A 42 6.46 -0.41 2.32
CA ILE A 42 7.48 -0.52 3.36
C ILE A 42 7.19 -1.73 4.22
N LEU A 43 8.15 -2.62 4.32
CA LEU A 43 7.98 -3.86 5.05
C LEU A 43 8.73 -3.82 6.38
N MET A 44 8.00 -3.79 7.47
CA MET A 44 8.60 -3.89 8.79
C MET A 44 8.29 -5.25 9.39
N LYS A 45 9.09 -6.24 9.02
CA LYS A 45 8.87 -7.61 9.45
C LYS A 45 9.12 -7.75 10.95
N SER A 46 10.03 -6.93 11.47
CA SER A 46 10.36 -6.93 12.88
C SER A 46 9.14 -6.60 13.74
N THR A 47 8.26 -5.77 13.20
CA THR A 47 7.04 -5.41 13.90
C THR A 47 5.86 -6.25 13.43
N ASN A 48 6.17 -7.27 12.63
CA ASN A 48 5.18 -8.21 12.10
C ASN A 48 4.07 -7.49 11.37
N GLN A 49 4.43 -6.47 10.60
CA GLN A 49 3.45 -5.65 9.91
C GLN A 49 4.03 -5.12 8.61
N ALA A 50 3.15 -4.69 7.72
CA ALA A 50 3.57 -4.15 6.44
C ALA A 50 2.77 -2.90 6.10
N PHE A 51 3.42 -1.96 5.45
CA PHE A 51 2.77 -0.73 5.03
C PHE A 51 2.72 -0.66 3.51
N LEU A 52 1.53 -0.46 2.99
CA LEU A 52 1.31 -0.44 1.55
C LEU A 52 0.61 0.85 1.15
N GLU A 53 1.18 1.58 0.20
CA GLU A 53 0.67 2.91 -0.14
C GLU A 53 -0.21 2.85 -1.38
N MET A 54 -1.31 3.59 -1.34
CA MET A 54 -2.28 3.56 -2.42
C MET A 54 -2.33 4.90 -3.13
N ALA A 55 -2.38 4.84 -4.46
CA ALA A 55 -2.36 6.02 -5.32
C ALA A 55 -3.59 6.88 -5.13
N TYR A 56 -4.69 6.25 -4.79
CA TYR A 56 -5.96 6.95 -4.65
C TYR A 56 -6.49 6.77 -3.25
N THR A 57 -7.09 7.82 -2.70
CA THR A 57 -7.73 7.75 -1.40
C THR A 57 -8.91 6.77 -1.47
N GLU A 58 -9.59 6.76 -2.61
CA GLU A 58 -10.68 5.83 -2.85
C GLU A 58 -10.16 4.41 -2.91
N ALA A 59 -8.99 4.26 -3.52
CA ALA A 59 -8.37 2.96 -3.65
C ALA A 59 -8.04 2.38 -2.28
N ALA A 60 -7.51 3.22 -1.41
CA ALA A 60 -7.13 2.81 -0.07
C ALA A 60 -8.36 2.48 0.77
N GLN A 61 -9.35 3.35 0.73
CA GLN A 61 -10.55 3.18 1.54
C GLN A 61 -11.37 1.97 1.09
N ALA A 62 -11.57 1.85 -0.22
CA ALA A 62 -12.44 0.82 -0.78
C ALA A 62 -11.91 -0.57 -0.47
N MET A 63 -10.60 -0.76 -0.60
CA MET A 63 -10.00 -2.05 -0.35
C MET A 63 -10.14 -2.42 1.12
N VAL A 64 -9.86 -1.47 2.00
CA VAL A 64 -9.91 -1.72 3.43
C VAL A 64 -11.32 -2.00 3.90
N GLN A 65 -12.30 -1.31 3.33
CA GLN A 65 -13.69 -1.55 3.71
C GLN A 65 -14.04 -3.00 3.44
N TYR A 66 -13.51 -3.54 2.35
CA TYR A 66 -13.64 -4.95 2.06
C TYR A 66 -12.82 -5.80 3.04
N TYR A 67 -11.56 -5.43 3.22
CA TYR A 67 -10.63 -6.26 4.00
C TYR A 67 -10.89 -6.21 5.50
N GLN A 68 -11.64 -5.22 5.95
CA GLN A 68 -12.03 -5.18 7.36
C GLN A 68 -13.15 -6.18 7.62
N GLU A 69 -13.96 -6.44 6.60
CA GLU A 69 -15.05 -7.41 6.74
C GLU A 69 -14.66 -8.77 6.18
N LYS A 70 -13.95 -8.76 5.07
CA LYS A 70 -13.44 -9.98 4.45
C LYS A 70 -11.96 -9.85 4.15
N PRO A 71 -11.12 -10.04 5.17
CA PRO A 71 -9.66 -9.87 5.07
C PRO A 71 -9.00 -10.96 4.24
N ALA A 72 -7.81 -10.69 3.75
CA ALA A 72 -7.12 -11.61 2.86
C ALA A 72 -6.23 -12.54 3.66
N ILE A 73 -5.98 -13.74 3.14
CA ILE A 73 -5.32 -14.78 3.91
C ILE A 73 -4.00 -15.22 3.25
N ILE A 74 -2.95 -15.25 4.05
CA ILE A 74 -1.66 -15.76 3.58
C ILE A 74 -1.20 -16.92 4.46
N ASN A 75 -1.00 -18.09 3.84
CA ASN A 75 -0.51 -19.29 4.54
C ASN A 75 -1.45 -19.68 5.68
N GLY A 76 -2.74 -19.46 5.47
CA GLY A 76 -3.72 -19.80 6.47
C GLY A 76 -3.85 -18.74 7.55
N GLU A 77 -3.13 -17.64 7.38
CA GLU A 77 -3.21 -16.54 8.33
C GLU A 77 -4.07 -15.43 7.76
N LYS A 78 -5.08 -15.02 8.53
CA LYS A 78 -5.96 -13.95 8.10
C LYS A 78 -5.29 -12.61 8.35
N LEU A 79 -4.95 -11.93 7.28
CA LEU A 79 -4.32 -10.63 7.39
C LEU A 79 -5.36 -9.57 7.52
N LEU A 80 -5.31 -8.83 8.59
CA LEU A 80 -6.21 -7.73 8.74
C LEU A 80 -5.60 -6.52 8.03
N ILE A 81 -6.17 -6.18 6.89
CA ILE A 81 -5.70 -5.05 6.11
C ILE A 81 -6.54 -3.84 6.46
N ARG A 82 -5.92 -2.82 7.03
CA ARG A 82 -6.67 -1.68 7.56
C ARG A 82 -5.99 -0.33 7.35
N MET A 83 -6.81 0.71 7.40
CA MET A 83 -6.39 2.08 7.13
C MET A 83 -5.39 2.58 8.16
N SER A 84 -4.30 3.17 7.68
CA SER A 84 -3.31 3.75 8.58
C SER A 84 -3.65 5.20 8.91
N THR A 85 -3.66 5.50 10.19
CA THR A 85 -3.80 6.88 10.63
C THR A 85 -2.43 7.46 10.98
N ARG A 86 -1.47 6.56 11.19
CA ARG A 86 -0.11 6.96 11.53
C ARG A 86 0.67 7.40 10.30
N TYR A 87 0.51 6.67 9.20
CA TYR A 87 1.23 6.98 7.98
C TYR A 87 0.29 7.52 6.92
N LYS A 88 0.66 8.65 6.34
CA LYS A 88 0.00 9.15 5.14
C LYS A 88 0.76 8.71 3.90
N GLU A 89 2.09 8.76 4.00
CA GLU A 89 2.95 8.46 2.86
C GLU A 89 4.09 7.53 3.26
N LEU A 90 4.48 6.68 2.34
CA LEU A 90 5.67 5.86 2.50
C LEU A 90 6.85 6.53 1.82
N GLN A 91 7.71 7.12 2.61
CA GLN A 91 8.85 7.85 2.08
C GLN A 91 10.01 6.89 1.84
N LEU A 92 10.01 6.24 0.69
CA LEU A 92 11.08 5.33 0.33
C LEU A 92 12.38 6.08 0.10
N LYS A 93 13.21 6.10 1.13
CA LYS A 93 14.52 6.73 1.03
C LYS A 93 15.53 5.75 0.44
N LYS A 94 15.11 4.50 0.34
CA LYS A 94 15.93 3.48 -0.27
C LYS A 94 15.79 3.55 -1.79
N PRO A 95 16.92 3.54 -2.50
CA PRO A 95 16.92 3.54 -3.97
C PRO A 95 16.50 2.18 -4.53
N GLY A 96 15.27 2.11 -5.02
CA GLY A 96 14.77 0.86 -5.56
C GLY A 96 15.14 0.68 -7.02
N LYS A 97 14.20 1.03 -7.90
CA LYS A 97 14.40 0.92 -9.35
C LYS A 97 14.75 -0.50 -9.77
N ASN A 98 13.72 -1.27 -10.04
CA ASN A 98 13.86 -2.66 -10.44
C ASN A 98 13.86 -2.79 -11.96
N VAL A 99 14.28 -3.93 -12.49
CA VAL A 99 14.21 -4.20 -13.91
C VAL A 99 12.81 -3.88 -14.43
N ALA A 100 11.81 -4.37 -13.71
CA ALA A 100 10.43 -4.04 -14.00
C ALA A 100 10.16 -2.60 -13.59
N ALA A 101 9.96 -1.76 -14.59
CA ALA A 101 9.85 -0.31 -14.42
C ALA A 101 8.92 0.09 -13.26
N ILE A 102 9.54 0.56 -12.19
CA ILE A 102 8.81 1.14 -11.08
C ILE A 102 8.41 2.56 -11.45
N ILE A 103 7.20 2.72 -11.93
CA ILE A 103 6.75 4.00 -12.44
C ILE A 103 6.31 4.89 -11.29
N GLN A 104 7.17 5.84 -10.94
CA GLN A 104 6.89 6.75 -9.85
C GLN A 104 6.07 7.93 -10.32
N ASP A 105 6.03 8.12 -11.63
CA ASP A 105 5.23 9.19 -12.23
C ASP A 105 3.79 8.73 -12.37
N ILE A 106 3.52 7.92 -13.38
CA ILE A 106 2.19 7.37 -13.60
C ILE A 106 1.93 6.22 -12.63
N HIS A 107 1.08 6.46 -11.66
CA HIS A 107 0.76 5.44 -10.67
C HIS A 107 -0.48 4.68 -11.05
N SER A 108 -1.06 5.03 -12.18
CA SER A 108 -2.22 4.32 -12.70
C SER A 108 -1.76 3.09 -13.48
N GLN A 109 -2.70 2.24 -13.85
CA GLN A 109 -2.43 1.06 -14.68
C GLN A 109 -1.48 0.08 -13.97
N ARG A 110 -1.03 -0.92 -14.70
CA ARG A 110 -0.10 -1.90 -14.19
C ARG A 110 1.15 -1.91 -15.05
N GLU A 111 2.06 -0.99 -14.74
CA GLU A 111 3.27 -0.78 -15.54
C GLU A 111 2.90 -0.28 -16.94
N ARG A 112 3.91 -0.12 -17.78
CA ARG A 112 3.69 0.34 -19.15
C ARG A 112 3.11 -0.79 -19.98
N GLY A 1 11.04 13.40 -4.39
CA GLY A 1 11.38 12.28 -3.48
C GLY A 1 10.55 11.05 -3.76
N ALA A 2 10.97 9.92 -3.21
CA ALA A 2 10.25 8.67 -3.39
C ALA A 2 9.02 8.62 -2.51
N MET A 3 7.91 9.12 -3.02
CA MET A 3 6.67 9.18 -2.28
C MET A 3 5.48 9.18 -3.22
N ALA A 4 4.28 9.08 -2.66
CA ALA A 4 3.08 9.02 -3.46
C ALA A 4 2.39 10.38 -3.53
N GLN A 5 1.06 10.37 -3.39
CA GLN A 5 0.23 11.59 -3.52
C GLN A 5 0.21 12.08 -4.96
N ARG A 6 0.78 11.28 -5.85
CA ARG A 6 0.88 11.63 -7.26
C ARG A 6 -0.51 11.66 -7.90
N LYS A 7 -1.34 10.71 -7.52
CA LYS A 7 -2.70 10.63 -8.02
C LYS A 7 -3.64 11.50 -7.20
N GLY A 8 -3.10 12.16 -6.18
CA GLY A 8 -3.92 13.04 -5.38
C GLY A 8 -3.64 12.91 -3.90
N ALA A 9 -4.40 12.03 -3.25
CA ALA A 9 -4.35 11.90 -1.80
C ALA A 9 -3.09 11.18 -1.34
N GLY A 10 -2.96 9.91 -1.70
CA GLY A 10 -1.88 9.10 -1.18
C GLY A 10 -2.09 8.76 0.28
N ARG A 11 -2.55 7.55 0.55
CA ARG A 11 -2.83 7.11 1.91
C ARG A 11 -2.30 5.72 2.13
N VAL A 12 -1.75 5.48 3.32
CA VAL A 12 -1.10 4.24 3.63
C VAL A 12 -2.04 3.26 4.32
N VAL A 13 -2.00 2.03 3.86
CA VAL A 13 -2.71 0.93 4.49
C VAL A 13 -1.71 0.07 5.23
N HIS A 14 -2.02 -0.31 6.46
CA HIS A 14 -1.11 -1.14 7.22
C HIS A 14 -1.69 -2.54 7.35
N ILE A 15 -0.83 -3.53 7.17
CA ILE A 15 -1.24 -4.91 7.23
C ILE A 15 -0.58 -5.60 8.44
N CYS A 16 -1.40 -6.31 9.19
CA CYS A 16 -0.93 -6.97 10.41
C CYS A 16 -1.30 -8.44 10.38
N ASN A 17 -0.86 -9.18 11.41
CA ASN A 17 -1.07 -10.63 11.50
C ASN A 17 -0.24 -11.35 10.47
N LEU A 18 0.87 -10.74 10.08
CA LEU A 18 1.72 -11.28 9.03
C LEU A 18 2.72 -12.29 9.61
N PRO A 19 2.69 -13.54 9.14
CA PRO A 19 3.70 -14.53 9.50
C PRO A 19 5.06 -14.19 8.91
N GLU A 20 6.08 -14.23 9.74
CA GLU A 20 7.45 -13.93 9.32
C GLU A 20 7.99 -15.01 8.40
N GLY A 21 8.63 -14.58 7.32
CA GLY A 21 9.26 -15.52 6.40
C GLY A 21 8.29 -16.09 5.38
N SER A 22 7.00 -15.98 5.66
CA SER A 22 5.98 -16.50 4.75
C SER A 22 5.49 -15.41 3.82
N CYS A 23 5.41 -14.20 4.33
CA CYS A 23 4.91 -13.08 3.56
C CYS A 23 6.03 -12.44 2.74
N THR A 24 5.77 -12.23 1.46
CA THR A 24 6.71 -11.53 0.61
C THR A 24 6.15 -10.17 0.26
N GLU A 25 6.96 -9.31 -0.35
CA GLU A 25 6.45 -8.03 -0.82
C GLU A 25 5.37 -8.28 -1.85
N ASN A 26 5.60 -9.29 -2.67
CA ASN A 26 4.65 -9.67 -3.71
C ASN A 26 3.30 -10.01 -3.10
N ASP A 27 3.29 -10.78 -2.03
CA ASP A 27 2.03 -11.20 -1.43
C ASP A 27 1.30 -10.02 -0.80
N VAL A 28 2.04 -9.23 -0.02
CA VAL A 28 1.46 -8.10 0.70
C VAL A 28 0.91 -7.05 -0.27
N ILE A 29 1.70 -6.73 -1.28
CA ILE A 29 1.31 -5.74 -2.28
C ILE A 29 0.15 -6.25 -3.14
N ASN A 30 0.25 -7.51 -3.58
CA ASN A 30 -0.78 -8.10 -4.44
C ASN A 30 -2.12 -8.19 -3.73
N LEU A 31 -2.12 -8.28 -2.41
CA LEU A 31 -3.36 -8.38 -1.65
C LEU A 31 -4.13 -7.07 -1.65
N GLY A 32 -3.42 -5.95 -1.61
CA GLY A 32 -4.08 -4.65 -1.59
C GLY A 32 -4.56 -4.23 -2.97
N LEU A 33 -3.78 -4.60 -3.98
CA LEU A 33 -4.04 -4.22 -5.37
C LEU A 33 -5.50 -4.44 -5.85
N PRO A 34 -6.13 -5.61 -5.58
CA PRO A 34 -7.46 -5.93 -6.15
C PRO A 34 -8.52 -4.83 -6.04
N PHE A 35 -8.50 -4.04 -4.96
CA PHE A 35 -9.47 -2.95 -4.84
C PHE A 35 -8.84 -1.57 -4.96
N GLY A 36 -7.53 -1.49 -4.79
CA GLY A 36 -6.84 -0.23 -4.97
C GLY A 36 -5.40 -0.43 -5.42
N LYS A 37 -4.92 0.47 -6.27
CA LYS A 37 -3.57 0.33 -6.81
C LYS A 37 -2.51 0.84 -5.83
N VAL A 38 -1.38 0.16 -5.83
CA VAL A 38 -0.27 0.47 -4.95
C VAL A 38 0.77 1.33 -5.66
N THR A 39 1.26 2.35 -4.97
CA THR A 39 2.30 3.21 -5.53
C THR A 39 3.65 2.93 -4.88
N ASN A 40 3.64 2.66 -3.58
CA ASN A 40 4.87 2.44 -2.80
C ASN A 40 4.59 1.45 -1.68
N TYR A 41 5.64 0.91 -1.05
CA TYR A 41 5.45 -0.03 0.05
C TYR A 41 6.62 0.02 1.04
N ILE A 42 6.34 -0.31 2.28
CA ILE A 42 7.37 -0.42 3.31
C ILE A 42 7.13 -1.67 4.15
N LEU A 43 8.13 -2.54 4.22
CA LEU A 43 8.00 -3.77 4.99
C LEU A 43 8.85 -3.73 6.25
N MET A 44 8.20 -3.69 7.40
CA MET A 44 8.90 -3.76 8.67
C MET A 44 8.64 -5.10 9.34
N LYS A 45 9.46 -6.09 9.00
CA LYS A 45 9.30 -7.43 9.51
C LYS A 45 9.60 -7.47 11.01
N SER A 46 10.50 -6.59 11.44
CA SER A 46 10.92 -6.53 12.84
C SER A 46 9.76 -6.17 13.76
N THR A 47 8.85 -5.32 13.28
CA THR A 47 7.72 -4.89 14.07
C THR A 47 6.48 -5.70 13.75
N ASN A 48 6.67 -6.69 12.86
CA ASN A 48 5.59 -7.55 12.38
C ASN A 48 4.48 -6.73 11.74
N GLN A 49 4.86 -5.75 10.95
CA GLN A 49 3.90 -4.85 10.33
C GLN A 49 4.33 -4.50 8.92
N ALA A 50 3.37 -4.27 8.05
CA ALA A 50 3.65 -3.86 6.69
C ALA A 50 2.84 -2.63 6.33
N PHE A 51 3.43 -1.74 5.55
CA PHE A 51 2.77 -0.52 5.14
C PHE A 51 2.70 -0.48 3.62
N LEU A 52 1.49 -0.28 3.12
CA LEU A 52 1.25 -0.31 1.68
C LEU A 52 0.64 1.02 1.25
N GLU A 53 1.28 1.67 0.28
CA GLU A 53 0.89 3.00 -0.16
C GLU A 53 0.05 2.92 -1.44
N MET A 54 -1.01 3.71 -1.50
CA MET A 54 -2.00 3.57 -2.55
C MET A 54 -2.01 4.77 -3.48
N ALA A 55 -2.58 4.58 -4.66
CA ALA A 55 -2.64 5.64 -5.66
C ALA A 55 -3.71 6.68 -5.30
N TYR A 56 -4.89 6.22 -4.94
CA TYR A 56 -5.99 7.11 -4.65
C TYR A 56 -6.47 6.91 -3.23
N THR A 57 -7.09 7.94 -2.67
CA THR A 57 -7.68 7.81 -1.34
C THR A 57 -8.80 6.77 -1.36
N GLU A 58 -9.59 6.77 -2.43
CA GLU A 58 -10.67 5.81 -2.59
C GLU A 58 -10.12 4.40 -2.75
N ALA A 59 -8.97 4.29 -3.38
CA ALA A 59 -8.34 3.01 -3.59
C ALA A 59 -8.00 2.37 -2.23
N ALA A 60 -7.43 3.17 -1.36
CA ALA A 60 -7.03 2.70 -0.04
C ALA A 60 -8.24 2.37 0.82
N GLN A 61 -9.22 3.25 0.85
CA GLN A 61 -10.40 3.06 1.69
C GLN A 61 -11.25 1.90 1.19
N ALA A 62 -11.48 1.84 -0.13
CA ALA A 62 -12.35 0.84 -0.70
C ALA A 62 -11.81 -0.57 -0.47
N MET A 63 -10.51 -0.74 -0.63
CA MET A 63 -9.89 -2.03 -0.42
C MET A 63 -9.99 -2.42 1.05
N VAL A 64 -9.65 -1.49 1.93
CA VAL A 64 -9.57 -1.76 3.35
C VAL A 64 -10.93 -2.06 3.94
N GLN A 65 -11.94 -1.31 3.56
CA GLN A 65 -13.28 -1.58 4.06
C GLN A 65 -13.73 -2.97 3.65
N TYR A 66 -13.32 -3.36 2.44
CA TYR A 66 -13.56 -4.73 1.99
C TYR A 66 -12.76 -5.71 2.83
N TYR A 67 -11.48 -5.42 3.07
CA TYR A 67 -10.59 -6.34 3.78
C TYR A 67 -10.83 -6.33 5.29
N GLN A 68 -11.50 -5.31 5.80
CA GLN A 68 -11.85 -5.29 7.21
C GLN A 68 -13.07 -6.18 7.47
N GLU A 69 -13.89 -6.33 6.44
CA GLU A 69 -15.06 -7.20 6.52
C GLU A 69 -14.77 -8.58 5.92
N LYS A 70 -14.04 -8.57 4.82
CA LYS A 70 -13.61 -9.79 4.13
C LYS A 70 -12.11 -9.72 3.86
N PRO A 71 -11.30 -10.06 4.87
CA PRO A 71 -9.84 -9.91 4.82
C PRO A 71 -9.16 -10.92 3.91
N ALA A 72 -7.93 -10.60 3.52
CA ALA A 72 -7.19 -11.42 2.57
C ALA A 72 -6.33 -12.44 3.29
N ILE A 73 -6.06 -13.57 2.64
CA ILE A 73 -5.47 -14.70 3.32
C ILE A 73 -4.13 -15.13 2.72
N ILE A 74 -3.14 -15.34 3.59
CA ILE A 74 -1.86 -15.92 3.18
C ILE A 74 -1.59 -17.19 3.97
N ASN A 75 -1.46 -18.31 3.26
CA ASN A 75 -1.14 -19.62 3.88
C ASN A 75 -2.14 -20.00 4.96
N GLY A 76 -3.40 -19.65 4.75
CA GLY A 76 -4.43 -20.00 5.70
C GLY A 76 -4.56 -18.99 6.83
N GLU A 77 -3.78 -17.92 6.76
CA GLU A 77 -3.87 -16.86 7.76
C GLU A 77 -4.66 -15.69 7.20
N LYS A 78 -5.68 -15.27 7.92
CA LYS A 78 -6.49 -14.14 7.48
C LYS A 78 -5.86 -12.85 7.97
N LEU A 79 -5.29 -12.10 7.05
CA LEU A 79 -4.62 -10.86 7.37
C LEU A 79 -5.62 -9.74 7.50
N LEU A 80 -5.54 -8.99 8.57
CA LEU A 80 -6.35 -7.81 8.67
C LEU A 80 -5.63 -6.68 7.93
N ILE A 81 -6.17 -6.33 6.78
CA ILE A 81 -5.65 -5.22 6.01
C ILE A 81 -6.48 -3.99 6.36
N ARG A 82 -5.85 -3.00 6.97
CA ARG A 82 -6.58 -1.85 7.50
C ARG A 82 -5.82 -0.55 7.35
N MET A 83 -6.55 0.56 7.45
CA MET A 83 -6.01 1.89 7.21
C MET A 83 -4.94 2.22 8.24
N SER A 84 -3.86 2.85 7.81
CA SER A 84 -2.80 3.25 8.72
C SER A 84 -3.11 4.63 9.30
N THR A 85 -3.09 4.73 10.61
CA THR A 85 -3.33 5.98 11.29
C THR A 85 -2.01 6.70 11.58
N ARG A 86 -0.93 5.94 11.54
CA ARG A 86 0.40 6.50 11.83
C ARG A 86 0.99 7.16 10.60
N TYR A 87 0.84 6.52 9.44
CA TYR A 87 1.38 7.05 8.20
C TYR A 87 0.26 7.56 7.32
N LYS A 88 0.42 8.75 6.77
CA LYS A 88 -0.52 9.26 5.78
C LYS A 88 -0.05 8.88 4.39
N GLU A 89 1.26 9.01 4.17
CA GLU A 89 1.86 8.67 2.89
C GLU A 89 3.26 8.12 3.10
N LEU A 90 3.68 7.25 2.20
CA LEU A 90 4.98 6.60 2.30
C LEU A 90 6.07 7.36 1.56
N GLN A 91 7.02 7.87 2.31
CA GLN A 91 8.24 8.39 1.73
C GLN A 91 9.34 7.36 1.94
N LEU A 92 9.67 6.65 0.88
CA LEU A 92 10.57 5.51 0.97
C LEU A 92 11.97 5.91 1.41
N LYS A 93 12.57 5.06 2.23
CA LYS A 93 13.91 5.29 2.74
C LYS A 93 14.92 4.47 1.93
N LYS A 94 14.43 3.84 0.88
CA LYS A 94 15.25 2.99 0.03
C LYS A 94 15.49 3.67 -1.31
N PRO A 95 16.65 3.44 -1.94
CA PRO A 95 17.02 4.09 -3.21
C PRO A 95 16.27 3.52 -4.42
N GLY A 96 14.96 3.71 -4.42
CA GLY A 96 14.14 3.29 -5.55
C GLY A 96 12.87 4.09 -5.63
N LYS A 97 12.12 3.91 -6.71
CA LYS A 97 10.85 4.61 -6.93
C LYS A 97 11.04 6.10 -7.24
N ASN A 98 10.17 6.59 -8.13
CA ASN A 98 10.09 8.02 -8.46
C ASN A 98 11.41 8.52 -9.06
N VAL A 99 11.60 8.27 -10.34
CA VAL A 99 12.73 8.82 -11.07
C VAL A 99 12.53 10.32 -11.23
N ALA A 100 11.33 10.69 -11.69
CA ALA A 100 10.91 12.07 -11.73
C ALA A 100 9.53 12.19 -11.09
N ALA A 101 8.57 11.49 -11.68
CA ALA A 101 7.20 11.44 -11.18
C ALA A 101 6.40 10.40 -11.95
N ILE A 102 5.75 9.49 -11.23
CA ILE A 102 4.92 8.48 -11.87
C ILE A 102 3.55 9.08 -12.21
N ILE A 103 3.51 9.86 -13.28
CA ILE A 103 2.29 10.53 -13.69
C ILE A 103 1.93 10.14 -15.12
N GLN A 104 1.05 9.16 -15.26
CA GLN A 104 0.59 8.72 -16.56
C GLN A 104 -0.86 9.16 -16.78
N ASP A 105 -1.47 9.66 -15.71
CA ASP A 105 -2.84 10.11 -15.73
C ASP A 105 -2.99 11.23 -14.72
N ILE A 106 -3.16 12.42 -15.22
CA ILE A 106 -3.28 13.63 -14.40
C ILE A 106 -4.49 13.53 -13.46
N HIS A 107 -4.22 13.21 -12.21
CA HIS A 107 -5.27 13.20 -11.19
C HIS A 107 -4.96 14.20 -10.08
N SER A 108 -3.82 14.87 -10.19
CA SER A 108 -3.41 15.84 -9.18
C SER A 108 -2.18 16.61 -9.65
N GLN A 109 -1.06 15.90 -9.77
CA GLN A 109 0.18 16.51 -10.19
C GLN A 109 0.27 16.55 -11.71
N ARG A 110 0.91 17.60 -12.22
CA ARG A 110 1.12 17.73 -13.66
C ARG A 110 2.34 16.94 -14.08
N GLU A 111 2.27 16.38 -15.28
CA GLU A 111 3.30 15.46 -15.77
C GLU A 111 4.62 16.19 -16.02
N ARG A 112 5.70 15.43 -15.99
CA ARG A 112 7.02 15.99 -16.20
C ARG A 112 7.44 15.81 -17.65
#